data_7NM2
#
_entry.id   7NM2
#
loop_
_entity.id
_entity.type
_entity.pdbx_description
1 polymer 'Mixed lineage kinase domain-like protein'
2 non-polymer '2-[(~{S})-methoxy-(4-propan-2-ylphenyl)methyl]-3~{H}-benzimidazole-5-carboxylic acid'
#
_entity_poly.entity_id   1
_entity_poly.type   'polypeptide(L)'
_entity_poly.pdbx_seq_one_letter_code
;GSPGENLKHIITLGQVIHKRCEEMKYCKKQCRRLGHRVLGLIKPLEMLQDQGKRSVPSEKLTTAMNRFKAALEEANGEIE
KFSNRSNICRFLTASQDKILFKDVNRKLSDVWKELSLLLQVEQRMPVSPISQGASWAQEDQQDADEDRRAFQMLRRD
;
_entity_poly.pdbx_strand_id   A
#
loop_
_chem_comp.id
_chem_comp.type
_chem_comp.name
_chem_comp.formula
UJ5 non-polymer '2-[(~{S})-methoxy-(4-propan-2-ylphenyl)methyl]-3~{H}-benzimidazole-5-carboxylic acid' 'C19 H20 N2 O3'
#
# COMPACT_ATOMS: atom_id res chain seq x y z
N GLY A 1 -21.71 -7.10 -11.19
CA GLY A 1 -21.67 -5.73 -11.69
C GLY A 1 -20.67 -4.87 -10.94
N SER A 2 -20.32 -3.73 -11.52
CA SER A 2 -19.37 -2.82 -10.91
C SER A 2 -19.79 -1.37 -11.12
N PRO A 3 -20.89 -0.96 -10.46
CA PRO A 3 -21.42 0.40 -10.57
C PRO A 3 -20.53 1.42 -9.89
N GLY A 4 -21.03 2.65 -9.77
CA GLY A 4 -20.26 3.70 -9.13
C GLY A 4 -19.74 3.29 -7.77
N GLU A 5 -20.47 2.43 -7.08
CA GLU A 5 -20.08 1.97 -5.76
C GLU A 5 -18.65 1.45 -5.78
N ASN A 6 -18.24 0.87 -6.91
CA ASN A 6 -16.91 0.32 -7.06
C ASN A 6 -15.85 1.37 -6.70
N LEU A 7 -16.14 2.63 -7.03
CA LEU A 7 -15.23 3.73 -6.74
C LEU A 7 -14.84 3.75 -5.26
N LYS A 8 -15.78 3.37 -4.41
CA LYS A 8 -15.54 3.34 -2.98
C LYS A 8 -14.76 2.09 -2.57
N HIS A 9 -14.95 1.02 -3.33
CA HIS A 9 -14.25 -0.24 -3.06
C HIS A 9 -12.78 -0.14 -3.42
N ILE A 10 -12.50 0.35 -4.63
CA ILE A 10 -11.13 0.50 -5.10
C ILE A 10 -10.29 1.29 -4.09
N ILE A 11 -10.85 2.40 -3.61
CA ILE A 11 -10.15 3.24 -2.65
C ILE A 11 -10.06 2.57 -1.29
N THR A 12 -11.07 1.77 -0.96
CA THR A 12 -11.10 1.06 0.32
C THR A 12 -10.04 -0.04 0.35
N LEU A 13 -9.81 -0.67 -0.79
CA LEU A 13 -8.83 -1.74 -0.90
C LEU A 13 -7.48 -1.29 -0.32
N GLY A 14 -7.10 -0.06 -0.62
CA GLY A 14 -5.83 0.47 -0.13
C GLY A 14 -5.89 0.85 1.33
N GLN A 15 -7.08 1.22 1.80
CA GLN A 15 -7.27 1.62 3.18
C GLN A 15 -7.23 0.41 4.11
N VAL A 16 -7.67 -0.73 3.59
CA VAL A 16 -7.69 -1.96 4.36
C VAL A 16 -6.31 -2.26 4.97
N ILE A 17 -5.27 -1.83 4.28
CA ILE A 17 -3.91 -2.04 4.74
C ILE A 17 -3.66 -1.30 6.05
N HIS A 18 -4.20 -0.10 6.16
CA HIS A 18 -4.04 0.72 7.37
C HIS A 18 -4.42 -0.08 8.61
N LYS A 19 -5.61 -0.69 8.58
CA LYS A 19 -6.09 -1.48 9.70
C LYS A 19 -5.36 -2.82 9.78
N ARG A 20 -5.09 -3.41 8.62
CA ARG A 20 -4.40 -4.69 8.55
C ARG A 20 -3.02 -4.60 9.20
N CYS A 21 -2.38 -3.45 9.04
CA CYS A 21 -1.05 -3.23 9.61
C CYS A 21 -1.09 -3.28 11.13
N GLU A 22 -2.22 -2.85 11.70
CA GLU A 22 -2.39 -2.85 13.15
C GLU A 22 -2.47 -4.27 13.70
N GLU A 23 -3.00 -5.18 12.88
CA GLU A 23 -3.15 -6.57 13.28
C GLU A 23 -1.78 -7.19 13.59
N MET A 24 -0.82 -6.97 12.69
CA MET A 24 0.53 -7.50 12.87
C MET A 24 1.08 -7.13 14.23
N LYS A 25 2.10 -7.86 14.67
CA LYS A 25 2.72 -7.62 15.96
C LYS A 25 4.24 -7.55 15.83
N TYR A 26 4.84 -8.64 15.34
CA TYR A 26 6.28 -8.70 15.16
C TYR A 26 6.74 -7.75 14.06
N CYS A 27 6.39 -8.10 12.82
CA CYS A 27 6.77 -7.27 11.67
C CYS A 27 5.86 -6.05 11.55
N LYS A 28 4.91 -5.94 12.47
CA LYS A 28 3.99 -4.82 12.48
C LYS A 28 4.72 -3.49 12.36
N LYS A 29 5.93 -3.45 12.93
CA LYS A 29 6.76 -2.25 12.88
C LYS A 29 7.12 -1.87 11.45
N GLN A 30 7.45 -2.87 10.65
CA GLN A 30 7.80 -2.66 9.25
C GLN A 30 6.57 -2.33 8.41
N CYS A 31 5.56 -3.19 8.51
CA CYS A 31 4.33 -3.00 7.76
C CYS A 31 3.77 -1.60 7.98
N ARG A 32 4.00 -1.06 9.17
CA ARG A 32 3.52 0.28 9.51
C ARG A 32 3.88 1.29 8.43
N ARG A 33 5.04 1.09 7.81
CA ARG A 33 5.50 1.98 6.75
C ARG A 33 4.72 1.75 5.46
N LEU A 34 4.38 0.48 5.20
CA LEU A 34 3.64 0.12 4.00
C LEU A 34 2.20 0.63 4.08
N GLY A 35 1.62 0.58 5.28
CA GLY A 35 0.26 1.05 5.46
C GLY A 35 0.16 2.56 5.44
N HIS A 36 1.18 3.23 5.96
CA HIS A 36 1.20 4.69 6.00
C HIS A 36 1.44 5.27 4.61
N ARG A 37 2.24 4.57 3.81
CA ARG A 37 2.55 5.02 2.45
C ARG A 37 1.37 4.76 1.52
N VAL A 38 0.83 3.55 1.58
CA VAL A 38 -0.30 3.17 0.74
C VAL A 38 -1.50 4.09 0.98
N LEU A 39 -1.64 4.54 2.22
CA LEU A 39 -2.75 5.42 2.59
C LEU A 39 -2.67 6.74 1.82
N GLY A 40 -1.45 7.18 1.53
CA GLY A 40 -1.26 8.41 0.80
C GLY A 40 -1.59 8.28 -0.67
N LEU A 41 -1.84 7.05 -1.11
CA LEU A 41 -2.18 6.79 -2.51
C LEU A 41 -3.68 6.96 -2.75
N ILE A 42 -4.48 6.24 -1.98
CA ILE A 42 -5.93 6.32 -2.11
C ILE A 42 -6.50 7.47 -1.28
N LYS A 43 -5.62 8.22 -0.64
CA LYS A 43 -6.03 9.34 0.20
C LYS A 43 -6.72 10.41 -0.65
N PRO A 44 -6.01 10.89 -1.68
CA PRO A 44 -6.55 11.92 -2.58
C PRO A 44 -7.68 11.39 -3.46
N LEU A 45 -7.58 10.12 -3.84
CA LEU A 45 -8.60 9.50 -4.68
C LEU A 45 -9.91 9.33 -3.91
N GLU A 46 -9.81 9.09 -2.62
CA GLU A 46 -10.98 8.91 -1.77
C GLU A 46 -11.67 10.24 -1.51
N MET A 47 -10.90 11.21 -1.01
CA MET A 47 -11.44 12.53 -0.72
C MET A 47 -12.01 13.18 -1.97
N LEU A 48 -11.41 12.88 -3.11
CA LEU A 48 -11.86 13.44 -4.38
C LEU A 48 -13.36 13.21 -4.57
N GLN A 49 -13.75 11.95 -4.69
CA GLN A 49 -15.15 11.60 -4.87
C GLN A 49 -16.02 12.19 -3.76
N ASP A 50 -15.41 12.38 -2.60
CA ASP A 50 -16.12 12.94 -1.45
C ASP A 50 -16.50 14.39 -1.70
N GLN A 51 -15.68 15.09 -2.48
CA GLN A 51 -15.93 16.49 -2.80
C GLN A 51 -17.36 16.68 -3.30
N GLY A 52 -17.69 16.01 -4.39
CA GLY A 52 -19.03 16.13 -4.95
C GLY A 52 -19.59 14.80 -5.40
N LYS A 53 -20.40 14.81 -6.45
CA LYS A 53 -21.00 13.60 -6.97
C LYS A 53 -19.94 12.65 -7.53
N ARG A 54 -20.37 11.61 -8.24
CA ARG A 54 -19.45 10.65 -8.83
C ARG A 54 -18.37 11.35 -9.62
N SER A 55 -17.16 11.40 -9.06
CA SER A 55 -16.03 12.04 -9.72
C SER A 55 -15.14 11.01 -10.40
N VAL A 56 -15.13 11.03 -11.73
CA VAL A 56 -14.31 10.10 -12.49
C VAL A 56 -14.12 10.59 -13.93
N PRO A 57 -12.85 10.66 -14.36
CA PRO A 57 -12.50 11.11 -15.71
C PRO A 57 -12.92 10.11 -16.79
N SER A 58 -12.37 10.27 -17.99
CA SER A 58 -12.69 9.39 -19.10
C SER A 58 -12.52 7.92 -18.70
N GLU A 59 -13.11 7.03 -19.49
CA GLU A 59 -13.02 5.61 -19.21
C GLU A 59 -11.62 5.07 -19.49
N LYS A 60 -10.93 5.70 -20.44
CA LYS A 60 -9.58 5.29 -20.80
C LYS A 60 -8.70 5.20 -19.56
N LEU A 61 -8.93 6.10 -18.61
CA LEU A 61 -8.15 6.12 -17.39
C LEU A 61 -8.46 4.91 -16.51
N THR A 62 -9.70 4.42 -16.60
CA THR A 62 -10.14 3.27 -15.83
C THR A 62 -9.19 2.09 -16.02
N THR A 63 -8.64 1.97 -17.23
CA THR A 63 -7.73 0.88 -17.54
C THR A 63 -6.45 1.00 -16.73
N ALA A 64 -5.86 2.19 -16.72
CA ALA A 64 -4.63 2.42 -15.98
C ALA A 64 -4.84 2.20 -14.48
N MET A 65 -5.97 2.66 -13.97
CA MET A 65 -6.28 2.50 -12.55
C MET A 65 -6.51 1.03 -12.21
N ASN A 66 -7.04 0.28 -13.17
CA ASN A 66 -7.32 -1.14 -12.97
C ASN A 66 -6.07 -1.87 -12.50
N ARG A 67 -4.91 -1.34 -12.87
CA ARG A 67 -3.64 -1.95 -12.48
C ARG A 67 -3.29 -1.61 -11.03
N PHE A 68 -3.75 -0.45 -10.58
CA PHE A 68 -3.48 -0.01 -9.21
C PHE A 68 -4.36 -0.75 -8.22
N LYS A 69 -5.66 -0.82 -8.53
CA LYS A 69 -6.62 -1.51 -7.66
C LYS A 69 -6.12 -2.89 -7.29
N ALA A 70 -5.52 -3.58 -8.25
CA ALA A 70 -5.00 -4.92 -8.03
C ALA A 70 -3.73 -4.88 -7.18
N ALA A 71 -2.98 -3.79 -7.29
CA ALA A 71 -1.74 -3.63 -6.54
C ALA A 71 -1.99 -3.80 -5.04
N LEU A 72 -3.17 -3.36 -4.59
CA LEU A 72 -3.53 -3.47 -3.18
C LEU A 72 -3.67 -4.93 -2.76
N GLU A 73 -4.26 -5.74 -3.63
CA GLU A 73 -4.45 -7.15 -3.36
C GLU A 73 -3.14 -7.81 -2.92
N GLU A 74 -2.03 -7.32 -3.46
CA GLU A 74 -0.73 -7.85 -3.13
C GLU A 74 -0.38 -7.58 -1.66
N ALA A 75 -0.45 -6.32 -1.27
CA ALA A 75 -0.15 -5.92 0.10
C ALA A 75 -1.17 -6.53 1.07
N ASN A 76 -2.44 -6.26 0.83
CA ASN A 76 -3.51 -6.77 1.69
C ASN A 76 -3.39 -8.28 1.86
N GLY A 77 -3.38 -8.99 0.73
CA GLY A 77 -3.28 -10.44 0.76
C GLY A 77 -2.08 -10.91 1.58
N GLU A 78 -0.92 -10.34 1.29
CA GLU A 78 0.30 -10.72 1.99
C GLU A 78 0.14 -10.53 3.50
N ILE A 79 -0.54 -9.45 3.88
CA ILE A 79 -0.76 -9.16 5.30
C ILE A 79 -1.56 -10.28 5.97
N GLU A 80 -2.55 -10.79 5.27
CA GLU A 80 -3.39 -11.85 5.79
C GLU A 80 -2.56 -13.10 6.10
N LYS A 81 -1.66 -13.44 5.19
CA LYS A 81 -0.81 -14.60 5.35
C LYS A 81 0.25 -14.35 6.43
N PHE A 82 0.93 -13.21 6.33
CA PHE A 82 1.97 -12.84 7.28
C PHE A 82 1.40 -12.80 8.70
N SER A 83 0.09 -12.61 8.80
CA SER A 83 -0.57 -12.55 10.10
C SER A 83 -0.11 -13.68 11.01
N ASN A 84 0.15 -14.83 10.41
CA ASN A 84 0.61 -16.00 11.17
C ASN A 84 1.89 -15.68 11.93
N ARG A 85 2.42 -16.69 12.63
CA ARG A 85 3.65 -16.52 13.40
C ARG A 85 4.81 -17.21 12.72
N SER A 86 4.58 -18.45 12.28
CA SER A 86 5.62 -19.23 11.62
C SER A 86 5.86 -18.72 10.20
N ASN A 87 4.80 -18.25 9.56
CA ASN A 87 4.90 -17.72 8.19
C ASN A 87 5.94 -16.60 8.12
N ILE A 88 6.01 -15.80 9.18
CA ILE A 88 6.96 -14.69 9.23
C ILE A 88 8.39 -15.19 9.08
N CYS A 89 8.77 -16.16 9.91
CA CYS A 89 10.11 -16.72 9.86
C CYS A 89 10.36 -17.43 8.54
N ARG A 90 9.32 -18.07 8.01
CA ARG A 90 9.43 -18.80 6.75
C ARG A 90 10.01 -17.90 5.66
N PHE A 91 9.43 -16.72 5.51
CA PHE A 91 9.89 -15.77 4.49
C PHE A 91 11.18 -15.09 4.93
N LEU A 92 11.24 -14.69 6.20
CA LEU A 92 12.41 -14.03 6.75
C LEU A 92 13.67 -14.85 6.49
N THR A 93 13.62 -16.12 6.84
CA THR A 93 14.76 -17.02 6.65
C THR A 93 14.93 -17.37 5.17
N ALA A 94 13.83 -17.34 4.43
CA ALA A 94 13.88 -17.64 3.00
C ALA A 94 14.03 -16.38 2.16
N SER A 95 14.67 -15.37 2.75
CA SER A 95 14.88 -14.10 2.06
C SER A 95 16.03 -13.33 2.69
N GLN A 96 17.07 -13.07 1.90
CA GLN A 96 18.23 -12.33 2.39
C GLN A 96 17.83 -10.99 2.97
N ASP A 97 16.84 -10.36 2.36
CA ASP A 97 16.35 -9.06 2.81
C ASP A 97 15.69 -9.19 4.18
N LYS A 98 15.13 -8.08 4.67
CA LYS A 98 14.46 -8.07 5.96
C LYS A 98 12.99 -7.68 5.81
N ILE A 99 12.72 -6.75 4.91
CA ILE A 99 11.35 -6.29 4.66
C ILE A 99 10.49 -7.42 4.10
N LEU A 100 9.23 -7.47 4.53
CA LEU A 100 8.31 -8.49 4.06
C LEU A 100 7.65 -8.08 2.75
N PHE A 101 7.11 -6.86 2.73
CA PHE A 101 6.45 -6.34 1.53
C PHE A 101 7.42 -5.51 0.70
N LYS A 102 8.66 -5.97 0.62
CA LYS A 102 9.69 -5.28 -0.15
C LYS A 102 9.27 -5.16 -1.62
N ASP A 103 9.16 -6.31 -2.29
CA ASP A 103 8.78 -6.33 -3.69
C ASP A 103 7.37 -5.77 -3.88
N VAL A 104 6.53 -5.95 -2.87
CA VAL A 104 5.16 -5.46 -2.91
C VAL A 104 5.13 -3.93 -2.98
N ASN A 105 5.79 -3.29 -2.04
CA ASN A 105 5.84 -1.83 -1.99
C ASN A 105 6.47 -1.26 -3.25
N ARG A 106 7.36 -2.03 -3.86
CA ARG A 106 8.04 -1.61 -5.08
C ARG A 106 7.03 -1.31 -6.18
N LYS A 107 6.14 -2.26 -6.44
CA LYS A 107 5.12 -2.09 -7.47
C LYS A 107 4.10 -1.03 -7.07
N LEU A 108 3.85 -0.93 -5.78
CA LEU A 108 2.91 0.05 -5.26
C LEU A 108 3.26 1.46 -5.73
N SER A 109 4.55 1.78 -5.71
CA SER A 109 5.02 3.09 -6.15
C SER A 109 4.89 3.25 -7.65
N ASP A 110 5.05 2.14 -8.37
CA ASP A 110 4.94 2.15 -9.83
C ASP A 110 3.50 2.33 -10.27
N VAL A 111 2.59 1.56 -9.66
CA VAL A 111 1.18 1.62 -10.00
C VAL A 111 0.61 3.01 -9.69
N TRP A 112 1.22 3.69 -8.73
CA TRP A 112 0.78 5.03 -8.34
C TRP A 112 1.35 6.09 -9.28
N LYS A 113 2.67 6.04 -9.48
CA LYS A 113 3.34 6.99 -10.35
C LYS A 113 2.93 6.79 -11.80
N GLU A 114 2.46 5.59 -12.12
CA GLU A 114 2.03 5.26 -13.48
C GLU A 114 0.71 5.95 -13.81
N LEU A 115 -0.22 5.94 -12.86
CA LEU A 115 -1.52 6.56 -13.06
C LEU A 115 -1.48 8.03 -12.64
N SER A 116 -0.51 8.38 -11.80
CA SER A 116 -0.38 9.75 -11.33
C SER A 116 -0.41 10.73 -12.50
N LEU A 117 0.45 10.51 -13.48
CA LEU A 117 0.52 11.38 -14.65
C LEU A 117 -0.86 11.50 -15.31
N LEU A 118 -1.63 10.42 -15.26
CA LEU A 118 -2.97 10.42 -15.86
C LEU A 118 -3.97 11.13 -14.96
N LEU A 119 -3.74 11.06 -13.66
CA LEU A 119 -4.63 11.70 -12.69
C LEU A 119 -4.42 13.22 -12.69
N GLN A 120 -3.16 13.63 -12.83
CA GLN A 120 -2.83 15.05 -12.85
C GLN A 120 -3.36 15.72 -14.11
N VAL A 121 -3.38 14.97 -15.21
CA VAL A 121 -3.87 15.49 -16.47
C VAL A 121 -5.39 15.37 -16.57
N GLU A 122 -5.93 14.30 -16.01
CA GLU A 122 -7.37 14.06 -16.02
C GLU A 122 -8.07 14.93 -14.99
N GLN A 123 -7.71 14.77 -13.73
CA GLN A 123 -8.31 15.54 -12.65
C GLN A 123 -7.34 16.58 -12.12
N ARG A 124 -7.87 17.62 -11.48
CA ARG A 124 -7.05 18.69 -10.93
C ARG A 124 -6.56 18.32 -9.53
N MET A 125 -5.90 17.17 -9.41
CA MET A 125 -5.38 16.71 -8.14
C MET A 125 -3.86 16.80 -8.11
N PRO A 126 -3.33 17.56 -7.15
CA PRO A 126 -1.88 17.74 -7.00
C PRO A 126 -1.18 16.47 -6.50
N VAL A 127 -0.80 15.62 -7.45
CA VAL A 127 -0.12 14.37 -7.12
C VAL A 127 1.27 14.63 -6.56
N SER A 128 1.81 13.65 -5.84
CA SER A 128 3.14 13.77 -5.25
C SER A 128 3.25 15.07 -4.45
N PRO A 129 2.64 15.09 -3.25
CA PRO A 129 2.66 16.26 -2.37
C PRO A 129 4.03 16.50 -1.77
N ILE A 130 4.70 15.42 -1.38
CA ILE A 130 6.03 15.52 -0.79
C ILE A 130 6.59 14.14 -0.45
N SER A 131 5.71 13.26 0.03
CA SER A 131 6.12 11.90 0.40
C SER A 131 6.60 11.13 -0.83
N GLN A 132 5.99 11.41 -1.98
CA GLN A 132 6.36 10.74 -3.22
C GLN A 132 7.66 11.29 -3.77
N GLY A 133 8.04 10.84 -4.96
CA GLY A 133 9.27 11.31 -5.57
C GLY A 133 10.43 10.37 -5.33
N ALA A 134 10.71 10.11 -4.06
CA ALA A 134 11.81 9.22 -3.68
C ALA A 134 11.29 7.87 -3.21
N SER A 135 11.93 6.79 -3.65
CA SER A 135 11.53 5.44 -3.28
C SER A 135 11.40 5.32 -1.76
N TRP A 136 10.26 4.80 -1.31
CA TRP A 136 10.01 4.63 0.11
C TRP A 136 10.67 3.36 0.63
N ALA A 137 11.35 2.64 -0.26
CA ALA A 137 12.03 1.40 0.11
C ALA A 137 13.30 1.70 0.90
N GLN A 138 13.95 2.81 0.57
CA GLN A 138 15.19 3.20 1.24
C GLN A 138 14.98 3.26 2.76
N GLU A 139 13.96 3.99 3.18
CA GLU A 139 13.66 4.14 4.60
C GLU A 139 13.09 2.84 5.17
N ASP A 140 12.34 2.12 4.34
CA ASP A 140 11.74 0.86 4.76
C ASP A 140 12.81 -0.12 5.25
N GLN A 141 13.98 -0.08 4.62
CA GLN A 141 15.07 -0.96 4.99
C GLN A 141 15.55 -0.67 6.41
N GLN A 142 15.55 0.60 6.77
CA GLN A 142 15.98 1.02 8.11
C GLN A 142 15.14 0.33 9.18
N ASP A 143 13.83 0.43 9.05
CA ASP A 143 12.92 -0.19 10.01
C ASP A 143 13.09 -1.70 10.04
N ALA A 144 13.10 -2.31 8.86
CA ALA A 144 13.25 -3.76 8.74
C ALA A 144 14.56 -4.21 9.37
N ASP A 145 15.59 -3.38 9.25
CA ASP A 145 16.91 -3.70 9.80
C ASP A 145 16.81 -4.01 11.29
N GLU A 146 16.20 -3.09 12.04
CA GLU A 146 16.04 -3.28 13.48
C GLU A 146 14.94 -4.28 13.79
N ASP A 147 13.89 -4.28 12.97
CA ASP A 147 12.77 -5.20 13.15
C ASP A 147 13.23 -6.64 13.05
N ARG A 148 14.17 -6.90 12.13
CA ARG A 148 14.69 -8.24 11.93
C ARG A 148 15.54 -8.68 13.12
N ARG A 149 16.29 -7.75 13.67
CA ARG A 149 17.14 -8.05 14.82
C ARG A 149 16.33 -8.57 15.99
N ALA A 150 15.32 -7.80 16.39
CA ALA A 150 14.45 -8.18 17.49
C ALA A 150 13.83 -9.56 17.25
N PHE A 151 13.49 -9.84 16.00
CA PHE A 151 12.89 -11.12 15.64
C PHE A 151 13.80 -12.27 16.02
N GLN A 152 15.10 -12.05 15.90
CA GLN A 152 16.09 -13.09 16.24
C GLN A 152 15.82 -13.66 17.63
N MET A 153 15.40 -12.79 18.55
CA MET A 153 15.12 -13.22 19.91
C MET A 153 13.61 -13.25 20.17
N LEU A 154 12.93 -14.23 19.57
CA LEU A 154 11.49 -14.37 19.73
C LEU A 154 11.10 -15.83 19.89
N ARG A 155 10.96 -16.27 21.14
CA ARG A 155 10.59 -17.65 21.43
C ARG A 155 9.08 -17.82 21.47
N ARG A 156 8.43 -17.15 22.42
CA ARG A 156 6.98 -17.22 22.56
C ARG A 156 6.29 -16.67 21.32
N ASP A 157 4.97 -16.67 21.34
CA ASP A 157 4.17 -16.17 20.22
C ASP A 157 3.48 -14.85 20.58
C4 UJ5 B . -13.14 4.01 -12.32
C6 UJ5 B . -14.36 4.64 -14.00
C7 UJ5 B . -15.23 4.10 -13.02
C10 UJ5 B . -17.10 4.55 -14.45
C13 UJ5 B . -18.55 4.51 -14.71
C17 UJ5 B . -11.35 6.18 -11.52
C20 UJ5 B . -10.89 6.20 -8.80
C21 UJ5 B . -11.27 5.04 -9.42
C22 UJ5 B . -10.31 8.65 -8.86
C24 UJ5 B . -11.50 9.62 -8.84
C1 UJ5 B . -10.38 1.96 -11.91
O2 UJ5 B . -10.86 3.27 -12.28
C3 UJ5 B . -11.93 3.74 -11.46
N5 UJ5 B . -13.10 4.55 -13.50
C12 UJ5 B . -14.89 5.12 -15.20
C11 UJ5 B . -16.24 5.08 -15.42
N8 UJ5 B . -14.41 3.71 -11.98
C9 UJ5 B . -16.59 4.06 -13.25
O14 UJ5 B . -19.41 4.94 -13.76
O15 UJ5 B . -18.97 4.11 -15.77
C16 UJ5 B . -11.51 5.02 -10.78
C18 UJ5 B . -10.97 7.35 -10.90
C19 UJ5 B . -10.73 7.37 -9.54
C23 UJ5 B . -9.15 9.27 -9.62
H34 UJ5 B . -11.54 6.17 -12.58
H36 UJ5 B . -10.70 6.21 -7.73
H37 UJ5 B . -11.39 4.13 -8.84
H38 UJ5 B . -10.00 8.43 -7.83
H42 UJ5 B . -12.15 9.42 -9.69
H44 UJ5 B . -11.11 10.64 -8.91
H43 UJ5 B . -12.04 9.49 -7.90
H26 UJ5 B . -9.53 1.70 -12.53
H25 UJ5 B . -11.18 1.23 -12.07
H27 UJ5 B . -10.09 1.96 -10.86
H28 UJ5 B . -12.17 2.99 -10.71
H32 UJ5 B . -14.23 5.53 -15.95
H31 UJ5 B . -16.64 5.46 -16.35
H29 UJ5 B . -14.71 3.31 -11.14
H30 UJ5 B . -17.26 3.66 -12.51
H33 UJ5 B . -20.28 4.51 -13.73
H35 UJ5 B . -10.85 8.25 -11.47
H40 UJ5 B . -9.51 10.12 -10.20
H39 UJ5 B . -8.72 8.52 -10.30
H41 UJ5 B . -8.39 9.60 -8.91
N GLY A 1 -20.08 -2.32 -15.79
CA GLY A 1 -19.52 -1.46 -14.77
C GLY A 1 -20.27 -1.55 -13.45
N SER A 2 -19.58 -1.23 -12.36
CA SER A 2 -20.18 -1.28 -11.03
C SER A 2 -20.75 0.08 -10.64
N PRO A 3 -21.67 0.08 -9.67
CA PRO A 3 -22.31 1.30 -9.18
C PRO A 3 -21.35 2.20 -8.41
N GLY A 4 -21.87 3.30 -7.88
CA GLY A 4 -21.05 4.22 -7.13
C GLY A 4 -20.29 3.54 -6.00
N GLU A 5 -20.89 2.49 -5.44
CA GLU A 5 -20.27 1.76 -4.34
C GLU A 5 -18.84 1.37 -4.69
N ASN A 6 -18.61 1.10 -5.97
CA ASN A 6 -17.28 0.71 -6.44
C ASN A 6 -16.23 1.73 -6.01
N LEU A 7 -16.51 3.00 -6.25
CA LEU A 7 -15.59 4.08 -5.88
C LEU A 7 -15.18 3.97 -4.42
N LYS A 8 -16.13 3.55 -3.58
CA LYS A 8 -15.86 3.40 -2.15
C LYS A 8 -15.13 2.09 -1.87
N HIS A 9 -15.36 1.09 -2.72
CA HIS A 9 -14.71 -0.21 -2.56
C HIS A 9 -13.24 -0.14 -2.94
N ILE A 10 -12.94 0.45 -4.09
CA ILE A 10 -11.57 0.58 -4.57
C ILE A 10 -10.70 1.26 -3.51
N ILE A 11 -11.22 2.34 -2.93
CA ILE A 11 -10.48 3.07 -1.90
C ILE A 11 -10.38 2.27 -0.61
N THR A 12 -11.43 1.49 -0.33
CA THR A 12 -11.47 0.68 0.89
C THR A 12 -10.40 -0.42 0.84
N LEU A 13 -10.15 -0.94 -0.36
CA LEU A 13 -9.16 -1.99 -0.53
C LEU A 13 -7.83 -1.60 0.09
N GLY A 14 -7.43 -0.35 -0.11
CA GLY A 14 -6.18 0.13 0.44
C GLY A 14 -6.27 0.42 1.93
N GLN A 15 -7.47 0.79 2.38
CA GLN A 15 -7.69 1.10 3.79
C GLN A 15 -7.73 -0.18 4.62
N VAL A 16 -8.20 -1.26 4.01
CA VAL A 16 -8.29 -2.55 4.69
C VAL A 16 -6.95 -2.94 5.31
N ILE A 17 -5.87 -2.52 4.67
CA ILE A 17 -4.53 -2.82 5.16
C ILE A 17 -4.21 -2.03 6.41
N HIS A 18 -4.57 -0.75 6.40
CA HIS A 18 -4.32 0.12 7.55
C HIS A 18 -4.76 -0.53 8.85
N LYS A 19 -5.98 -1.08 8.84
CA LYS A 19 -6.51 -1.74 10.02
C LYS A 19 -5.87 -3.11 10.23
N ARG A 20 -5.57 -3.78 9.11
CA ARG A 20 -4.96 -5.10 9.16
C ARG A 20 -3.62 -5.05 9.90
N CYS A 21 -2.80 -4.06 9.55
CA CYS A 21 -1.48 -3.90 10.17
C CYS A 21 -1.60 -3.90 11.69
N GLU A 22 -2.69 -3.32 12.20
CA GLU A 22 -2.91 -3.25 13.63
C GLU A 22 -3.15 -4.64 14.22
N GLU A 23 -3.80 -5.50 13.44
CA GLU A 23 -4.10 -6.86 13.87
C GLU A 23 -2.81 -7.65 14.09
N MET A 24 -1.86 -7.48 13.18
CA MET A 24 -0.58 -8.17 13.28
C MET A 24 0.04 -7.99 14.66
N LYS A 25 0.96 -8.88 15.01
CA LYS A 25 1.63 -8.82 16.31
C LYS A 25 3.12 -8.55 16.14
N TYR A 26 3.80 -9.40 15.38
CA TYR A 26 5.22 -9.25 15.14
C TYR A 26 5.48 -8.48 13.84
N CYS A 27 4.89 -8.96 12.75
CA CYS A 27 5.06 -8.33 11.45
C CYS A 27 4.45 -6.92 11.45
N LYS A 28 3.62 -6.65 12.46
CA LYS A 28 2.97 -5.34 12.58
C LYS A 28 4.00 -4.22 12.48
N LYS A 29 5.20 -4.47 12.98
CA LYS A 29 6.27 -3.47 12.95
C LYS A 29 6.54 -3.02 11.51
N GLN A 30 6.81 -3.97 10.63
CA GLN A 30 7.08 -3.65 9.24
C GLN A 30 5.80 -3.28 8.50
N CYS A 31 4.75 -4.08 8.71
CA CYS A 31 3.47 -3.83 8.07
C CYS A 31 2.97 -2.42 8.35
N ARG A 32 3.28 -1.91 9.53
CA ARG A 32 2.88 -0.57 9.93
C ARG A 32 3.21 0.44 8.84
N ARG A 33 4.38 0.29 8.23
CA ARG A 33 4.82 1.19 7.18
C ARG A 33 4.11 0.88 5.87
N LEU A 34 3.94 -0.41 5.58
CA LEU A 34 3.27 -0.83 4.35
C LEU A 34 1.86 -0.25 4.27
N GLY A 35 1.11 -0.37 5.36
CA GLY A 35 -0.24 0.15 5.40
C GLY A 35 -0.29 1.65 5.54
N HIS A 36 0.65 2.20 6.31
CA HIS A 36 0.72 3.64 6.52
C HIS A 36 1.01 4.37 5.20
N ARG A 37 1.92 3.82 4.42
CA ARG A 37 2.29 4.41 3.14
C ARG A 37 1.13 4.36 2.16
N VAL A 38 0.63 3.15 1.88
CA VAL A 38 -0.47 2.97 0.96
C VAL A 38 -1.65 3.86 1.34
N LEU A 39 -1.79 4.15 2.63
CA LEU A 39 -2.86 4.99 3.12
C LEU A 39 -2.86 6.35 2.44
N GLY A 40 -1.67 6.80 2.05
CA GLY A 40 -1.55 8.08 1.38
C GLY A 40 -1.92 8.01 -0.08
N LEU A 41 -2.19 6.81 -0.56
CA LEU A 41 -2.55 6.61 -1.97
C LEU A 41 -4.06 6.76 -2.15
N ILE A 42 -4.84 6.01 -1.38
CA ILE A 42 -6.29 6.07 -1.46
C ILE A 42 -6.84 7.24 -0.66
N LYS A 43 -5.99 7.81 0.19
CA LYS A 43 -6.39 8.95 1.02
C LYS A 43 -7.01 10.04 0.18
N PRO A 44 -6.26 10.51 -0.83
CA PRO A 44 -6.72 11.57 -1.74
C PRO A 44 -7.84 11.09 -2.67
N LEU A 45 -7.71 9.88 -3.17
CA LEU A 45 -8.70 9.31 -4.07
C LEU A 45 -10.06 9.21 -3.37
N GLU A 46 -10.04 8.91 -2.08
CA GLU A 46 -11.27 8.78 -1.31
C GLU A 46 -11.91 10.15 -1.07
N MET A 47 -11.12 11.07 -0.52
CA MET A 47 -11.61 12.41 -0.24
C MET A 47 -12.01 13.13 -1.53
N LEU A 48 -11.36 12.74 -2.63
CA LEU A 48 -11.65 13.35 -3.93
C LEU A 48 -13.15 13.41 -4.18
N GLN A 49 -13.80 12.26 -4.11
CA GLN A 49 -15.24 12.17 -4.33
C GLN A 49 -16.01 12.79 -3.16
N ASP A 50 -15.45 12.64 -1.96
CA ASP A 50 -16.08 13.18 -0.76
C ASP A 50 -16.43 14.65 -0.94
N GLN A 51 -15.39 15.48 -1.08
CA GLN A 51 -15.58 16.91 -1.25
C GLN A 51 -16.61 17.20 -2.34
N GLY A 52 -16.64 16.35 -3.37
CA GLY A 52 -17.57 16.53 -4.45
C GLY A 52 -16.90 16.52 -5.81
N LYS A 53 -16.84 15.35 -6.44
CA LYS A 53 -16.23 15.21 -7.75
C LYS A 53 -16.64 13.90 -8.41
N ARG A 54 -17.62 13.98 -9.30
CA ARG A 54 -18.11 12.80 -10.02
C ARG A 54 -16.96 12.03 -10.64
N SER A 55 -16.04 12.75 -11.27
CA SER A 55 -14.88 12.13 -11.91
C SER A 55 -15.32 11.24 -13.07
N VAL A 56 -14.42 10.38 -13.52
CA VAL A 56 -14.71 9.47 -14.62
C VAL A 56 -14.79 10.21 -15.95
N PRO A 57 -13.66 10.80 -16.36
CA PRO A 57 -13.57 11.55 -17.61
C PRO A 57 -13.69 10.66 -18.84
N SER A 58 -12.90 9.58 -18.86
CA SER A 58 -12.90 8.64 -19.97
C SER A 58 -12.67 7.21 -19.49
N GLU A 59 -12.94 6.25 -20.36
CA GLU A 59 -12.77 4.85 -20.02
C GLU A 59 -11.29 4.50 -19.87
N LYS A 60 -10.44 5.24 -20.59
CA LYS A 60 -9.00 5.01 -20.54
C LYS A 60 -8.50 5.01 -19.11
N LEU A 61 -9.09 5.87 -18.28
CA LEU A 61 -8.70 5.97 -16.88
C LEU A 61 -9.04 4.68 -16.12
N THR A 62 -10.23 4.14 -16.40
CA THR A 62 -10.68 2.92 -15.76
C THR A 62 -9.65 1.80 -15.94
N THR A 63 -8.98 1.80 -17.09
CA THR A 63 -7.99 0.78 -17.39
C THR A 63 -6.76 0.94 -16.50
N ALA A 64 -6.28 2.17 -16.38
CA ALA A 64 -5.11 2.45 -15.56
C ALA A 64 -5.41 2.24 -14.08
N MET A 65 -6.52 2.84 -13.62
CA MET A 65 -6.91 2.71 -12.22
C MET A 65 -7.11 1.25 -11.83
N ASN A 66 -7.59 0.45 -12.77
CA ASN A 66 -7.82 -0.97 -12.53
C ASN A 66 -6.54 -1.65 -12.06
N ARG A 67 -5.40 -1.08 -12.43
CA ARG A 67 -4.10 -1.64 -12.04
C ARG A 67 -3.80 -1.31 -10.58
N PHE A 68 -4.31 -0.19 -10.10
CA PHE A 68 -4.08 0.23 -8.73
C PHE A 68 -4.95 -0.58 -7.76
N LYS A 69 -6.24 -0.65 -8.06
CA LYS A 69 -7.18 -1.39 -7.22
C LYS A 69 -6.65 -2.78 -6.91
N ALA A 70 -6.04 -3.41 -7.92
CA ALA A 70 -5.49 -4.75 -7.76
C ALA A 70 -4.22 -4.73 -6.92
N ALA A 71 -3.48 -3.63 -7.02
CA ALA A 71 -2.24 -3.48 -6.27
C ALA A 71 -2.47 -3.71 -4.78
N LEU A 72 -3.60 -3.23 -4.27
CA LEU A 72 -3.93 -3.39 -2.87
C LEU A 72 -4.15 -4.86 -2.52
N GLU A 73 -4.73 -5.60 -3.45
CA GLU A 73 -4.98 -7.02 -3.24
C GLU A 73 -3.71 -7.75 -2.82
N GLU A 74 -2.57 -7.29 -3.33
CA GLU A 74 -1.28 -7.90 -3.01
C GLU A 74 -0.94 -7.68 -1.54
N ALA A 75 -0.93 -6.41 -1.12
CA ALA A 75 -0.62 -6.07 0.27
C ALA A 75 -1.66 -6.62 1.22
N ASN A 76 -2.92 -6.32 0.97
CA ASN A 76 -4.02 -6.79 1.81
C ASN A 76 -4.03 -8.32 1.87
N GLY A 77 -4.06 -8.95 0.71
CA GLY A 77 -4.08 -10.40 0.64
C GLY A 77 -2.89 -11.03 1.36
N GLU A 78 -1.73 -10.40 1.23
CA GLU A 78 -0.52 -10.90 1.87
C GLU A 78 -0.66 -10.88 3.39
N ILE A 79 -1.24 -9.81 3.91
CA ILE A 79 -1.44 -9.67 5.35
C ILE A 79 -2.15 -10.89 5.92
N GLU A 80 -3.24 -11.29 5.28
CA GLU A 80 -4.01 -12.45 5.74
C GLU A 80 -3.11 -13.65 5.95
N LYS A 81 -2.15 -13.84 5.03
CA LYS A 81 -1.22 -14.96 5.12
C LYS A 81 -0.24 -14.76 6.28
N PHE A 82 0.12 -13.50 6.53
CA PHE A 82 1.05 -13.18 7.60
C PHE A 82 0.31 -12.89 8.90
N SER A 83 -0.98 -13.24 8.93
CA SER A 83 -1.81 -13.01 10.11
C SER A 83 -1.39 -13.93 11.25
N ASN A 84 -0.99 -15.15 10.91
CA ASN A 84 -0.57 -16.13 11.89
C ASN A 84 0.66 -15.64 12.66
N ARG A 85 1.22 -16.50 13.50
CA ARG A 85 2.39 -16.16 14.29
C ARG A 85 3.63 -16.86 13.75
N SER A 86 3.49 -18.13 13.42
CA SER A 86 4.61 -18.91 12.89
C SER A 86 4.90 -18.53 11.45
N ASN A 87 3.85 -18.14 10.72
CA ASN A 87 4.00 -17.75 9.32
C ASN A 87 5.03 -16.64 9.17
N ILE A 88 5.04 -15.72 10.13
CA ILE A 88 5.98 -14.59 10.10
C ILE A 88 7.42 -15.09 10.14
N CYS A 89 7.73 -15.93 11.11
CA CYS A 89 9.07 -16.48 11.26
C CYS A 89 9.44 -17.36 10.07
N ARG A 90 8.47 -18.14 9.60
CA ARG A 90 8.69 -19.03 8.46
C ARG A 90 9.23 -18.25 7.26
N PHE A 91 8.59 -17.13 6.94
CA PHE A 91 9.00 -16.30 5.81
C PHE A 91 10.25 -15.49 6.17
N LEU A 92 10.23 -14.90 7.36
CA LEU A 92 11.35 -14.09 7.82
C LEU A 92 12.66 -14.88 7.74
N THR A 93 12.64 -16.10 8.27
CA THR A 93 13.83 -16.95 8.26
C THR A 93 14.08 -17.52 6.87
N ALA A 94 13.00 -17.75 6.13
CA ALA A 94 13.09 -18.30 4.78
C ALA A 94 13.98 -17.43 3.89
N SER A 95 13.67 -16.13 3.87
CA SER A 95 14.43 -15.19 3.06
C SER A 95 15.59 -14.60 3.86
N GLN A 96 16.37 -13.74 3.21
CA GLN A 96 17.52 -13.11 3.86
C GLN A 96 17.21 -11.67 4.23
N ASP A 97 16.41 -11.00 3.39
CA ASP A 97 16.04 -9.61 3.64
C ASP A 97 15.29 -9.48 4.96
N LYS A 98 14.77 -8.28 5.22
CA LYS A 98 14.04 -8.02 6.45
C LYS A 98 12.60 -7.60 6.14
N ILE A 99 12.42 -6.89 5.04
CA ILE A 99 11.09 -6.43 4.63
C ILE A 99 10.20 -7.60 4.25
N LEU A 100 8.89 -7.43 4.45
CA LEU A 100 7.93 -8.48 4.13
C LEU A 100 7.11 -8.10 2.91
N PHE A 101 6.83 -6.81 2.75
CA PHE A 101 6.05 -6.31 1.63
C PHE A 101 6.90 -5.38 0.76
N LYS A 102 8.17 -5.68 0.64
CA LYS A 102 9.09 -4.88 -0.16
C LYS A 102 8.60 -4.80 -1.62
N ASP A 103 8.60 -5.94 -2.29
CA ASP A 103 8.16 -6.00 -3.69
C ASP A 103 6.70 -5.59 -3.81
N VAL A 104 5.95 -5.75 -2.72
CA VAL A 104 4.53 -5.40 -2.71
C VAL A 104 4.34 -3.89 -2.76
N ASN A 105 4.97 -3.19 -1.83
CA ASN A 105 4.87 -1.73 -1.77
C ASN A 105 5.60 -1.09 -2.94
N ARG A 106 6.62 -1.77 -3.45
CA ARG A 106 7.40 -1.26 -4.57
C ARG A 106 6.49 -0.90 -5.74
N LYS A 107 5.56 -1.79 -6.06
CA LYS A 107 4.62 -1.58 -7.15
C LYS A 107 3.55 -0.57 -6.77
N LEU A 108 3.16 -0.59 -5.49
CA LEU A 108 2.13 0.33 -4.99
C LEU A 108 2.46 1.76 -5.38
N SER A 109 3.74 2.11 -5.31
CA SER A 109 4.18 3.47 -5.66
C SER A 109 4.09 3.70 -7.16
N ASP A 110 4.32 2.64 -7.93
CA ASP A 110 4.26 2.74 -9.38
C ASP A 110 2.82 2.86 -9.87
N VAL A 111 1.93 2.05 -9.30
CA VAL A 111 0.52 2.08 -9.66
C VAL A 111 -0.12 3.41 -9.27
N TRP A 112 0.41 4.04 -8.24
CA TRP A 112 -0.10 5.32 -7.77
C TRP A 112 0.46 6.47 -8.59
N LYS A 113 1.78 6.51 -8.73
CA LYS A 113 2.43 7.56 -9.49
C LYS A 113 2.01 7.52 -10.96
N GLU A 114 1.68 6.32 -11.45
CA GLU A 114 1.26 6.15 -12.83
C GLU A 114 -0.06 6.86 -13.09
N LEU A 115 -1.09 6.51 -12.31
CA LEU A 115 -2.40 7.13 -12.45
C LEU A 115 -2.41 8.55 -11.91
N SER A 116 -1.52 8.82 -10.96
CA SER A 116 -1.41 10.14 -10.35
C SER A 116 -1.25 11.21 -11.43
N LEU A 117 -0.30 11.00 -12.33
CA LEU A 117 -0.04 11.94 -13.41
C LEU A 117 -1.31 12.23 -14.20
N LEU A 118 -2.16 11.22 -14.34
CA LEU A 118 -3.41 11.37 -15.07
C LEU A 118 -4.44 12.11 -14.24
N LEU A 119 -4.25 12.11 -12.92
CA LEU A 119 -5.17 12.78 -12.01
C LEU A 119 -5.06 14.31 -12.16
N GLN A 120 -3.87 14.83 -11.91
CA GLN A 120 -3.63 16.27 -12.02
C GLN A 120 -4.09 16.80 -13.37
N VAL A 121 -3.98 15.95 -14.39
CA VAL A 121 -4.39 16.33 -15.74
C VAL A 121 -5.79 16.95 -15.75
N GLU A 122 -6.77 16.17 -15.30
CA GLU A 122 -8.15 16.63 -15.26
C GLU A 122 -8.59 16.90 -13.82
N GLN A 123 -8.54 15.85 -13.00
CA GLN A 123 -8.94 15.97 -11.60
C GLN A 123 -8.22 17.14 -10.93
N ARG A 124 -7.02 17.46 -11.43
CA ARG A 124 -6.24 18.55 -10.87
C ARG A 124 -5.91 18.29 -9.40
N MET A 125 -5.71 17.03 -9.06
CA MET A 125 -5.40 16.65 -7.68
C MET A 125 -3.89 16.63 -7.45
N PRO A 126 -3.45 17.23 -6.34
CA PRO A 126 -2.03 17.31 -5.98
C PRO A 126 -1.47 15.94 -5.59
N VAL A 127 -1.30 15.07 -6.57
CA VAL A 127 -0.77 13.73 -6.32
C VAL A 127 0.62 13.81 -5.71
N SER A 128 1.46 14.67 -6.26
CA SER A 128 2.83 14.83 -5.79
C SER A 128 3.23 16.30 -5.76
N PRO A 129 2.80 17.01 -4.71
CA PRO A 129 3.09 18.45 -4.54
C PRO A 129 4.57 18.69 -4.23
N ILE A 130 5.22 17.71 -3.62
CA ILE A 130 6.63 17.82 -3.27
C ILE A 130 7.14 16.53 -2.63
N SER A 131 6.32 15.95 -1.77
CA SER A 131 6.69 14.72 -1.08
C SER A 131 7.06 13.62 -2.08
N GLN A 132 6.07 13.21 -2.86
CA GLN A 132 6.28 12.16 -3.87
C GLN A 132 7.38 12.56 -4.84
N GLY A 133 7.94 11.57 -5.53
CA GLY A 133 9.00 11.84 -6.48
C GLY A 133 9.88 10.62 -6.72
N ALA A 134 10.08 9.82 -5.68
CA ALA A 134 10.89 8.62 -5.78
C ALA A 134 10.32 7.48 -4.95
N SER A 135 10.53 6.26 -5.42
CA SER A 135 10.03 5.08 -4.72
C SER A 135 10.43 5.10 -3.24
N TRP A 136 9.45 4.92 -2.37
CA TRP A 136 9.70 4.92 -0.93
C TRP A 136 10.50 3.70 -0.51
N ALA A 137 10.63 2.74 -1.43
CA ALA A 137 11.36 1.51 -1.16
C ALA A 137 12.75 1.82 -0.60
N GLN A 138 13.34 2.91 -1.07
CA GLN A 138 14.67 3.31 -0.62
C GLN A 138 14.70 3.51 0.89
N GLU A 139 13.75 4.29 1.39
CA GLU A 139 13.66 4.55 2.83
C GLU A 139 13.12 3.35 3.58
N ASP A 140 12.19 2.64 2.94
CA ASP A 140 11.57 1.46 3.54
C ASP A 140 12.65 0.49 4.05
N GLN A 141 13.73 0.38 3.30
CA GLN A 141 14.82 -0.51 3.68
C GLN A 141 15.48 -0.05 4.98
N GLN A 142 15.55 1.26 5.16
CA GLN A 142 16.15 1.84 6.37
C GLN A 142 15.28 1.58 7.59
N ASP A 143 13.97 1.68 7.40
CA ASP A 143 13.02 1.46 8.49
C ASP A 143 12.96 -0.02 8.86
N ALA A 144 12.97 -0.88 7.85
CA ALA A 144 12.91 -2.32 8.08
C ALA A 144 14.01 -2.77 9.04
N ASP A 145 15.17 -2.11 8.96
CA ASP A 145 16.30 -2.44 9.81
C ASP A 145 15.90 -2.38 11.29
N GLU A 146 15.02 -1.42 11.61
CA GLU A 146 14.56 -1.25 12.98
C GLU A 146 13.73 -2.44 13.44
N ASP A 147 12.94 -3.00 12.51
CA ASP A 147 12.10 -4.14 12.81
C ASP A 147 12.93 -5.41 12.93
N ARG A 148 13.74 -5.69 11.92
CA ARG A 148 14.58 -6.88 11.92
C ARG A 148 15.40 -6.97 13.20
N ARG A 149 15.85 -5.82 13.70
CA ARG A 149 16.65 -5.77 14.92
C ARG A 149 15.87 -6.36 16.09
N ALA A 150 14.56 -6.15 16.09
CA ALA A 150 13.70 -6.67 17.16
C ALA A 150 13.34 -8.13 16.92
N PHE A 151 13.07 -8.47 15.66
CA PHE A 151 12.71 -9.84 15.30
C PHE A 151 13.86 -10.79 15.60
N GLN A 152 15.09 -10.31 15.43
CA GLN A 152 16.27 -11.13 15.69
C GLN A 152 16.19 -11.79 17.07
N MET A 153 16.03 -10.96 18.10
CA MET A 153 15.95 -11.46 19.47
C MET A 153 14.66 -12.24 19.67
N LEU A 154 13.60 -11.82 18.98
CA LEU A 154 12.31 -12.49 19.10
C LEU A 154 12.42 -13.97 18.76
N ARG A 155 12.51 -14.80 19.79
CA ARG A 155 12.62 -16.24 19.61
C ARG A 155 11.36 -16.81 18.96
N ARG A 156 11.54 -17.75 18.04
CA ARG A 156 10.41 -18.36 17.35
C ARG A 156 9.39 -18.91 18.35
N ASP A 157 9.88 -19.32 19.51
CA ASP A 157 9.01 -19.86 20.55
C ASP A 157 7.89 -18.89 20.88
C4 UJ5 B . -13.61 4.07 -11.75
C6 UJ5 B . -14.67 4.32 -13.63
C7 UJ5 B . -15.60 3.88 -12.68
C10 UJ5 B . -17.31 3.94 -14.36
C13 UJ5 B . -18.72 3.74 -14.76
C17 UJ5 B . -11.93 6.43 -11.25
C20 UJ5 B . -11.88 7.07 -8.56
C21 UJ5 B . -12.16 5.78 -8.96
C22 UJ5 B . -11.30 9.46 -9.08
C24 UJ5 B . -9.96 9.48 -8.36
C1 UJ5 B . -11.21 2.05 -11.08
O2 UJ5 B . -11.33 3.45 -11.32
C3 UJ5 B . -12.50 4.05 -10.74
N5 UJ5 B . -13.47 4.41 -13.00
C12 UJ5 B . -15.08 4.56 -14.96
C11 UJ5 B . -16.37 4.37 -15.31
N8 UJ5 B . -14.90 3.73 -11.50
C9 UJ5 B . -16.92 3.70 -13.05
O14 UJ5 B . -19.64 3.39 -13.84
O15 UJ5 B . -19.05 3.89 -15.92
C16 UJ5 B . -12.18 5.46 -10.31
C18 UJ5 B . -11.64 7.72 -10.85
C19 UJ5 B . -11.62 8.04 -9.51
C23 UJ5 B . -12.41 9.95 -8.14
H34 UJ5 B . -11.95 6.18 -12.30
H36 UJ5 B . -11.86 7.33 -7.52
H37 UJ5 B . -12.37 5.02 -8.22
H38 UJ5 B . -11.27 10.10 -9.96
H42 UJ5 B . -9.33 10.26 -8.79
H44 UJ5 B . -9.46 8.52 -8.47
H43 UJ5 B . -10.13 9.68 -7.30
H26 UJ5 B . -11.82 1.78 -10.22
H25 UJ5 B . -10.16 1.80 -10.89
H27 UJ5 B . -11.56 1.51 -11.95
H28 UJ5 B . -12.81 3.46 -9.87
H32 UJ5 B . -14.36 4.89 -15.69
H31 UJ5 B . -16.69 4.56 -16.33
H29 UJ5 B . -15.26 3.44 -10.65
H30 UJ5 B . -17.65 3.36 -12.32
H33 UJ5 B . -19.37 2.74 -13.17
H35 UJ5 B . -11.43 8.48 -11.60
H40 UJ5 B . -12.51 11.03 -8.24
H39 UJ5 B . -12.13 9.71 -7.10
H41 UJ5 B . -13.35 9.47 -8.39
N GLY A 1 -21.59 -4.95 -8.70
CA GLY A 1 -22.74 -4.86 -7.82
C GLY A 1 -23.60 -3.64 -8.10
N SER A 2 -23.02 -2.46 -7.88
CA SER A 2 -23.74 -1.21 -8.10
C SER A 2 -22.77 -0.10 -8.50
N PRO A 3 -23.31 0.97 -9.11
CA PRO A 3 -22.52 2.12 -9.55
C PRO A 3 -21.99 2.94 -8.39
N GLY A 4 -20.71 3.28 -8.45
CA GLY A 4 -20.09 4.07 -7.39
C GLY A 4 -19.42 3.21 -6.35
N GLU A 5 -20.01 2.05 -6.06
CA GLU A 5 -19.46 1.13 -5.07
C GLU A 5 -18.02 0.76 -5.42
N ASN A 6 -17.76 0.58 -6.70
CA ASN A 6 -16.42 0.22 -7.17
C ASN A 6 -15.38 1.22 -6.65
N LEU A 7 -15.66 2.51 -6.86
CA LEU A 7 -14.75 3.56 -6.41
C LEU A 7 -14.38 3.39 -4.94
N LYS A 8 -15.34 2.89 -4.16
CA LYS A 8 -15.12 2.67 -2.73
C LYS A 8 -14.31 1.40 -2.49
N HIS A 9 -14.47 0.42 -3.37
CA HIS A 9 -13.75 -0.83 -3.26
C HIS A 9 -12.28 -0.65 -3.63
N ILE A 10 -12.04 -0.02 -4.78
CA ILE A 10 -10.67 0.21 -5.24
C ILE A 10 -9.84 0.92 -4.17
N ILE A 11 -10.43 1.94 -3.56
CA ILE A 11 -9.75 2.69 -2.52
C ILE A 11 -9.60 1.87 -1.24
N THR A 12 -10.58 1.01 -0.98
CA THR A 12 -10.57 0.16 0.20
C THR A 12 -9.48 -0.90 0.10
N LEU A 13 -9.25 -1.39 -1.11
CA LEU A 13 -8.24 -2.41 -1.35
C LEU A 13 -6.90 -2.01 -0.74
N GLY A 14 -6.54 -0.74 -0.90
CA GLY A 14 -5.29 -0.25 -0.35
C GLY A 14 -5.36 -0.02 1.14
N GLN A 15 -6.55 0.31 1.63
CA GLN A 15 -6.74 0.56 3.06
C GLN A 15 -6.74 -0.76 3.84
N VAL A 16 -7.19 -1.82 3.20
CA VAL A 16 -7.24 -3.14 3.84
C VAL A 16 -5.87 -3.52 4.42
N ILE A 17 -4.81 -3.06 3.76
CA ILE A 17 -3.45 -3.34 4.21
C ILE A 17 -3.15 -2.62 5.52
N HIS A 18 -3.72 -1.43 5.69
CA HIS A 18 -3.50 -0.65 6.90
C HIS A 18 -3.82 -1.47 8.14
N LYS A 19 -5.02 -2.05 8.16
CA LYS A 19 -5.46 -2.86 9.30
C LYS A 19 -4.77 -4.21 9.30
N ARG A 20 -4.51 -4.74 8.11
CA ARG A 20 -3.85 -6.03 7.97
C ARG A 20 -2.51 -6.03 8.70
N CYS A 21 -1.72 -4.99 8.48
CA CYS A 21 -0.40 -4.88 9.11
C CYS A 21 -0.52 -4.98 10.63
N GLU A 22 -1.60 -4.41 11.17
CA GLU A 22 -1.84 -4.43 12.61
C GLU A 22 -1.90 -5.86 13.12
N GLU A 23 -2.41 -6.76 12.29
CA GLU A 23 -2.53 -8.17 12.67
C GLU A 23 -1.16 -8.77 12.97
N MET A 24 -0.15 -8.34 12.21
CA MET A 24 1.20 -8.84 12.40
C MET A 24 1.67 -8.61 13.82
N LYS A 25 2.91 -9.02 14.11
CA LYS A 25 3.49 -8.86 15.44
C LYS A 25 5.01 -8.81 15.37
N TYR A 26 5.59 -9.66 14.53
CA TYR A 26 7.03 -9.72 14.37
C TYR A 26 7.50 -8.80 13.27
N CYS A 27 7.12 -9.12 12.03
CA CYS A 27 7.50 -8.31 10.88
C CYS A 27 6.63 -7.06 10.79
N LYS A 28 5.68 -6.94 11.70
CA LYS A 28 4.78 -5.79 11.71
C LYS A 28 5.55 -4.49 11.65
N LYS A 29 6.76 -4.49 12.21
CA LYS A 29 7.61 -3.30 12.22
C LYS A 29 7.82 -2.78 10.80
N GLN A 30 8.29 -3.65 9.92
CA GLN A 30 8.53 -3.28 8.53
C GLN A 30 7.23 -3.16 7.76
N CYS A 31 6.30 -4.08 8.01
CA CYS A 31 5.01 -4.07 7.35
C CYS A 31 4.27 -2.76 7.59
N ARG A 32 4.49 -2.17 8.76
CA ARG A 32 3.85 -0.92 9.13
C ARG A 32 4.01 0.11 8.01
N ARG A 33 5.16 0.10 7.36
CA ARG A 33 5.44 1.03 6.27
C ARG A 33 4.57 0.73 5.06
N LEU A 34 4.38 -0.56 4.79
CA LEU A 34 3.57 -0.99 3.65
C LEU A 34 2.19 -0.32 3.68
N GLY A 35 1.50 -0.46 4.81
CA GLY A 35 0.19 0.13 4.94
C GLY A 35 0.24 1.63 5.13
N HIS A 36 1.07 2.08 6.08
CA HIS A 36 1.21 3.50 6.35
C HIS A 36 1.49 4.28 5.07
N ARG A 37 2.24 3.65 4.16
CA ARG A 37 2.58 4.30 2.89
C ARG A 37 1.41 4.21 1.91
N VAL A 38 0.94 2.99 1.66
CA VAL A 38 -0.18 2.78 0.75
C VAL A 38 -1.39 3.62 1.14
N LEU A 39 -1.49 3.93 2.43
CA LEU A 39 -2.60 4.73 2.94
C LEU A 39 -2.59 6.12 2.32
N GLY A 40 -1.39 6.66 2.10
CA GLY A 40 -1.27 7.98 1.51
C GLY A 40 -1.46 7.98 0.01
N LEU A 41 -1.58 6.78 -0.56
CA LEU A 41 -1.77 6.64 -2.01
C LEU A 41 -3.25 6.76 -2.38
N ILE A 42 -4.09 6.00 -1.68
CA ILE A 42 -5.53 6.03 -1.94
C ILE A 42 -6.22 7.09 -1.09
N LYS A 43 -5.43 7.82 -0.31
CA LYS A 43 -5.96 8.87 0.55
C LYS A 43 -6.59 9.99 -0.28
N PRO A 44 -5.81 10.50 -1.25
CA PRO A 44 -6.27 11.58 -2.13
C PRO A 44 -7.35 11.11 -3.10
N LEU A 45 -7.25 9.87 -3.55
CA LEU A 45 -8.22 9.30 -4.48
C LEU A 45 -9.53 8.98 -3.77
N GLU A 46 -9.44 8.68 -2.47
CA GLU A 46 -10.62 8.36 -1.68
C GLU A 46 -11.41 9.62 -1.35
N MET A 47 -10.70 10.69 -1.01
CA MET A 47 -11.34 11.96 -0.67
C MET A 47 -12.03 12.57 -1.90
N LEU A 48 -11.48 12.30 -3.07
CA LEU A 48 -12.03 12.81 -4.32
C LEU A 48 -13.53 12.54 -4.40
N GLN A 49 -13.90 11.28 -4.47
CA GLN A 49 -15.31 10.89 -4.56
C GLN A 49 -16.11 11.55 -3.44
N ASP A 50 -15.48 11.74 -2.29
CA ASP A 50 -16.13 12.37 -1.14
C ASP A 50 -16.61 13.78 -1.49
N GLN A 51 -15.82 14.48 -2.31
CA GLN A 51 -16.15 15.84 -2.71
C GLN A 51 -17.41 15.86 -3.56
N GLY A 52 -17.42 15.07 -4.63
CA GLY A 52 -18.57 15.00 -5.51
C GLY A 52 -18.28 15.60 -6.87
N LYS A 53 -17.69 14.81 -7.76
CA LYS A 53 -17.37 15.26 -9.10
C LYS A 53 -17.48 14.12 -10.11
N ARG A 54 -17.15 14.41 -11.36
CA ARG A 54 -17.21 13.41 -12.42
C ARG A 54 -16.22 12.28 -12.17
N SER A 55 -14.93 12.63 -12.18
CA SER A 55 -13.88 11.65 -11.95
C SER A 55 -13.87 10.59 -13.05
N VAL A 56 -14.46 10.93 -14.19
CA VAL A 56 -14.53 10.01 -15.32
C VAL A 56 -14.45 10.75 -16.65
N PRO A 57 -13.25 11.29 -16.95
CA PRO A 57 -13.00 12.03 -18.18
C PRO A 57 -13.03 11.14 -19.42
N SER A 58 -12.29 10.04 -19.35
CA SER A 58 -12.21 9.10 -20.47
C SER A 58 -12.08 7.67 -19.96
N GLU A 59 -12.41 6.71 -20.82
CA GLU A 59 -12.33 5.30 -20.45
C GLU A 59 -10.88 4.84 -20.37
N LYS A 60 -10.01 5.52 -21.10
CA LYS A 60 -8.59 5.18 -21.11
C LYS A 60 -8.04 5.11 -19.69
N LEU A 61 -8.48 6.03 -18.84
CA LEU A 61 -8.04 6.06 -17.45
C LEU A 61 -8.43 4.78 -16.72
N THR A 62 -9.64 4.29 -17.00
CA THR A 62 -10.13 3.08 -16.38
C THR A 62 -9.16 1.92 -16.57
N THR A 63 -8.54 1.86 -17.75
CA THR A 63 -7.59 0.80 -18.06
C THR A 63 -6.32 0.94 -17.22
N ALA A 64 -5.86 2.17 -17.07
CA ALA A 64 -4.65 2.44 -16.28
C ALA A 64 -4.90 2.19 -14.80
N MET A 65 -6.02 2.71 -14.30
CA MET A 65 -6.37 2.55 -12.89
C MET A 65 -6.52 1.07 -12.53
N ASN A 66 -7.05 0.29 -13.47
CA ASN A 66 -7.24 -1.14 -13.26
C ASN A 66 -5.93 -1.81 -12.83
N ARG A 67 -4.82 -1.22 -13.25
CA ARG A 67 -3.50 -1.77 -12.92
C ARG A 67 -3.12 -1.43 -11.48
N PHE A 68 -3.62 -0.30 -10.99
CA PHE A 68 -3.33 0.13 -9.63
C PHE A 68 -4.15 -0.67 -8.62
N LYS A 69 -5.46 -0.77 -8.86
CA LYS A 69 -6.35 -1.51 -7.98
C LYS A 69 -5.79 -2.90 -7.69
N ALA A 70 -5.22 -3.54 -8.71
CA ALA A 70 -4.65 -4.86 -8.55
C ALA A 70 -3.34 -4.81 -7.76
N ALA A 71 -2.61 -3.71 -7.90
CA ALA A 71 -1.35 -3.54 -7.20
C ALA A 71 -1.51 -3.81 -5.70
N LEU A 72 -2.67 -3.46 -5.17
CA LEU A 72 -2.95 -3.66 -3.74
C LEU A 72 -3.14 -5.14 -3.44
N GLU A 73 -3.75 -5.87 -4.37
CA GLU A 73 -3.99 -7.29 -4.20
C GLU A 73 -2.69 -8.03 -3.91
N GLU A 74 -1.60 -7.56 -4.52
CA GLU A 74 -0.30 -8.18 -4.33
C GLU A 74 0.14 -8.10 -2.86
N ALA A 75 0.13 -6.90 -2.32
CA ALA A 75 0.52 -6.69 -0.92
C ALA A 75 -0.51 -7.30 0.03
N ASN A 76 -1.76 -6.87 -0.11
CA ASN A 76 -2.84 -7.36 0.74
C ASN A 76 -2.89 -8.88 0.72
N GLY A 77 -2.68 -9.46 -0.46
CA GLY A 77 -2.71 -10.91 -0.58
C GLY A 77 -1.59 -11.58 0.19
N GLU A 78 -0.37 -11.07 0.02
CA GLU A 78 0.79 -11.62 0.70
C GLU A 78 0.63 -11.54 2.22
N ILE A 79 0.08 -10.42 2.68
CA ILE A 79 -0.14 -10.22 4.11
C ILE A 79 -0.96 -11.35 4.71
N GLU A 80 -1.91 -11.86 3.93
CA GLU A 80 -2.78 -12.94 4.38
C GLU A 80 -1.95 -14.18 4.75
N LYS A 81 -1.02 -14.54 3.87
CA LYS A 81 -0.16 -15.70 4.10
C LYS A 81 0.87 -15.40 5.19
N PHE A 82 1.56 -14.28 5.06
CA PHE A 82 2.57 -13.88 6.03
C PHE A 82 1.96 -13.71 7.42
N SER A 83 0.65 -13.49 7.46
CA SER A 83 -0.06 -13.31 8.72
C SER A 83 0.34 -14.39 9.72
N ASN A 84 0.59 -15.60 9.22
CA ASN A 84 0.98 -16.72 10.06
C ASN A 84 2.25 -16.39 10.85
N ARG A 85 2.49 -17.14 11.92
CA ARG A 85 3.66 -16.93 12.76
C ARG A 85 4.86 -17.69 12.20
N SER A 86 4.63 -18.92 11.77
CA SER A 86 5.70 -19.76 11.21
C SER A 86 6.13 -19.25 9.84
N ASN A 87 5.17 -18.72 9.09
CA ASN A 87 5.45 -18.20 7.75
C ASN A 87 6.55 -17.14 7.80
N ILE A 88 6.43 -16.21 8.75
CA ILE A 88 7.41 -15.15 8.90
C ILE A 88 8.81 -15.72 9.13
N CYS A 89 8.93 -16.61 10.10
CA CYS A 89 10.21 -17.23 10.41
C CYS A 89 10.72 -18.06 9.23
N ARG A 90 9.79 -18.71 8.54
CA ARG A 90 10.14 -19.53 7.39
C ARG A 90 10.90 -18.72 6.34
N PHE A 91 10.34 -17.57 5.97
CA PHE A 91 10.96 -16.70 4.97
C PHE A 91 12.18 -16.00 5.57
N LEU A 92 12.11 -15.65 6.84
CA LEU A 92 13.21 -14.97 7.52
C LEU A 92 14.45 -15.85 7.55
N THR A 93 14.28 -17.10 7.96
CA THR A 93 15.39 -18.04 8.04
C THR A 93 15.80 -18.52 6.65
N ALA A 94 14.82 -18.65 5.76
CA ALA A 94 15.07 -19.10 4.40
C ALA A 94 16.05 -18.16 3.69
N SER A 95 15.77 -16.86 3.75
CA SER A 95 16.62 -15.86 3.11
C SER A 95 17.23 -14.92 4.14
N GLN A 96 18.54 -14.71 4.04
CA GLN A 96 19.24 -13.84 4.97
C GLN A 96 19.05 -12.38 4.58
N ASP A 97 17.80 -11.94 4.54
CA ASP A 97 17.48 -10.56 4.18
C ASP A 97 16.27 -10.06 4.97
N LYS A 98 15.75 -8.90 4.55
CA LYS A 98 14.59 -8.32 5.21
C LYS A 98 13.60 -7.76 4.20
N ILE A 99 12.55 -7.12 4.69
CA ILE A 99 11.54 -6.53 3.82
C ILE A 99 10.81 -7.61 3.02
N LEU A 100 9.64 -8.00 3.51
CA LEU A 100 8.84 -9.02 2.85
C LEU A 100 8.15 -8.46 1.61
N PHE A 101 7.74 -7.19 1.68
CA PHE A 101 7.07 -6.53 0.57
C PHE A 101 8.02 -5.56 -0.14
N LYS A 102 9.28 -5.97 -0.26
CA LYS A 102 10.28 -5.14 -0.92
C LYS A 102 9.87 -4.80 -2.34
N ASP A 103 9.75 -5.83 -3.18
CA ASP A 103 9.37 -5.64 -4.57
C ASP A 103 7.87 -5.32 -4.68
N VAL A 104 7.09 -5.87 -3.77
CA VAL A 104 5.65 -5.64 -3.75
C VAL A 104 5.33 -4.15 -3.72
N ASN A 105 6.02 -3.42 -2.85
CA ASN A 105 5.82 -1.98 -2.72
C ASN A 105 6.46 -1.23 -3.88
N ARG A 106 7.51 -1.81 -4.44
CA ARG A 106 8.23 -1.20 -5.57
C ARG A 106 7.26 -0.86 -6.70
N LYS A 107 6.33 -1.77 -6.97
CA LYS A 107 5.36 -1.56 -8.03
C LYS A 107 4.29 -0.57 -7.60
N LEU A 108 3.96 -0.58 -6.31
CA LEU A 108 2.95 0.32 -5.76
C LEU A 108 3.26 1.76 -6.13
N SER A 109 4.54 2.13 -6.07
CA SER A 109 4.96 3.48 -6.39
C SER A 109 4.84 3.75 -7.89
N ASP A 110 5.07 2.70 -8.68
CA ASP A 110 4.99 2.82 -10.13
C ASP A 110 3.54 2.97 -10.59
N VAL A 111 2.67 2.11 -10.07
CA VAL A 111 1.25 2.14 -10.41
C VAL A 111 0.62 3.46 -10.01
N TRP A 112 1.19 4.10 -9.00
CA TRP A 112 0.68 5.39 -8.52
C TRP A 112 1.22 6.54 -9.36
N LYS A 113 2.54 6.56 -9.56
CA LYS A 113 3.17 7.60 -10.35
C LYS A 113 2.81 7.47 -11.82
N GLU A 114 2.34 6.29 -12.21
CA GLU A 114 1.94 6.05 -13.59
C GLU A 114 0.60 6.70 -13.90
N LEU A 115 -0.34 6.54 -12.99
CA LEU A 115 -1.68 7.12 -13.16
C LEU A 115 -1.73 8.54 -12.61
N SER A 116 -0.80 8.87 -11.73
CA SER A 116 -0.75 10.20 -11.14
C SER A 116 -0.83 11.28 -12.22
N LEU A 117 -0.23 11.00 -13.37
CA LEU A 117 -0.23 11.95 -14.48
C LEU A 117 -1.65 12.17 -14.99
N LEU A 118 -2.32 11.09 -15.36
CA LEU A 118 -3.69 11.16 -15.87
C LEU A 118 -4.61 11.85 -14.86
N LEU A 119 -4.28 11.71 -13.58
CA LEU A 119 -5.08 12.33 -12.53
C LEU A 119 -4.96 13.85 -12.57
N GLN A 120 -3.74 14.35 -12.44
CA GLN A 120 -3.49 15.78 -12.47
C GLN A 120 -3.99 16.39 -13.77
N VAL A 121 -3.94 15.62 -14.85
CA VAL A 121 -4.39 16.08 -16.15
C VAL A 121 -5.78 16.69 -16.06
N GLU A 122 -6.75 15.88 -15.66
CA GLU A 122 -8.13 16.34 -15.54
C GLU A 122 -8.53 16.49 -14.07
N GLN A 123 -8.48 15.39 -13.34
CA GLN A 123 -8.83 15.38 -11.93
C GLN A 123 -8.02 16.42 -11.16
N ARG A 124 -8.69 17.46 -10.68
CA ARG A 124 -8.02 18.52 -9.94
C ARG A 124 -7.53 18.01 -8.58
N MET A 125 -6.32 17.47 -8.58
CA MET A 125 -5.74 16.94 -7.35
C MET A 125 -4.22 17.11 -7.35
N PRO A 126 -3.67 17.61 -6.23
CA PRO A 126 -2.24 17.83 -6.08
C PRO A 126 -1.45 16.53 -6.01
N VAL A 127 -0.86 16.13 -7.13
CA VAL A 127 -0.07 14.90 -7.18
C VAL A 127 1.32 15.11 -6.59
N SER A 128 1.77 14.13 -5.81
CA SER A 128 3.09 14.21 -5.17
C SER A 128 3.29 15.58 -4.52
N PRO A 129 2.65 15.78 -3.36
CA PRO A 129 2.75 17.03 -2.61
C PRO A 129 4.13 17.23 -1.99
N ILE A 130 4.68 16.16 -1.44
CA ILE A 130 6.00 16.21 -0.81
C ILE A 130 6.43 14.84 -0.31
N SER A 131 5.46 14.08 0.21
CA SER A 131 5.74 12.76 0.73
C SER A 131 6.07 11.79 -0.39
N GLN A 132 5.40 11.94 -1.53
CA GLN A 132 5.62 11.09 -2.68
C GLN A 132 6.72 11.65 -3.58
N GLY A 133 7.56 10.76 -4.10
CA GLY A 133 8.64 11.20 -4.96
C GLY A 133 9.80 10.21 -4.99
N ALA A 134 10.52 10.12 -3.88
CA ALA A 134 11.66 9.21 -3.78
C ALA A 134 11.21 7.83 -3.32
N SER A 135 11.78 6.79 -3.94
CA SER A 135 11.44 5.42 -3.60
C SER A 135 11.60 5.17 -2.10
N TRP A 136 10.52 4.76 -1.46
CA TRP A 136 10.55 4.48 -0.02
C TRP A 136 11.39 3.25 0.28
N ALA A 137 11.75 2.52 -0.76
CA ALA A 137 12.56 1.31 -0.60
C ALA A 137 13.91 1.64 0.02
N GLN A 138 14.45 2.80 -0.32
CA GLN A 138 15.74 3.23 0.20
C GLN A 138 15.72 3.27 1.72
N GLU A 139 14.73 3.97 2.28
CA GLU A 139 14.60 4.09 3.72
C GLU A 139 14.08 2.79 4.34
N ASP A 140 13.19 2.11 3.62
CA ASP A 140 12.61 0.86 4.08
C ASP A 140 13.71 -0.12 4.50
N GLN A 141 14.82 -0.09 3.78
CA GLN A 141 15.94 -0.97 4.07
C GLN A 141 16.34 -0.88 5.54
N GLN A 142 16.29 0.33 6.08
CA GLN A 142 16.65 0.56 7.47
C GLN A 142 15.55 0.07 8.41
N ASP A 143 14.31 0.43 8.09
CA ASP A 143 13.17 0.02 8.90
C ASP A 143 13.13 -1.51 9.06
N ALA A 144 13.47 -2.21 7.98
CA ALA A 144 13.48 -3.67 8.00
C ALA A 144 14.40 -4.20 9.09
N ASP A 145 15.48 -3.48 9.34
CA ASP A 145 16.45 -3.88 10.36
C ASP A 145 15.77 -4.09 11.71
N GLU A 146 14.84 -3.21 12.03
CA GLU A 146 14.11 -3.29 13.29
C GLU A 146 13.41 -4.63 13.43
N ASP A 147 12.92 -5.17 12.31
CA ASP A 147 12.24 -6.45 12.31
C ASP A 147 13.18 -7.57 12.72
N ARG A 148 14.36 -7.59 12.12
CA ARG A 148 15.36 -8.61 12.42
C ARG A 148 15.72 -8.60 13.90
N ARG A 149 15.77 -7.41 14.48
CA ARG A 149 16.10 -7.25 15.89
C ARG A 149 15.01 -7.83 16.78
N ALA A 150 13.77 -7.39 16.55
CA ALA A 150 12.63 -7.86 17.32
C ALA A 150 12.43 -9.36 17.14
N PHE A 151 12.57 -9.82 15.90
CA PHE A 151 12.39 -11.24 15.59
C PHE A 151 13.30 -12.10 16.46
N GLN A 152 14.50 -11.59 16.75
CA GLN A 152 15.45 -12.32 17.57
C GLN A 152 14.94 -12.49 18.99
N MET A 153 14.24 -11.47 19.49
CA MET A 153 13.69 -11.51 20.85
C MET A 153 12.17 -11.49 20.81
N LEU A 154 11.56 -12.66 21.01
CA LEU A 154 10.11 -12.77 21.00
C LEU A 154 9.55 -12.82 22.42
N ARG A 155 8.95 -11.72 22.85
CA ARG A 155 8.38 -11.64 24.20
C ARG A 155 6.87 -11.84 24.15
N ARG A 156 6.34 -12.51 25.18
CA ARG A 156 4.91 -12.77 25.25
C ARG A 156 4.16 -11.52 25.67
N ASP A 157 2.86 -11.47 25.34
CA ASP A 157 2.03 -10.33 25.68
C ASP A 157 0.60 -10.77 25.98
C4 UJ5 B . -12.72 4.13 -12.20
C6 UJ5 B . -13.63 4.67 -14.10
C7 UJ5 B . -14.67 4.43 -13.19
C10 UJ5 B . -16.27 4.92 -14.90
C13 UJ5 B . -17.68 5.06 -15.35
C17 UJ5 B . -11.35 6.31 -11.11
C20 UJ5 B . -10.56 6.22 -8.46
C21 UJ5 B . -10.91 5.06 -9.12
C22 UJ5 B . -10.24 8.71 -8.41
C24 UJ5 B . -11.51 9.45 -7.99
C1 UJ5 B . -10.40 1.86 -11.65
O2 UJ5 B . -10.52 3.28 -11.78
C3 UJ5 B . -11.67 3.83 -11.16
N5 UJ5 B . -12.47 4.48 -13.43
C12 UJ5 B . -13.93 5.03 -15.41
C11 UJ5 B . -15.23 5.17 -15.81
N8 UJ5 B . -14.07 4.09 -12.00
C9 UJ5 B . -15.99 4.55 -13.59
O14 UJ5 B . -18.11 4.40 -16.44
O15 UJ5 B . -18.44 5.78 -14.73
C16 UJ5 B . -11.30 5.10 -10.44
C18 UJ5 B . -11.01 7.48 -10.45
C19 UJ5 B . -10.62 7.43 -9.12
C23 UJ5 B . -9.40 9.59 -9.34
H34 UJ5 B . -11.66 6.34 -12.14
H36 UJ5 B . -10.26 6.19 -7.43
H37 UJ5 B . -10.87 4.11 -8.59
H38 UJ5 B . -9.65 8.46 -7.52
H42 UJ5 B . -12.30 9.24 -8.71
H44 UJ5 B . -11.30 10.53 -7.97
H43 UJ5 B . -11.81 9.12 -7.00
H26 UJ5 B . -10.87 1.54 -10.71
H25 UJ5 B . -9.35 1.58 -11.63
H27 UJ5 B . -10.90 1.37 -12.48
H28 UJ5 B . -12.07 3.12 -10.44
H32 UJ5 B . -13.13 5.23 -16.12
H31 UJ5 B . -15.45 5.44 -16.83
H29 UJ5 B . -14.51 3.86 -11.16
H30 UJ5 B . -16.80 4.37 -12.90
H33 UJ5 B . -17.81 4.72 -17.30
H35 UJ5 B . -11.04 8.43 -10.97
H40 UJ5 B . -10.07 10.19 -9.97
H39 UJ5 B . -8.78 8.96 -9.98
H41 UJ5 B . -8.77 10.25 -8.76
N GLY A 1 -27.61 -2.89 -10.82
CA GLY A 1 -27.56 -1.46 -10.56
C GLY A 1 -27.05 -1.15 -9.17
N SER A 2 -26.34 -0.04 -9.04
CA SER A 2 -25.78 0.37 -7.76
C SER A 2 -25.04 1.70 -7.88
N PRO A 3 -24.84 2.38 -6.74
CA PRO A 3 -24.14 3.66 -6.69
C PRO A 3 -22.66 3.53 -6.98
N GLY A 4 -21.91 4.61 -6.77
CA GLY A 4 -20.48 4.59 -7.01
C GLY A 4 -19.71 3.87 -5.92
N GLU A 5 -20.02 2.59 -5.72
CA GLU A 5 -19.36 1.79 -4.69
C GLU A 5 -17.93 1.46 -5.10
N ASN A 6 -17.72 1.27 -6.40
CA ASN A 6 -16.40 0.94 -6.93
C ASN A 6 -15.37 1.97 -6.47
N LEU A 7 -15.66 3.24 -6.71
CA LEU A 7 -14.76 4.32 -6.32
C LEU A 7 -14.43 4.25 -4.84
N LYS A 8 -15.39 3.79 -4.05
CA LYS A 8 -15.19 3.67 -2.60
C LYS A 8 -14.37 2.43 -2.27
N HIS A 9 -14.52 1.39 -3.07
CA HIS A 9 -13.79 0.14 -2.87
C HIS A 9 -12.33 0.30 -3.24
N ILE A 10 -12.08 0.86 -4.42
CA ILE A 10 -10.72 1.06 -4.90
C ILE A 10 -9.89 1.82 -3.88
N ILE A 11 -10.47 2.89 -3.32
CA ILE A 11 -9.78 3.70 -2.32
C ILE A 11 -9.65 2.95 -1.00
N THR A 12 -10.65 2.14 -0.69
CA THR A 12 -10.65 1.36 0.55
C THR A 12 -9.59 0.27 0.52
N LEU A 13 -9.35 -0.28 -0.67
CA LEU A 13 -8.36 -1.34 -0.83
C LEU A 13 -7.01 -0.91 -0.24
N GLY A 14 -6.63 0.34 -0.48
CA GLY A 14 -5.37 0.84 0.04
C GLY A 14 -5.45 1.17 1.52
N GLN A 15 -6.64 1.56 1.98
CA GLN A 15 -6.83 1.90 3.38
C GLN A 15 -6.85 0.65 4.25
N VAL A 16 -7.30 -0.46 3.67
CA VAL A 16 -7.37 -1.73 4.39
C VAL A 16 -6.03 -2.07 5.03
N ILE A 17 -4.94 -1.64 4.39
CA ILE A 17 -3.60 -1.90 4.90
C ILE A 17 -3.30 -1.03 6.11
N HIS A 18 -3.85 0.17 6.13
CA HIS A 18 -3.64 1.10 7.24
C HIS A 18 -3.92 0.42 8.57
N LYS A 19 -5.11 -0.15 8.70
CA LYS A 19 -5.51 -0.84 9.93
C LYS A 19 -4.80 -2.19 10.05
N ARG A 20 -4.57 -2.83 8.90
CA ARG A 20 -3.92 -4.14 8.88
C ARG A 20 -2.57 -4.07 9.59
N CYS A 21 -1.78 -3.06 9.26
CA CYS A 21 -0.46 -2.89 9.87
C CYS A 21 -0.55 -2.91 11.39
N GLU A 22 -1.69 -2.48 11.91
CA GLU A 22 -1.91 -2.45 13.35
C GLU A 22 -2.12 -3.87 13.90
N GLU A 23 -2.76 -4.72 13.10
CA GLU A 23 -3.04 -6.08 13.50
C GLU A 23 -1.74 -6.84 13.76
N MET A 24 -0.78 -6.71 12.84
CA MET A 24 0.51 -7.38 12.98
C MET A 24 1.12 -7.10 14.34
N LYS A 25 2.19 -7.82 14.66
CA LYS A 25 2.88 -7.65 15.94
C LYS A 25 4.39 -7.69 15.75
N TYR A 26 4.86 -8.59 14.90
CA TYR A 26 6.28 -8.71 14.62
C TYR A 26 6.71 -7.82 13.47
N CYS A 27 6.21 -8.11 12.29
CA CYS A 27 6.52 -7.33 11.10
C CYS A 27 5.78 -6.00 11.10
N LYS A 28 4.91 -5.82 12.09
CA LYS A 28 4.14 -4.59 12.21
C LYS A 28 5.04 -3.37 12.12
N LYS A 29 6.27 -3.50 12.61
CA LYS A 29 7.23 -2.41 12.59
C LYS A 29 7.41 -1.88 11.17
N GLN A 30 7.74 -2.78 10.25
CA GLN A 30 7.95 -2.40 8.85
C GLN A 30 6.62 -2.11 8.16
N CYS A 31 5.60 -2.90 8.49
CA CYS A 31 4.28 -2.73 7.90
C CYS A 31 3.72 -1.35 8.22
N ARG A 32 4.06 -0.82 9.39
CA ARG A 32 3.59 0.49 9.81
C ARG A 32 3.83 1.53 8.72
N ARG A 33 4.95 1.40 8.04
CA ARG A 33 5.30 2.33 6.97
C ARG A 33 4.50 2.04 5.70
N LEU A 34 4.22 0.76 5.47
CA LEU A 34 3.46 0.34 4.30
C LEU A 34 2.08 0.97 4.29
N GLY A 35 1.33 0.75 5.38
CA GLY A 35 -0.01 1.31 5.48
C GLY A 35 0.00 2.82 5.56
N HIS A 36 1.08 3.39 6.10
CA HIS A 36 1.21 4.84 6.23
C HIS A 36 1.46 5.48 4.88
N ARG A 37 2.52 5.03 4.20
CA ARG A 37 2.87 5.57 2.89
C ARG A 37 1.71 5.40 1.90
N VAL A 38 1.24 4.17 1.76
CA VAL A 38 0.14 3.87 0.84
C VAL A 38 -1.06 4.77 1.12
N LEU A 39 -1.22 5.16 2.37
CA LEU A 39 -2.33 6.03 2.77
C LEU A 39 -2.29 7.34 1.99
N GLY A 40 -1.09 7.81 1.69
CA GLY A 40 -0.94 9.06 0.95
C GLY A 40 -1.27 8.90 -0.52
N LEU A 41 -1.50 7.65 -0.95
CA LEU A 41 -1.83 7.38 -2.34
C LEU A 41 -3.33 7.50 -2.57
N ILE A 42 -4.12 6.77 -1.79
CA ILE A 42 -5.57 6.81 -1.91
C ILE A 42 -6.16 7.95 -1.09
N LYS A 43 -5.29 8.72 -0.45
CA LYS A 43 -5.73 9.85 0.37
C LYS A 43 -6.43 10.91 -0.48
N PRO A 44 -5.72 11.39 -1.51
CA PRO A 44 -6.24 12.41 -2.43
C PRO A 44 -7.36 11.87 -3.32
N LEU A 45 -7.28 10.59 -3.66
CA LEU A 45 -8.29 9.96 -4.50
C LEU A 45 -9.57 9.71 -3.72
N GLU A 46 -9.44 9.42 -2.43
CA GLU A 46 -10.59 9.18 -1.58
C GLU A 46 -11.33 10.47 -1.28
N MET A 47 -10.58 11.55 -1.08
CA MET A 47 -11.17 12.84 -0.78
C MET A 47 -11.73 13.49 -2.04
N LEU A 48 -11.09 13.22 -3.17
CA LEU A 48 -11.53 13.78 -4.45
C LEU A 48 -12.98 13.45 -4.72
N GLN A 49 -13.29 12.16 -4.79
CA GLN A 49 -14.66 11.71 -5.04
C GLN A 49 -15.63 12.36 -4.06
N ASP A 50 -15.17 12.59 -2.83
CA ASP A 50 -15.99 13.20 -1.80
C ASP A 50 -16.49 14.57 -2.25
N GLN A 51 -15.70 15.24 -3.07
CA GLN A 51 -16.06 16.56 -3.59
C GLN A 51 -17.49 16.56 -4.13
N GLY A 52 -17.72 15.77 -5.17
CA GLY A 52 -19.04 15.69 -5.77
C GLY A 52 -19.24 14.42 -6.58
N LYS A 53 -19.89 14.55 -7.74
CA LYS A 53 -20.15 13.42 -8.60
C LYS A 53 -18.84 12.73 -9.00
N ARG A 54 -18.95 11.67 -9.79
CA ARG A 54 -17.77 10.92 -10.23
C ARG A 54 -16.97 11.74 -11.24
N SER A 55 -15.77 12.13 -10.84
CA SER A 55 -14.89 12.92 -11.70
C SER A 55 -13.98 12.01 -12.53
N VAL A 56 -14.23 11.96 -13.84
CA VAL A 56 -13.43 11.13 -14.74
C VAL A 56 -13.58 11.59 -16.18
N PRO A 57 -12.44 11.83 -16.84
CA PRO A 57 -12.42 12.28 -18.24
C PRO A 57 -12.86 11.19 -19.20
N SER A 58 -11.92 10.34 -19.61
CA SER A 58 -12.21 9.25 -20.53
C SER A 58 -11.97 7.89 -19.87
N GLU A 59 -12.33 6.82 -20.58
CA GLU A 59 -12.15 5.48 -20.06
C GLU A 59 -10.68 5.09 -20.05
N LYS A 60 -9.90 5.73 -20.90
CA LYS A 60 -8.47 5.46 -20.99
C LYS A 60 -7.81 5.50 -19.62
N LEU A 61 -8.34 6.36 -18.75
CA LEU A 61 -7.80 6.51 -17.39
C LEU A 61 -8.17 5.29 -16.54
N THR A 62 -9.36 4.76 -16.75
CA THR A 62 -9.81 3.59 -16.01
C THR A 62 -8.82 2.44 -16.12
N THR A 63 -8.27 2.25 -17.31
CA THR A 63 -7.32 1.18 -17.55
C THR A 63 -6.04 1.40 -16.73
N ALA A 64 -5.61 2.64 -16.64
CA ALA A 64 -4.41 2.98 -15.88
C ALA A 64 -4.64 2.81 -14.38
N MET A 65 -5.68 3.45 -13.86
CA MET A 65 -6.01 3.36 -12.44
C MET A 65 -6.25 1.91 -12.03
N ASN A 66 -6.82 1.13 -12.94
CA ASN A 66 -7.11 -0.27 -12.66
C ASN A 66 -5.86 -1.00 -12.20
N ARG A 67 -4.70 -0.57 -12.71
CA ARG A 67 -3.44 -1.18 -12.34
C ARG A 67 -3.06 -0.86 -10.90
N PHE A 68 -3.43 0.34 -10.46
CA PHE A 68 -3.14 0.77 -9.10
C PHE A 68 -4.03 0.06 -8.09
N LYS A 69 -5.33 0.03 -8.36
CA LYS A 69 -6.29 -0.62 -7.49
C LYS A 69 -5.84 -2.05 -7.17
N ALA A 70 -5.26 -2.72 -8.15
CA ALA A 70 -4.80 -4.09 -7.97
C ALA A 70 -3.50 -4.12 -7.15
N ALA A 71 -2.69 -3.07 -7.28
CA ALA A 71 -1.43 -2.97 -6.56
C ALA A 71 -1.65 -3.20 -5.06
N LEU A 72 -2.79 -2.74 -4.56
CA LEU A 72 -3.11 -2.89 -3.15
C LEU A 72 -3.32 -4.36 -2.78
N GLU A 73 -3.90 -5.11 -3.71
CA GLU A 73 -4.15 -6.53 -3.49
C GLU A 73 -2.88 -7.25 -3.07
N GLU A 74 -1.74 -6.77 -3.56
CA GLU A 74 -0.46 -7.38 -3.24
C GLU A 74 -0.09 -7.11 -1.78
N ALA A 75 -0.08 -5.84 -1.39
CA ALA A 75 0.25 -5.45 -0.03
C ALA A 75 -0.79 -5.99 0.96
N ASN A 76 -2.05 -5.65 0.73
CA ASN A 76 -3.13 -6.10 1.60
C ASN A 76 -3.23 -7.62 1.60
N GLY A 77 -3.03 -8.22 0.43
CA GLY A 77 -3.10 -9.67 0.32
C GLY A 77 -2.00 -10.37 1.07
N GLU A 78 -0.82 -9.74 1.13
CA GLU A 78 0.32 -10.31 1.82
C GLU A 78 0.13 -10.23 3.34
N ILE A 79 -0.35 -9.09 3.81
CA ILE A 79 -0.57 -8.89 5.24
C ILE A 79 -1.46 -9.98 5.82
N GLU A 80 -2.46 -10.40 5.05
CA GLU A 80 -3.36 -11.45 5.48
C GLU A 80 -2.61 -12.73 5.81
N LYS A 81 -1.87 -13.23 4.83
CA LYS A 81 -1.08 -14.46 5.01
C LYS A 81 0.01 -14.25 6.05
N PHE A 82 0.60 -13.06 6.06
CA PHE A 82 1.67 -12.74 7.00
C PHE A 82 1.12 -12.66 8.42
N SER A 83 -0.19 -12.43 8.53
CA SER A 83 -0.82 -12.32 9.84
C SER A 83 -0.39 -13.45 10.77
N ASN A 84 -0.15 -14.62 10.18
CA ASN A 84 0.26 -15.79 10.94
C ASN A 84 1.54 -15.49 11.72
N ARG A 85 2.02 -16.49 12.46
CA ARG A 85 3.24 -16.34 13.26
C ARG A 85 4.39 -17.11 12.63
N SER A 86 4.09 -18.29 12.10
CA SER A 86 5.10 -19.13 11.47
C SER A 86 5.50 -18.58 10.11
N ASN A 87 4.51 -18.05 9.38
CA ASN A 87 4.75 -17.50 8.06
C ASN A 87 5.81 -16.40 8.12
N ILE A 88 5.71 -15.53 9.11
CA ILE A 88 6.66 -14.44 9.27
C ILE A 88 8.08 -14.97 9.41
N CYS A 89 8.27 -15.93 10.29
CA CYS A 89 9.58 -16.52 10.51
C CYS A 89 10.06 -17.26 9.27
N ARG A 90 9.25 -18.22 8.82
CA ARG A 90 9.59 -19.01 7.63
C ARG A 90 9.95 -18.11 6.46
N PHE A 91 9.27 -16.97 6.36
CA PHE A 91 9.52 -16.02 5.28
C PHE A 91 10.80 -15.23 5.54
N LEU A 92 10.88 -14.62 6.72
CA LEU A 92 12.05 -13.84 7.09
C LEU A 92 13.34 -14.64 6.91
N THR A 93 13.34 -15.85 7.46
CA THR A 93 14.51 -16.73 7.37
C THR A 93 14.73 -17.18 5.92
N ALA A 94 13.64 -17.33 5.18
CA ALA A 94 13.72 -17.76 3.79
C ALA A 94 14.47 -16.73 2.94
N SER A 95 14.28 -15.46 3.26
CA SER A 95 14.93 -14.39 2.53
C SER A 95 16.10 -13.82 3.32
N GLN A 96 16.89 -12.95 2.69
CA GLN A 96 18.04 -12.34 3.33
C GLN A 96 17.82 -10.84 3.53
N ASP A 97 17.09 -10.23 2.61
CA ASP A 97 16.80 -8.80 2.68
C ASP A 97 16.13 -8.44 4.00
N LYS A 98 15.46 -9.42 4.60
CA LYS A 98 14.77 -9.22 5.87
C LYS A 98 13.61 -8.25 5.71
N ILE A 99 12.96 -8.31 4.55
CA ILE A 99 11.82 -7.43 4.28
C ILE A 99 10.59 -8.24 3.85
N LEU A 100 9.41 -7.69 4.10
CA LEU A 100 8.17 -8.35 3.75
C LEU A 100 7.48 -7.63 2.60
N PHE A 101 7.59 -6.31 2.58
CA PHE A 101 6.98 -5.51 1.53
C PHE A 101 8.04 -4.76 0.73
N LYS A 102 9.16 -5.43 0.46
CA LYS A 102 10.25 -4.84 -0.29
C LYS A 102 9.83 -4.55 -1.73
N ASP A 103 9.52 -5.62 -2.47
CA ASP A 103 9.09 -5.48 -3.86
C ASP A 103 7.65 -4.99 -3.94
N VAL A 104 6.85 -5.37 -2.95
CA VAL A 104 5.44 -4.98 -2.91
C VAL A 104 5.29 -3.47 -3.01
N ASN A 105 5.98 -2.75 -2.12
CA ASN A 105 5.93 -1.30 -2.10
C ASN A 105 6.63 -0.71 -3.31
N ARG A 106 7.61 -1.44 -3.84
CA ARG A 106 8.37 -1.00 -4.99
C ARG A 106 7.44 -0.64 -6.15
N LYS A 107 6.46 -1.52 -6.40
CA LYS A 107 5.50 -1.30 -7.48
C LYS A 107 4.47 -0.25 -7.08
N LEU A 108 4.13 -0.20 -5.80
CA LEU A 108 3.17 0.76 -5.29
C LEU A 108 3.53 2.18 -5.73
N SER A 109 4.82 2.48 -5.72
CA SER A 109 5.29 3.81 -6.11
C SER A 109 5.17 4.00 -7.62
N ASP A 110 5.31 2.91 -8.37
CA ASP A 110 5.20 2.97 -9.82
C ASP A 110 3.75 3.12 -10.25
N VAL A 111 2.87 2.33 -9.65
CA VAL A 111 1.45 2.38 -9.98
C VAL A 111 0.86 3.74 -9.64
N TRP A 112 1.42 4.40 -8.64
CA TRP A 112 0.96 5.72 -8.23
C TRP A 112 1.50 6.81 -9.15
N LYS A 113 2.82 6.80 -9.36
CA LYS A 113 3.46 7.79 -10.21
C LYS A 113 3.03 7.61 -11.67
N GLU A 114 2.61 6.39 -12.01
CA GLU A 114 2.18 6.09 -13.37
C GLU A 114 0.89 6.84 -13.70
N LEU A 115 -0.03 6.87 -12.76
CA LEU A 115 -1.31 7.55 -12.95
C LEU A 115 -1.24 8.99 -12.46
N SER A 116 -0.25 9.27 -11.60
CA SER A 116 -0.09 10.61 -11.05
C SER A 116 -0.03 11.65 -12.16
N LEU A 117 0.57 11.28 -13.28
CA LEU A 117 0.69 12.18 -14.43
C LEU A 117 -0.66 12.41 -15.08
N LEU A 118 -1.50 11.37 -15.06
CA LEU A 118 -2.83 11.46 -15.66
C LEU A 118 -3.79 12.21 -14.74
N LEU A 119 -3.60 12.06 -13.43
CA LEU A 119 -4.44 12.73 -12.45
C LEU A 119 -4.10 14.21 -12.36
N GLN A 120 -2.81 14.54 -12.50
CA GLN A 120 -2.36 15.92 -12.43
C GLN A 120 -2.71 16.66 -13.71
N VAL A 121 -2.58 15.99 -14.85
CA VAL A 121 -2.89 16.59 -16.14
C VAL A 121 -4.39 16.76 -16.32
N GLU A 122 -5.16 15.83 -15.77
CA GLU A 122 -6.61 15.89 -15.88
C GLU A 122 -7.21 16.74 -14.76
N GLN A 123 -6.95 16.35 -13.52
CA GLN A 123 -7.45 17.08 -12.36
C GLN A 123 -6.41 18.06 -11.84
N ARG A 124 -6.86 19.00 -11.00
CA ARG A 124 -5.96 20.00 -10.43
C ARG A 124 -5.46 19.57 -9.06
N MET A 125 -5.23 18.27 -8.89
CA MET A 125 -4.76 17.73 -7.62
C MET A 125 -3.24 17.76 -7.55
N PRO A 126 -2.71 18.25 -6.42
CA PRO A 126 -1.26 18.33 -6.20
C PRO A 126 -0.61 16.97 -6.05
N VAL A 127 0.06 16.50 -7.10
CA VAL A 127 0.72 15.21 -7.08
C VAL A 127 2.03 15.28 -6.31
N SER A 128 2.32 14.25 -5.52
CA SER A 128 3.54 14.20 -4.73
C SER A 128 3.62 15.39 -3.78
N PRO A 129 2.84 15.33 -2.69
CA PRO A 129 2.81 16.40 -1.69
C PRO A 129 4.10 16.47 -0.87
N ILE A 130 4.72 15.32 -0.66
CA ILE A 130 5.97 15.25 0.10
C ILE A 130 6.47 13.82 0.20
N SER A 131 5.57 12.90 0.51
CA SER A 131 5.93 11.48 0.63
C SER A 131 6.62 10.99 -0.64
N GLN A 132 6.05 11.32 -1.78
CA GLN A 132 6.60 10.91 -3.07
C GLN A 132 7.89 11.68 -3.38
N GLY A 133 8.65 11.17 -4.33
CA GLY A 133 9.90 11.82 -4.71
C GLY A 133 11.06 10.85 -4.76
N ALA A 134 11.35 10.19 -3.64
CA ALA A 134 12.44 9.24 -3.57
C ALA A 134 11.93 7.85 -3.18
N SER A 135 12.35 6.84 -3.95
CA SER A 135 11.94 5.47 -3.69
C SER A 135 12.18 5.09 -2.22
N TRP A 136 11.09 4.80 -1.51
CA TRP A 136 11.17 4.43 -0.10
C TRP A 136 11.94 3.13 0.07
N ALA A 137 12.12 2.40 -1.03
CA ALA A 137 12.84 1.14 -0.99
C ALA A 137 14.18 1.29 -0.28
N GLN A 138 14.80 2.44 -0.43
CA GLN A 138 16.09 2.72 0.20
C GLN A 138 15.97 2.72 1.72
N GLU A 139 14.90 3.33 2.21
CA GLU A 139 14.66 3.41 3.65
C GLU A 139 14.18 2.06 4.20
N ASP A 140 13.40 1.35 3.40
CA ASP A 140 12.88 0.05 3.80
C ASP A 140 14.01 -0.92 4.13
N GLN A 141 15.11 -0.80 3.38
CA GLN A 141 16.26 -1.67 3.59
C GLN A 141 16.82 -1.50 5.00
N GLN A 142 17.10 -0.26 5.38
CA GLN A 142 17.63 0.04 6.70
C GLN A 142 16.59 -0.19 7.78
N ASP A 143 15.33 0.12 7.46
CA ASP A 143 14.23 -0.06 8.41
C ASP A 143 14.11 -1.52 8.82
N ALA A 144 14.23 -2.42 7.85
CA ALA A 144 14.12 -3.85 8.12
C ALA A 144 15.10 -4.27 9.21
N ASP A 145 16.26 -3.63 9.25
CA ASP A 145 17.27 -3.94 10.25
C ASP A 145 16.71 -3.81 11.65
N GLU A 146 15.82 -2.84 11.85
CA GLU A 146 15.20 -2.62 13.15
C GLU A 146 14.15 -3.68 13.45
N ASP A 147 13.45 -4.12 12.41
CA ASP A 147 12.41 -5.14 12.55
C ASP A 147 13.01 -6.44 13.07
N ARG A 148 14.24 -6.75 12.64
CA ARG A 148 14.92 -7.96 13.06
C ARG A 148 14.90 -8.10 14.58
N ARG A 149 15.13 -6.99 15.27
CA ARG A 149 15.16 -6.98 16.73
C ARG A 149 13.87 -7.59 17.29
N ALA A 150 12.74 -7.15 16.77
CA ALA A 150 11.44 -7.65 17.22
C ALA A 150 11.26 -9.11 16.81
N PHE A 151 11.75 -9.47 15.64
CA PHE A 151 11.64 -10.84 15.14
C PHE A 151 12.44 -11.80 16.02
N GLN A 152 13.58 -11.34 16.52
CA GLN A 152 14.43 -12.15 17.37
C GLN A 152 13.69 -12.58 18.63
N MET A 153 13.15 -11.62 19.35
CA MET A 153 12.41 -11.90 20.58
C MET A 153 11.01 -12.42 20.27
N LEU A 154 10.95 -13.54 19.55
CA LEU A 154 9.67 -14.15 19.18
C LEU A 154 9.34 -15.31 20.12
N ARG A 155 8.38 -15.08 21.01
CA ARG A 155 7.96 -16.11 21.95
C ARG A 155 6.69 -16.80 21.48
N ARG A 156 6.80 -18.10 21.19
CA ARG A 156 5.65 -18.87 20.72
C ARG A 156 5.06 -19.70 21.86
N ASP A 157 3.76 -19.96 21.78
CA ASP A 157 3.07 -20.74 22.79
C ASP A 157 1.63 -21.02 22.39
C4 UJ5 B . -13.10 5.38 -13.21
C6 UJ5 B . -13.82 5.71 -15.24
C7 UJ5 B . -14.95 5.57 -14.41
C10 UJ5 B . -16.37 5.88 -16.32
C13 UJ5 B . -17.72 5.97 -16.91
C17 UJ5 B . -12.83 7.51 -11.33
C20 UJ5 B . -10.26 8.03 -10.44
C21 UJ5 B . -10.56 6.80 -10.99
C22 UJ5 B . -10.92 10.34 -9.74
C24 UJ5 B . -9.69 10.92 -10.43
C1 UJ5 B . -10.77 3.26 -11.96
O2 UJ5 B . -10.97 4.57 -12.49
C3 UJ5 B . -12.17 5.19 -12.04
N5 UJ5 B . -12.73 5.59 -14.44
C12 UJ5 B . -13.99 5.94 -16.60
C11 UJ5 B . -15.24 6.02 -17.13
N8 UJ5 B . -14.46 5.37 -13.13
C9 UJ5 B . -16.22 5.65 -14.95
O14 UJ5 B . -18.26 4.90 -17.52
O15 UJ5 B . -18.34 7.01 -16.84
C16 UJ5 B . -11.85 6.54 -11.44
C18 UJ5 B . -12.52 8.74 -10.78
C19 UJ5 B . -11.24 9.00 -10.33
C23 UJ5 B . -10.63 10.17 -8.24
H34 UJ5 B . -13.83 7.30 -11.68
H36 UJ5 B . -9.26 8.24 -10.08
H37 UJ5 B . -9.80 6.05 -11.07
H38 UJ5 B . -11.77 11.01 -9.86
H42 UJ5 B . -9.55 10.44 -11.40
H44 UJ5 B . -8.81 10.76 -9.81
H43 UJ5 B . -9.83 12.00 -10.58
H26 UJ5 B . -10.88 3.28 -10.87
H25 UJ5 B . -9.76 2.92 -12.21
H27 UJ5 B . -11.50 2.57 -12.39
H28 UJ5 B . -12.65 4.57 -11.28
H32 UJ5 B . -13.13 6.05 -17.24
H31 UJ5 B . -15.36 6.19 -18.19
H29 UJ5 B . -14.99 5.22 -12.32
H30 UJ5 B . -17.09 5.55 -14.32
H33 UJ5 B . -17.89 4.64 -18.38
H35 UJ5 B . -13.29 9.50 -10.70
H40 UJ5 B . -10.55 11.15 -7.77
H39 UJ5 B . -9.69 9.63 -8.11
H41 UJ5 B . -11.43 9.61 -7.77
N GLY A 1 -22.68 -0.45 -15.16
CA GLY A 1 -23.33 0.83 -14.96
C GLY A 1 -22.48 1.80 -14.16
N SER A 2 -23.13 2.63 -13.35
CA SER A 2 -22.43 3.61 -12.54
C SER A 2 -23.10 3.78 -11.18
N PRO A 3 -23.02 2.72 -10.35
CA PRO A 3 -23.61 2.73 -9.00
C PRO A 3 -22.89 3.66 -8.05
N GLY A 4 -21.58 3.78 -8.23
CA GLY A 4 -20.79 4.65 -7.38
C GLY A 4 -20.12 3.90 -6.23
N GLU A 5 -20.79 2.86 -5.75
CA GLU A 5 -20.26 2.06 -4.65
C GLU A 5 -18.83 1.62 -4.95
N ASN A 6 -18.53 1.38 -6.22
CA ASN A 6 -17.20 0.96 -6.64
C ASN A 6 -16.14 1.92 -6.11
N LEU A 7 -16.33 3.22 -6.35
CA LEU A 7 -15.40 4.23 -5.90
C LEU A 7 -15.09 4.08 -4.41
N LYS A 8 -16.09 3.62 -3.66
CA LYS A 8 -15.93 3.42 -2.22
C LYS A 8 -15.18 2.12 -1.93
N HIS A 9 -15.37 1.13 -2.79
CA HIS A 9 -14.72 -0.17 -2.63
C HIS A 9 -13.24 -0.08 -2.99
N ILE A 10 -12.94 0.54 -4.13
CA ILE A 10 -11.57 0.69 -4.58
C ILE A 10 -10.70 1.33 -3.50
N ILE A 11 -11.22 2.39 -2.88
CA ILE A 11 -10.49 3.09 -1.83
C ILE A 11 -10.44 2.25 -0.55
N THR A 12 -11.51 1.54 -0.26
CA THR A 12 -11.58 0.69 0.92
C THR A 12 -10.48 -0.35 0.92
N LEU A 13 -10.15 -0.86 -0.26
CA LEU A 13 -9.11 -1.86 -0.41
C LEU A 13 -7.82 -1.41 0.27
N GLY A 14 -7.33 -0.24 -0.13
CA GLY A 14 -6.10 0.29 0.45
C GLY A 14 -6.24 0.57 1.93
N GLN A 15 -7.44 0.96 2.35
CA GLN A 15 -7.71 1.27 3.74
C GLN A 15 -7.64 0.01 4.60
N VAL A 16 -8.05 -1.11 4.04
CA VAL A 16 -8.04 -2.38 4.75
C VAL A 16 -6.64 -2.71 5.25
N ILE A 17 -5.63 -2.29 4.51
CA ILE A 17 -4.24 -2.54 4.88
C ILE A 17 -3.96 -2.02 6.29
N HIS A 18 -4.61 -0.94 6.66
CA HIS A 18 -4.44 -0.34 7.98
C HIS A 18 -4.78 -1.34 9.07
N LYS A 19 -5.97 -1.94 8.98
CA LYS A 19 -6.42 -2.91 9.96
C LYS A 19 -5.71 -4.25 9.77
N ARG A 20 -5.47 -4.61 8.52
CA ARG A 20 -4.80 -5.87 8.21
C ARG A 20 -3.44 -5.95 8.91
N CYS A 21 -2.76 -4.81 8.96
CA CYS A 21 -1.44 -4.75 9.61
C CYS A 21 -1.58 -4.82 11.12
N GLU A 22 -2.66 -4.26 11.65
CA GLU A 22 -2.91 -4.25 13.08
C GLU A 22 -2.96 -5.67 13.63
N GLU A 23 -3.50 -6.59 12.83
CA GLU A 23 -3.62 -7.99 13.24
C GLU A 23 -2.24 -8.58 13.51
N MET A 24 -1.29 -8.31 12.63
CA MET A 24 0.07 -8.82 12.77
C MET A 24 0.66 -8.38 14.11
N LYS A 25 1.66 -9.13 14.57
CA LYS A 25 2.32 -8.83 15.84
C LYS A 25 3.84 -8.83 15.68
N TYR A 26 4.35 -9.83 14.95
CA TYR A 26 5.78 -9.94 14.72
C TYR A 26 6.25 -8.96 13.65
N CYS A 27 5.62 -9.03 12.49
CA CYS A 27 5.97 -8.15 11.38
C CYS A 27 5.19 -6.84 11.46
N LYS A 28 4.32 -6.74 12.45
CA LYS A 28 3.51 -5.54 12.65
C LYS A 28 4.38 -4.28 12.63
N LYS A 29 5.62 -4.43 13.09
CA LYS A 29 6.55 -3.31 13.12
C LYS A 29 6.76 -2.74 11.72
N GLN A 30 7.14 -3.60 10.78
CA GLN A 30 7.37 -3.17 9.41
C GLN A 30 6.05 -2.92 8.69
N CYS A 31 5.08 -3.79 8.92
CA CYS A 31 3.76 -3.66 8.29
C CYS A 31 3.19 -2.26 8.52
N ARG A 32 3.46 -1.70 9.69
CA ARG A 32 2.97 -0.37 10.02
C ARG A 32 3.33 0.63 8.93
N ARG A 33 4.51 0.45 8.33
CA ARG A 33 4.97 1.35 7.28
C ARG A 33 4.12 1.17 6.02
N LEU A 34 3.99 -0.07 5.57
CA LEU A 34 3.20 -0.37 4.37
C LEU A 34 1.75 0.08 4.54
N GLY A 35 1.18 -0.21 5.70
CA GLY A 35 -0.19 0.16 5.97
C GLY A 35 -0.37 1.66 6.12
N HIS A 36 0.64 2.32 6.69
CA HIS A 36 0.59 3.77 6.88
C HIS A 36 0.78 4.49 5.55
N ARG A 37 1.64 3.95 4.70
CA ARG A 37 1.90 4.55 3.40
C ARG A 37 0.68 4.47 2.49
N VAL A 38 0.20 3.24 2.27
CA VAL A 38 -0.97 3.02 1.42
C VAL A 38 -2.14 3.89 1.87
N LEU A 39 -2.26 4.10 3.17
CA LEU A 39 -3.33 4.92 3.72
C LEU A 39 -3.28 6.33 3.16
N GLY A 40 -2.07 6.81 2.89
CA GLY A 40 -1.91 8.15 2.35
C GLY A 40 -2.10 8.21 0.85
N LEU A 41 -2.08 7.03 0.22
CA LEU A 41 -2.26 6.95 -1.22
C LEU A 41 -3.72 7.07 -1.61
N ILE A 42 -4.57 6.29 -0.94
CA ILE A 42 -6.01 6.32 -1.20
C ILE A 42 -6.70 7.38 -0.36
N LYS A 43 -5.92 8.12 0.42
CA LYS A 43 -6.46 9.17 1.26
C LYS A 43 -7.12 10.27 0.43
N PRO A 44 -6.36 10.80 -0.55
CA PRO A 44 -6.85 11.86 -1.44
C PRO A 44 -7.92 11.35 -2.40
N LEU A 45 -7.78 10.11 -2.83
CA LEU A 45 -8.75 9.50 -3.76
C LEU A 45 -10.09 9.28 -3.08
N GLU A 46 -10.05 9.04 -1.77
CA GLU A 46 -11.27 8.81 -0.99
C GLU A 46 -12.02 10.12 -0.75
N MET A 47 -11.26 11.18 -0.49
CA MET A 47 -11.85 12.49 -0.23
C MET A 47 -12.20 13.20 -1.54
N LEU A 48 -11.39 12.95 -2.56
CA LEU A 48 -11.60 13.56 -3.87
C LEU A 48 -13.02 13.28 -4.37
N GLN A 49 -13.37 12.00 -4.44
CA GLN A 49 -14.70 11.60 -4.90
C GLN A 49 -15.79 12.39 -4.19
N ASP A 50 -15.53 12.75 -2.93
CA ASP A 50 -16.49 13.50 -2.14
C ASP A 50 -16.55 14.96 -2.60
N GLN A 51 -15.44 15.68 -2.40
CA GLN A 51 -15.37 17.08 -2.79
C GLN A 51 -15.77 17.27 -4.24
N GLY A 52 -15.51 16.25 -5.06
CA GLY A 52 -15.86 16.32 -6.47
C GLY A 52 -17.31 15.98 -6.72
N LYS A 53 -17.61 15.51 -7.93
CA LYS A 53 -18.97 15.15 -8.30
C LYS A 53 -18.97 14.09 -9.40
N ARG A 54 -18.39 14.42 -10.54
CA ARG A 54 -18.33 13.50 -11.67
C ARG A 54 -17.29 12.40 -11.42
N SER A 55 -16.03 12.78 -11.42
CA SER A 55 -14.93 11.83 -11.20
C SER A 55 -14.94 10.76 -12.28
N VAL A 56 -15.54 11.06 -13.42
CA VAL A 56 -15.61 10.11 -14.53
C VAL A 56 -15.59 10.84 -15.87
N PRO A 57 -14.43 11.42 -16.21
CA PRO A 57 -14.25 12.15 -17.47
C PRO A 57 -14.25 11.24 -18.68
N SER A 58 -13.46 10.17 -18.61
CA SER A 58 -13.38 9.21 -19.71
C SER A 58 -13.17 7.79 -19.18
N GLU A 59 -13.55 6.80 -19.98
CA GLU A 59 -13.41 5.41 -19.60
C GLU A 59 -11.94 4.98 -19.63
N LYS A 60 -11.18 5.58 -20.53
CA LYS A 60 -9.76 5.26 -20.67
C LYS A 60 -9.05 5.36 -19.31
N LEU A 61 -9.42 6.37 -18.53
CA LEU A 61 -8.82 6.57 -17.22
C LEU A 61 -9.10 5.39 -16.30
N THR A 62 -10.30 4.82 -16.43
CA THR A 62 -10.70 3.68 -15.62
C THR A 62 -9.69 2.54 -15.73
N THR A 63 -9.11 2.40 -16.92
CA THR A 63 -8.12 1.35 -17.16
C THR A 63 -6.85 1.59 -16.37
N ALA A 64 -6.37 2.83 -16.38
CA ALA A 64 -5.16 3.19 -15.64
C ALA A 64 -5.31 2.89 -14.16
N MET A 65 -6.39 3.39 -13.56
CA MET A 65 -6.63 3.17 -12.14
C MET A 65 -6.85 1.69 -11.85
N ASN A 66 -7.38 0.97 -12.83
CA ASN A 66 -7.64 -0.45 -12.68
C ASN A 66 -6.37 -1.19 -12.23
N ARG A 67 -5.22 -0.65 -12.59
CA ARG A 67 -3.94 -1.25 -12.23
C ARG A 67 -3.59 -0.95 -10.77
N PHE A 68 -4.04 0.19 -10.28
CA PHE A 68 -3.78 0.60 -8.91
C PHE A 68 -4.67 -0.17 -7.93
N LYS A 69 -5.96 -0.21 -8.23
CA LYS A 69 -6.92 -0.91 -7.39
C LYS A 69 -6.45 -2.32 -7.08
N ALA A 70 -5.85 -2.97 -8.08
CA ALA A 70 -5.35 -4.33 -7.91
C ALA A 70 -4.08 -4.34 -7.06
N ALA A 71 -3.30 -3.28 -7.16
CA ALA A 71 -2.07 -3.16 -6.40
C ALA A 71 -2.31 -3.42 -4.91
N LEU A 72 -3.48 -3.02 -4.43
CA LEU A 72 -3.82 -3.20 -3.03
C LEU A 72 -4.03 -4.69 -2.70
N GLU A 73 -4.68 -5.40 -3.62
CA GLU A 73 -4.95 -6.82 -3.44
C GLU A 73 -3.66 -7.57 -3.10
N GLU A 74 -2.54 -7.09 -3.65
CA GLU A 74 -1.25 -7.72 -3.41
C GLU A 74 -0.84 -7.59 -1.94
N ALA A 75 -0.85 -6.37 -1.43
CA ALA A 75 -0.49 -6.11 -0.05
C ALA A 75 -1.44 -6.83 0.91
N ASN A 76 -2.73 -6.55 0.76
CA ASN A 76 -3.75 -7.17 1.61
C ASN A 76 -3.68 -8.69 1.53
N GLY A 77 -3.72 -9.22 0.31
CA GLY A 77 -3.66 -10.66 0.11
C GLY A 77 -2.44 -11.27 0.76
N GLU A 78 -1.33 -10.53 0.78
CA GLU A 78 -0.10 -11.01 1.38
C GLU A 78 -0.21 -11.07 2.90
N ILE A 79 -0.80 -10.03 3.49
CA ILE A 79 -0.96 -9.95 4.94
C ILE A 79 -1.74 -11.16 5.46
N GLU A 80 -2.77 -11.56 4.72
CA GLU A 80 -3.58 -12.72 5.11
C GLU A 80 -2.73 -13.99 5.18
N LYS A 81 -1.81 -14.12 4.24
CA LYS A 81 -0.93 -15.28 4.19
C LYS A 81 0.10 -15.23 5.31
N PHE A 82 0.54 -14.02 5.65
CA PHE A 82 1.53 -13.84 6.72
C PHE A 82 0.85 -13.67 8.07
N SER A 83 -0.44 -13.96 8.12
CA SER A 83 -1.22 -13.84 9.35
C SER A 83 -0.69 -14.78 10.42
N ASN A 84 -0.22 -15.95 9.99
CA ASN A 84 0.32 -16.95 10.91
C ASN A 84 1.70 -16.54 11.40
N ARG A 85 2.35 -17.45 12.12
CA ARG A 85 3.68 -17.19 12.66
C ARG A 85 4.75 -17.94 11.87
N SER A 86 4.50 -19.23 11.64
CA SER A 86 5.44 -20.07 10.91
C SER A 86 5.78 -19.45 9.56
N ASN A 87 4.79 -18.81 8.94
CA ASN A 87 4.97 -18.18 7.64
C ASN A 87 5.95 -17.01 7.75
N ILE A 88 5.86 -16.27 8.85
CA ILE A 88 6.75 -15.13 9.06
C ILE A 88 8.22 -15.54 9.00
N CYS A 89 8.56 -16.57 9.76
CA CYS A 89 9.94 -17.07 9.79
C CYS A 89 10.36 -17.59 8.42
N ARG A 90 9.40 -18.18 7.70
CA ARG A 90 9.68 -18.73 6.39
C ARG A 90 10.36 -17.69 5.50
N PHE A 91 9.82 -16.48 5.48
CA PHE A 91 10.38 -15.40 4.68
C PHE A 91 11.64 -14.82 5.33
N LEU A 92 11.57 -14.64 6.64
CA LEU A 92 12.70 -14.09 7.38
C LEU A 92 13.97 -14.90 7.12
N THR A 93 13.88 -16.22 7.31
CA THR A 93 15.02 -17.10 7.08
C THR A 93 15.37 -17.18 5.60
N ALA A 94 14.36 -17.10 4.75
CA ALA A 94 14.56 -17.16 3.31
C ALA A 94 15.46 -16.02 2.84
N SER A 95 15.30 -14.85 3.44
CA SER A 95 16.10 -13.69 3.08
C SER A 95 16.63 -12.99 4.32
N GLN A 96 17.96 -12.95 4.45
CA GLN A 96 18.59 -12.31 5.60
C GLN A 96 18.07 -10.89 5.80
N ASP A 97 18.51 -9.98 4.93
CA ASP A 97 18.09 -8.59 5.01
C ASP A 97 17.10 -8.26 3.90
N LYS A 98 15.83 -8.10 4.26
CA LYS A 98 14.79 -7.78 3.29
C LYS A 98 13.47 -7.51 3.99
N ILE A 99 12.50 -7.00 3.23
CA ILE A 99 11.18 -6.69 3.78
C ILE A 99 10.12 -7.63 3.21
N LEU A 100 9.18 -8.03 4.06
CA LEU A 100 8.11 -8.92 3.65
C LEU A 100 7.40 -8.39 2.40
N PHE A 101 6.87 -7.18 2.50
CA PHE A 101 6.17 -6.55 1.39
C PHE A 101 7.10 -5.65 0.59
N LYS A 102 8.35 -6.09 0.44
CA LYS A 102 9.35 -5.32 -0.29
C LYS A 102 8.90 -5.08 -1.73
N ASP A 103 8.78 -6.16 -2.49
CA ASP A 103 8.35 -6.07 -3.88
C ASP A 103 6.95 -5.50 -3.99
N VAL A 104 6.13 -5.75 -2.97
CA VAL A 104 4.75 -5.26 -2.95
C VAL A 104 4.72 -3.73 -2.91
N ASN A 105 5.42 -3.17 -1.93
CA ASN A 105 5.46 -1.71 -1.78
C ASN A 105 6.07 -1.05 -3.01
N ARG A 106 6.96 -1.78 -3.69
CA ARG A 106 7.62 -1.27 -4.89
C ARG A 106 6.59 -0.90 -5.96
N LYS A 107 5.70 -1.85 -6.25
CA LYS A 107 4.66 -1.64 -7.25
C LYS A 107 3.65 -0.60 -6.78
N LEU A 108 3.50 -0.49 -5.46
CA LEU A 108 2.56 0.47 -4.87
C LEU A 108 2.94 1.90 -5.25
N SER A 109 4.24 2.18 -5.24
CA SER A 109 4.74 3.51 -5.57
C SER A 109 4.59 3.79 -7.06
N ASP A 110 4.72 2.75 -7.87
CA ASP A 110 4.61 2.87 -9.31
C ASP A 110 3.15 3.04 -9.72
N VAL A 111 2.28 2.19 -9.19
CA VAL A 111 0.86 2.24 -9.51
C VAL A 111 0.26 3.59 -9.12
N TRP A 112 0.85 4.23 -8.12
CA TRP A 112 0.38 5.53 -7.66
C TRP A 112 0.85 6.64 -8.59
N LYS A 113 2.15 6.66 -8.88
CA LYS A 113 2.72 7.66 -9.76
C LYS A 113 2.27 7.45 -11.20
N GLU A 114 1.76 6.25 -11.49
CA GLU A 114 1.29 5.92 -12.82
C GLU A 114 0.08 6.75 -13.20
N LEU A 115 -0.88 6.84 -12.28
CA LEU A 115 -2.10 7.60 -12.51
C LEU A 115 -1.98 9.01 -11.94
N SER A 116 -0.97 9.21 -11.12
CA SER A 116 -0.73 10.52 -10.49
C SER A 116 -0.75 11.63 -11.54
N LEU A 117 -0.23 11.33 -12.72
CA LEU A 117 -0.19 12.31 -13.81
C LEU A 117 -1.57 12.50 -14.41
N LEU A 118 -2.37 11.44 -14.44
CA LEU A 118 -3.72 11.50 -14.99
C LEU A 118 -4.68 12.16 -14.00
N LEU A 119 -4.40 11.99 -12.71
CA LEU A 119 -5.24 12.58 -11.68
C LEU A 119 -5.02 14.08 -11.57
N GLN A 120 -3.76 14.49 -11.72
CA GLN A 120 -3.41 15.90 -11.64
C GLN A 120 -3.96 16.67 -12.85
N VAL A 121 -3.96 16.02 -14.01
CA VAL A 121 -4.48 16.63 -15.22
C VAL A 121 -6.00 16.58 -15.28
N GLU A 122 -6.56 15.49 -14.75
CA GLU A 122 -8.01 15.32 -14.74
C GLU A 122 -8.65 16.15 -13.64
N GLN A 123 -8.25 15.89 -12.40
CA GLN A 123 -8.78 16.61 -11.25
C GLN A 123 -7.71 17.49 -10.62
N ARG A 124 -8.15 18.45 -9.80
CA ARG A 124 -7.23 19.36 -9.13
C ARG A 124 -6.81 18.82 -7.77
N MET A 125 -5.99 17.77 -7.79
CA MET A 125 -5.52 17.15 -6.55
C MET A 125 -4.00 17.09 -6.53
N PRO A 126 -3.40 17.73 -5.51
CA PRO A 126 -1.94 17.77 -5.34
C PRO A 126 -1.38 16.41 -4.96
N VAL A 127 -1.00 15.62 -5.97
CA VAL A 127 -0.44 14.29 -5.73
C VAL A 127 0.79 14.38 -4.83
N SER A 128 1.41 13.22 -4.57
CA SER A 128 2.59 13.16 -3.72
C SER A 128 2.29 13.71 -2.33
N PRO A 129 1.79 12.83 -1.45
CA PRO A 129 1.45 13.20 -0.07
C PRO A 129 2.70 13.48 0.77
N ILE A 130 3.83 12.96 0.34
CA ILE A 130 5.09 13.15 1.05
C ILE A 130 6.28 12.81 0.18
N SER A 131 6.18 11.69 -0.55
CA SER A 131 7.26 11.25 -1.42
C SER A 131 6.74 10.22 -2.43
N GLN A 132 6.46 10.69 -3.64
CA GLN A 132 5.96 9.81 -4.70
C GLN A 132 7.10 9.29 -5.57
N GLY A 133 7.80 10.21 -6.24
CA GLY A 133 8.90 9.83 -7.09
C GLY A 133 9.92 8.97 -6.37
N ALA A 134 10.73 9.59 -5.51
CA ALA A 134 11.75 8.88 -4.76
C ALA A 134 11.14 7.67 -4.05
N SER A 135 11.60 6.48 -4.44
CA SER A 135 11.10 5.24 -3.84
C SER A 135 11.19 5.30 -2.32
N TRP A 136 10.34 4.53 -1.65
CA TRP A 136 10.33 4.49 -0.19
C TRP A 136 11.01 3.23 0.32
N ALA A 137 11.49 2.40 -0.60
CA ALA A 137 12.16 1.16 -0.23
C ALA A 137 13.54 1.44 0.35
N GLN A 138 14.19 2.49 -0.15
CA GLN A 138 15.51 2.86 0.31
C GLN A 138 15.53 3.05 1.82
N GLU A 139 14.61 3.86 2.33
CA GLU A 139 14.52 4.11 3.76
C GLU A 139 13.92 2.92 4.49
N ASP A 140 12.93 2.28 3.88
CA ASP A 140 12.28 1.12 4.48
C ASP A 140 13.31 0.05 4.83
N GLN A 141 14.35 -0.07 4.02
CA GLN A 141 15.40 -1.06 4.25
C GLN A 141 16.06 -0.84 5.61
N GLN A 142 16.43 0.40 5.89
CA GLN A 142 17.07 0.74 7.16
C GLN A 142 16.20 0.33 8.33
N ASP A 143 14.91 0.62 8.24
CA ASP A 143 13.96 0.28 9.30
C ASP A 143 13.76 -1.23 9.37
N ALA A 144 13.74 -1.88 8.21
CA ALA A 144 13.55 -3.32 8.16
C ALA A 144 14.61 -4.05 8.98
N ASP A 145 15.84 -3.55 8.91
CA ASP A 145 16.94 -4.16 9.65
C ASP A 145 16.64 -4.22 11.14
N GLU A 146 16.01 -3.16 11.65
CA GLU A 146 15.67 -3.09 13.06
C GLU A 146 14.66 -4.18 13.44
N ASP A 147 13.72 -4.45 12.54
CA ASP A 147 12.71 -5.47 12.76
C ASP A 147 13.34 -6.86 12.79
N ARG A 148 14.13 -7.17 11.76
CA ARG A 148 14.79 -8.46 11.66
C ARG A 148 15.57 -8.78 12.94
N ARG A 149 16.16 -7.75 13.52
CA ARG A 149 16.94 -7.91 14.75
C ARG A 149 16.04 -8.37 15.91
N ALA A 150 14.82 -7.84 15.94
CA ALA A 150 13.88 -8.20 16.99
C ALA A 150 13.47 -9.67 16.90
N PHE A 151 13.18 -10.12 15.67
CA PHE A 151 12.78 -11.50 15.45
C PHE A 151 13.81 -12.47 16.02
N GLN A 152 15.08 -12.08 15.96
CA GLN A 152 16.17 -12.91 16.47
C GLN A 152 15.89 -13.34 17.91
N MET A 153 15.27 -12.45 18.67
CA MET A 153 14.94 -12.74 20.07
C MET A 153 13.46 -12.47 20.34
N LEU A 154 12.71 -13.54 20.58
CA LEU A 154 11.28 -13.44 20.86
C LEU A 154 11.01 -13.55 22.36
N ARG A 155 11.17 -12.44 23.07
CA ARG A 155 10.93 -12.41 24.51
C ARG A 155 9.58 -11.77 24.83
N ARG A 156 9.21 -10.76 24.05
CA ARG A 156 7.95 -10.07 24.26
C ARG A 156 7.04 -10.22 23.04
N ASP A 157 5.73 -10.10 23.27
CA ASP A 157 4.77 -10.23 22.19
C ASP A 157 5.10 -9.29 21.04
C4 UJ5 B . -13.49 4.88 -11.86
C6 UJ5 B . -14.70 5.06 -13.65
C7 UJ5 B . -15.56 4.70 -12.59
C10 UJ5 B . -17.42 4.72 -14.10
C13 UJ5 B . -18.86 4.55 -14.36
C17 UJ5 B . -12.29 7.37 -11.17
C20 UJ5 B . -11.52 7.68 -8.53
C21 UJ5 B . -11.70 6.41 -9.05
C22 UJ5 B . -11.52 10.17 -8.76
C24 UJ5 B . -10.03 10.49 -8.69
C1 UJ5 B . -10.92 3.08 -11.77
O2 UJ5 B . -11.12 4.50 -11.69
C3 UJ5 B . -12.28 4.88 -10.95
N5 UJ5 B . -13.45 5.15 -13.13
C12 UJ5 B . -15.22 5.25 -14.93
C11 UJ5 B . -16.57 5.08 -15.16
N8 UJ5 B . -14.76 4.60 -11.47
C9 UJ5 B . -16.91 4.54 -12.82
O14 UJ5 B . -19.32 3.41 -14.91
O15 UJ5 B . -19.64 5.44 -14.08
C16 UJ5 B . -12.08 6.26 -10.38
C18 UJ5 B . -12.10 8.64 -10.65
C19 UJ5 B . -11.72 8.79 -9.33
C23 UJ5 B . -12.12 10.24 -7.35
H34 UJ5 B . -12.59 7.24 -12.20
H36 UJ5 B . -11.22 7.80 -7.50
H37 UJ5 B . -11.54 5.54 -8.43
H38 UJ5 B . -12.01 10.91 -9.39
H42 UJ5 B . -9.47 9.73 -9.25
H44 UJ5 B . -9.70 10.48 -7.65
H43 UJ5 B . -9.84 11.46 -9.13
H26 UJ5 B . -11.87 2.58 -11.58
H25 UJ5 B . -10.19 2.77 -11.03
H27 UJ5 B . -10.56 2.83 -12.77
H28 UJ5 B . -12.44 4.17 -10.13
H32 UJ5 B . -14.57 5.51 -15.75
H31 UJ5 B . -16.96 5.22 -16.15
H29 UJ5 B . -15.04 4.36 -10.57
H30 UJ5 B . -17.57 4.26 -12.01
H33 UJ5 B . -19.71 3.47 -15.79
H35 UJ5 B . -12.25 9.50 -11.28
H40 UJ5 B . -12.12 11.27 -7.00
H39 UJ5 B . -11.53 9.63 -6.68
H41 UJ5 B . -13.15 9.85 -7.38
N GLY A 1 -25.17 0.29 -16.64
CA GLY A 1 -24.93 0.14 -15.21
C GLY A 1 -24.28 1.38 -14.61
N SER A 2 -22.97 1.50 -14.77
CA SER A 2 -22.23 2.64 -14.23
C SER A 2 -22.54 2.83 -12.75
N PRO A 3 -22.08 1.87 -11.92
CA PRO A 3 -22.30 1.91 -10.47
C PRO A 3 -21.49 3.02 -9.80
N GLY A 4 -21.76 3.24 -8.51
CA GLY A 4 -21.05 4.27 -7.78
C GLY A 4 -20.37 3.72 -6.53
N GLU A 5 -20.97 2.72 -5.92
CA GLU A 5 -20.42 2.11 -4.72
C GLU A 5 -18.95 1.73 -4.92
N ASN A 6 -18.61 1.38 -6.15
CA ASN A 6 -17.24 1.00 -6.49
C ASN A 6 -16.25 2.07 -6.04
N LEU A 7 -16.60 3.32 -6.27
CA LEU A 7 -15.75 4.44 -5.89
C LEU A 7 -15.33 4.35 -4.43
N LYS A 8 -16.25 3.89 -3.59
CA LYS A 8 -15.99 3.74 -2.17
C LYS A 8 -15.21 2.46 -1.89
N HIS A 9 -15.38 1.47 -2.76
CA HIS A 9 -14.70 0.18 -2.61
C HIS A 9 -13.21 0.32 -2.95
N ILE A 10 -12.93 0.92 -4.10
CA ILE A 10 -11.55 1.11 -4.54
C ILE A 10 -10.73 1.81 -3.46
N ILE A 11 -11.30 2.85 -2.87
CA ILE A 11 -10.61 3.60 -1.82
C ILE A 11 -10.51 2.79 -0.54
N THR A 12 -11.53 1.97 -0.28
CA THR A 12 -11.56 1.14 0.92
C THR A 12 -10.53 0.02 0.83
N LEU A 13 -10.31 -0.49 -0.38
CA LEU A 13 -9.34 -1.56 -0.59
C LEU A 13 -7.99 -1.21 0.03
N GLY A 14 -7.56 0.04 -0.16
CA GLY A 14 -6.30 0.48 0.38
C GLY A 14 -6.37 0.74 1.87
N GLN A 15 -7.54 1.14 2.35
CA GLN A 15 -7.74 1.43 3.76
C GLN A 15 -7.79 0.14 4.58
N VAL A 16 -8.27 -0.94 3.95
CA VAL A 16 -8.38 -2.23 4.61
C VAL A 16 -7.03 -2.64 5.23
N ILE A 17 -5.95 -2.21 4.60
CA ILE A 17 -4.61 -2.53 5.09
C ILE A 17 -4.28 -1.73 6.34
N HIS A 18 -4.72 -0.48 6.38
CA HIS A 18 -4.47 0.39 7.53
C HIS A 18 -4.82 -0.32 8.84
N LYS A 19 -6.05 -0.82 8.93
CA LYS A 19 -6.51 -1.52 10.12
C LYS A 19 -5.85 -2.89 10.23
N ARG A 20 -5.64 -3.53 9.09
CA ARG A 20 -5.02 -4.84 9.04
C ARG A 20 -3.65 -4.82 9.72
N CYS A 21 -2.95 -3.71 9.59
CA CYS A 21 -1.63 -3.56 10.19
C CYS A 21 -1.71 -3.54 11.71
N GLU A 22 -2.79 -2.96 12.23
CA GLU A 22 -2.99 -2.88 13.68
C GLU A 22 -3.13 -4.28 14.28
N GLU A 23 -3.58 -5.23 13.46
CA GLU A 23 -3.76 -6.60 13.92
C GLU A 23 -2.40 -7.28 14.14
N MET A 24 -1.48 -7.05 13.23
CA MET A 24 -0.14 -7.63 13.32
C MET A 24 0.47 -7.37 14.70
N LYS A 25 1.46 -8.18 15.06
CA LYS A 25 2.14 -8.03 16.34
C LYS A 25 3.65 -7.92 16.16
N TYR A 26 4.23 -8.90 15.48
CA TYR A 26 5.67 -8.90 15.24
C TYR A 26 6.01 -8.09 13.99
N CYS A 27 5.38 -8.44 12.88
CA CYS A 27 5.61 -7.74 11.61
C CYS A 27 4.89 -6.40 11.58
N LYS A 28 4.12 -6.13 12.64
CA LYS A 28 3.38 -4.88 12.73
C LYS A 28 4.28 -3.68 12.49
N LYS A 29 5.55 -3.81 12.89
CA LYS A 29 6.52 -2.73 12.70
C LYS A 29 6.65 -2.36 11.22
N GLN A 30 6.91 -3.36 10.38
CA GLN A 30 7.05 -3.14 8.96
C GLN A 30 5.70 -2.88 8.30
N CYS A 31 4.71 -3.68 8.69
CA CYS A 31 3.36 -3.54 8.15
C CYS A 31 2.87 -2.10 8.28
N ARG A 32 3.09 -1.52 9.45
CA ARG A 32 2.66 -0.14 9.71
C ARG A 32 3.10 0.79 8.58
N ARG A 33 4.35 0.63 8.14
CA ARG A 33 4.89 1.46 7.07
C ARG A 33 4.17 1.17 5.75
N LEU A 34 3.79 -0.09 5.56
CA LEU A 34 3.09 -0.49 4.34
C LEU A 34 1.69 0.08 4.29
N GLY A 35 0.96 -0.05 5.40
CA GLY A 35 -0.39 0.47 5.47
C GLY A 35 -0.44 1.98 5.59
N HIS A 36 0.60 2.55 6.20
CA HIS A 36 0.67 4.01 6.37
C HIS A 36 0.92 4.70 5.03
N ARG A 37 1.98 4.30 4.35
CA ARG A 37 2.32 4.89 3.06
C ARG A 37 1.13 4.85 2.11
N VAL A 38 0.56 3.67 1.93
CA VAL A 38 -0.59 3.51 1.04
C VAL A 38 -1.74 4.41 1.47
N LEU A 39 -1.84 4.68 2.76
CA LEU A 39 -2.90 5.54 3.30
C LEU A 39 -2.87 6.90 2.62
N GLY A 40 -1.68 7.37 2.26
CA GLY A 40 -1.54 8.66 1.61
C GLY A 40 -1.87 8.59 0.13
N LEU A 41 -2.05 7.39 -0.39
CA LEU A 41 -2.37 7.20 -1.80
C LEU A 41 -3.88 7.30 -2.02
N ILE A 42 -4.64 6.59 -1.21
CA ILE A 42 -6.10 6.59 -1.32
C ILE A 42 -6.71 7.75 -0.53
N LYS A 43 -5.87 8.44 0.23
CA LYS A 43 -6.32 9.57 1.03
C LYS A 43 -7.01 10.62 0.16
N PRO A 44 -6.31 11.05 -0.91
CA PRO A 44 -6.84 12.05 -1.84
C PRO A 44 -7.98 11.50 -2.68
N LEU A 45 -7.90 10.23 -3.04
CA LEU A 45 -8.93 9.59 -3.85
C LEU A 45 -10.22 9.42 -3.06
N GLU A 46 -10.08 9.26 -1.75
CA GLU A 46 -11.24 9.10 -0.87
C GLU A 46 -11.96 10.43 -0.66
N MET A 47 -11.18 11.50 -0.57
CA MET A 47 -11.74 12.83 -0.37
C MET A 47 -12.20 13.43 -1.69
N LEU A 48 -11.52 13.08 -2.77
CA LEU A 48 -11.86 13.59 -4.09
C LEU A 48 -13.34 13.38 -4.39
N GLN A 49 -13.79 12.13 -4.29
CA GLN A 49 -15.18 11.79 -4.53
C GLN A 49 -16.11 12.73 -3.78
N ASP A 50 -15.70 13.13 -2.58
CA ASP A 50 -16.49 14.02 -1.75
C ASP A 50 -16.45 15.45 -2.29
N GLN A 51 -15.29 15.85 -2.81
CA GLN A 51 -15.12 17.19 -3.35
C GLN A 51 -16.22 17.51 -4.36
N GLY A 52 -16.45 16.60 -5.30
CA GLY A 52 -17.47 16.80 -6.30
C GLY A 52 -18.59 15.77 -6.22
N LYS A 53 -18.83 15.07 -7.32
CA LYS A 53 -19.86 14.05 -7.37
C LYS A 53 -19.66 13.12 -8.55
N ARG A 54 -19.28 13.69 -9.69
CA ARG A 54 -19.04 12.90 -10.89
C ARG A 54 -17.96 11.84 -10.65
N SER A 55 -16.72 12.30 -10.56
CA SER A 55 -15.60 11.39 -10.33
C SER A 55 -15.44 10.43 -11.49
N VAL A 56 -15.98 10.80 -12.65
CA VAL A 56 -15.90 9.97 -13.85
C VAL A 56 -15.83 10.82 -15.11
N PRO A 57 -14.65 11.43 -15.35
CA PRO A 57 -14.42 12.27 -16.52
C PRO A 57 -14.39 11.48 -17.82
N SER A 58 -13.59 10.41 -17.82
CA SER A 58 -13.46 9.56 -19.01
C SER A 58 -13.26 8.11 -18.60
N GLU A 59 -13.66 7.20 -19.49
CA GLU A 59 -13.53 5.77 -19.23
C GLU A 59 -12.08 5.33 -19.33
N LYS A 60 -11.33 6.01 -20.21
CA LYS A 60 -9.92 5.69 -20.40
C LYS A 60 -9.17 5.65 -19.07
N LEU A 61 -9.50 6.60 -18.18
CA LEU A 61 -8.87 6.67 -16.88
C LEU A 61 -9.14 5.40 -16.07
N THR A 62 -10.35 4.87 -16.21
CA THR A 62 -10.74 3.66 -15.49
C THR A 62 -9.74 2.53 -15.74
N THR A 63 -9.21 2.47 -16.95
CA THR A 63 -8.24 1.44 -17.30
C THR A 63 -7.01 1.51 -16.41
N ALA A 64 -6.46 2.70 -16.25
CA ALA A 64 -5.28 2.90 -15.42
C ALA A 64 -5.61 2.67 -13.94
N MET A 65 -6.75 3.17 -13.51
CA MET A 65 -7.18 3.03 -12.13
C MET A 65 -7.34 1.56 -11.77
N ASN A 66 -7.81 0.75 -12.72
CA ASN A 66 -8.00 -0.67 -12.50
C ASN A 66 -6.72 -1.33 -12.01
N ARG A 67 -5.58 -0.80 -12.44
CA ARG A 67 -4.28 -1.32 -12.05
C ARG A 67 -3.96 -0.95 -10.61
N PHE A 68 -4.48 0.19 -10.16
CA PHE A 68 -4.25 0.66 -8.80
C PHE A 68 -5.09 -0.12 -7.81
N LYS A 69 -6.40 -0.20 -8.07
CA LYS A 69 -7.32 -0.91 -7.20
C LYS A 69 -6.80 -2.32 -6.90
N ALA A 70 -6.23 -2.96 -7.91
CA ALA A 70 -5.70 -4.31 -7.75
C ALA A 70 -4.41 -4.30 -6.93
N ALA A 71 -3.66 -3.20 -7.04
CA ALA A 71 -2.41 -3.06 -6.32
C ALA A 71 -2.61 -3.31 -4.82
N LEU A 72 -3.77 -2.91 -4.32
CA LEU A 72 -4.09 -3.08 -2.90
C LEU A 72 -4.26 -4.55 -2.56
N GLU A 73 -4.83 -5.31 -3.49
CA GLU A 73 -5.06 -6.73 -3.29
C GLU A 73 -3.76 -7.44 -2.86
N GLU A 74 -2.64 -6.94 -3.38
CA GLU A 74 -1.34 -7.52 -3.06
C GLU A 74 -1.00 -7.33 -1.58
N ALA A 75 -1.06 -6.09 -1.12
CA ALA A 75 -0.78 -5.78 0.28
C ALA A 75 -1.81 -6.40 1.20
N ASN A 76 -3.08 -6.07 0.97
CA ASN A 76 -4.18 -6.60 1.78
C ASN A 76 -4.15 -8.13 1.80
N GLY A 77 -3.87 -8.72 0.64
CA GLY A 77 -3.83 -10.17 0.54
C GLY A 77 -2.66 -10.77 1.28
N GLU A 78 -1.53 -10.05 1.28
CA GLU A 78 -0.33 -10.53 1.97
C GLU A 78 -0.52 -10.50 3.48
N ILE A 79 -1.20 -9.47 3.97
CA ILE A 79 -1.46 -9.34 5.40
C ILE A 79 -2.10 -10.59 5.96
N GLU A 80 -3.16 -11.05 5.30
CA GLU A 80 -3.87 -12.25 5.74
C GLU A 80 -2.89 -13.40 5.98
N LYS A 81 -1.89 -13.51 5.11
CA LYS A 81 -0.89 -14.57 5.22
C LYS A 81 0.05 -14.31 6.39
N PHE A 82 0.34 -13.04 6.64
CA PHE A 82 1.23 -12.66 7.74
C PHE A 82 0.44 -12.41 9.01
N SER A 83 -0.83 -12.83 9.01
CA SER A 83 -1.69 -12.65 10.17
C SER A 83 -1.27 -13.57 11.31
N ASN A 84 -0.79 -14.75 10.96
CA ASN A 84 -0.35 -15.73 11.96
C ASN A 84 1.04 -15.37 12.50
N ARG A 85 1.60 -16.27 13.28
CA ARG A 85 2.92 -16.06 13.86
C ARG A 85 3.98 -16.88 13.13
N SER A 86 3.65 -18.13 12.83
CA SER A 86 4.56 -19.02 12.13
C SER A 86 4.83 -18.53 10.72
N ASN A 87 3.81 -17.92 10.11
CA ASN A 87 3.93 -17.41 8.75
C ASN A 87 5.01 -16.34 8.67
N ILE A 88 5.22 -15.64 9.77
CA ILE A 88 6.23 -14.59 9.82
C ILE A 88 7.64 -15.17 9.86
N CYS A 89 7.87 -16.10 10.79
CA CYS A 89 9.17 -16.74 10.93
C CYS A 89 9.47 -17.62 9.72
N ARG A 90 8.43 -18.22 9.16
CA ARG A 90 8.58 -19.09 8.00
C ARG A 90 9.18 -18.34 6.82
N PHE A 91 8.64 -17.16 6.54
CA PHE A 91 9.12 -16.34 5.44
C PHE A 91 10.43 -15.64 5.81
N LEU A 92 10.47 -15.11 7.03
CA LEU A 92 11.66 -14.41 7.51
C LEU A 92 12.90 -15.29 7.38
N THR A 93 12.79 -16.52 7.88
CA THR A 93 13.91 -17.46 7.82
C THR A 93 14.14 -17.95 6.39
N ALA A 94 13.07 -18.04 5.62
CA ALA A 94 13.16 -18.48 4.24
C ALA A 94 13.94 -17.49 3.39
N SER A 95 13.55 -16.22 3.46
CA SER A 95 14.23 -15.18 2.68
C SER A 95 15.19 -14.40 3.57
N GLN A 96 16.44 -14.30 3.11
CA GLN A 96 17.46 -13.58 3.86
C GLN A 96 16.99 -12.17 4.21
N ASP A 97 16.24 -11.56 3.30
CA ASP A 97 15.73 -10.22 3.51
C ASP A 97 14.91 -10.13 4.80
N LYS A 98 14.55 -8.92 5.18
CA LYS A 98 13.77 -8.70 6.40
C LYS A 98 12.38 -8.18 6.06
N ILE A 99 12.30 -7.27 5.09
CA ILE A 99 11.03 -6.70 4.67
C ILE A 99 10.10 -7.77 4.10
N LEU A 100 8.81 -7.59 4.32
CA LEU A 100 7.81 -8.54 3.83
C LEU A 100 7.06 -7.98 2.63
N PHE A 101 6.59 -6.74 2.76
CA PHE A 101 5.86 -6.08 1.69
C PHE A 101 6.79 -5.21 0.85
N LYS A 102 8.06 -5.62 0.77
CA LYS A 102 9.05 -4.88 0.00
C LYS A 102 8.56 -4.64 -1.44
N ASP A 103 8.39 -5.72 -2.19
CA ASP A 103 7.92 -5.63 -3.56
C ASP A 103 6.47 -5.16 -3.62
N VAL A 104 5.72 -5.46 -2.56
CA VAL A 104 4.32 -5.07 -2.49
C VAL A 104 4.17 -3.55 -2.53
N ASN A 105 4.87 -2.86 -1.64
CA ASN A 105 4.81 -1.41 -1.58
C ASN A 105 5.54 -0.78 -2.76
N ARG A 106 6.54 -1.50 -3.28
CA ARG A 106 7.31 -1.02 -4.42
C ARG A 106 6.40 -0.67 -5.59
N LYS A 107 5.43 -1.54 -5.86
CA LYS A 107 4.48 -1.32 -6.95
C LYS A 107 3.45 -0.26 -6.57
N LEU A 108 3.09 -0.22 -5.30
CA LEU A 108 2.11 0.74 -4.80
C LEU A 108 2.47 2.16 -5.25
N SER A 109 3.75 2.48 -5.22
CA SER A 109 4.22 3.79 -5.62
C SER A 109 4.11 3.97 -7.13
N ASP A 110 4.31 2.89 -7.86
CA ASP A 110 4.24 2.92 -9.31
C ASP A 110 2.79 3.07 -9.78
N VAL A 111 1.90 2.29 -9.19
CA VAL A 111 0.49 2.34 -9.55
C VAL A 111 -0.11 3.70 -9.22
N TRP A 112 0.46 4.36 -8.22
CA TRP A 112 -0.02 5.68 -7.80
C TRP A 112 0.55 6.78 -8.69
N LYS A 113 1.88 6.76 -8.85
CA LYS A 113 2.55 7.76 -9.67
C LYS A 113 2.15 7.62 -11.14
N GLU A 114 1.84 6.40 -11.56
CA GLU A 114 1.44 6.13 -12.93
C GLU A 114 0.14 6.86 -13.26
N LEU A 115 -0.90 6.60 -12.46
CA LEU A 115 -2.19 7.23 -12.67
C LEU A 115 -2.15 8.70 -12.28
N SER A 116 -1.19 9.07 -11.44
CA SER A 116 -1.04 10.44 -11.00
C SER A 116 -1.08 11.41 -12.18
N LEU A 117 -0.55 10.97 -13.31
CA LEU A 117 -0.53 11.79 -14.52
C LEU A 117 -1.95 12.06 -15.02
N LEU A 118 -2.77 11.02 -15.02
CA LEU A 118 -4.16 11.13 -15.47
C LEU A 118 -5.03 11.80 -14.41
N LEU A 119 -4.66 11.60 -13.15
CA LEU A 119 -5.40 12.19 -12.04
C LEU A 119 -5.29 13.71 -12.05
N GLN A 120 -4.06 14.20 -12.24
CA GLN A 120 -3.82 15.63 -12.28
C GLN A 120 -4.44 16.27 -13.51
N VAL A 121 -4.40 15.55 -14.63
CA VAL A 121 -4.96 16.04 -15.88
C VAL A 121 -6.49 16.01 -15.85
N GLU A 122 -7.05 14.81 -15.67
CA GLU A 122 -8.50 14.66 -15.62
C GLU A 122 -9.08 15.36 -14.39
N GLN A 123 -8.62 14.95 -13.22
CA GLN A 123 -9.10 15.53 -11.97
C GLN A 123 -8.18 16.66 -11.50
N ARG A 124 -8.58 17.36 -10.46
CA ARG A 124 -7.80 18.46 -9.91
C ARG A 124 -7.29 18.12 -8.51
N MET A 125 -6.35 17.18 -8.43
CA MET A 125 -5.79 16.77 -7.16
C MET A 125 -4.29 17.01 -7.12
N PRO A 126 -3.81 17.62 -6.02
CA PRO A 126 -2.38 17.93 -5.85
C PRO A 126 -1.54 16.67 -5.63
N VAL A 127 -1.11 16.05 -6.73
CA VAL A 127 -0.31 14.84 -6.66
C VAL A 127 1.06 15.13 -6.06
N SER A 128 1.55 14.22 -5.23
CA SER A 128 2.84 14.37 -4.59
C SER A 128 2.87 15.62 -3.70
N PRO A 129 2.53 15.44 -2.42
CA PRO A 129 2.50 16.53 -1.45
C PRO A 129 3.90 17.05 -1.11
N ILE A 130 4.92 16.36 -1.62
CA ILE A 130 6.30 16.75 -1.37
C ILE A 130 7.24 16.14 -2.41
N SER A 131 7.08 14.84 -2.65
CA SER A 131 7.90 14.14 -3.63
C SER A 131 7.54 12.66 -3.70
N GLN A 132 6.76 12.30 -4.71
CA GLN A 132 6.34 10.92 -4.89
C GLN A 132 7.43 10.08 -5.53
N GLY A 133 8.20 10.72 -6.42
CA GLY A 133 9.29 10.02 -7.09
C GLY A 133 10.20 9.28 -6.12
N ALA A 134 10.44 9.90 -4.98
CA ALA A 134 11.31 9.31 -3.96
C ALA A 134 10.66 8.07 -3.34
N SER A 135 10.90 6.92 -3.96
CA SER A 135 10.33 5.66 -3.47
C SER A 135 10.63 5.47 -1.99
N TRP A 136 9.58 5.30 -1.19
CA TRP A 136 9.73 5.11 0.24
C TRP A 136 10.55 3.86 0.54
N ALA A 137 10.66 2.97 -0.44
CA ALA A 137 11.41 1.74 -0.29
C ALA A 137 12.85 2.01 0.11
N GLN A 138 13.42 3.09 -0.44
CA GLN A 138 14.79 3.47 -0.14
C GLN A 138 15.00 3.61 1.37
N GLU A 139 14.11 4.35 2.02
CA GLU A 139 14.20 4.57 3.46
C GLU A 139 13.75 3.33 4.22
N ASP A 140 12.70 2.68 3.72
CA ASP A 140 12.17 1.47 4.35
C ASP A 140 13.29 0.47 4.63
N GLN A 141 14.31 0.47 3.77
CA GLN A 141 15.43 -0.45 3.91
C GLN A 141 16.01 -0.37 5.33
N GLN A 142 16.07 0.84 5.87
CA GLN A 142 16.60 1.05 7.22
C GLN A 142 15.58 0.63 8.28
N ASP A 143 14.30 0.77 7.95
CA ASP A 143 13.23 0.40 8.88
C ASP A 143 13.28 -1.09 9.20
N ALA A 144 13.41 -1.91 8.16
CA ALA A 144 13.47 -3.35 8.32
C ALA A 144 14.65 -3.76 9.22
N ASP A 145 15.75 -3.02 9.09
CA ASP A 145 16.95 -3.29 9.89
C ASP A 145 16.62 -3.28 11.38
N GLU A 146 15.79 -2.34 11.79
CA GLU A 146 15.40 -2.21 13.19
C GLU A 146 14.37 -3.28 13.57
N ASP A 147 13.44 -3.54 12.66
CA ASP A 147 12.40 -4.53 12.89
C ASP A 147 13.00 -5.93 13.01
N ARG A 148 14.05 -6.19 12.25
CA ARG A 148 14.71 -7.49 12.27
C ARG A 148 15.12 -7.85 13.69
N ARG A 149 15.52 -6.86 14.46
CA ARG A 149 15.95 -7.07 15.85
C ARG A 149 14.81 -7.67 16.67
N ALA A 150 13.62 -7.09 16.54
CA ALA A 150 12.46 -7.58 17.28
C ALA A 150 12.13 -9.01 16.90
N PHE A 151 12.18 -9.30 15.61
CA PHE A 151 11.88 -10.64 15.11
C PHE A 151 12.74 -11.69 15.82
N GLN A 152 13.97 -11.31 16.14
CA GLN A 152 14.89 -12.21 16.81
C GLN A 152 14.32 -12.66 18.16
N MET A 153 13.60 -11.77 18.82
CA MET A 153 13.01 -12.08 20.11
C MET A 153 11.67 -12.79 19.94
N LEU A 154 11.68 -13.88 19.18
CA LEU A 154 10.46 -14.65 18.94
C LEU A 154 10.63 -16.10 19.40
N ARG A 155 10.67 -16.30 20.71
CA ARG A 155 10.82 -17.63 21.28
C ARG A 155 12.02 -18.34 20.67
N ARG A 156 13.17 -17.67 20.68
CA ARG A 156 14.40 -18.22 20.12
C ARG A 156 15.63 -17.51 20.69
N ASP A 157 16.74 -18.23 20.74
CA ASP A 157 17.99 -17.66 21.25
C ASP A 157 18.46 -16.51 20.37
C4 UJ5 B . -13.87 4.38 -11.66
C6 UJ5 B . -14.94 4.78 -13.51
C7 UJ5 B . -15.87 4.28 -12.59
C10 UJ5 B . -17.60 4.46 -14.25
C13 UJ5 B . -19.01 4.30 -14.66
C17 UJ5 B . -12.40 5.99 -8.86
C20 UJ5 B . -11.61 7.88 -10.71
C21 UJ5 B . -11.97 6.61 -11.13
C22 UJ5 B . -11.24 9.58 -8.91
C24 UJ5 B . -9.95 9.50 -8.10
C1 UJ5 B . -11.38 2.32 -10.75
O2 UJ5 B . -11.64 3.63 -11.25
C3 UJ5 B . -12.76 4.28 -10.65
N5 UJ5 B . -13.75 4.82 -12.88
C12 UJ5 B . -15.35 5.13 -14.81
C11 UJ5 B . -16.66 4.97 -15.16
N8 UJ5 B . -15.17 4.03 -11.43
C9 UJ5 B . -17.19 4.12 -12.97
O14 UJ5 B . -19.94 5.16 -14.21
O15 UJ5 B . -19.32 3.39 -15.40
C16 UJ5 B . -12.37 5.67 -10.20
C18 UJ5 B . -12.03 7.25 -8.44
C19 UJ5 B . -11.64 8.20 -9.37
C23 UJ5 B . -12.36 10.17 -8.04
H34 UJ5 B . -12.70 5.24 -8.13
H36 UJ5 B . -11.31 8.62 -11.43
H37 UJ5 B . -11.95 6.36 -12.17
H38 UJ5 B . -11.09 10.22 -9.78
H42 UJ5 B . -9.13 9.89 -8.69
H44 UJ5 B . -9.75 8.46 -7.83
H43 UJ5 B . -10.06 10.09 -7.18
H26 UJ5 B . -11.74 2.25 -9.72
H25 UJ5 B . -10.31 2.13 -10.78
H27 UJ5 B . -11.90 1.59 -11.37
H28 UJ5 B . -13.10 3.70 -9.79
H32 UJ5 B . -14.64 5.52 -15.52
H31 UJ5 B . -16.97 5.23 -16.16
H29 UJ5 B . -15.53 3.68 -10.61
H30 UJ5 B . -17.92 3.73 -12.26
H33 UJ5 B . -20.44 5.65 -14.87
H35 UJ5 B . -12.06 7.50 -7.39
H40 UJ5 B . -12.10 10.04 -6.99
H39 UJ5 B . -13.29 9.66 -8.27
H41 UJ5 B . -12.46 11.24 -8.26
N GLY A 1 -25.01 -2.01 -5.29
CA GLY A 1 -25.87 -1.13 -4.51
C GLY A 1 -26.63 -0.16 -5.39
N SER A 2 -25.99 0.97 -5.73
CA SER A 2 -26.62 1.98 -6.55
C SER A 2 -25.63 3.10 -6.88
N PRO A 3 -25.16 3.80 -5.84
CA PRO A 3 -24.20 4.89 -5.99
C PRO A 3 -22.82 4.41 -6.43
N GLY A 4 -21.85 5.32 -6.45
CA GLY A 4 -20.51 4.96 -6.85
C GLY A 4 -19.77 4.19 -5.79
N GLU A 5 -20.10 2.91 -5.65
CA GLU A 5 -19.46 2.06 -4.66
C GLU A 5 -18.01 1.77 -5.04
N ASN A 6 -17.77 1.62 -6.33
CA ASN A 6 -16.43 1.34 -6.83
C ASN A 6 -15.42 2.37 -6.32
N LEU A 7 -15.75 3.64 -6.49
CA LEU A 7 -14.88 4.72 -6.03
C LEU A 7 -14.50 4.54 -4.57
N LYS A 8 -15.43 4.00 -3.79
CA LYS A 8 -15.19 3.77 -2.37
C LYS A 8 -14.38 2.50 -2.15
N HIS A 9 -14.56 1.52 -3.04
CA HIS A 9 -13.85 0.26 -2.94
C HIS A 9 -12.37 0.44 -3.30
N ILE A 10 -12.13 1.09 -4.43
CA ILE A 10 -10.76 1.34 -4.89
C ILE A 10 -9.93 1.99 -3.79
N ILE A 11 -10.50 3.01 -3.15
CA ILE A 11 -9.80 3.72 -2.09
C ILE A 11 -9.71 2.87 -0.82
N THR A 12 -10.73 2.05 -0.59
CA THR A 12 -10.75 1.17 0.57
C THR A 12 -9.69 0.09 0.48
N LEU A 13 -9.45 -0.39 -0.75
CA LEU A 13 -8.47 -1.43 -0.97
C LEU A 13 -7.13 -1.07 -0.34
N GLY A 14 -6.74 0.20 -0.48
CA GLY A 14 -5.49 0.66 0.08
C GLY A 14 -5.56 0.87 1.58
N GLN A 15 -6.76 1.21 2.07
CA GLN A 15 -6.95 1.43 3.49
C GLN A 15 -6.97 0.12 4.26
N VAL A 16 -7.48 -0.93 3.61
CA VAL A 16 -7.55 -2.25 4.23
C VAL A 16 -6.20 -2.68 4.76
N ILE A 17 -5.14 -2.22 4.10
CA ILE A 17 -3.77 -2.57 4.50
C ILE A 17 -3.47 -2.07 5.91
N HIS A 18 -4.04 -0.92 6.25
CA HIS A 18 -3.83 -0.34 7.57
C HIS A 18 -4.23 -1.31 8.67
N LYS A 19 -5.47 -1.81 8.59
CA LYS A 19 -5.97 -2.76 9.57
C LYS A 19 -5.26 -4.10 9.45
N ARG A 20 -4.96 -4.50 8.22
CA ARG A 20 -4.29 -5.77 7.96
C ARG A 20 -2.96 -5.84 8.71
N CYS A 21 -2.15 -4.80 8.55
CA CYS A 21 -0.85 -4.75 9.21
C CYS A 21 -1.00 -4.90 10.73
N GLU A 22 -2.00 -4.22 11.29
CA GLU A 22 -2.25 -4.27 12.72
C GLU A 22 -2.45 -5.72 13.19
N GLU A 23 -3.04 -6.53 12.32
CA GLU A 23 -3.29 -7.93 12.65
C GLU A 23 -1.98 -8.67 12.89
N MET A 24 -0.96 -8.33 12.11
CA MET A 24 0.35 -8.98 12.26
C MET A 24 0.83 -8.91 13.71
N LYS A 25 1.90 -9.63 13.99
CA LYS A 25 2.47 -9.64 15.34
C LYS A 25 3.99 -9.51 15.30
N TYR A 26 4.63 -10.29 14.45
CA TYR A 26 6.08 -10.25 14.31
C TYR A 26 6.50 -9.27 13.22
N CYS A 27 5.98 -9.46 12.01
CA CYS A 27 6.30 -8.58 10.89
C CYS A 27 5.54 -7.27 10.99
N LYS A 28 4.66 -7.18 12.00
CA LYS A 28 3.86 -5.99 12.20
C LYS A 28 4.74 -4.74 12.23
N LYS A 29 5.96 -4.89 12.73
CA LYS A 29 6.90 -3.78 12.81
C LYS A 29 7.17 -3.19 11.43
N GLN A 30 7.56 -4.04 10.48
CA GLN A 30 7.83 -3.60 9.12
C GLN A 30 6.55 -3.30 8.38
N CYS A 31 5.52 -4.13 8.61
CA CYS A 31 4.23 -3.95 7.95
C CYS A 31 3.72 -2.53 8.13
N ARG A 32 3.99 -1.95 9.29
CA ARG A 32 3.54 -0.60 9.60
C ARG A 32 3.94 0.36 8.47
N ARG A 33 5.08 0.11 7.85
CA ARG A 33 5.56 0.95 6.77
C ARG A 33 4.75 0.71 5.49
N LEU A 34 4.57 -0.56 5.14
CA LEU A 34 3.80 -0.91 3.95
C LEU A 34 2.36 -0.45 4.06
N GLY A 35 1.81 -0.54 5.27
CA GLY A 35 0.43 -0.13 5.50
C GLY A 35 0.28 1.38 5.53
N HIS A 36 1.25 2.07 6.13
CA HIS A 36 1.23 3.53 6.22
C HIS A 36 1.53 4.16 4.87
N ARG A 37 2.47 3.58 4.15
CA ARG A 37 2.85 4.09 2.84
C ARG A 37 1.64 4.16 1.90
N VAL A 38 0.85 3.08 1.89
CA VAL A 38 -0.33 3.02 1.04
C VAL A 38 -1.43 3.93 1.58
N LEU A 39 -1.49 4.05 2.90
CA LEU A 39 -2.51 4.88 3.54
C LEU A 39 -2.46 6.30 3.00
N GLY A 40 -1.26 6.75 2.63
CA GLY A 40 -1.11 8.09 2.10
C GLY A 40 -1.26 8.14 0.60
N LEU A 41 -1.42 6.99 -0.03
CA LEU A 41 -1.58 6.90 -1.48
C LEU A 41 -3.04 7.08 -1.87
N ILE A 42 -3.93 6.43 -1.14
CA ILE A 42 -5.36 6.52 -1.41
C ILE A 42 -6.00 7.67 -0.64
N LYS A 43 -5.16 8.46 0.03
CA LYS A 43 -5.65 9.60 0.80
C LYS A 43 -6.32 10.63 -0.10
N PRO A 44 -5.63 11.01 -1.18
CA PRO A 44 -6.15 11.98 -2.15
C PRO A 44 -7.30 11.43 -2.97
N LEU A 45 -7.35 10.11 -3.12
CA LEU A 45 -8.41 9.45 -3.88
C LEU A 45 -9.70 9.42 -3.08
N GLU A 46 -9.58 9.24 -1.77
CA GLU A 46 -10.73 9.17 -0.88
C GLU A 46 -11.31 10.57 -0.64
N MET A 47 -10.43 11.51 -0.33
CA MET A 47 -10.85 12.89 -0.07
C MET A 47 -11.46 13.51 -1.32
N LEU A 48 -10.83 13.27 -2.47
CA LEU A 48 -11.32 13.81 -3.73
C LEU A 48 -12.79 13.49 -3.93
N GLN A 49 -13.09 12.20 -4.07
CA GLN A 49 -14.47 11.75 -4.26
C GLN A 49 -15.37 12.27 -3.14
N ASP A 50 -14.77 12.57 -2.00
CA ASP A 50 -15.51 13.06 -0.85
C ASP A 50 -16.08 14.45 -1.11
N GLN A 51 -15.37 15.23 -1.94
CA GLN A 51 -15.80 16.58 -2.28
C GLN A 51 -17.26 16.58 -2.71
N GLY A 52 -17.61 15.68 -3.62
CA GLY A 52 -18.98 15.62 -4.10
C GLY A 52 -19.21 14.42 -5.01
N LYS A 53 -20.47 14.11 -5.26
CA LYS A 53 -20.83 12.98 -6.12
C LYS A 53 -20.33 13.20 -7.53
N ARG A 54 -19.82 12.14 -8.16
CA ARG A 54 -19.32 12.22 -9.52
C ARG A 54 -18.10 13.12 -9.59
N SER A 55 -16.93 12.53 -9.86
CA SER A 55 -15.69 13.29 -9.95
C SER A 55 -14.72 12.61 -10.93
N VAL A 56 -15.26 11.79 -11.81
CA VAL A 56 -14.45 11.09 -12.81
C VAL A 56 -14.40 11.87 -14.12
N PRO A 57 -13.18 12.13 -14.60
CA PRO A 57 -12.96 12.86 -15.86
C PRO A 57 -13.38 12.05 -17.08
N SER A 58 -12.47 11.21 -17.56
CA SER A 58 -12.74 10.38 -18.72
C SER A 58 -12.57 8.90 -18.40
N GLU A 59 -12.97 8.04 -19.33
CA GLU A 59 -12.86 6.60 -19.13
C GLU A 59 -11.41 6.15 -19.22
N LYS A 60 -10.61 6.87 -20.01
CA LYS A 60 -9.20 6.55 -20.17
C LYS A 60 -8.51 6.39 -18.81
N LEU A 61 -8.96 7.17 -17.84
CA LEU A 61 -8.39 7.12 -16.49
C LEU A 61 -8.74 5.80 -15.81
N THR A 62 -9.95 5.31 -16.06
CA THR A 62 -10.39 4.06 -15.46
C THR A 62 -9.42 2.92 -15.77
N THR A 63 -8.90 2.92 -16.99
CA THR A 63 -7.96 1.88 -17.42
C THR A 63 -6.65 1.99 -16.66
N ALA A 64 -6.07 3.19 -16.64
CA ALA A 64 -4.81 3.42 -15.95
C ALA A 64 -4.96 3.17 -14.44
N MET A 65 -6.12 3.54 -13.91
CA MET A 65 -6.39 3.36 -12.48
C MET A 65 -6.60 1.88 -12.15
N ASN A 66 -7.17 1.14 -13.10
CA ASN A 66 -7.43 -0.28 -12.91
C ASN A 66 -6.15 -1.01 -12.51
N ARG A 67 -5.01 -0.49 -12.95
CA ARG A 67 -3.72 -1.10 -12.64
C ARG A 67 -3.32 -0.80 -11.19
N PHE A 68 -3.77 0.34 -10.67
CA PHE A 68 -3.45 0.73 -9.31
C PHE A 68 -4.29 -0.06 -8.30
N LYS A 69 -5.60 -0.08 -8.53
CA LYS A 69 -6.52 -0.79 -7.66
C LYS A 69 -6.04 -2.23 -7.42
N ALA A 70 -5.51 -2.85 -8.47
CA ALA A 70 -5.01 -4.22 -8.37
C ALA A 70 -3.71 -4.27 -7.59
N ALA A 71 -2.93 -3.19 -7.67
CA ALA A 71 -1.65 -3.11 -6.97
C ALA A 71 -1.82 -3.39 -5.48
N LEU A 72 -2.95 -2.95 -4.94
CA LEU A 72 -3.24 -3.14 -3.51
C LEU A 72 -3.43 -4.63 -3.20
N GLU A 73 -4.04 -5.35 -4.13
CA GLU A 73 -4.28 -6.78 -3.94
C GLU A 73 -2.99 -7.51 -3.57
N GLU A 74 -1.86 -7.02 -4.09
CA GLU A 74 -0.56 -7.62 -3.82
C GLU A 74 -0.25 -7.56 -2.32
N ALA A 75 -0.32 -6.37 -1.75
CA ALA A 75 -0.04 -6.18 -0.33
C ALA A 75 -1.11 -6.85 0.53
N ASN A 76 -2.36 -6.49 0.30
CA ASN A 76 -3.47 -7.06 1.05
C ASN A 76 -3.43 -8.58 1.03
N GLY A 77 -3.40 -9.15 -0.19
CA GLY A 77 -3.36 -10.59 -0.32
C GLY A 77 -2.14 -11.20 0.36
N GLU A 78 -1.04 -10.47 0.36
CA GLU A 78 0.20 -10.95 0.97
C GLU A 78 0.08 -10.94 2.50
N ILE A 79 -0.48 -9.86 3.03
CA ILE A 79 -0.64 -9.72 4.47
C ILE A 79 -1.38 -10.93 5.06
N GLU A 80 -2.36 -11.44 4.31
CA GLU A 80 -3.14 -12.59 4.75
C GLU A 80 -2.25 -13.81 4.93
N LYS A 81 -1.44 -14.09 3.91
CA LYS A 81 -0.53 -15.23 3.96
C LYS A 81 0.55 -15.03 5.01
N PHE A 82 1.23 -13.89 4.96
CA PHE A 82 2.29 -13.58 5.90
C PHE A 82 1.77 -13.64 7.34
N SER A 83 0.46 -13.46 7.50
CA SER A 83 -0.16 -13.49 8.82
C SER A 83 0.32 -14.70 9.61
N ASN A 84 0.58 -15.80 8.90
CA ASN A 84 1.04 -17.03 9.54
C ASN A 84 2.30 -16.77 10.37
N ARG A 85 2.68 -17.75 11.18
CA ARG A 85 3.87 -17.63 12.02
C ARG A 85 5.09 -18.18 11.30
N SER A 86 5.08 -19.48 11.02
CA SER A 86 6.19 -20.14 10.34
C SER A 86 6.54 -19.41 9.05
N ASN A 87 5.53 -18.81 8.43
CA ASN A 87 5.73 -18.08 7.18
C ASN A 87 6.78 -16.98 7.35
N ILE A 88 6.60 -16.16 8.38
CA ILE A 88 7.53 -15.07 8.66
C ILE A 88 8.90 -15.61 9.04
N CYS A 89 8.93 -16.51 10.02
CA CYS A 89 10.19 -17.10 10.48
C CYS A 89 10.93 -17.76 9.32
N ARG A 90 10.18 -18.30 8.37
CA ARG A 90 10.76 -18.97 7.21
C ARG A 90 11.76 -18.05 6.51
N PHE A 91 11.35 -16.82 6.25
CA PHE A 91 12.20 -15.85 5.58
C PHE A 91 13.25 -15.29 6.55
N LEU A 92 12.80 -14.92 7.74
CA LEU A 92 13.70 -14.37 8.75
C LEU A 92 14.89 -15.29 8.98
N THR A 93 14.60 -16.57 9.26
CA THR A 93 15.65 -17.55 9.49
C THR A 93 16.48 -17.80 8.24
N ALA A 94 15.84 -17.67 7.08
CA ALA A 94 16.50 -17.87 5.81
C ALA A 94 17.53 -16.78 5.54
N SER A 95 17.12 -15.52 5.73
CA SER A 95 18.00 -14.39 5.50
C SER A 95 18.64 -14.46 4.12
N GLN A 96 17.81 -14.57 3.10
CA GLN A 96 18.30 -14.65 1.73
C GLN A 96 17.36 -13.94 0.76
N ASP A 97 16.77 -12.85 1.22
CA ASP A 97 15.83 -12.08 0.40
C ASP A 97 15.72 -10.65 0.90
N LYS A 98 14.84 -9.88 0.28
CA LYS A 98 14.63 -8.48 0.65
C LYS A 98 13.43 -8.34 1.57
N ILE A 99 13.03 -7.10 1.83
CA ILE A 99 11.88 -6.83 2.69
C ILE A 99 10.67 -7.67 2.27
N LEU A 100 9.88 -8.06 3.26
CA LEU A 100 8.69 -8.86 3.00
C LEU A 100 7.86 -8.27 1.87
N PHE A 101 7.57 -6.97 1.97
CA PHE A 101 6.80 -6.27 0.95
C PHE A 101 7.70 -5.43 0.06
N LYS A 102 8.95 -5.83 -0.06
CA LYS A 102 9.92 -5.10 -0.88
C LYS A 102 9.36 -4.84 -2.27
N ASP A 103 9.13 -5.91 -3.02
CA ASP A 103 8.59 -5.80 -4.38
C ASP A 103 7.14 -5.35 -4.34
N VAL A 104 6.45 -5.66 -3.25
CA VAL A 104 5.05 -5.30 -3.10
C VAL A 104 4.87 -3.79 -3.13
N ASN A 105 5.60 -3.09 -2.27
CA ASN A 105 5.52 -1.64 -2.20
C ASN A 105 6.24 -0.99 -3.39
N ARG A 106 7.23 -1.70 -3.92
CA ARG A 106 8.00 -1.19 -5.06
C ARG A 106 7.07 -0.83 -6.21
N LYS A 107 6.08 -1.68 -6.46
CA LYS A 107 5.12 -1.44 -7.54
C LYS A 107 4.11 -0.38 -7.15
N LEU A 108 3.77 -0.33 -5.86
CA LEU A 108 2.81 0.65 -5.36
C LEU A 108 3.21 2.06 -5.77
N SER A 109 4.50 2.36 -5.70
CA SER A 109 5.01 3.67 -6.07
C SER A 109 4.90 3.88 -7.59
N ASP A 110 5.12 2.81 -8.34
CA ASP A 110 5.05 2.89 -9.80
C ASP A 110 3.61 3.09 -10.27
N VAL A 111 2.70 2.28 -9.73
CA VAL A 111 1.29 2.37 -10.08
C VAL A 111 0.71 3.73 -9.71
N TRP A 112 1.30 4.35 -8.70
CA TRP A 112 0.84 5.66 -8.24
C TRP A 112 1.43 6.77 -9.09
N LYS A 113 2.75 6.74 -9.27
CA LYS A 113 3.44 7.75 -10.06
C LYS A 113 3.06 7.64 -11.54
N GLU A 114 2.61 6.45 -11.94
CA GLU A 114 2.21 6.21 -13.32
C GLU A 114 0.93 6.96 -13.66
N LEU A 115 -0.02 6.95 -12.72
CA LEU A 115 -1.29 7.63 -12.92
C LEU A 115 -1.24 9.06 -12.37
N SER A 116 -0.28 9.30 -11.48
CA SER A 116 -0.13 10.63 -10.88
C SER A 116 -0.07 11.71 -11.95
N LEU A 117 0.47 11.36 -13.10
CA LEU A 117 0.59 12.31 -14.21
C LEU A 117 -0.76 12.54 -14.87
N LEU A 118 -1.57 11.48 -14.96
CA LEU A 118 -2.89 11.56 -15.56
C LEU A 118 -3.89 12.20 -14.60
N LEU A 119 -3.67 12.01 -13.30
CA LEU A 119 -4.55 12.56 -12.29
C LEU A 119 -4.30 14.05 -12.11
N GLN A 120 -3.05 14.47 -12.26
CA GLN A 120 -2.69 15.87 -12.12
C GLN A 120 -3.13 16.68 -13.35
N VAL A 121 -3.09 16.03 -14.50
CA VAL A 121 -3.48 16.68 -15.75
C VAL A 121 -5.00 16.67 -15.92
N GLU A 122 -5.63 15.59 -15.46
CA GLU A 122 -7.08 15.45 -15.56
C GLU A 122 -7.77 16.11 -14.37
N GLN A 123 -7.45 15.62 -13.18
CA GLN A 123 -8.05 16.16 -11.95
C GLN A 123 -7.17 17.26 -11.36
N ARG A 124 -7.79 18.14 -10.58
CA ARG A 124 -7.06 19.24 -9.96
C ARG A 124 -6.44 18.80 -8.64
N MET A 125 -5.68 17.71 -8.68
CA MET A 125 -5.04 17.19 -7.48
C MET A 125 -3.51 17.15 -7.66
N PRO A 126 -2.82 18.04 -6.94
CA PRO A 126 -1.36 18.14 -7.00
C PRO A 126 -0.68 16.93 -6.36
N VAL A 127 -0.52 15.86 -7.12
CA VAL A 127 0.12 14.64 -6.63
C VAL A 127 1.48 14.96 -6.00
N SER A 128 2.02 13.98 -5.28
CA SER A 128 3.31 14.16 -4.62
C SER A 128 3.34 15.43 -3.79
N PRO A 129 2.66 15.40 -2.62
CA PRO A 129 2.60 16.54 -1.71
C PRO A 129 3.94 16.84 -1.06
N ILE A 130 4.68 15.79 -0.71
CA ILE A 130 5.97 15.95 -0.07
C ILE A 130 6.62 14.59 0.20
N SER A 131 5.80 13.61 0.57
CA SER A 131 6.28 12.27 0.86
C SER A 131 6.75 11.58 -0.41
N GLN A 132 5.96 11.71 -1.48
CA GLN A 132 6.29 11.10 -2.76
C GLN A 132 7.54 11.75 -3.37
N GLY A 133 8.01 11.18 -4.47
CA GLY A 133 9.19 11.71 -5.14
C GLY A 133 10.38 10.78 -5.05
N ALA A 134 10.76 10.42 -3.83
CA ALA A 134 11.89 9.52 -3.62
C ALA A 134 11.42 8.14 -3.16
N SER A 135 12.01 7.10 -3.74
CA SER A 135 11.64 5.73 -3.39
C SER A 135 11.70 5.53 -1.88
N TRP A 136 10.61 5.00 -1.33
CA TRP A 136 10.53 4.74 0.11
C TRP A 136 11.22 3.44 0.47
N ALA A 137 11.77 2.76 -0.54
CA ALA A 137 12.45 1.49 -0.32
C ALA A 137 13.80 1.71 0.37
N GLN A 138 14.44 2.84 0.07
CA GLN A 138 15.72 3.17 0.67
C GLN A 138 15.65 3.11 2.19
N GLU A 139 14.66 3.79 2.75
CA GLU A 139 14.49 3.82 4.19
C GLU A 139 13.97 2.48 4.71
N ASP A 140 13.15 1.82 3.91
CA ASP A 140 12.58 0.52 4.29
C ASP A 140 13.69 -0.46 4.65
N GLN A 141 14.85 -0.32 3.99
CA GLN A 141 15.98 -1.20 4.25
C GLN A 141 16.34 -1.21 5.72
N GLN A 142 16.56 -0.02 6.28
CA GLN A 142 16.91 0.12 7.69
C GLN A 142 15.71 -0.13 8.58
N ASP A 143 14.54 0.28 8.12
CA ASP A 143 13.30 0.09 8.88
C ASP A 143 13.00 -1.38 9.08
N ALA A 144 13.35 -2.19 8.09
CA ALA A 144 13.12 -3.64 8.17
C ALA A 144 13.91 -4.25 9.31
N ASP A 145 15.11 -3.73 9.54
CA ASP A 145 15.96 -4.24 10.61
C ASP A 145 15.24 -4.20 11.95
N GLU A 146 14.43 -3.16 12.14
CA GLU A 146 13.68 -2.99 13.39
C GLU A 146 12.84 -4.23 13.67
N ASP A 147 12.19 -4.76 12.64
CA ASP A 147 11.34 -5.94 12.79
C ASP A 147 12.15 -7.13 13.29
N ARG A 148 13.37 -7.28 12.77
CA ARG A 148 14.25 -8.38 13.17
C ARG A 148 14.59 -8.29 14.65
N ARG A 149 14.75 -7.05 15.13
CA ARG A 149 15.09 -6.83 16.53
C ARG A 149 14.01 -7.38 17.45
N ALA A 150 12.75 -7.18 17.07
CA ALA A 150 11.62 -7.66 17.86
C ALA A 150 11.51 -9.18 17.79
N PHE A 151 11.58 -9.72 16.58
CA PHE A 151 11.49 -11.16 16.38
C PHE A 151 12.52 -11.90 17.23
N GLN A 152 13.69 -11.29 17.37
CA GLN A 152 14.76 -11.88 18.17
C GLN A 152 14.26 -12.30 19.55
N MET A 153 13.78 -11.32 20.31
CA MET A 153 13.26 -11.59 21.65
C MET A 153 11.93 -12.34 21.59
N LEU A 154 11.06 -11.93 20.66
CA LEU A 154 9.76 -12.55 20.50
C LEU A 154 9.03 -12.65 21.83
N ARG A 155 9.17 -11.61 22.65
CA ARG A 155 8.53 -11.57 23.95
C ARG A 155 7.05 -11.20 23.82
N ARG A 156 6.80 -9.98 23.36
CA ARG A 156 5.43 -9.50 23.19
C ARG A 156 5.15 -9.18 21.72
N ASP A 157 6.19 -8.77 21.01
CA ASP A 157 6.06 -8.43 19.59
C ASP A 157 6.13 -9.68 18.73
C4 UJ5 B . -13.33 5.39 -12.09
C6 UJ5 B . -14.44 5.77 -13.92
C7 UJ5 B . -15.38 5.47 -12.91
C10 UJ5 B . -17.16 5.75 -14.50
C13 UJ5 B . -18.59 5.76 -14.82
C17 UJ5 B . -11.75 7.68 -11.38
C20 UJ5 B . -11.22 7.93 -8.67
C21 UJ5 B . -11.56 6.69 -9.21
C22 UJ5 B . -10.79 10.38 -8.91
C24 UJ5 B . -9.34 10.35 -8.42
C1 UJ5 B . -10.85 3.30 -11.61
O2 UJ5 B . -11.06 4.69 -11.83
C3 UJ5 B . -12.19 5.23 -11.13
N5 UJ5 B . -13.22 5.70 -13.35
C12 UJ5 B . -14.89 6.04 -15.22
C11 UJ5 B . -16.22 6.04 -15.51
N8 UJ5 B . -14.64 5.25 -11.77
C9 UJ5 B . -16.73 5.47 -13.20
O14 UJ5 B . -19.22 6.91 -15.13
O15 UJ5 B . -19.22 4.71 -14.81
C16 UJ5 B . -11.82 6.58 -10.56
C18 UJ5 B . -11.41 8.92 -10.84
C19 UJ5 B . -11.15 9.04 -9.49
C23 UJ5 B . -11.72 10.70 -7.74
H34 UJ5 B . -11.96 7.59 -12.43
H36 UJ5 B . -11.02 8.02 -7.61
H37 UJ5 B . -11.61 5.82 -8.56
H38 UJ5 B . -10.89 11.15 -9.68
H42 UJ5 B . -9.33 10.27 -7.33
H44 UJ5 B . -8.83 11.26 -8.72
H43 UJ5 B . -8.83 9.48 -8.84
H26 UJ5 B . -10.30 3.15 -10.69
H25 UJ5 B . -10.30 2.87 -12.44
H27 UJ5 B . -11.82 2.80 -11.53
H28 UJ5 B . -12.47 4.56 -10.33
H32 UJ5 B . -14.17 6.26 -16.01
H31 UJ5 B . -16.56 6.26 -16.51
H29 UJ5 B . -15.00 5.03 -10.89
H30 UJ5 B . -17.46 5.26 -12.43
H33 UJ5 B . -19.79 6.91 -15.91
H35 UJ5 B . -11.36 9.79 -11.48
H40 UJ5 B . -11.80 11.78 -7.63
H39 UJ5 B . -11.31 10.27 -6.82
H41 UJ5 B . -12.71 10.27 -7.93
N GLY A 1 -30.26 1.24 0.02
CA GLY A 1 -29.33 1.65 -1.01
C GLY A 1 -27.97 2.03 -0.46
N SER A 2 -27.16 2.69 -1.29
CA SER A 2 -25.83 3.12 -0.89
C SER A 2 -25.12 3.86 -2.02
N PRO A 3 -24.10 4.64 -1.66
CA PRO A 3 -23.31 5.42 -2.63
C PRO A 3 -22.46 4.53 -3.54
N GLY A 4 -21.59 5.16 -4.32
CA GLY A 4 -20.72 4.42 -5.21
C GLY A 4 -19.97 3.30 -4.51
N GLU A 5 -20.43 2.06 -4.69
CA GLU A 5 -19.80 0.91 -4.07
C GLU A 5 -18.44 0.63 -4.70
N ASN A 6 -18.36 0.81 -6.02
CA ASN A 6 -17.11 0.57 -6.75
C ASN A 6 -16.05 1.58 -6.35
N LEU A 7 -16.39 2.86 -6.40
CA LEU A 7 -15.46 3.92 -6.03
C LEU A 7 -15.03 3.80 -4.57
N LYS A 8 -15.94 3.28 -3.74
CA LYS A 8 -15.65 3.10 -2.31
C LYS A 8 -14.83 1.85 -2.08
N HIS A 9 -15.05 0.84 -2.91
CA HIS A 9 -14.32 -0.42 -2.79
C HIS A 9 -12.86 -0.25 -3.20
N ILE A 10 -12.65 0.36 -4.36
CA ILE A 10 -11.29 0.60 -4.86
C ILE A 10 -10.44 1.31 -3.82
N ILE A 11 -11.00 2.36 -3.23
CA ILE A 11 -10.29 3.12 -2.21
C ILE A 11 -10.15 2.34 -0.92
N THR A 12 -11.16 1.52 -0.61
CA THR A 12 -11.16 0.72 0.60
C THR A 12 -10.05 -0.33 0.55
N LEU A 13 -9.79 -0.86 -0.64
CA LEU A 13 -8.75 -1.87 -0.81
C LEU A 13 -7.43 -1.40 -0.23
N GLY A 14 -7.02 -0.19 -0.60
CA GLY A 14 -5.77 0.36 -0.10
C GLY A 14 -5.83 0.68 1.37
N GLN A 15 -7.02 1.01 1.86
CA GLN A 15 -7.21 1.35 3.27
C GLN A 15 -7.16 0.10 4.14
N VAL A 16 -7.64 -1.02 3.59
CA VAL A 16 -7.64 -2.28 4.32
C VAL A 16 -6.25 -2.63 4.82
N ILE A 17 -5.23 -2.24 4.06
CA ILE A 17 -3.85 -2.51 4.43
C ILE A 17 -3.56 -2.06 5.86
N HIS A 18 -4.22 -1.00 6.28
CA HIS A 18 -4.05 -0.46 7.63
C HIS A 18 -4.28 -1.55 8.68
N LYS A 19 -5.43 -2.21 8.59
CA LYS A 19 -5.77 -3.27 9.53
C LYS A 19 -5.00 -4.55 9.21
N ARG A 20 -4.79 -4.80 7.93
CA ARG A 20 -4.06 -5.99 7.50
C ARG A 20 -2.69 -6.05 8.15
N CYS A 21 -1.92 -4.98 8.02
CA CYS A 21 -0.58 -4.92 8.59
C CYS A 21 -0.65 -4.87 10.12
N GLU A 22 -1.72 -4.27 10.64
CA GLU A 22 -1.90 -4.16 12.08
C GLU A 22 -2.01 -5.55 12.72
N GLU A 23 -2.64 -6.48 12.02
CA GLU A 23 -2.80 -7.83 12.52
C GLU A 23 -1.45 -8.50 12.74
N MET A 24 -0.48 -8.17 11.90
CA MET A 24 0.86 -8.74 12.01
C MET A 24 1.40 -8.58 13.41
N LYS A 25 2.54 -9.21 13.69
CA LYS A 25 3.16 -9.15 15.01
C LYS A 25 4.67 -8.99 14.87
N TYR A 26 5.32 -9.99 14.30
CA TYR A 26 6.77 -9.95 14.12
C TYR A 26 7.17 -8.86 13.13
N CYS A 27 6.84 -9.08 11.86
CA CYS A 27 7.16 -8.11 10.82
C CYS A 27 6.23 -6.91 10.88
N LYS A 28 5.28 -6.95 11.80
CA LYS A 28 4.32 -5.86 11.96
C LYS A 28 5.04 -4.51 12.05
N LYS A 29 6.22 -4.52 12.64
CA LYS A 29 7.00 -3.30 12.78
C LYS A 29 7.29 -2.67 11.42
N GLN A 30 7.85 -3.47 10.51
CA GLN A 30 8.16 -3.00 9.17
C GLN A 30 6.90 -2.82 8.34
N CYS A 31 5.96 -3.74 8.50
CA CYS A 31 4.71 -3.68 7.77
C CYS A 31 4.01 -2.34 7.97
N ARG A 32 4.15 -1.79 9.17
CA ARG A 32 3.54 -0.51 9.50
C ARG A 32 3.87 0.54 8.44
N ARG A 33 5.05 0.42 7.84
CA ARG A 33 5.49 1.36 6.82
C ARG A 33 4.64 1.21 5.56
N LEU A 34 4.39 -0.03 5.16
CA LEU A 34 3.60 -0.31 3.96
C LEU A 34 2.16 0.13 4.16
N GLY A 35 1.59 -0.20 5.31
CA GLY A 35 0.22 0.17 5.60
C GLY A 35 0.05 1.65 5.83
N HIS A 36 1.09 2.29 6.36
CA HIS A 36 1.05 3.73 6.63
C HIS A 36 1.15 4.52 5.33
N ARG A 37 2.02 4.06 4.42
CA ARG A 37 2.21 4.73 3.14
C ARG A 37 0.96 4.63 2.28
N VAL A 38 0.50 3.39 2.07
CA VAL A 38 -0.70 3.16 1.26
C VAL A 38 -1.87 4.00 1.75
N LEU A 39 -1.97 4.16 3.07
CA LEU A 39 -3.04 4.94 3.67
C LEU A 39 -3.02 6.37 3.17
N GLY A 40 -1.82 6.88 2.90
CA GLY A 40 -1.68 8.25 2.41
C GLY A 40 -1.71 8.32 0.90
N LEU A 41 -1.70 7.16 0.24
CA LEU A 41 -1.72 7.10 -1.21
C LEU A 41 -3.14 7.22 -1.74
N ILE A 42 -4.07 6.50 -1.09
CA ILE A 42 -5.47 6.53 -1.50
C ILE A 42 -6.23 7.64 -0.78
N LYS A 43 -5.51 8.43 0.00
CA LYS A 43 -6.12 9.54 0.74
C LYS A 43 -6.71 10.57 -0.21
N PRO A 44 -5.90 11.01 -1.19
CA PRO A 44 -6.32 12.00 -2.18
C PRO A 44 -7.35 11.45 -3.15
N LEU A 45 -7.31 10.14 -3.38
CA LEU A 45 -8.24 9.48 -4.28
C LEU A 45 -9.63 9.36 -3.65
N GLU A 46 -9.65 8.88 -2.40
CA GLU A 46 -10.91 8.72 -1.68
C GLU A 46 -11.55 10.07 -1.38
N MET A 47 -10.71 11.08 -1.15
CA MET A 47 -11.19 12.42 -0.85
C MET A 47 -11.59 13.15 -2.14
N LEU A 48 -10.94 12.79 -3.24
CA LEU A 48 -11.22 13.41 -4.52
C LEU A 48 -12.73 13.47 -4.79
N GLN A 49 -13.38 12.32 -4.77
CA GLN A 49 -14.82 12.24 -4.99
C GLN A 49 -15.56 13.25 -4.12
N ASP A 50 -15.09 13.41 -2.89
CA ASP A 50 -15.71 14.34 -1.94
C ASP A 50 -15.37 15.78 -2.31
N GLN A 51 -14.17 16.00 -2.82
CA GLN A 51 -13.74 17.34 -3.21
C GLN A 51 -14.56 17.86 -4.38
N GLY A 52 -14.96 16.95 -5.27
CA GLY A 52 -15.75 17.33 -6.42
C GLY A 52 -17.05 16.55 -6.52
N LYS A 53 -17.55 16.41 -7.74
CA LYS A 53 -18.79 15.68 -7.97
C LYS A 53 -18.51 14.29 -8.53
N ARG A 54 -19.56 13.63 -9.03
CA ARG A 54 -19.43 12.29 -9.59
C ARG A 54 -18.23 12.23 -10.54
N SER A 55 -17.17 11.56 -10.10
CA SER A 55 -15.96 11.43 -10.90
C SER A 55 -16.24 10.61 -12.16
N VAL A 56 -15.20 9.96 -12.68
CA VAL A 56 -15.34 9.14 -13.88
C VAL A 56 -15.49 10.01 -15.12
N PRO A 57 -14.42 10.75 -15.46
CA PRO A 57 -14.41 11.63 -16.63
C PRO A 57 -14.43 10.86 -17.94
N SER A 58 -13.53 9.88 -18.06
CA SER A 58 -13.44 9.06 -19.26
C SER A 58 -13.06 7.63 -18.93
N GLU A 59 -13.33 6.72 -19.85
CA GLU A 59 -13.02 5.30 -19.65
C GLU A 59 -11.51 5.06 -19.72
N LYS A 60 -10.83 5.87 -20.53
CA LYS A 60 -9.39 5.75 -20.69
C LYS A 60 -8.69 5.73 -19.33
N LEU A 61 -9.24 6.46 -18.38
CA LEU A 61 -8.68 6.53 -17.03
C LEU A 61 -8.83 5.19 -16.30
N THR A 62 -9.97 4.54 -16.52
CA THR A 62 -10.24 3.25 -15.89
C THR A 62 -9.13 2.25 -16.17
N THR A 63 -8.57 2.32 -17.38
CA THR A 63 -7.49 1.42 -17.77
C THR A 63 -6.29 1.57 -16.86
N ALA A 64 -5.95 2.81 -16.53
CA ALA A 64 -4.81 3.09 -15.65
C ALA A 64 -5.13 2.72 -14.21
N MET A 65 -6.34 3.06 -13.76
CA MET A 65 -6.77 2.75 -12.41
C MET A 65 -6.77 1.25 -12.16
N ASN A 66 -7.14 0.48 -13.18
CA ASN A 66 -7.18 -0.97 -13.06
C ASN A 66 -5.84 -1.52 -12.59
N ARG A 67 -4.76 -0.81 -12.92
CA ARG A 67 -3.42 -1.22 -12.54
C ARG A 67 -3.14 -0.87 -11.08
N PHE A 68 -3.69 0.25 -10.63
CA PHE A 68 -3.50 0.70 -9.26
C PHE A 68 -4.37 -0.11 -8.30
N LYS A 69 -5.66 -0.20 -8.61
CA LYS A 69 -6.59 -0.94 -7.78
C LYS A 69 -6.06 -2.34 -7.47
N ALA A 70 -5.45 -2.97 -8.45
CA ALA A 70 -4.90 -4.31 -8.28
C ALA A 70 -3.64 -4.27 -7.43
N ALA A 71 -2.90 -3.17 -7.52
CA ALA A 71 -1.67 -3.00 -6.75
C ALA A 71 -1.90 -3.29 -5.27
N LEU A 72 -3.09 -2.96 -4.79
CA LEU A 72 -3.44 -3.19 -3.40
C LEU A 72 -3.62 -4.67 -3.10
N GLU A 73 -4.18 -5.39 -4.08
CA GLU A 73 -4.41 -6.82 -3.93
C GLU A 73 -3.10 -7.55 -3.59
N GLU A 74 -1.99 -7.04 -4.11
CA GLU A 74 -0.69 -7.63 -3.87
C GLU A 74 -0.32 -7.53 -2.39
N ALA A 75 -0.35 -6.32 -1.85
CA ALA A 75 -0.02 -6.09 -0.45
C ALA A 75 -1.01 -6.79 0.48
N ASN A 76 -2.29 -6.49 0.29
CA ASN A 76 -3.35 -7.09 1.11
C ASN A 76 -3.30 -8.61 1.02
N GLY A 77 -3.37 -9.12 -0.21
CA GLY A 77 -3.32 -10.56 -0.40
C GLY A 77 -2.12 -11.21 0.25
N GLU A 78 -1.00 -10.49 0.26
CA GLU A 78 0.22 -11.01 0.86
C GLU A 78 0.11 -11.06 2.38
N ILE A 79 -0.37 -9.97 2.97
CA ILE A 79 -0.53 -9.89 4.41
C ILE A 79 -1.35 -11.07 4.94
N GLU A 80 -2.42 -11.41 4.22
CA GLU A 80 -3.28 -12.51 4.61
C GLU A 80 -2.47 -13.79 4.84
N LYS A 81 -1.57 -14.07 3.91
CA LYS A 81 -0.73 -15.27 4.00
C LYS A 81 0.33 -15.10 5.09
N PHE A 82 0.89 -13.90 5.19
CA PHE A 82 1.91 -13.61 6.18
C PHE A 82 1.32 -13.64 7.59
N SER A 83 0.00 -13.58 7.67
CA SER A 83 -0.69 -13.60 8.96
C SER A 83 -0.15 -14.71 9.86
N ASN A 84 0.26 -15.81 9.24
CA ASN A 84 0.79 -16.95 9.98
C ASN A 84 2.15 -16.61 10.58
N ARG A 85 2.72 -17.56 11.31
CA ARG A 85 4.02 -17.37 11.94
C ARG A 85 5.12 -18.08 11.17
N SER A 86 4.79 -19.26 10.64
CA SER A 86 5.75 -20.04 9.88
C SER A 86 6.09 -19.36 8.55
N ASN A 87 5.11 -18.67 7.99
CA ASN A 87 5.30 -17.98 6.72
C ASN A 87 6.26 -16.81 6.89
N ILE A 88 6.25 -16.20 8.07
CA ILE A 88 7.13 -15.07 8.35
C ILE A 88 8.58 -15.51 8.47
N CYS A 89 8.81 -16.51 9.31
CA CYS A 89 10.16 -17.03 9.52
C CYS A 89 10.70 -17.68 8.24
N ARG A 90 9.80 -18.26 7.46
CA ARG A 90 10.19 -18.91 6.21
C ARG A 90 10.94 -17.94 5.30
N PHE A 91 10.44 -16.71 5.19
CA PHE A 91 11.08 -15.71 4.36
C PHE A 91 12.32 -15.15 5.04
N LEU A 92 12.22 -14.90 6.34
CA LEU A 92 13.34 -14.36 7.11
C LEU A 92 14.56 -15.27 6.99
N THR A 93 14.36 -16.56 7.29
CA THR A 93 15.45 -17.53 7.22
C THR A 93 15.91 -17.73 5.79
N ALA A 94 14.98 -17.64 4.85
CA ALA A 94 15.29 -17.83 3.43
C ALA A 94 16.46 -16.93 3.02
N SER A 95 16.51 -15.73 3.60
CA SER A 95 17.57 -14.77 3.28
C SER A 95 18.26 -14.28 4.55
N GLN A 96 19.09 -13.26 4.40
CA GLN A 96 19.81 -12.70 5.54
C GLN A 96 18.95 -11.71 6.30
N ASP A 97 18.45 -10.69 5.59
CA ASP A 97 17.61 -9.68 6.19
C ASP A 97 17.07 -8.72 5.13
N LYS A 98 15.75 -8.74 4.93
CA LYS A 98 15.11 -7.88 3.95
C LYS A 98 13.67 -7.56 4.36
N ILE A 99 12.96 -6.84 3.50
CA ILE A 99 11.58 -6.47 3.77
C ILE A 99 10.61 -7.44 3.09
N LEU A 100 9.58 -7.85 3.82
CA LEU A 100 8.58 -8.78 3.29
C LEU A 100 7.90 -8.18 2.06
N PHE A 101 7.38 -6.97 2.20
CA PHE A 101 6.70 -6.30 1.10
C PHE A 101 7.64 -5.33 0.40
N LYS A 102 8.90 -5.73 0.25
CA LYS A 102 9.89 -4.90 -0.40
C LYS A 102 9.47 -4.56 -1.82
N ASP A 103 9.37 -5.57 -2.67
CA ASP A 103 8.97 -5.37 -4.06
C ASP A 103 7.50 -4.98 -4.15
N VAL A 104 6.69 -5.48 -3.22
CA VAL A 104 5.27 -5.17 -3.19
C VAL A 104 5.03 -3.67 -3.16
N ASN A 105 5.83 -2.96 -2.36
CA ASN A 105 5.70 -1.52 -2.25
C ASN A 105 6.31 -0.82 -3.46
N ARG A 106 7.30 -1.46 -4.06
CA ARG A 106 7.98 -0.89 -5.23
C ARG A 106 6.97 -0.56 -6.32
N LYS A 107 6.00 -1.44 -6.51
CA LYS A 107 4.97 -1.24 -7.53
C LYS A 107 3.95 -0.20 -7.07
N LEU A 108 3.75 -0.10 -5.76
CA LEU A 108 2.80 0.87 -5.20
C LEU A 108 3.17 2.29 -5.62
N SER A 109 4.46 2.60 -5.59
CA SER A 109 4.94 3.92 -5.96
C SER A 109 4.81 4.15 -7.46
N ASP A 110 4.98 3.08 -8.23
CA ASP A 110 4.88 3.15 -9.68
C ASP A 110 3.44 3.34 -10.12
N VAL A 111 2.55 2.53 -9.56
CA VAL A 111 1.12 2.61 -9.89
C VAL A 111 0.55 3.97 -9.52
N TRP A 112 1.15 4.61 -8.52
CA TRP A 112 0.70 5.92 -8.07
C TRP A 112 1.25 7.03 -8.96
N LYS A 113 2.57 7.00 -9.18
CA LYS A 113 3.23 8.00 -10.02
C LYS A 113 2.82 7.84 -11.48
N GLU A 114 2.31 6.66 -11.82
CA GLU A 114 1.89 6.38 -13.19
C GLU A 114 0.56 7.06 -13.49
N LEU A 115 -0.37 7.00 -12.54
CA LEU A 115 -1.67 7.61 -12.71
C LEU A 115 -1.68 9.04 -12.17
N SER A 116 -0.69 9.37 -11.36
CA SER A 116 -0.58 10.71 -10.78
C SER A 116 -0.74 11.78 -11.85
N LEU A 117 -0.06 11.58 -12.98
CA LEU A 117 -0.13 12.53 -14.08
C LEU A 117 -1.54 12.58 -14.68
N LEU A 118 -2.10 11.41 -14.95
CA LEU A 118 -3.45 11.33 -15.52
C LEU A 118 -4.46 12.07 -14.63
N LEU A 119 -4.19 12.09 -13.33
CA LEU A 119 -5.07 12.76 -12.38
C LEU A 119 -5.03 14.27 -12.57
N GLN A 120 -3.84 14.85 -12.43
CA GLN A 120 -3.66 16.29 -12.58
C GLN A 120 -4.13 16.74 -13.96
N VAL A 121 -3.98 15.88 -14.94
CA VAL A 121 -4.40 16.19 -16.31
C VAL A 121 -5.80 16.77 -16.34
N GLU A 122 -6.77 15.99 -15.87
CA GLU A 122 -8.16 16.44 -15.84
C GLU A 122 -8.61 16.73 -14.42
N GLN A 123 -8.55 15.71 -13.56
CA GLN A 123 -8.95 15.86 -12.16
C GLN A 123 -7.91 16.66 -11.38
N ARG A 124 -8.07 17.99 -11.39
CA ARG A 124 -7.15 18.87 -10.68
C ARG A 124 -6.92 18.38 -9.25
N MET A 125 -5.76 17.78 -9.02
CA MET A 125 -5.42 17.27 -7.69
C MET A 125 -3.91 17.20 -7.51
N PRO A 126 -3.43 17.69 -6.36
CA PRO A 126 -1.99 17.68 -6.04
C PRO A 126 -1.46 16.28 -5.78
N VAL A 127 -1.12 15.58 -6.86
CA VAL A 127 -0.59 14.23 -6.75
C VAL A 127 0.75 14.21 -6.04
N SER A 128 1.54 15.27 -6.24
CA SER A 128 2.85 15.38 -5.62
C SER A 128 3.22 16.84 -5.38
N PRO A 129 2.60 17.44 -4.35
CA PRO A 129 2.84 18.84 -3.99
C PRO A 129 4.23 19.06 -3.40
N ILE A 130 4.74 18.05 -2.71
CA ILE A 130 6.07 18.12 -2.11
C ILE A 130 6.43 16.82 -1.40
N SER A 131 5.44 16.22 -0.74
CA SER A 131 5.65 14.97 -0.02
C SER A 131 6.10 13.86 -0.98
N GLN A 132 5.15 13.34 -1.75
CA GLN A 132 5.44 12.28 -2.70
C GLN A 132 6.60 12.66 -3.61
N GLY A 133 7.67 11.88 -3.56
CA GLY A 133 8.83 12.15 -4.38
C GLY A 133 9.90 11.08 -4.25
N ALA A 134 10.70 11.17 -3.20
CA ALA A 134 11.76 10.20 -2.96
C ALA A 134 11.19 8.86 -2.52
N SER A 135 11.68 7.78 -3.14
CA SER A 135 11.22 6.44 -2.83
C SER A 135 11.31 6.18 -1.32
N TRP A 136 10.56 5.18 -0.86
CA TRP A 136 10.55 4.83 0.55
C TRP A 136 11.38 3.58 0.81
N ALA A 137 11.66 2.84 -0.24
CA ALA A 137 12.45 1.61 -0.15
C ALA A 137 13.81 1.89 0.50
N GLN A 138 14.37 3.05 0.19
CA GLN A 138 15.67 3.44 0.73
C GLN A 138 15.65 3.41 2.25
N GLU A 139 14.67 4.08 2.85
CA GLU A 139 14.54 4.12 4.30
C GLU A 139 14.01 2.80 4.84
N ASP A 140 13.11 2.19 4.08
CA ASP A 140 12.51 0.91 4.49
C ASP A 140 13.60 -0.10 4.85
N GLN A 141 14.66 -0.13 4.06
CA GLN A 141 15.77 -1.05 4.29
C GLN A 141 16.26 -0.94 5.74
N GLN A 142 16.26 0.27 6.28
CA GLN A 142 16.71 0.50 7.64
C GLN A 142 15.65 0.04 8.64
N ASP A 143 14.39 0.31 8.33
CA ASP A 143 13.30 -0.08 9.21
C ASP A 143 13.27 -1.58 9.43
N ALA A 144 13.47 -2.33 8.35
CA ALA A 144 13.47 -3.79 8.42
C ALA A 144 14.47 -4.29 9.46
N ASP A 145 15.59 -3.57 9.59
CA ASP A 145 16.62 -3.95 10.55
C ASP A 145 16.03 -4.04 11.96
N GLU A 146 15.09 -3.16 12.28
CA GLU A 146 14.46 -3.15 13.58
C GLU A 146 13.59 -4.39 13.78
N ASP A 147 12.86 -4.75 12.72
CA ASP A 147 11.98 -5.91 12.77
C ASP A 147 12.75 -7.17 13.19
N ARG A 148 13.99 -7.27 12.72
CA ARG A 148 14.83 -8.42 13.04
C ARG A 148 14.88 -8.65 14.55
N ARG A 149 15.05 -7.57 15.31
CA ARG A 149 15.11 -7.67 16.76
C ARG A 149 13.87 -8.37 17.32
N ALA A 150 12.69 -7.85 16.97
CA ALA A 150 11.44 -8.43 17.43
C ALA A 150 11.36 -9.92 17.11
N PHE A 151 11.95 -10.30 15.97
CA PHE A 151 11.95 -11.69 15.54
C PHE A 151 12.97 -12.51 16.33
N GLN A 152 14.08 -11.86 16.69
CA GLN A 152 15.14 -12.52 17.45
C GLN A 152 14.61 -13.04 18.78
N MET A 153 14.19 -12.13 19.64
CA MET A 153 13.66 -12.50 20.95
C MET A 153 12.67 -13.66 20.83
N LEU A 154 11.46 -13.36 20.38
CA LEU A 154 10.43 -14.37 20.22
C LEU A 154 10.31 -15.23 21.47
N ARG A 155 9.51 -14.78 22.42
CA ARG A 155 9.31 -15.51 23.67
C ARG A 155 7.82 -15.70 23.95
N ARG A 156 7.16 -14.64 24.38
CA ARG A 156 5.74 -14.69 24.70
C ARG A 156 4.96 -13.69 23.84
N ASP A 157 5.59 -12.57 23.52
CA ASP A 157 4.95 -11.54 22.71
C ASP A 157 4.85 -11.98 21.26
C4 UJ5 B . -13.17 4.07 -11.98
C6 UJ5 B . -14.93 3.60 -13.14
C7 UJ5 B . -14.09 4.36 -13.97
C10 UJ5 B . -15.70 4.21 -15.74
C13 UJ5 B . -16.11 4.52 -17.12
C17 UJ5 B . -10.76 5.96 -9.87
C20 UJ5 B . -12.72 7.85 -10.35
C21 UJ5 B . -12.93 6.53 -10.70
C22 UJ5 B . -11.28 9.66 -9.40
C24 UJ5 B . -9.93 10.12 -9.95
C1 UJ5 B . -10.98 2.11 -11.26
O2 UJ5 B . -10.95 3.54 -11.23
C3 UJ5 B . -12.19 4.15 -10.83
N5 UJ5 B . -14.32 3.45 -11.95
C12 UJ5 B . -16.17 3.15 -13.65
C11 UJ5 B . -16.53 3.44 -14.92
N8 UJ5 B . -12.98 4.65 -13.19
C9 UJ5 B . -14.47 4.66 -15.26
O14 UJ5 B . -16.59 3.56 -17.92
O15 UJ5 B . -16.01 5.66 -17.54
C16 UJ5 B . -11.95 5.58 -10.45
C18 UJ5 B . -10.54 7.28 -9.53
C19 UJ5 B . -11.52 8.22 -9.77
C23 UJ5 B . -11.28 9.81 -7.87
H34 UJ5 B . -9.99 5.22 -9.70
H36 UJ5 B . -13.49 8.58 -10.53
H37 UJ5 B . -13.87 6.23 -11.15
H38 UJ5 B . -12.08 10.28 -9.82
H42 UJ5 B . -9.69 9.53 -10.83
H44 UJ5 B . -9.17 9.98 -9.19
H43 UJ5 B . -9.99 11.18 -10.23
H26 UJ5 B . -11.65 1.74 -10.48
H25 UJ5 B . -9.98 1.72 -11.10
H27 UJ5 B . -11.35 1.78 -12.24
H28 UJ5 B . -12.60 3.60 -9.97
H32 UJ5 B . -16.82 2.55 -13.02
H31 UJ5 B . -17.48 3.09 -15.30
H29 UJ5 B . -12.20 5.16 -13.48
H30 UJ5 B . -13.81 5.25 -15.90
H33 UJ5 B . -16.49 2.64 -17.62
H35 UJ5 B . -9.61 7.57 -9.08
H40 UJ5 B . -12.17 9.31 -7.47
H39 UJ5 B . -11.30 10.85 -7.61
H41 UJ5 B . -10.39 9.34 -7.46
N GLY A 1 -29.94 2.50 -4.45
CA GLY A 1 -29.74 3.92 -4.69
C GLY A 1 -28.50 4.45 -4.01
N SER A 2 -27.47 4.75 -4.81
CA SER A 2 -26.22 5.28 -4.28
C SER A 2 -25.24 5.57 -5.41
N PRO A 3 -24.23 6.40 -5.11
CA PRO A 3 -23.20 6.78 -6.09
C PRO A 3 -22.27 5.62 -6.43
N GLY A 4 -21.20 5.93 -7.16
CA GLY A 4 -20.25 4.90 -7.54
C GLY A 4 -19.76 4.09 -6.36
N GLU A 5 -20.28 2.87 -6.23
CA GLU A 5 -19.89 1.98 -5.13
C GLU A 5 -18.46 1.48 -5.31
N ASN A 6 -18.08 1.23 -6.56
CA ASN A 6 -16.74 0.75 -6.86
C ASN A 6 -15.68 1.69 -6.30
N LEU A 7 -15.83 2.98 -6.59
CA LEU A 7 -14.89 3.99 -6.11
C LEU A 7 -14.67 3.87 -4.61
N LYS A 8 -15.73 3.47 -3.89
CA LYS A 8 -15.66 3.30 -2.45
C LYS A 8 -14.94 2.01 -2.09
N HIS A 9 -15.10 0.98 -2.92
CA HIS A 9 -14.48 -0.31 -2.68
C HIS A 9 -12.98 -0.24 -2.97
N ILE A 10 -12.62 0.32 -4.13
CA ILE A 10 -11.23 0.43 -4.52
C ILE A 10 -10.41 1.13 -3.44
N ILE A 11 -10.96 2.21 -2.90
CA ILE A 11 -10.27 2.96 -1.85
C ILE A 11 -10.26 2.19 -0.54
N THR A 12 -11.32 1.42 -0.29
CA THR A 12 -11.42 0.64 0.92
C THR A 12 -10.35 -0.44 0.97
N LEU A 13 -10.11 -1.08 -0.17
CA LEU A 13 -9.10 -2.12 -0.26
C LEU A 13 -7.77 -1.66 0.32
N GLY A 14 -7.28 -0.53 -0.19
CA GLY A 14 -6.02 0.01 0.28
C GLY A 14 -6.06 0.39 1.75
N GLN A 15 -7.24 0.76 2.23
CA GLN A 15 -7.41 1.14 3.62
C GLN A 15 -7.33 -0.06 4.54
N VAL A 16 -7.85 -1.20 4.06
CA VAL A 16 -7.83 -2.43 4.84
C VAL A 16 -6.43 -2.77 5.32
N ILE A 17 -5.44 -2.42 4.50
CA ILE A 17 -4.04 -2.68 4.84
C ILE A 17 -3.69 -2.13 6.22
N HIS A 18 -4.34 -1.02 6.58
CA HIS A 18 -4.10 -0.40 7.88
C HIS A 18 -4.42 -1.36 9.02
N LYS A 19 -5.62 -1.92 9.00
CA LYS A 19 -6.05 -2.85 10.03
C LYS A 19 -5.35 -4.20 9.86
N ARG A 20 -5.13 -4.59 8.61
CA ARG A 20 -4.48 -5.85 8.31
C ARG A 20 -3.11 -5.94 8.99
N CYS A 21 -2.37 -4.85 8.94
CA CYS A 21 -1.04 -4.79 9.54
C CYS A 21 -1.12 -5.06 11.05
N GLU A 22 -2.22 -4.61 11.66
CA GLU A 22 -2.40 -4.80 13.09
C GLU A 22 -2.58 -6.28 13.43
N GLU A 23 -3.13 -7.03 12.47
CA GLU A 23 -3.36 -8.47 12.68
C GLU A 23 -2.05 -9.19 12.94
N MET A 24 -0.97 -8.73 12.29
CA MET A 24 0.33 -9.34 12.45
C MET A 24 0.76 -9.33 13.92
N LYS A 25 1.97 -9.82 14.19
CA LYS A 25 2.49 -9.86 15.55
C LYS A 25 3.99 -9.62 15.56
N TYR A 26 4.72 -10.43 14.79
CA TYR A 26 6.18 -10.30 14.72
C TYR A 26 6.58 -9.26 13.68
N CYS A 27 6.19 -9.51 12.42
CA CYS A 27 6.51 -8.60 11.34
C CYS A 27 5.62 -7.35 11.39
N LYS A 28 4.70 -7.33 12.34
CA LYS A 28 3.79 -6.19 12.50
C LYS A 28 4.56 -4.89 12.56
N LYS A 29 5.77 -4.95 13.11
CA LYS A 29 6.62 -3.77 13.23
C LYS A 29 7.04 -3.26 11.85
N GLN A 30 7.53 -4.16 11.01
CA GLN A 30 7.96 -3.80 9.66
C GLN A 30 6.75 -3.55 8.75
N CYS A 31 5.86 -4.53 8.68
CA CYS A 31 4.68 -4.41 7.84
C CYS A 31 3.92 -3.12 8.14
N ARG A 32 4.02 -2.66 9.38
CA ARG A 32 3.34 -1.44 9.80
C ARG A 32 3.64 -0.30 8.82
N ARG A 33 4.84 -0.30 8.28
CA ARG A 33 5.26 0.74 7.33
C ARG A 33 4.52 0.59 6.00
N LEU A 34 4.31 -0.66 5.58
CA LEU A 34 3.61 -0.94 4.33
C LEU A 34 2.18 -0.40 4.37
N GLY A 35 1.50 -0.62 5.50
CA GLY A 35 0.14 -0.16 5.65
C GLY A 35 0.06 1.34 5.86
N HIS A 36 1.06 1.89 6.53
CA HIS A 36 1.09 3.33 6.81
C HIS A 36 1.29 4.12 5.51
N ARG A 37 2.10 3.58 4.61
CA ARG A 37 2.37 4.23 3.34
C ARG A 37 1.13 4.22 2.44
N VAL A 38 0.58 3.03 2.22
CA VAL A 38 -0.61 2.89 1.39
C VAL A 38 -1.73 3.78 1.87
N LEU A 39 -1.81 3.97 3.19
CA LEU A 39 -2.85 4.81 3.77
C LEU A 39 -2.83 6.20 3.17
N GLY A 40 -1.64 6.66 2.77
CA GLY A 40 -1.52 7.98 2.18
C GLY A 40 -1.66 7.95 0.67
N LEU A 41 -1.78 6.75 0.11
CA LEU A 41 -1.91 6.59 -1.33
C LEU A 41 -3.38 6.68 -1.75
N ILE A 42 -4.25 6.03 -0.99
CA ILE A 42 -5.68 6.05 -1.28
C ILE A 42 -6.37 7.22 -0.58
N LYS A 43 -5.57 8.05 0.07
CA LYS A 43 -6.10 9.22 0.78
C LYS A 43 -6.77 10.19 -0.19
N PRO A 44 -6.04 10.56 -1.26
CA PRO A 44 -6.54 11.47 -2.28
C PRO A 44 -7.65 10.86 -3.12
N LEU A 45 -7.65 9.54 -3.23
CA LEU A 45 -8.66 8.83 -4.00
C LEU A 45 -9.99 8.79 -3.26
N GLU A 46 -9.93 8.54 -1.96
CA GLU A 46 -11.13 8.48 -1.14
C GLU A 46 -11.69 9.88 -0.88
N MET A 47 -10.80 10.86 -0.76
CA MET A 47 -11.20 12.24 -0.53
C MET A 47 -11.75 12.87 -1.80
N LEU A 48 -11.21 12.47 -2.94
CA LEU A 48 -11.64 12.99 -4.23
C LEU A 48 -13.08 12.63 -4.51
N GLN A 49 -13.37 11.33 -4.52
CA GLN A 49 -14.73 10.85 -4.77
C GLN A 49 -15.73 11.51 -3.84
N ASP A 50 -15.25 11.90 -2.65
CA ASP A 50 -16.11 12.55 -1.67
C ASP A 50 -16.56 13.92 -2.16
N GLN A 51 -15.70 14.58 -2.92
CA GLN A 51 -16.02 15.91 -3.46
C GLN A 51 -17.38 15.91 -4.14
N GLY A 52 -17.70 14.79 -4.80
CA GLY A 52 -18.97 14.69 -5.48
C GLY A 52 -19.57 13.30 -5.39
N LYS A 53 -20.36 12.92 -6.40
CA LYS A 53 -20.99 11.61 -6.42
C LYS A 53 -20.22 10.65 -7.31
N ARG A 54 -19.67 11.18 -8.40
CA ARG A 54 -18.89 10.37 -9.33
C ARG A 54 -18.19 11.24 -10.36
N SER A 55 -16.86 11.22 -10.35
CA SER A 55 -16.07 12.02 -11.28
C SER A 55 -16.11 11.41 -12.68
N VAL A 56 -15.33 10.35 -12.88
CA VAL A 56 -15.27 9.68 -14.17
C VAL A 56 -15.01 10.67 -15.29
N PRO A 57 -13.79 11.24 -15.32
CA PRO A 57 -13.39 12.21 -16.34
C PRO A 57 -13.22 11.57 -17.71
N SER A 58 -12.47 10.47 -17.76
CA SER A 58 -12.23 9.77 -19.02
C SER A 58 -12.12 8.27 -18.78
N GLU A 59 -12.42 7.50 -19.82
CA GLU A 59 -12.36 6.04 -19.73
C GLU A 59 -10.91 5.57 -19.59
N LYS A 60 -10.00 6.28 -20.24
CA LYS A 60 -8.58 5.94 -20.19
C LYS A 60 -8.10 5.78 -18.76
N LEU A 61 -8.55 6.69 -17.89
CA LEU A 61 -8.16 6.64 -16.47
C LEU A 61 -8.57 5.31 -15.85
N THR A 62 -9.74 4.81 -16.23
CA THR A 62 -10.24 3.55 -15.69
C THR A 62 -9.23 2.43 -15.90
N THR A 63 -8.60 2.41 -17.07
CA THR A 63 -7.62 1.39 -17.38
C THR A 63 -6.42 1.47 -16.44
N ALA A 64 -6.05 2.70 -16.05
CA ALA A 64 -4.93 2.91 -15.16
C ALA A 64 -5.29 2.52 -13.73
N MET A 65 -6.47 2.95 -13.28
CA MET A 65 -6.93 2.65 -11.93
C MET A 65 -7.00 1.14 -11.70
N ASN A 66 -7.43 0.41 -12.73
CA ASN A 66 -7.55 -1.04 -12.65
C ASN A 66 -6.22 -1.66 -12.21
N ARG A 67 -5.12 -0.97 -12.51
CA ARG A 67 -3.79 -1.46 -12.15
C ARG A 67 -3.49 -1.18 -10.68
N PHE A 68 -4.01 -0.07 -10.18
CA PHE A 68 -3.79 0.32 -8.80
C PHE A 68 -4.66 -0.51 -7.86
N LYS A 69 -5.95 -0.60 -8.18
CA LYS A 69 -6.89 -1.36 -7.37
C LYS A 69 -6.35 -2.74 -7.06
N ALA A 70 -5.66 -3.34 -8.02
CA ALA A 70 -5.09 -4.67 -7.85
C ALA A 70 -3.85 -4.61 -6.97
N ALA A 71 -3.10 -3.52 -7.06
CA ALA A 71 -1.90 -3.34 -6.27
C ALA A 71 -2.17 -3.60 -4.78
N LEU A 72 -3.34 -3.17 -4.33
CA LEU A 72 -3.72 -3.36 -2.93
C LEU A 72 -3.82 -4.83 -2.58
N GLU A 73 -4.32 -5.63 -3.52
CA GLU A 73 -4.47 -7.06 -3.31
C GLU A 73 -3.12 -7.70 -2.93
N GLU A 74 -2.04 -7.15 -3.48
CA GLU A 74 -0.71 -7.67 -3.19
C GLU A 74 -0.38 -7.54 -1.71
N ALA A 75 -0.51 -6.33 -1.18
CA ALA A 75 -0.23 -6.08 0.23
C ALA A 75 -1.19 -6.85 1.13
N ASN A 76 -2.48 -6.63 0.92
CA ASN A 76 -3.51 -7.31 1.71
C ASN A 76 -3.30 -8.82 1.70
N GLY A 77 -3.23 -9.39 0.50
CA GLY A 77 -3.02 -10.83 0.38
C GLY A 77 -1.75 -11.29 1.06
N GLU A 78 -0.74 -10.44 1.05
CA GLU A 78 0.55 -10.78 1.67
C GLU A 78 0.44 -10.74 3.19
N ILE A 79 -0.24 -9.72 3.71
CA ILE A 79 -0.41 -9.57 5.14
C ILE A 79 -1.17 -10.76 5.73
N GLU A 80 -2.12 -11.29 4.97
CA GLU A 80 -2.91 -12.43 5.41
C GLU A 80 -2.07 -13.70 5.44
N LYS A 81 -1.36 -13.96 4.35
CA LYS A 81 -0.51 -15.14 4.24
C LYS A 81 0.64 -15.08 5.24
N PHE A 82 1.22 -13.89 5.38
CA PHE A 82 2.34 -13.69 6.30
C PHE A 82 1.87 -13.80 7.75
N SER A 83 0.57 -13.67 7.96
CA SER A 83 -0.01 -13.74 9.30
C SER A 83 0.54 -14.95 10.06
N ASN A 84 0.79 -16.02 9.33
CA ASN A 84 1.31 -17.24 9.94
C ASN A 84 2.64 -16.97 10.66
N ARG A 85 3.23 -18.03 11.20
CA ARG A 85 4.49 -17.89 11.93
C ARG A 85 5.64 -18.46 11.11
N SER A 86 5.37 -19.53 10.36
CA SER A 86 6.39 -20.17 9.53
C SER A 86 6.69 -19.33 8.29
N ASN A 87 5.64 -18.70 7.75
CA ASN A 87 5.79 -17.87 6.57
C ASN A 87 6.81 -16.76 6.80
N ILE A 88 6.74 -16.14 7.98
CA ILE A 88 7.66 -15.06 8.33
C ILE A 88 9.09 -15.57 8.41
N CYS A 89 9.30 -16.64 9.17
CA CYS A 89 10.63 -17.21 9.34
C CYS A 89 11.18 -17.69 8.00
N ARG A 90 10.31 -18.26 7.17
CA ARG A 90 10.71 -18.76 5.86
C ARG A 90 11.42 -17.67 5.07
N PHE A 91 10.80 -16.50 4.99
CA PHE A 91 11.38 -15.38 4.25
C PHE A 91 12.52 -14.74 5.04
N LEU A 92 12.30 -14.54 6.34
CA LEU A 92 13.29 -13.93 7.21
C LEU A 92 14.63 -14.67 7.09
N THR A 93 14.60 -15.99 7.27
CA THR A 93 15.80 -16.80 7.20
C THR A 93 16.33 -16.85 5.76
N ALA A 94 15.43 -16.78 4.79
CA ALA A 94 15.81 -16.81 3.39
C ALA A 94 16.74 -15.65 3.05
N SER A 95 16.50 -14.50 3.68
CA SER A 95 17.30 -13.31 3.44
C SER A 95 17.58 -12.56 4.74
N GLN A 96 18.85 -12.44 5.09
CA GLN A 96 19.25 -11.75 6.31
C GLN A 96 18.61 -10.37 6.38
N ASP A 97 19.08 -9.45 5.54
CA ASP A 97 18.55 -8.10 5.53
C ASP A 97 17.62 -7.90 4.32
N LYS A 98 16.32 -8.11 4.55
CA LYS A 98 15.33 -7.95 3.49
C LYS A 98 13.96 -7.60 4.07
N ILE A 99 13.10 -7.04 3.24
CA ILE A 99 11.76 -6.67 3.67
C ILE A 99 10.70 -7.56 3.05
N LEU A 100 9.74 -8.00 3.85
CA LEU A 100 8.66 -8.86 3.38
C LEU A 100 7.86 -8.17 2.27
N PHE A 101 7.51 -6.91 2.50
CA PHE A 101 6.74 -6.14 1.54
C PHE A 101 7.66 -5.26 0.70
N LYS A 102 8.83 -5.78 0.35
CA LYS A 102 9.80 -5.04 -0.46
C LYS A 102 9.28 -4.85 -1.88
N ASP A 103 9.12 -5.96 -2.60
CA ASP A 103 8.64 -5.91 -3.98
C ASP A 103 7.22 -5.35 -4.03
N VAL A 104 6.46 -5.55 -2.97
CA VAL A 104 5.09 -5.06 -2.90
C VAL A 104 5.05 -3.54 -2.92
N ASN A 105 5.79 -2.93 -2.00
CA ASN A 105 5.84 -1.47 -1.90
C ASN A 105 6.33 -0.86 -3.22
N ARG A 106 7.16 -1.60 -3.94
CA ARG A 106 7.69 -1.13 -5.21
C ARG A 106 6.56 -0.84 -6.21
N LYS A 107 5.67 -1.82 -6.38
CA LYS A 107 4.54 -1.66 -7.30
C LYS A 107 3.55 -0.63 -6.76
N LEU A 108 3.53 -0.46 -5.44
CA LEU A 108 2.62 0.50 -4.81
C LEU A 108 2.94 1.92 -5.25
N SER A 109 4.24 2.24 -5.28
CA SER A 109 4.69 3.57 -5.68
C SER A 109 4.51 3.79 -7.18
N ASP A 110 4.63 2.71 -7.94
CA ASP A 110 4.49 2.77 -9.39
C ASP A 110 3.02 2.91 -9.78
N VAL A 111 2.18 2.01 -9.27
CA VAL A 111 0.76 2.03 -9.57
C VAL A 111 0.13 3.35 -9.14
N TRP A 112 0.76 4.02 -8.19
CA TRP A 112 0.27 5.30 -7.69
C TRP A 112 0.74 6.45 -8.57
N LYS A 113 2.05 6.51 -8.79
CA LYS A 113 2.64 7.56 -9.62
C LYS A 113 2.17 7.44 -11.07
N GLU A 114 1.80 6.23 -11.47
CA GLU A 114 1.33 5.99 -12.83
C GLU A 114 -0.02 6.67 -13.07
N LEU A 115 -0.94 6.52 -12.12
CA LEU A 115 -2.26 7.13 -12.23
C LEU A 115 -2.23 8.58 -11.75
N SER A 116 -1.28 8.89 -10.87
CA SER A 116 -1.15 10.24 -10.34
C SER A 116 -1.10 11.27 -11.46
N LEU A 117 -0.36 10.96 -12.51
CA LEU A 117 -0.23 11.85 -13.65
C LEU A 117 -1.56 11.99 -14.39
N LEU A 118 -2.29 10.89 -14.49
CA LEU A 118 -3.59 10.89 -15.17
C LEU A 118 -4.57 11.80 -14.46
N LEU A 119 -4.38 11.98 -13.16
CA LEU A 119 -5.25 12.83 -12.36
C LEU A 119 -5.05 14.30 -12.71
N GLN A 120 -3.82 14.77 -12.53
CA GLN A 120 -3.49 16.17 -12.82
C GLN A 120 -3.91 16.53 -14.25
N VAL A 121 -3.88 15.54 -15.14
CA VAL A 121 -4.26 15.75 -16.53
C VAL A 121 -5.63 16.41 -16.64
N GLU A 122 -6.65 15.72 -16.12
CA GLU A 122 -8.01 16.24 -16.16
C GLU A 122 -8.45 16.73 -14.78
N GLN A 123 -8.45 15.83 -13.81
CA GLN A 123 -8.84 16.17 -12.45
C GLN A 123 -8.09 17.40 -11.96
N ARG A 124 -6.85 17.55 -12.41
CA ARG A 124 -6.03 18.69 -12.01
C ARG A 124 -5.74 18.66 -10.51
N MET A 125 -5.62 17.45 -9.97
CA MET A 125 -5.34 17.29 -8.54
C MET A 125 -3.85 17.37 -8.26
N PRO A 126 -3.48 18.15 -7.23
CA PRO A 126 -2.08 18.34 -6.84
C PRO A 126 -1.49 17.08 -6.23
N VAL A 127 -0.82 16.28 -7.06
CA VAL A 127 -0.20 15.04 -6.59
C VAL A 127 1.31 15.22 -6.42
N SER A 128 1.90 14.38 -5.59
CA SER A 128 3.34 14.44 -5.33
C SER A 128 3.77 15.87 -5.06
N PRO A 129 3.45 16.37 -3.85
CA PRO A 129 3.80 17.74 -3.44
C PRO A 129 5.29 17.90 -3.20
N ILE A 130 5.95 16.83 -2.76
CA ILE A 130 7.38 16.86 -2.51
C ILE A 130 7.88 15.51 -2.01
N SER A 131 7.04 14.82 -1.23
CA SER A 131 7.40 13.51 -0.69
C SER A 131 7.58 12.50 -1.81
N GLN A 132 6.50 12.25 -2.55
CA GLN A 132 6.54 11.29 -3.66
C GLN A 132 7.71 11.59 -4.60
N GLY A 133 8.15 10.57 -5.33
CA GLY A 133 9.26 10.74 -6.25
C GLY A 133 10.37 9.75 -6.01
N ALA A 134 10.95 9.81 -4.81
CA ALA A 134 12.04 8.91 -4.44
C ALA A 134 11.51 7.61 -3.85
N SER A 135 12.00 6.49 -4.37
CA SER A 135 11.56 5.18 -3.89
C SER A 135 11.67 5.08 -2.38
N TRP A 136 10.59 4.63 -1.74
CA TRP A 136 10.56 4.50 -0.29
C TRP A 136 11.22 3.20 0.15
N ALA A 137 11.71 2.43 -0.81
CA ALA A 137 12.36 1.16 -0.53
C ALA A 137 13.74 1.38 0.07
N GLN A 138 14.42 2.44 -0.36
CA GLN A 138 15.75 2.76 0.13
C GLN A 138 15.75 2.89 1.66
N GLU A 139 14.80 3.66 2.18
CA GLU A 139 14.68 3.86 3.61
C GLU A 139 14.13 2.63 4.30
N ASP A 140 13.22 1.94 3.63
CA ASP A 140 12.62 0.73 4.17
C ASP A 140 13.69 -0.25 4.65
N GLN A 141 14.79 -0.32 3.91
CA GLN A 141 15.89 -1.21 4.25
C GLN A 141 16.35 -0.99 5.68
N GLN A 142 16.32 0.28 6.12
CA GLN A 142 16.74 0.63 7.47
C GLN A 142 15.73 0.12 8.50
N ASP A 143 14.46 0.37 8.25
CA ASP A 143 13.40 -0.07 9.16
C ASP A 143 13.48 -1.57 9.41
N ALA A 144 13.71 -2.33 8.33
CA ALA A 144 13.81 -3.78 8.44
C ALA A 144 14.84 -4.18 9.49
N ASP A 145 15.93 -3.43 9.56
CA ASP A 145 16.98 -3.72 10.53
C ASP A 145 16.43 -3.76 11.94
N GLU A 146 15.47 -2.89 12.23
CA GLU A 146 14.86 -2.83 13.54
C GLU A 146 14.01 -4.09 13.81
N ASP A 147 13.16 -4.42 12.86
CA ASP A 147 12.30 -5.60 12.98
C ASP A 147 13.13 -6.85 13.25
N ARG A 148 14.30 -6.92 12.63
CA ARG A 148 15.18 -8.07 12.78
C ARG A 148 15.42 -8.36 14.26
N ARG A 149 15.52 -7.31 15.06
CA ARG A 149 15.75 -7.46 16.49
C ARG A 149 14.66 -8.31 17.14
N ALA A 150 13.41 -7.98 16.84
CA ALA A 150 12.27 -8.72 17.38
C ALA A 150 12.27 -10.16 16.91
N PHE A 151 12.57 -10.35 15.62
CA PHE A 151 12.59 -11.69 15.04
C PHE A 151 13.62 -12.57 15.77
N GLN A 152 14.72 -11.96 16.18
CA GLN A 152 15.77 -12.70 16.88
C GLN A 152 15.21 -13.49 18.05
N MET A 153 14.66 -12.76 19.03
CA MET A 153 14.08 -13.40 20.21
C MET A 153 12.78 -14.12 19.85
N LEU A 154 11.99 -13.50 18.97
CA LEU A 154 10.72 -14.09 18.55
C LEU A 154 9.87 -14.47 19.75
N ARG A 155 9.89 -13.61 20.78
CA ARG A 155 9.12 -13.85 21.99
C ARG A 155 8.23 -12.66 22.32
N ARG A 156 8.77 -11.46 22.16
CA ARG A 156 8.05 -10.24 22.44
C ARG A 156 6.73 -10.20 21.65
N ASP A 157 5.78 -9.41 22.15
CA ASP A 157 4.48 -9.28 21.49
C ASP A 157 4.64 -8.72 20.09
C4 UJ5 B . -13.91 4.25 -12.99
C6 UJ5 B . -14.58 4.93 -14.94
C7 UJ5 B . -15.53 4.02 -14.45
C10 UJ5 B . -16.82 4.33 -16.46
C13 UJ5 B . -18.01 4.02 -17.27
C17 UJ5 B . -13.67 6.47 -11.27
C20 UJ5 B . -11.24 6.92 -10.04
C21 UJ5 B . -11.53 5.67 -10.56
C22 UJ5 B . -11.85 9.30 -9.56
C24 UJ5 B . -10.48 9.77 -10.08
C1 UJ5 B . -11.44 2.45 -11.11
O2 UJ5 B . -11.85 3.42 -12.08
C3 UJ5 B . -13.06 4.09 -11.74
N5 UJ5 B . -13.61 5.03 -13.99
C12 UJ5 B . -14.76 5.53 -16.20
C11 UJ5 B . -15.86 5.24 -16.94
N8 UJ5 B . -15.08 3.61 -13.22
C9 UJ5 B . -16.65 3.73 -15.22
O14 UJ5 B . -17.86 3.60 -18.55
O15 UJ5 B . -19.12 4.15 -16.81
C16 UJ5 B . -12.74 5.45 -11.18
C18 UJ5 B . -13.38 7.72 -10.75
C19 UJ5 B . -12.16 7.94 -10.13
C23 UJ5 B . -11.81 9.21 -8.03
H34 UJ5 B . -14.63 6.30 -11.75
H36 UJ5 B . -10.28 7.09 -9.56
H37 UJ5 B . -10.80 4.88 -10.49
H38 UJ5 B . -12.61 10.01 -9.87
H42 UJ5 B . -10.33 10.80 -9.80
H44 UJ5 B . -10.46 9.67 -11.17
H43 UJ5 B . -9.70 9.14 -9.65
H26 UJ5 B . -11.27 2.94 -10.16
H25 UJ5 B . -10.52 1.97 -11.45
H27 UJ5 B . -12.22 1.70 -11.00
H28 UJ5 B . -13.61 3.50 -11.01
H32 UJ5 B . -14.03 6.22 -16.57
H31 UJ5 B . -16.00 5.70 -17.90
H29 UJ5 B . -15.52 2.98 -12.62
H30 UJ5 B . -17.39 3.03 -14.84
H33 UJ5 B . -17.75 4.28 -19.23
H35 UJ5 B . -14.10 8.52 -10.82
H40 UJ5 B . -11.04 9.90 -7.65
H39 UJ5 B . -11.57 8.19 -7.73
H41 UJ5 B . -12.78 9.50 -7.63
N GLY A 1 -21.38 -3.80 -10.17
CA GLY A 1 -22.61 -3.08 -10.42
C GLY A 1 -22.68 -1.76 -9.68
N SER A 2 -23.89 -1.33 -9.33
CA SER A 2 -24.08 -0.08 -8.62
C SER A 2 -23.61 1.10 -9.47
N PRO A 3 -24.09 2.31 -9.12
CA PRO A 3 -23.74 3.54 -9.84
C PRO A 3 -22.28 3.94 -9.62
N GLY A 4 -21.86 3.93 -8.36
CA GLY A 4 -20.49 4.30 -8.03
C GLY A 4 -20.04 3.74 -6.70
N GLU A 5 -20.45 2.51 -6.41
CA GLU A 5 -20.08 1.86 -5.15
C GLU A 5 -18.62 1.43 -5.17
N ASN A 6 -18.15 1.02 -6.34
CA ASN A 6 -16.76 0.58 -6.48
C ASN A 6 -15.80 1.66 -5.99
N LEU A 7 -16.18 2.91 -6.18
CA LEU A 7 -15.34 4.03 -5.75
C LEU A 7 -14.94 3.89 -4.29
N LYS A 8 -15.83 3.34 -3.48
CA LYS A 8 -15.57 3.13 -2.06
C LYS A 8 -14.72 1.89 -1.85
N HIS A 9 -14.86 0.92 -2.74
CA HIS A 9 -14.09 -0.33 -2.65
C HIS A 9 -12.63 -0.09 -3.01
N ILE A 10 -12.41 0.57 -4.15
CA ILE A 10 -11.06 0.85 -4.62
C ILE A 10 -10.23 1.55 -3.53
N ILE A 11 -10.85 2.54 -2.89
CA ILE A 11 -10.17 3.29 -1.83
C ILE A 11 -10.00 2.44 -0.58
N THR A 12 -10.97 1.55 -0.34
CA THR A 12 -10.92 0.68 0.83
C THR A 12 -9.84 -0.38 0.68
N LEU A 13 -9.63 -0.83 -0.55
CA LEU A 13 -8.62 -1.85 -0.82
C LEU A 13 -7.27 -1.45 -0.25
N GLY A 14 -6.92 -0.18 -0.41
CA GLY A 14 -5.65 0.31 0.10
C GLY A 14 -5.67 0.51 1.61
N GLN A 15 -6.85 0.84 2.15
CA GLN A 15 -7.00 1.06 3.57
C GLN A 15 -6.99 -0.27 4.34
N VAL A 16 -7.45 -1.33 3.68
CA VAL A 16 -7.50 -2.65 4.28
C VAL A 16 -6.12 -3.05 4.82
N ILE A 17 -5.08 -2.60 4.15
CA ILE A 17 -3.71 -2.90 4.56
C ILE A 17 -3.41 -2.33 5.95
N HIS A 18 -4.07 -1.23 6.27
CA HIS A 18 -3.88 -0.57 7.57
C HIS A 18 -4.29 -1.50 8.71
N LYS A 19 -5.44 -2.14 8.56
CA LYS A 19 -5.95 -3.05 9.58
C LYS A 19 -5.18 -4.38 9.55
N ARG A 20 -4.90 -4.87 8.34
CA ARG A 20 -4.18 -6.13 8.19
C ARG A 20 -2.76 -6.01 8.73
N CYS A 21 -2.04 -5.00 8.26
CA CYS A 21 -0.66 -4.77 8.69
C CYS A 21 -0.59 -4.69 10.22
N GLU A 22 -1.66 -4.23 10.83
CA GLU A 22 -1.72 -4.09 12.29
C GLU A 22 -1.91 -5.45 12.95
N GLU A 23 -2.59 -6.35 12.26
CA GLU A 23 -2.84 -7.69 12.78
C GLU A 23 -1.53 -8.43 13.04
N MET A 24 -0.54 -8.17 12.19
CA MET A 24 0.77 -8.81 12.32
C MET A 24 1.34 -8.60 13.72
N LYS A 25 2.48 -9.21 14.00
CA LYS A 25 3.13 -9.08 15.29
C LYS A 25 4.65 -8.98 15.14
N TYR A 26 5.23 -9.93 14.42
CA TYR A 26 6.68 -9.94 14.20
C TYR A 26 7.05 -8.99 13.06
N CYS A 27 6.38 -9.15 11.92
CA CYS A 27 6.65 -8.32 10.76
C CYS A 27 5.84 -7.02 10.82
N LYS A 28 4.98 -6.91 11.82
CA LYS A 28 4.15 -5.73 12.00
C LYS A 28 5.00 -4.46 12.00
N LYS A 29 6.23 -4.58 12.47
CA LYS A 29 7.15 -3.45 12.52
C LYS A 29 7.36 -2.86 11.13
N GLN A 30 7.81 -3.68 10.20
CA GLN A 30 8.04 -3.24 8.83
C GLN A 30 6.73 -3.08 8.07
N CYS A 31 5.76 -3.93 8.40
CA CYS A 31 4.46 -3.88 7.74
C CYS A 31 3.79 -2.53 7.93
N ARG A 32 3.96 -1.95 9.13
CA ARG A 32 3.38 -0.65 9.44
C ARG A 32 3.75 0.37 8.37
N ARG A 33 4.96 0.25 7.83
CA ARG A 33 5.44 1.17 6.81
C ARG A 33 4.61 1.06 5.55
N LEU A 34 4.45 -0.17 5.05
CA LEU A 34 3.67 -0.42 3.84
C LEU A 34 2.23 0.06 4.01
N GLY A 35 1.63 -0.27 5.15
CA GLY A 35 0.26 0.14 5.42
C GLY A 35 0.14 1.64 5.63
N HIS A 36 1.17 2.23 6.23
CA HIS A 36 1.17 3.67 6.49
C HIS A 36 1.34 4.46 5.20
N ARG A 37 2.16 3.94 4.29
CA ARG A 37 2.41 4.60 3.02
C ARG A 37 1.18 4.54 2.12
N VAL A 38 0.65 3.34 1.93
CA VAL A 38 -0.53 3.14 1.09
C VAL A 38 -1.70 3.99 1.59
N LEU A 39 -1.79 4.16 2.90
CA LEU A 39 -2.85 4.95 3.51
C LEU A 39 -2.88 6.36 2.93
N GLY A 40 -1.70 6.86 2.57
CA GLY A 40 -1.61 8.21 2.02
C GLY A 40 -1.80 8.22 0.52
N LEU A 41 -1.88 7.04 -0.07
CA LEU A 41 -2.07 6.92 -1.52
C LEU A 41 -3.55 6.99 -1.89
N ILE A 42 -4.38 6.27 -1.14
CA ILE A 42 -5.82 6.25 -1.39
C ILE A 42 -6.52 7.34 -0.58
N LYS A 43 -5.73 8.13 0.14
CA LYS A 43 -6.28 9.21 0.95
C LYS A 43 -6.96 10.27 0.08
N PRO A 44 -6.26 10.71 -0.98
CA PRO A 44 -6.77 11.71 -1.91
C PRO A 44 -7.90 11.18 -2.78
N LEU A 45 -7.84 9.89 -3.09
CA LEU A 45 -8.87 9.26 -3.91
C LEU A 45 -10.16 9.06 -3.11
N GLU A 46 -10.02 8.94 -1.80
CA GLU A 46 -11.17 8.74 -0.93
C GLU A 46 -11.92 10.06 -0.71
N MET A 47 -11.15 11.14 -0.54
CA MET A 47 -11.73 12.46 -0.32
C MET A 47 -12.20 13.07 -1.64
N LEU A 48 -11.53 12.71 -2.73
CA LEU A 48 -11.86 13.23 -4.05
C LEU A 48 -13.29 12.82 -4.43
N GLN A 49 -13.56 11.52 -4.38
CA GLN A 49 -14.88 11.01 -4.73
C GLN A 49 -15.97 11.72 -3.95
N ASP A 50 -15.64 12.15 -2.73
CA ASP A 50 -16.59 12.85 -1.88
C ASP A 50 -16.81 14.27 -2.38
N GLN A 51 -15.77 15.09 -2.31
CA GLN A 51 -15.86 16.48 -2.76
C GLN A 51 -16.41 16.56 -4.18
N GLY A 52 -16.06 15.58 -5.00
CA GLY A 52 -16.52 15.55 -6.38
C GLY A 52 -17.88 14.91 -6.52
N LYS A 53 -18.60 15.28 -7.57
CA LYS A 53 -19.93 14.73 -7.83
C LYS A 53 -19.89 13.66 -8.92
N ARG A 54 -19.01 13.87 -9.90
CA ARG A 54 -18.87 12.92 -11.00
C ARG A 54 -17.63 12.04 -10.80
N SER A 55 -16.46 12.65 -10.92
CA SER A 55 -15.20 11.91 -10.77
C SER A 55 -15.06 10.84 -11.83
N VAL A 56 -15.81 11.00 -12.93
CA VAL A 56 -15.77 10.03 -14.02
C VAL A 56 -15.93 10.73 -15.37
N PRO A 57 -14.85 11.38 -15.83
CA PRO A 57 -14.85 12.10 -17.11
C PRO A 57 -14.92 11.15 -18.31
N SER A 58 -14.04 10.14 -18.30
CA SER A 58 -14.00 9.17 -19.39
C SER A 58 -13.63 7.79 -18.86
N GLU A 59 -13.97 6.76 -19.62
CA GLU A 59 -13.68 5.38 -19.23
C GLU A 59 -12.20 5.09 -19.36
N LYS A 60 -11.53 5.79 -20.28
CA LYS A 60 -10.10 5.60 -20.50
C LYS A 60 -9.33 5.69 -19.20
N LEU A 61 -9.70 6.66 -18.36
CA LEU A 61 -9.03 6.85 -17.07
C LEU A 61 -9.17 5.61 -16.21
N THR A 62 -10.33 4.95 -16.29
CA THR A 62 -10.57 3.75 -15.50
C THR A 62 -9.49 2.71 -15.74
N THR A 63 -8.99 2.64 -16.97
CA THR A 63 -7.96 1.68 -17.32
C THR A 63 -6.69 1.90 -16.49
N ALA A 64 -6.25 3.16 -16.42
CA ALA A 64 -5.06 3.50 -15.65
C ALA A 64 -5.24 3.14 -14.18
N MET A 65 -6.36 3.54 -13.61
CA MET A 65 -6.65 3.25 -12.20
C MET A 65 -6.71 1.74 -11.95
N ASN A 66 -7.18 1.01 -12.96
CA ASN A 66 -7.30 -0.44 -12.85
C ASN A 66 -5.98 -1.06 -12.43
N ARG A 67 -4.88 -0.39 -12.78
CA ARG A 67 -3.55 -0.88 -12.44
C ARG A 67 -3.20 -0.59 -10.98
N PHE A 68 -3.70 0.54 -10.49
CA PHE A 68 -3.44 0.94 -9.11
C PHE A 68 -4.32 0.15 -8.15
N LYS A 69 -5.63 0.11 -8.42
CA LYS A 69 -6.56 -0.62 -7.58
C LYS A 69 -6.09 -2.03 -7.32
N ALA A 70 -5.53 -2.67 -8.35
CA ALA A 70 -5.03 -4.03 -8.24
C ALA A 70 -3.74 -4.07 -7.43
N ALA A 71 -2.96 -2.99 -7.51
CA ALA A 71 -1.70 -2.90 -6.78
C ALA A 71 -1.90 -3.22 -5.30
N LEU A 72 -3.06 -2.84 -4.77
CA LEU A 72 -3.38 -3.08 -3.37
C LEU A 72 -3.59 -4.56 -3.10
N GLU A 73 -4.16 -5.26 -4.08
CA GLU A 73 -4.40 -6.69 -3.95
C GLU A 73 -3.12 -7.45 -3.67
N GLU A 74 -2.02 -6.97 -4.22
CA GLU A 74 -0.71 -7.60 -4.03
C GLU A 74 -0.27 -7.47 -2.57
N ALA A 75 -0.24 -6.24 -2.07
CA ALA A 75 0.18 -5.97 -0.70
C ALA A 75 -0.80 -6.58 0.29
N ASN A 76 -2.07 -6.21 0.17
CA ASN A 76 -3.11 -6.72 1.06
C ASN A 76 -3.19 -8.24 0.98
N GLY A 77 -3.19 -8.77 -0.24
CA GLY A 77 -3.27 -10.21 -0.42
C GLY A 77 -2.08 -10.93 0.18
N GLU A 78 -0.91 -10.31 0.10
CA GLU A 78 0.32 -10.90 0.63
C GLU A 78 0.26 -10.99 2.15
N ILE A 79 -0.37 -10.00 2.78
CA ILE A 79 -0.50 -9.96 4.22
C ILE A 79 -1.29 -11.16 4.74
N GLU A 80 -2.27 -11.59 3.95
CA GLU A 80 -3.10 -12.73 4.32
C GLU A 80 -2.25 -13.99 4.52
N LYS A 81 -1.27 -14.17 3.64
CA LYS A 81 -0.38 -15.33 3.71
C LYS A 81 0.59 -15.19 4.87
N PHE A 82 1.15 -14.00 5.03
CA PHE A 82 2.10 -13.74 6.11
C PHE A 82 1.38 -13.61 7.45
N SER A 83 0.06 -13.61 7.41
CA SER A 83 -0.75 -13.50 8.62
C SER A 83 -0.28 -14.49 9.67
N ASN A 84 0.17 -15.66 9.22
CA ASN A 84 0.64 -16.70 10.13
C ASN A 84 1.89 -16.24 10.88
N ARG A 85 2.45 -17.15 11.66
CA ARG A 85 3.65 -16.84 12.44
C ARG A 85 4.89 -17.52 11.83
N SER A 86 4.68 -18.72 11.31
CA SER A 86 5.77 -19.48 10.69
C SER A 86 6.15 -18.90 9.34
N ASN A 87 5.13 -18.44 8.61
CA ASN A 87 5.35 -17.86 7.28
C ASN A 87 6.34 -16.69 7.36
N ILE A 88 6.26 -15.93 8.44
CA ILE A 88 7.15 -14.80 8.64
C ILE A 88 8.61 -15.23 8.69
N CYS A 89 8.91 -16.20 9.54
CA CYS A 89 10.26 -16.71 9.69
C CYS A 89 10.74 -17.34 8.39
N ARG A 90 9.82 -17.96 7.66
CA ARG A 90 10.15 -18.61 6.39
C ARG A 90 10.90 -17.66 5.48
N PHE A 91 10.41 -16.44 5.35
CA PHE A 91 11.04 -15.44 4.50
C PHE A 91 12.28 -14.85 5.17
N LEU A 92 12.16 -14.53 6.46
CA LEU A 92 13.27 -13.98 7.21
C LEU A 92 14.51 -14.87 7.10
N THR A 93 14.34 -16.14 7.39
CA THR A 93 15.44 -17.10 7.32
C THR A 93 15.87 -17.33 5.88
N ALA A 94 14.91 -17.28 4.97
CA ALA A 94 15.19 -17.49 3.55
C ALA A 94 16.13 -16.41 3.01
N SER A 95 15.78 -15.14 3.26
CA SER A 95 16.60 -14.03 2.81
C SER A 95 17.54 -13.55 3.91
N GLN A 96 18.28 -12.48 3.62
CA GLN A 96 19.22 -11.93 4.59
C GLN A 96 18.98 -10.43 4.79
N ASP A 97 18.19 -10.09 5.80
CA ASP A 97 17.88 -8.69 6.09
C ASP A 97 17.11 -8.06 4.94
N LYS A 98 15.97 -8.63 4.61
CA LYS A 98 15.13 -8.12 3.52
C LYS A 98 13.73 -7.78 4.02
N ILE A 99 12.93 -7.19 3.15
CA ILE A 99 11.56 -6.83 3.50
C ILE A 99 10.56 -7.68 2.74
N LEU A 100 9.53 -8.16 3.45
CA LEU A 100 8.50 -8.99 2.84
C LEU A 100 7.86 -8.28 1.66
N PHE A 101 7.36 -7.07 1.89
CA PHE A 101 6.71 -6.28 0.84
C PHE A 101 7.70 -5.31 0.21
N LYS A 102 8.94 -5.75 0.04
CA LYS A 102 9.98 -4.92 -0.54
C LYS A 102 9.59 -4.47 -1.95
N ASP A 103 9.46 -5.43 -2.86
CA ASP A 103 9.08 -5.13 -4.23
C ASP A 103 7.61 -4.73 -4.32
N VAL A 104 6.81 -5.27 -3.42
CA VAL A 104 5.37 -4.96 -3.39
C VAL A 104 5.14 -3.46 -3.32
N ASN A 105 5.82 -2.79 -2.39
CA ASN A 105 5.68 -1.36 -2.22
C ASN A 105 6.35 -0.61 -3.37
N ARG A 106 7.38 -1.22 -3.94
CA ARG A 106 8.11 -0.61 -5.05
C ARG A 106 7.16 -0.22 -6.19
N LYS A 107 6.23 -1.12 -6.50
CA LYS A 107 5.26 -0.88 -7.57
C LYS A 107 4.19 0.09 -7.11
N LEU A 108 3.85 0.03 -5.82
CA LEU A 108 2.84 0.91 -5.26
C LEU A 108 3.13 2.37 -5.58
N SER A 109 4.41 2.73 -5.56
CA SER A 109 4.83 4.09 -5.84
C SER A 109 4.68 4.41 -7.33
N ASP A 110 4.88 3.39 -8.16
CA ASP A 110 4.77 3.54 -9.60
C ASP A 110 3.31 3.66 -10.03
N VAL A 111 2.47 2.77 -9.50
CA VAL A 111 1.06 2.77 -9.82
C VAL A 111 0.39 4.07 -9.41
N TRP A 112 0.92 4.68 -8.34
CA TRP A 112 0.38 5.94 -7.84
C TRP A 112 0.81 7.11 -8.72
N LYS A 113 2.11 7.21 -8.97
CA LYS A 113 2.66 8.28 -9.80
C LYS A 113 2.21 8.12 -11.25
N GLU A 114 1.83 6.91 -11.62
CA GLU A 114 1.39 6.63 -12.98
C GLU A 114 0.12 7.41 -13.31
N LEU A 115 -0.89 7.29 -12.46
CA LEU A 115 -2.15 7.99 -12.65
C LEU A 115 -2.07 9.42 -12.13
N SER A 116 -1.10 9.67 -11.25
CA SER A 116 -0.92 10.99 -10.66
C SER A 116 -0.90 12.07 -11.75
N LEU A 117 -0.30 11.74 -12.88
CA LEU A 117 -0.21 12.68 -14.00
C LEU A 117 -1.58 12.84 -14.66
N LEU A 118 -2.34 11.76 -14.75
CA LEU A 118 -3.67 11.80 -15.36
C LEU A 118 -4.64 12.58 -14.49
N LEU A 119 -4.35 12.66 -13.20
CA LEU A 119 -5.20 13.39 -12.26
C LEU A 119 -5.13 14.89 -12.52
N GLN A 120 -3.93 15.45 -12.41
CA GLN A 120 -3.74 16.88 -12.64
C GLN A 120 -4.31 17.30 -13.99
N VAL A 121 -4.30 16.38 -14.94
CA VAL A 121 -4.81 16.65 -16.28
C VAL A 121 -6.25 17.14 -16.22
N GLU A 122 -7.14 16.31 -15.70
CA GLU A 122 -8.54 16.66 -15.59
C GLU A 122 -8.92 17.00 -14.14
N GLN A 123 -8.75 16.02 -13.25
CA GLN A 123 -9.06 16.21 -11.84
C GLN A 123 -8.41 17.47 -11.31
N ARG A 124 -7.25 17.82 -11.86
CA ARG A 124 -6.53 19.02 -11.43
C ARG A 124 -6.21 18.96 -9.94
N MET A 125 -5.71 17.80 -9.50
CA MET A 125 -5.37 17.61 -8.10
C MET A 125 -3.87 17.75 -7.88
N PRO A 126 -3.48 18.47 -6.80
CA PRO A 126 -2.07 18.69 -6.47
C PRO A 126 -1.38 17.41 -5.99
N VAL A 127 -0.78 16.69 -6.93
CA VAL A 127 -0.07 15.45 -6.60
C VAL A 127 1.42 15.69 -6.45
N SER A 128 2.08 14.79 -5.73
CA SER A 128 3.51 14.90 -5.49
C SER A 128 3.89 16.33 -5.07
N PRO A 129 3.70 16.63 -3.78
CA PRO A 129 4.02 17.95 -3.22
C PRO A 129 5.51 18.23 -3.18
N ILE A 130 6.31 17.21 -3.48
CA ILE A 130 7.76 17.33 -3.48
C ILE A 130 8.42 16.22 -4.28
N SER A 131 7.97 14.99 -4.06
CA SER A 131 8.51 13.83 -4.76
C SER A 131 7.81 12.55 -4.31
N GLN A 132 6.96 12.01 -5.18
CA GLN A 132 6.23 10.79 -4.88
C GLN A 132 6.58 9.68 -5.86
N GLY A 133 7.82 9.69 -6.35
CA GLY A 133 8.26 8.69 -7.30
C GLY A 133 9.36 7.82 -6.75
N ALA A 134 10.28 8.43 -6.01
CA ALA A 134 11.41 7.70 -5.43
C ALA A 134 10.91 6.47 -4.66
N SER A 135 11.74 5.43 -4.63
CA SER A 135 11.39 4.19 -3.94
C SER A 135 11.66 4.30 -2.45
N TRP A 136 10.59 4.36 -1.66
CA TRP A 136 10.72 4.47 -0.22
C TRP A 136 11.54 3.31 0.35
N ALA A 137 11.67 2.24 -0.43
CA ALA A 137 12.42 1.07 0.00
C ALA A 137 13.80 1.47 0.53
N GLN A 138 14.36 2.54 -0.02
CA GLN A 138 15.66 3.03 0.40
C GLN A 138 15.69 3.26 1.91
N GLU A 139 14.73 4.02 2.40
CA GLU A 139 14.64 4.31 3.83
C GLU A 139 14.11 3.11 4.61
N ASP A 140 13.14 2.41 4.03
CA ASP A 140 12.55 1.25 4.66
C ASP A 140 13.63 0.28 5.13
N GLN A 141 14.74 0.23 4.40
CA GLN A 141 15.84 -0.65 4.75
C GLN A 141 16.26 -0.47 6.20
N GLN A 142 16.17 0.77 6.68
CA GLN A 142 16.53 1.08 8.06
C GLN A 142 15.51 0.51 9.04
N ASP A 143 14.26 0.45 8.60
CA ASP A 143 13.18 -0.08 9.44
C ASP A 143 13.25 -1.60 9.51
N ALA A 144 13.55 -2.22 8.38
CA ALA A 144 13.64 -3.67 8.30
C ALA A 144 14.90 -4.19 9.01
N ASP A 145 15.97 -3.42 8.90
CA ASP A 145 17.24 -3.78 9.52
C ASP A 145 17.06 -4.00 11.02
N GLU A 146 16.51 -3.00 11.69
CA GLU A 146 16.28 -3.08 13.14
C GLU A 146 15.25 -4.15 13.47
N ASP A 147 14.26 -4.31 12.59
CA ASP A 147 13.22 -5.29 12.80
C ASP A 147 13.81 -6.71 12.85
N ARG A 148 14.81 -6.95 12.02
CA ARG A 148 15.46 -8.26 11.97
C ARG A 148 15.88 -8.71 13.36
N ARG A 149 16.50 -7.79 14.11
CA ARG A 149 16.96 -8.10 15.46
C ARG A 149 15.78 -8.35 16.39
N ALA A 150 14.79 -7.47 16.32
CA ALA A 150 13.59 -7.59 17.16
C ALA A 150 12.92 -8.95 16.96
N PHE A 151 12.96 -9.45 15.73
CA PHE A 151 12.35 -10.73 15.41
C PHE A 151 13.07 -11.87 16.13
N GLN A 152 14.37 -11.73 16.30
CA GLN A 152 15.18 -12.75 16.97
C GLN A 152 14.68 -12.97 18.40
N MET A 153 14.31 -11.89 19.06
CA MET A 153 13.81 -11.97 20.44
C MET A 153 12.30 -11.74 20.49
N LEU A 154 11.57 -12.77 20.88
CA LEU A 154 10.11 -12.69 20.97
C LEU A 154 9.61 -13.21 22.32
N ARG A 155 8.93 -12.36 23.07
CA ARG A 155 8.40 -12.73 24.37
C ARG A 155 6.88 -12.61 24.40
N ARG A 156 6.19 -13.73 24.24
CA ARG A 156 4.74 -13.73 24.24
C ARG A 156 4.20 -13.69 25.67
N ASP A 157 2.87 -13.67 25.80
CA ASP A 157 2.23 -13.63 27.10
C ASP A 157 1.01 -14.53 27.13
C4 UJ5 B . -13.64 4.38 -11.63
C6 UJ5 B . -14.79 4.69 -13.45
C7 UJ5 B . -15.65 4.15 -12.48
C10 UJ5 B . -17.45 4.24 -14.07
C13 UJ5 B . -18.86 4.00 -14.43
C17 UJ5 B . -12.13 6.01 -8.84
C20 UJ5 B . -11.71 8.05 -10.67
C21 UJ5 B . -11.98 6.77 -11.10
C22 UJ5 B . -11.36 9.72 -8.83
C24 UJ5 B . -9.95 9.76 -8.24
C1 UJ5 B . -11.11 2.43 -11.09
O2 UJ5 B . -11.32 3.82 -11.32
C3 UJ5 B . -12.47 4.35 -10.66
N5 UJ5 B . -13.57 4.81 -12.85
C12 UJ5 B . -15.26 4.99 -14.73
C11 UJ5 B . -16.58 4.76 -15.03
N8 UJ5 B . -14.90 3.98 -11.34
C9 UJ5 B . -16.99 3.93 -12.80
O14 UJ5 B . -19.18 3.49 -15.63
O15 UJ5 B . -19.74 4.26 -13.62
C16 UJ5 B . -12.19 5.75 -10.18
C18 UJ5 B . -11.85 7.30 -8.39
C19 UJ5 B . -11.65 8.32 -9.31
C23 UJ5 B . -12.38 10.12 -7.76
H34 UJ5 B . -12.29 5.22 -8.12
H36 UJ5 B . -11.55 8.84 -11.38
H37 UJ5 B . -12.02 6.56 -12.16
H38 UJ5 B . -11.42 10.41 -9.67
H42 UJ5 B . -9.94 9.23 -7.28
H44 UJ5 B . -9.66 10.80 -8.07
H43 UJ5 B . -9.24 9.29 -8.92
H26 UJ5 B . -11.92 2.04 -10.47
H25 UJ5 B . -10.16 2.28 -10.56
H27 UJ5 B . -11.09 1.90 -12.04
H28 UJ5 B . -12.73 3.72 -9.81
H32 UJ5 B . -14.60 5.40 -15.47
H31 UJ5 B . -16.94 5.00 -16.02
H29 UJ5 B . -15.20 3.62 -10.50
H30 UJ5 B . -17.65 3.52 -12.06
H33 UJ5 B . -18.50 2.99 -16.10
H35 UJ5 B . -11.81 7.51 -7.34
H40 UJ5 B . -12.41 11.20 -7.67
H39 UJ5 B . -12.10 9.68 -6.80
H41 UJ5 B . -13.37 9.75 -8.05
N GLY A 1 -23.52 -2.84 -16.36
CA GLY A 1 -23.92 -1.60 -15.73
C GLY A 1 -23.95 -1.71 -14.21
N SER A 2 -23.54 -0.65 -13.53
CA SER A 2 -23.53 -0.63 -12.07
C SER A 2 -23.33 0.79 -11.54
N PRO A 3 -23.69 1.00 -10.27
CA PRO A 3 -23.56 2.31 -9.63
C PRO A 3 -22.11 2.69 -9.38
N GLY A 4 -21.91 3.76 -8.61
CA GLY A 4 -20.56 4.20 -8.31
C GLY A 4 -20.03 3.63 -7.01
N GLU A 5 -20.41 2.39 -6.72
CA GLU A 5 -19.97 1.73 -5.50
C GLU A 5 -18.50 1.32 -5.60
N ASN A 6 -18.07 0.97 -6.81
CA ASN A 6 -16.69 0.56 -7.03
C ASN A 6 -15.72 1.62 -6.52
N LEU A 7 -16.05 2.89 -6.77
CA LEU A 7 -15.21 3.99 -6.33
C LEU A 7 -14.87 3.87 -4.86
N LYS A 8 -15.82 3.38 -4.07
CA LYS A 8 -15.62 3.21 -2.64
C LYS A 8 -14.83 1.93 -2.34
N HIS A 9 -14.98 0.95 -3.22
CA HIS A 9 -14.28 -0.32 -3.06
C HIS A 9 -12.78 -0.16 -3.35
N ILE A 10 -12.48 0.45 -4.48
CA ILE A 10 -11.09 0.67 -4.89
C ILE A 10 -10.30 1.37 -3.77
N ILE A 11 -10.90 2.39 -3.18
CA ILE A 11 -10.25 3.14 -2.11
C ILE A 11 -10.18 2.31 -0.83
N THR A 12 -11.20 1.48 -0.62
CA THR A 12 -11.25 0.64 0.57
C THR A 12 -10.13 -0.41 0.55
N LEU A 13 -9.79 -0.88 -0.64
CA LEU A 13 -8.73 -1.87 -0.79
C LEU A 13 -7.46 -1.43 -0.08
N GLY A 14 -6.97 -0.24 -0.44
CA GLY A 14 -5.77 0.29 0.17
C GLY A 14 -5.92 0.49 1.66
N GLN A 15 -7.14 0.76 2.10
CA GLN A 15 -7.41 0.98 3.51
C GLN A 15 -7.38 -0.33 4.29
N VAL A 16 -7.79 -1.41 3.63
CA VAL A 16 -7.80 -2.73 4.25
C VAL A 16 -6.44 -3.07 4.85
N ILE A 17 -5.38 -2.56 4.23
CA ILE A 17 -4.03 -2.82 4.69
C ILE A 17 -3.77 -2.13 6.03
N HIS A 18 -4.39 -0.96 6.21
CA HIS A 18 -4.22 -0.20 7.44
C HIS A 18 -4.52 -1.07 8.66
N LYS A 19 -5.68 -1.71 8.65
CA LYS A 19 -6.09 -2.58 9.75
C LYS A 19 -5.34 -3.90 9.72
N ARG A 20 -5.04 -4.38 8.51
CA ARG A 20 -4.32 -5.63 8.33
C ARG A 20 -2.98 -5.59 9.06
N CYS A 21 -2.18 -4.57 8.76
CA CYS A 21 -0.88 -4.42 9.39
C CYS A 21 -0.98 -4.47 10.91
N GLU A 22 -2.12 -4.03 11.43
CA GLU A 22 -2.35 -4.02 12.86
C GLU A 22 -2.56 -5.44 13.38
N GLU A 23 -3.22 -6.27 12.58
CA GLU A 23 -3.50 -7.64 12.96
C GLU A 23 -2.21 -8.42 13.18
N MET A 24 -1.19 -8.12 12.37
CA MET A 24 0.10 -8.79 12.48
C MET A 24 0.69 -8.61 13.88
N LYS A 25 1.89 -9.13 14.08
CA LYS A 25 2.56 -9.04 15.36
C LYS A 25 4.07 -9.03 15.20
N TYR A 26 4.58 -9.97 14.40
CA TYR A 26 6.02 -10.06 14.16
C TYR A 26 6.46 -9.05 13.11
N CYS A 27 5.86 -9.14 11.92
CA CYS A 27 6.19 -8.24 10.83
C CYS A 27 5.40 -6.94 10.94
N LYS A 28 4.49 -6.89 11.91
CA LYS A 28 3.67 -5.71 12.13
C LYS A 28 4.54 -4.45 12.22
N LYS A 29 5.73 -4.60 12.77
CA LYS A 29 6.65 -3.48 12.92
C LYS A 29 6.91 -2.81 11.58
N GLN A 30 7.34 -3.61 10.60
CA GLN A 30 7.64 -3.09 9.27
C GLN A 30 6.34 -2.82 8.49
N CYS A 31 5.35 -3.69 8.70
CA CYS A 31 4.07 -3.55 8.02
C CYS A 31 3.49 -2.16 8.24
N ARG A 32 3.71 -1.60 9.42
CA ARG A 32 3.21 -0.28 9.76
C ARG A 32 3.58 0.73 8.66
N ARG A 33 4.72 0.52 8.03
CA ARG A 33 5.19 1.41 6.97
C ARG A 33 4.35 1.23 5.71
N LEU A 34 4.05 -0.02 5.37
CA LEU A 34 3.26 -0.33 4.19
C LEU A 34 1.84 0.20 4.32
N GLY A 35 1.20 -0.12 5.45
CA GLY A 35 -0.16 0.33 5.69
C GLY A 35 -0.25 1.83 5.83
N HIS A 36 0.80 2.44 6.36
CA HIS A 36 0.83 3.89 6.55
C HIS A 36 1.01 4.61 5.22
N ARG A 37 1.79 4.01 4.32
CA ARG A 37 2.03 4.59 3.00
C ARG A 37 0.78 4.51 2.13
N VAL A 38 0.27 3.30 1.95
CA VAL A 38 -0.91 3.08 1.14
C VAL A 38 -2.07 3.98 1.58
N LEU A 39 -2.11 4.27 2.89
CA LEU A 39 -3.15 5.13 3.45
C LEU A 39 -3.12 6.51 2.80
N GLY A 40 -1.92 7.00 2.53
CA GLY A 40 -1.78 8.31 1.91
C GLY A 40 -2.01 8.28 0.41
N LEU A 41 -2.03 7.07 -0.16
CA LEU A 41 -2.23 6.91 -1.59
C LEU A 41 -3.71 7.00 -1.95
N ILE A 42 -4.55 6.26 -1.21
CA ILE A 42 -5.98 6.27 -1.45
C ILE A 42 -6.65 7.39 -0.67
N LYS A 43 -5.89 8.07 0.18
CA LYS A 43 -6.41 9.18 0.97
C LYS A 43 -7.01 10.26 0.07
N PRO A 44 -6.23 10.72 -0.92
CA PRO A 44 -6.67 11.75 -1.85
C PRO A 44 -7.75 11.24 -2.81
N LEU A 45 -7.63 9.98 -3.20
CA LEU A 45 -8.60 9.38 -4.12
C LEU A 45 -9.94 9.17 -3.42
N GLU A 46 -9.90 8.94 -2.11
CA GLU A 46 -11.12 8.72 -1.34
C GLU A 46 -11.86 10.04 -1.11
N MET A 47 -11.10 11.11 -0.88
CA MET A 47 -11.68 12.43 -0.64
C MET A 47 -12.02 13.11 -1.96
N LEU A 48 -11.26 12.78 -3.00
CA LEU A 48 -11.48 13.37 -4.32
C LEU A 48 -12.96 13.33 -4.69
N GLN A 49 -13.54 12.13 -4.66
CA GLN A 49 -14.94 11.97 -5.00
C GLN A 49 -15.81 12.98 -4.24
N ASP A 50 -15.43 13.25 -3.00
CA ASP A 50 -16.18 14.19 -2.17
C ASP A 50 -15.92 15.63 -2.61
N GLN A 51 -14.68 15.90 -3.02
CA GLN A 51 -14.30 17.23 -3.47
C GLN A 51 -15.28 17.76 -4.52
N GLY A 52 -15.54 16.94 -5.54
CA GLY A 52 -16.46 17.34 -6.59
C GLY A 52 -17.85 16.76 -6.40
N LYS A 53 -18.34 16.08 -7.42
CA LYS A 53 -19.66 15.47 -7.36
C LYS A 53 -19.63 14.03 -7.89
N ARG A 54 -19.14 13.87 -9.11
CA ARG A 54 -19.05 12.55 -9.72
C ARG A 54 -17.87 12.48 -10.68
N SER A 55 -16.79 11.86 -10.22
CA SER A 55 -15.58 11.73 -11.03
C SER A 55 -15.85 10.85 -12.26
N VAL A 56 -14.79 10.23 -12.77
CA VAL A 56 -14.91 9.37 -13.94
C VAL A 56 -15.14 10.18 -15.21
N PRO A 57 -14.11 10.92 -15.63
CA PRO A 57 -14.17 11.75 -16.83
C PRO A 57 -14.23 10.93 -18.11
N SER A 58 -13.36 9.93 -18.20
CA SER A 58 -13.32 9.06 -19.38
C SER A 58 -12.96 7.64 -18.99
N GLU A 59 -13.43 6.67 -19.78
CA GLU A 59 -13.17 5.26 -19.52
C GLU A 59 -11.68 4.96 -19.65
N LYS A 60 -11.01 5.67 -20.55
CA LYS A 60 -9.58 5.49 -20.78
C LYS A 60 -8.81 5.55 -19.47
N LEU A 61 -9.27 6.40 -18.55
CA LEU A 61 -8.62 6.56 -17.25
C LEU A 61 -8.78 5.30 -16.41
N THR A 62 -9.93 4.64 -16.53
CA THR A 62 -10.21 3.43 -15.79
C THR A 62 -9.11 2.38 -16.01
N THR A 63 -8.59 2.34 -17.23
CA THR A 63 -7.53 1.39 -17.58
C THR A 63 -6.34 1.54 -16.66
N ALA A 64 -5.87 2.78 -16.50
CA ALA A 64 -4.73 3.05 -15.63
C ALA A 64 -5.03 2.68 -14.18
N MET A 65 -6.22 3.05 -13.72
CA MET A 65 -6.63 2.75 -12.35
C MET A 65 -6.67 1.25 -12.11
N ASN A 66 -7.07 0.50 -13.13
CA ASN A 66 -7.15 -0.96 -13.03
C ASN A 66 -5.82 -1.54 -12.55
N ARG A 67 -4.74 -0.85 -12.86
CA ARG A 67 -3.40 -1.30 -12.46
C ARG A 67 -3.14 -0.99 -10.99
N PHE A 68 -3.68 0.13 -10.52
CA PHE A 68 -3.49 0.54 -9.13
C PHE A 68 -4.39 -0.27 -8.21
N LYS A 69 -5.67 -0.32 -8.54
CA LYS A 69 -6.65 -1.06 -7.74
C LYS A 69 -6.15 -2.47 -7.45
N ALA A 70 -5.54 -3.10 -8.45
CA ALA A 70 -5.01 -4.44 -8.30
C ALA A 70 -3.76 -4.46 -7.44
N ALA A 71 -2.97 -3.38 -7.52
CA ALA A 71 -1.75 -3.27 -6.74
C ALA A 71 -2.01 -3.55 -5.27
N LEU A 72 -3.01 -2.89 -4.70
CA LEU A 72 -3.35 -3.07 -3.30
C LEU A 72 -3.57 -4.54 -2.99
N GLU A 73 -4.13 -5.28 -3.94
CA GLU A 73 -4.40 -6.70 -3.76
C GLU A 73 -3.10 -7.46 -3.45
N GLU A 74 -2.00 -6.97 -4.01
CA GLU A 74 -0.70 -7.61 -3.80
C GLU A 74 -0.28 -7.52 -2.33
N ALA A 75 -0.27 -6.30 -1.79
CA ALA A 75 0.10 -6.08 -0.41
C ALA A 75 -0.94 -6.67 0.54
N ASN A 76 -2.19 -6.25 0.38
CA ASN A 76 -3.27 -6.73 1.22
C ASN A 76 -3.35 -8.26 1.18
N GLY A 77 -3.26 -8.81 -0.01
CA GLY A 77 -3.33 -10.26 -0.17
C GLY A 77 -2.20 -10.97 0.55
N GLU A 78 -0.99 -10.46 0.38
CA GLU A 78 0.18 -11.07 1.02
C GLU A 78 0.02 -11.08 2.55
N ILE A 79 -0.52 -9.99 3.08
CA ILE A 79 -0.74 -9.88 4.53
C ILE A 79 -1.55 -11.06 5.05
N GLU A 80 -2.54 -11.49 4.27
CA GLU A 80 -3.39 -12.61 4.67
C GLU A 80 -2.56 -13.85 4.97
N LYS A 81 -1.69 -14.21 4.03
CA LYS A 81 -0.83 -15.37 4.19
C LYS A 81 0.22 -15.13 5.28
N PHE A 82 0.71 -13.90 5.35
CA PHE A 82 1.72 -13.54 6.35
C PHE A 82 1.12 -13.55 7.75
N SER A 83 -0.19 -13.43 7.83
CA SER A 83 -0.88 -13.43 9.12
C SER A 83 -0.41 -14.58 9.99
N ASN A 84 -0.09 -15.70 9.35
CA ASN A 84 0.38 -16.88 10.07
C ASN A 84 1.62 -16.56 10.90
N ARG A 85 2.16 -17.58 11.57
CA ARG A 85 3.34 -17.40 12.39
C ARG A 85 4.57 -18.01 11.72
N SER A 86 4.42 -19.22 11.20
CA SER A 86 5.51 -19.92 10.54
C SER A 86 5.78 -19.30 9.17
N ASN A 87 4.73 -18.85 8.51
CA ASN A 87 4.86 -18.24 7.19
C ASN A 87 5.85 -17.07 7.22
N ILE A 88 5.84 -16.33 8.31
CA ILE A 88 6.73 -15.18 8.47
C ILE A 88 8.18 -15.64 8.58
N CYS A 89 8.44 -16.57 9.50
CA CYS A 89 9.78 -17.08 9.70
C CYS A 89 10.33 -17.72 8.43
N ARG A 90 9.49 -18.51 7.77
CA ARG A 90 9.89 -19.18 6.54
C ARG A 90 10.47 -18.19 5.54
N PHE A 91 9.76 -17.10 5.29
CA PHE A 91 10.21 -16.07 4.36
C PHE A 91 11.43 -15.35 4.91
N LEU A 92 11.38 -15.02 6.21
CA LEU A 92 12.49 -14.32 6.85
C LEU A 92 13.80 -15.07 6.67
N THR A 93 13.78 -16.36 6.99
CA THR A 93 14.96 -17.20 6.86
C THR A 93 15.25 -17.54 5.40
N ALA A 94 14.18 -17.64 4.61
CA ALA A 94 14.32 -17.96 3.19
C ALA A 94 15.25 -16.97 2.50
N SER A 95 14.98 -15.68 2.68
CA SER A 95 15.80 -14.64 2.07
C SER A 95 16.69 -13.96 3.11
N GLN A 96 17.69 -13.22 2.63
CA GLN A 96 18.62 -12.53 3.52
C GLN A 96 18.23 -11.06 3.69
N ASP A 97 16.93 -10.81 3.70
CA ASP A 97 16.42 -9.44 3.83
C ASP A 97 15.63 -9.30 5.14
N LYS A 98 14.95 -8.17 5.28
CA LYS A 98 14.16 -7.89 6.48
C LYS A 98 12.72 -7.53 6.11
N ILE A 99 12.56 -6.79 5.02
CA ILE A 99 11.24 -6.39 4.56
C ILE A 99 10.47 -7.56 3.96
N LEU A 100 9.16 -7.51 4.05
CA LEU A 100 8.31 -8.57 3.51
C LEU A 100 7.59 -8.11 2.25
N PHE A 101 7.21 -6.83 2.22
CA PHE A 101 6.51 -6.26 1.08
C PHE A 101 7.40 -5.28 0.33
N LYS A 102 8.68 -5.63 0.20
CA LYS A 102 9.64 -4.78 -0.49
C LYS A 102 9.26 -4.62 -1.96
N ASP A 103 9.28 -5.73 -2.69
CA ASP A 103 8.94 -5.71 -4.12
C ASP A 103 7.52 -5.20 -4.32
N VAL A 104 6.65 -5.48 -3.36
CA VAL A 104 5.26 -5.03 -3.44
C VAL A 104 5.15 -3.53 -3.29
N ASN A 105 5.83 -2.99 -2.29
CA ASN A 105 5.81 -1.55 -2.03
C ASN A 105 6.32 -0.78 -3.24
N ARG A 106 7.30 -1.36 -3.94
CA ARG A 106 7.86 -0.72 -5.13
C ARG A 106 6.82 -0.58 -6.22
N LYS A 107 5.93 -1.55 -6.30
CA LYS A 107 4.87 -1.54 -7.31
C LYS A 107 3.78 -0.56 -6.95
N LEU A 108 3.57 -0.36 -5.65
CA LEU A 108 2.55 0.56 -5.16
C LEU A 108 2.86 1.99 -5.58
N SER A 109 4.14 2.37 -5.49
CA SER A 109 4.58 3.71 -5.86
C SER A 109 4.54 3.89 -7.37
N ASP A 110 4.81 2.82 -8.09
CA ASP A 110 4.81 2.86 -9.55
C ASP A 110 3.39 2.98 -10.10
N VAL A 111 2.47 2.21 -9.51
CA VAL A 111 1.08 2.23 -9.93
C VAL A 111 0.42 3.57 -9.59
N TRP A 112 0.94 4.23 -8.57
CA TRP A 112 0.40 5.52 -8.14
C TRP A 112 1.00 6.66 -8.96
N LYS A 113 2.33 6.68 -9.05
CA LYS A 113 3.02 7.71 -9.81
C LYS A 113 2.62 7.67 -11.29
N GLU A 114 2.31 6.48 -11.77
CA GLU A 114 1.91 6.31 -13.17
C GLU A 114 0.59 7.00 -13.44
N LEU A 115 -0.41 6.71 -12.62
CA LEU A 115 -1.73 7.31 -12.78
C LEU A 115 -1.74 8.76 -12.29
N SER A 116 -0.75 9.10 -11.46
CA SER A 116 -0.65 10.45 -10.92
C SER A 116 -0.73 11.48 -12.04
N LEU A 117 -0.03 11.23 -13.13
CA LEU A 117 -0.02 12.14 -14.27
C LEU A 117 -1.43 12.27 -14.86
N LEU A 118 -2.19 11.18 -14.81
CA LEU A 118 -3.55 11.19 -15.34
C LEU A 118 -4.52 11.86 -14.37
N LEU A 119 -4.23 11.71 -13.08
CA LEU A 119 -5.07 12.31 -12.05
C LEU A 119 -4.86 13.82 -11.97
N GLN A 120 -3.62 14.25 -12.22
CA GLN A 120 -3.29 15.68 -12.18
C GLN A 120 -3.84 16.39 -13.40
N VAL A 121 -3.83 15.69 -14.54
CA VAL A 121 -4.33 16.27 -15.79
C VAL A 121 -5.86 16.18 -15.87
N GLU A 122 -6.41 15.08 -15.35
CA GLU A 122 -7.85 14.88 -15.36
C GLU A 122 -8.52 15.58 -14.19
N GLN A 123 -8.11 15.20 -12.98
CA GLN A 123 -8.66 15.80 -11.77
C GLN A 123 -7.73 16.87 -11.21
N ARG A 124 -8.21 17.60 -10.20
CA ARG A 124 -7.41 18.65 -9.59
C ARG A 124 -6.71 18.14 -8.34
N MET A 125 -6.21 16.91 -8.41
CA MET A 125 -5.51 16.30 -7.28
C MET A 125 -4.00 16.44 -7.45
N PRO A 126 -3.40 17.34 -6.65
CA PRO A 126 -1.96 17.59 -6.68
C PRO A 126 -1.15 16.41 -6.13
N VAL A 127 -0.71 15.54 -7.02
CA VAL A 127 0.08 14.37 -6.63
C VAL A 127 1.49 14.77 -6.20
N SER A 128 2.16 13.88 -5.49
CA SER A 128 3.52 14.15 -5.02
C SER A 128 3.61 15.53 -4.40
N PRO A 129 3.28 15.61 -3.10
CA PRO A 129 3.32 16.86 -2.34
C PRO A 129 4.74 17.35 -2.11
N ILE A 130 5.72 16.53 -2.49
CA ILE A 130 7.13 16.88 -2.32
C ILE A 130 8.01 16.10 -3.29
N SER A 131 7.78 14.79 -3.35
CA SER A 131 8.56 13.92 -4.23
C SER A 131 8.13 12.47 -4.07
N GLN A 132 7.35 11.99 -5.05
CA GLN A 132 6.87 10.62 -5.01
C GLN A 132 7.86 9.66 -5.68
N GLY A 133 8.57 10.18 -6.68
CA GLY A 133 9.55 9.36 -7.38
C GLY A 133 10.52 8.68 -6.44
N ALA A 134 11.05 9.45 -5.50
CA ALA A 134 12.00 8.92 -4.53
C ALA A 134 11.45 7.66 -3.85
N SER A 135 12.01 6.51 -4.20
CA SER A 135 11.58 5.24 -3.63
C SER A 135 11.56 5.31 -2.11
N TRP A 136 10.43 4.93 -1.52
CA TRP A 136 10.28 4.95 -0.07
C TRP A 136 10.89 3.69 0.56
N ALA A 137 11.45 2.83 -0.29
CA ALA A 137 12.07 1.60 0.18
C ALA A 137 13.30 1.90 1.05
N GLN A 138 13.99 2.99 0.73
CA GLN A 138 15.18 3.39 1.48
C GLN A 138 14.88 3.47 2.97
N GLU A 139 13.75 4.09 3.30
CA GLU A 139 13.35 4.25 4.70
C GLU A 139 12.79 2.95 5.25
N ASP A 140 12.21 2.13 4.38
CA ASP A 140 11.64 0.85 4.79
C ASP A 140 12.73 -0.13 5.18
N GLN A 141 13.65 -0.39 4.25
CA GLN A 141 14.75 -1.31 4.51
C GLN A 141 15.46 -0.97 5.81
N GLN A 142 15.81 0.31 5.97
CA GLN A 142 16.49 0.77 7.17
C GLN A 142 15.61 0.59 8.40
N ASP A 143 14.30 0.72 8.23
CA ASP A 143 13.36 0.56 9.32
C ASP A 143 13.20 -0.90 9.70
N ALA A 144 13.25 -1.78 8.70
CA ALA A 144 13.12 -3.21 8.93
C ALA A 144 14.24 -3.73 9.81
N ASP A 145 15.42 -3.13 9.69
CA ASP A 145 16.57 -3.54 10.48
C ASP A 145 16.24 -3.53 11.97
N GLU A 146 15.40 -2.59 12.38
CA GLU A 146 15.01 -2.47 13.78
C GLU A 146 14.11 -3.64 14.20
N ASP A 147 13.28 -4.09 13.26
CA ASP A 147 12.38 -5.20 13.52
C ASP A 147 13.12 -6.52 13.56
N ARG A 148 14.07 -6.70 12.64
CA ARG A 148 14.86 -7.91 12.58
C ARG A 148 15.47 -8.24 13.94
N ARG A 149 16.08 -7.24 14.57
CA ARG A 149 16.71 -7.43 15.87
C ARG A 149 15.73 -8.08 16.85
N ALA A 150 14.46 -7.74 16.72
CA ALA A 150 13.43 -8.29 17.60
C ALA A 150 13.00 -9.68 17.13
N PHE A 151 12.84 -9.84 15.82
CA PHE A 151 12.44 -11.12 15.25
C PHE A 151 13.39 -12.23 15.67
N GLN A 152 14.69 -11.91 15.69
CA GLN A 152 15.71 -12.89 16.07
C GLN A 152 15.42 -13.46 17.46
N MET A 153 14.90 -12.61 18.35
CA MET A 153 14.59 -13.02 19.71
C MET A 153 13.08 -12.96 19.95
N LEU A 154 12.43 -14.11 19.91
CA LEU A 154 10.99 -14.19 20.14
C LEU A 154 10.68 -14.91 21.44
N ARG A 155 10.16 -14.16 22.41
CA ARG A 155 9.82 -14.74 23.71
C ARG A 155 8.34 -14.53 24.03
N ARG A 156 7.85 -15.23 25.05
CA ARG A 156 6.45 -15.12 25.45
C ARG A 156 6.11 -13.68 25.83
N ASP A 157 7.10 -12.95 26.32
CA ASP A 157 6.91 -11.56 26.73
C ASP A 157 7.23 -10.61 25.57
C4 UJ5 B . -13.07 3.85 -11.52
C6 UJ5 B . -14.25 4.05 -13.33
C7 UJ5 B . -15.07 3.47 -12.36
C10 UJ5 B . -16.87 3.40 -13.95
C13 UJ5 B . -18.27 3.06 -14.28
C17 UJ5 B . -11.32 6.25 -11.23
C20 UJ5 B . -11.37 7.09 -8.59
C21 UJ5 B . -11.64 5.77 -8.90
C22 UJ5 B . -10.79 9.43 -9.25
C24 UJ5 B . -9.46 9.52 -8.51
C1 UJ5 B . -10.61 1.93 -10.91
O2 UJ5 B . -10.75 3.33 -11.17
C3 UJ5 B . -11.91 3.91 -10.56
N5 UJ5 B . -13.04 4.26 -12.76
C12 UJ5 B . -14.75 4.31 -14.62
C11 UJ5 B . -16.04 3.98 -14.91
N8 UJ5 B . -14.30 3.36 -11.22
C9 UJ5 B . -16.38 3.15 -12.66
O14 UJ5 B . -18.80 1.91 -13.83
O15 UJ5 B . -18.93 3.83 -14.95
C16 UJ5 B . -11.62 5.36 -10.22
C18 UJ5 B . -11.06 7.58 -10.91
C19 UJ5 B . -11.08 8.00 -9.59
C23 UJ5 B . -11.92 9.99 -8.37
H34 UJ5 B . -11.31 5.93 -12.25
H36 UJ5 B . -11.40 7.42 -7.55
H37 UJ5 B . -11.87 5.06 -8.12
H38 UJ5 B . -10.73 10.02 -10.17
H42 UJ5 B . -9.66 9.66 -7.43
H44 UJ5 B . -8.89 10.37 -8.87
H43 UJ5 B . -8.90 8.60 -8.65
H26 UJ5 B . -11.11 1.67 -9.98
H25 UJ5 B . -9.55 1.68 -10.83
H27 UJ5 B . -11.06 1.36 -11.73
H28 UJ5 B . -12.16 3.37 -9.65
H32 UJ5 B . -14.12 4.75 -15.36
H31 UJ5 B . -16.43 4.17 -15.91
H29 UJ5 B . -14.57 2.99 -10.37
H30 UJ5 B . -17.02 2.70 -11.92
H33 UJ5 B . -18.31 1.42 -13.17
H35 UJ5 B . -10.84 8.28 -11.70
H40 UJ5 B . -11.89 11.08 -8.39
H39 UJ5 B . -11.79 9.63 -7.34
H41 UJ5 B . -12.88 9.64 -8.75
N GLY A 1 -30.20 4.62 -2.47
CA GLY A 1 -29.35 5.72 -2.89
C GLY A 1 -27.99 5.70 -2.24
N SER A 2 -26.96 6.04 -2.99
CA SER A 2 -25.60 6.06 -2.47
C SER A 2 -24.61 6.53 -3.55
N PRO A 3 -23.43 6.97 -3.10
CA PRO A 3 -22.37 7.45 -3.99
C PRO A 3 -21.76 6.33 -4.82
N GLY A 4 -20.67 6.65 -5.52
CA GLY A 4 -20.00 5.65 -6.35
C GLY A 4 -19.61 4.42 -5.55
N GLU A 5 -20.35 3.33 -5.76
CA GLU A 5 -20.07 2.08 -5.07
C GLU A 5 -18.71 1.51 -5.47
N ASN A 6 -18.42 1.61 -6.77
CA ASN A 6 -17.16 1.10 -7.30
C ASN A 6 -15.98 1.95 -6.81
N LEU A 7 -16.12 3.26 -6.92
CA LEU A 7 -15.07 4.18 -6.48
C LEU A 7 -14.80 4.02 -5.00
N LYS A 8 -15.82 3.64 -4.24
CA LYS A 8 -15.68 3.45 -2.80
C LYS A 8 -14.95 2.15 -2.49
N HIS A 9 -15.14 1.15 -3.35
CA HIS A 9 -14.50 -0.14 -3.17
C HIS A 9 -13.01 -0.06 -3.48
N ILE A 10 -12.68 0.50 -4.64
CA ILE A 10 -11.29 0.64 -5.06
C ILE A 10 -10.47 1.33 -3.98
N ILE A 11 -11.02 2.41 -3.43
CA ILE A 11 -10.32 3.16 -2.38
C ILE A 11 -10.27 2.38 -1.08
N THR A 12 -11.32 1.59 -0.83
CA THR A 12 -11.40 0.79 0.38
C THR A 12 -10.34 -0.31 0.38
N LEU A 13 -10.08 -0.87 -0.80
CA LEU A 13 -9.09 -1.93 -0.95
C LEU A 13 -7.76 -1.53 -0.31
N GLY A 14 -7.36 -0.28 -0.52
CA GLY A 14 -6.11 0.20 0.04
C GLY A 14 -6.22 0.50 1.52
N GLN A 15 -7.42 0.87 1.96
CA GLN A 15 -7.65 1.19 3.37
C GLN A 15 -7.68 -0.08 4.22
N VAL A 16 -8.11 -1.18 3.61
CA VAL A 16 -8.18 -2.46 4.32
C VAL A 16 -6.84 -2.81 4.96
N ILE A 17 -5.76 -2.38 4.32
CA ILE A 17 -4.42 -2.65 4.82
C ILE A 17 -4.14 -1.84 6.09
N HIS A 18 -4.66 -0.62 6.14
CA HIS A 18 -4.47 0.25 7.29
C HIS A 18 -4.82 -0.48 8.59
N LYS A 19 -6.00 -1.11 8.59
CA LYS A 19 -6.46 -1.84 9.76
C LYS A 19 -5.70 -3.15 9.93
N ARG A 20 -5.39 -3.79 8.81
CA ARG A 20 -4.66 -5.05 8.82
C ARG A 20 -3.34 -4.91 9.57
N CYS A 21 -2.60 -3.87 9.25
CA CYS A 21 -1.31 -3.62 9.89
C CYS A 21 -1.45 -3.64 11.41
N GLU A 22 -2.59 -3.17 11.91
CA GLU A 22 -2.85 -3.14 13.34
C GLU A 22 -3.02 -4.54 13.90
N GLU A 23 -3.61 -5.42 13.09
CA GLU A 23 -3.84 -6.81 13.50
C GLU A 23 -2.52 -7.50 13.80
N MET A 24 -1.54 -7.32 12.92
CA MET A 24 -0.23 -7.94 13.09
C MET A 24 0.33 -7.65 14.48
N LYS A 25 1.40 -8.34 14.83
CA LYS A 25 2.04 -8.16 16.13
C LYS A 25 3.56 -8.13 16.00
N TYR A 26 4.08 -9.01 15.15
CA TYR A 26 5.53 -9.09 14.93
C TYR A 26 5.96 -8.18 13.78
N CYS A 27 5.45 -8.47 12.58
CA CYS A 27 5.78 -7.69 11.40
C CYS A 27 5.01 -6.38 11.38
N LYS A 28 4.12 -6.21 12.36
CA LYS A 28 3.31 -5.00 12.46
C LYS A 28 4.19 -3.76 12.41
N LYS A 29 5.41 -3.87 12.94
CA LYS A 29 6.35 -2.75 12.94
C LYS A 29 6.58 -2.22 11.53
N GLN A 30 6.97 -3.12 10.62
CA GLN A 30 7.22 -2.76 9.24
C GLN A 30 5.92 -2.50 8.49
N CYS A 31 4.90 -3.31 8.79
CA CYS A 31 3.60 -3.18 8.15
C CYS A 31 3.09 -1.74 8.25
N ARG A 32 3.37 -1.09 9.37
CA ARG A 32 2.94 0.29 9.59
C ARG A 32 3.34 1.18 8.41
N ARG A 33 4.51 0.89 7.84
CA ARG A 33 5.01 1.66 6.71
C ARG A 33 4.21 1.36 5.45
N LEU A 34 3.77 0.11 5.32
CA LEU A 34 3.00 -0.30 4.16
C LEU A 34 1.63 0.37 4.14
N GLY A 35 0.94 0.33 5.28
CA GLY A 35 -0.37 0.94 5.38
C GLY A 35 -0.30 2.45 5.39
N HIS A 36 0.56 3.00 6.24
CA HIS A 36 0.72 4.45 6.34
C HIS A 36 0.96 5.07 4.96
N ARG A 37 1.64 4.34 4.10
CA ARG A 37 1.94 4.82 2.76
C ARG A 37 0.72 4.66 1.84
N VAL A 38 0.24 3.43 1.72
CA VAL A 38 -0.92 3.13 0.88
C VAL A 38 -2.09 4.04 1.23
N LEU A 39 -2.14 4.49 2.49
CA LEU A 39 -3.21 5.37 2.95
C LEU A 39 -3.17 6.69 2.21
N GLY A 40 -1.98 7.14 1.84
CA GLY A 40 -1.83 8.40 1.14
C GLY A 40 -2.11 8.26 -0.34
N LEU A 41 -2.32 7.03 -0.79
CA LEU A 41 -2.60 6.76 -2.21
C LEU A 41 -4.09 6.89 -2.50
N ILE A 42 -4.90 6.22 -1.68
CA ILE A 42 -6.35 6.26 -1.86
C ILE A 42 -6.97 7.41 -1.07
N LYS A 43 -6.12 8.22 -0.45
CA LYS A 43 -6.58 9.36 0.33
C LYS A 43 -7.28 10.38 -0.55
N PRO A 44 -6.61 10.77 -1.65
CA PRO A 44 -7.15 11.75 -2.61
C PRO A 44 -8.32 11.19 -3.40
N LEU A 45 -8.19 9.95 -3.85
CA LEU A 45 -9.24 9.29 -4.62
C LEU A 45 -10.50 9.11 -3.79
N GLU A 46 -10.32 8.98 -2.47
CA GLU A 46 -11.44 8.80 -1.57
C GLU A 46 -12.18 10.12 -1.35
N MET A 47 -11.43 11.19 -1.13
CA MET A 47 -12.02 12.49 -0.90
C MET A 47 -12.55 13.08 -2.21
N LEU A 48 -11.85 12.79 -3.30
CA LEU A 48 -12.25 13.29 -4.62
C LEU A 48 -13.72 12.97 -4.90
N GLN A 49 -14.03 11.68 -5.01
CA GLN A 49 -15.39 11.25 -5.28
C GLN A 49 -16.36 11.81 -4.24
N ASP A 50 -15.87 11.99 -3.01
CA ASP A 50 -16.68 12.52 -1.94
C ASP A 50 -17.35 13.83 -2.35
N GLN A 51 -16.66 14.60 -3.18
CA GLN A 51 -17.19 15.87 -3.65
C GLN A 51 -18.60 15.72 -4.20
N GLY A 52 -18.81 14.65 -4.96
CA GLY A 52 -20.12 14.39 -5.54
C GLY A 52 -20.04 13.73 -6.90
N LYS A 53 -19.94 14.55 -7.94
CA LYS A 53 -19.85 14.04 -9.31
C LYS A 53 -18.76 12.98 -9.42
N ARG A 54 -18.90 12.10 -10.41
CA ARG A 54 -17.92 11.03 -10.63
C ARG A 54 -16.51 11.60 -10.75
N SER A 55 -16.41 12.80 -11.32
CA SER A 55 -15.12 13.46 -11.50
C SER A 55 -14.25 12.68 -12.48
N VAL A 56 -14.89 11.86 -13.31
CA VAL A 56 -14.17 11.06 -14.31
C VAL A 56 -14.23 11.71 -15.68
N PRO A 57 -13.04 11.97 -16.25
CA PRO A 57 -12.92 12.59 -17.57
C PRO A 57 -13.37 11.67 -18.70
N SER A 58 -12.75 10.48 -18.76
CA SER A 58 -13.09 9.50 -19.78
C SER A 58 -12.92 8.08 -19.25
N GLU A 59 -13.17 7.10 -20.11
CA GLU A 59 -13.04 5.70 -19.73
C GLU A 59 -11.58 5.30 -19.59
N LYS A 60 -10.71 5.99 -20.33
CA LYS A 60 -9.28 5.71 -20.29
C LYS A 60 -8.78 5.67 -18.85
N LEU A 61 -9.37 6.49 -17.99
CA LEU A 61 -8.97 6.55 -16.59
C LEU A 61 -9.36 5.26 -15.86
N THR A 62 -10.53 4.72 -16.21
CA THR A 62 -11.01 3.50 -15.59
C THR A 62 -10.02 2.36 -15.78
N THR A 63 -9.55 2.19 -17.00
CA THR A 63 -8.59 1.13 -17.31
C THR A 63 -7.30 1.31 -16.53
N ALA A 64 -6.74 2.52 -16.59
CA ALA A 64 -5.50 2.82 -15.88
C ALA A 64 -5.68 2.64 -14.37
N MET A 65 -6.84 3.06 -13.86
CA MET A 65 -7.14 2.95 -12.44
C MET A 65 -7.31 1.49 -12.03
N ASN A 66 -7.91 0.71 -12.93
CA ASN A 66 -8.15 -0.70 -12.65
C ASN A 66 -6.85 -1.40 -12.25
N ARG A 67 -5.74 -0.91 -12.77
CA ARG A 67 -4.43 -1.49 -12.46
C ARG A 67 -4.02 -1.17 -11.02
N PHE A 68 -4.40 0.01 -10.55
CA PHE A 68 -4.07 0.43 -9.19
C PHE A 68 -4.90 -0.34 -8.17
N LYS A 69 -6.20 -0.40 -8.40
CA LYS A 69 -7.11 -1.10 -7.51
C LYS A 69 -6.61 -2.51 -7.21
N ALA A 70 -6.04 -3.15 -8.22
CA ALA A 70 -5.50 -4.50 -8.07
C ALA A 70 -4.20 -4.49 -7.27
N ALA A 71 -3.43 -3.42 -7.42
CA ALA A 71 -2.16 -3.28 -6.71
C ALA A 71 -2.33 -3.54 -5.22
N LEU A 72 -3.49 -3.15 -4.69
CA LEU A 72 -3.78 -3.34 -3.27
C LEU A 72 -3.97 -4.82 -2.94
N GLU A 73 -4.58 -5.55 -3.87
CA GLU A 73 -4.82 -6.97 -3.67
C GLU A 73 -3.53 -7.69 -3.28
N GLU A 74 -2.40 -7.21 -3.79
CA GLU A 74 -1.11 -7.81 -3.50
C GLU A 74 -0.74 -7.62 -2.03
N ALA A 75 -0.77 -6.37 -1.58
CA ALA A 75 -0.44 -6.05 -0.20
C ALA A 75 -1.47 -6.64 0.76
N ASN A 76 -2.73 -6.28 0.56
CA ASN A 76 -3.81 -6.78 1.41
C ASN A 76 -3.87 -8.30 1.38
N GLY A 77 -3.61 -8.87 0.21
CA GLY A 77 -3.64 -10.32 0.07
C GLY A 77 -2.48 -11.00 0.77
N GLU A 78 -1.33 -10.33 0.78
CA GLU A 78 -0.13 -10.87 1.43
C GLU A 78 -0.26 -10.80 2.95
N ILE A 79 -0.81 -9.69 3.44
CA ILE A 79 -0.99 -9.51 4.87
C ILE A 79 -1.71 -10.69 5.50
N GLU A 80 -2.73 -11.20 4.79
CA GLU A 80 -3.51 -12.33 5.28
C GLU A 80 -2.60 -13.49 5.67
N LYS A 81 -1.68 -13.84 4.79
CA LYS A 81 -0.75 -14.93 5.04
C LYS A 81 0.20 -14.59 6.19
N PHE A 82 0.79 -13.41 6.13
CA PHE A 82 1.71 -12.96 7.17
C PHE A 82 1.03 -12.98 8.54
N SER A 83 -0.29 -12.85 8.54
CA SER A 83 -1.06 -12.85 9.78
C SER A 83 -0.63 -14.00 10.68
N ASN A 84 -0.27 -15.12 10.07
CA ASN A 84 0.16 -16.30 10.81
C ASN A 84 1.48 -16.03 11.55
N ARG A 85 2.06 -17.09 12.11
CA ARG A 85 3.31 -16.97 12.84
C ARG A 85 4.46 -17.54 12.02
N SER A 86 4.39 -18.85 11.74
CA SER A 86 5.43 -19.52 10.98
C SER A 86 5.69 -18.80 9.65
N ASN A 87 4.63 -18.23 9.08
CA ASN A 87 4.73 -17.52 7.81
C ASN A 87 5.78 -16.41 7.90
N ILE A 88 5.78 -15.69 9.02
CA ILE A 88 6.73 -14.60 9.23
C ILE A 88 8.16 -15.13 9.32
N CYS A 89 8.36 -16.13 10.19
CA CYS A 89 9.68 -16.72 10.37
C CYS A 89 10.20 -17.29 9.06
N ARG A 90 9.30 -17.87 8.27
CA ARG A 90 9.68 -18.46 6.98
C ARG A 90 10.44 -17.46 6.13
N PHE A 91 9.86 -16.27 5.96
CA PHE A 91 10.48 -15.22 5.17
C PHE A 91 11.64 -14.57 5.92
N LEU A 92 11.42 -14.29 7.20
CA LEU A 92 12.45 -13.67 8.04
C LEU A 92 13.75 -14.46 7.97
N THR A 93 13.66 -15.76 8.23
CA THR A 93 14.83 -16.62 8.20
C THR A 93 15.34 -16.82 6.78
N ALA A 94 14.43 -16.78 5.81
CA ALA A 94 14.79 -16.94 4.41
C ALA A 94 15.79 -15.88 3.97
N SER A 95 15.48 -14.63 4.27
CA SER A 95 16.35 -13.52 3.89
C SER A 95 16.89 -12.82 5.13
N GLN A 96 18.21 -12.66 5.19
CA GLN A 96 18.85 -12.01 6.32
C GLN A 96 18.21 -10.66 6.61
N ASP A 97 18.41 -9.71 5.70
CA ASP A 97 17.85 -8.38 5.86
C ASP A 97 17.02 -7.98 4.64
N LYS A 98 15.71 -8.18 4.73
CA LYS A 98 14.81 -7.85 3.63
C LYS A 98 13.46 -7.39 4.16
N ILE A 99 12.61 -6.90 3.27
CA ILE A 99 11.28 -6.43 3.64
C ILE A 99 10.20 -7.37 3.12
N LEU A 100 9.16 -7.57 3.93
CA LEU A 100 8.07 -8.45 3.55
C LEU A 100 7.30 -7.88 2.35
N PHE A 101 7.20 -6.56 2.29
CA PHE A 101 6.49 -5.90 1.20
C PHE A 101 7.46 -5.07 0.35
N LYS A 102 8.66 -5.61 0.15
CA LYS A 102 9.68 -4.93 -0.64
C LYS A 102 9.17 -4.64 -2.05
N ASP A 103 8.88 -5.69 -2.80
CA ASP A 103 8.39 -5.55 -4.16
C ASP A 103 6.91 -5.16 -4.17
N VAL A 104 6.18 -5.63 -3.16
CA VAL A 104 4.76 -5.33 -3.05
C VAL A 104 4.50 -3.82 -3.07
N ASN A 105 5.34 -3.08 -2.34
CA ASN A 105 5.21 -1.63 -2.29
C ASN A 105 5.71 -0.98 -3.57
N ARG A 106 6.67 -1.64 -4.23
CA ARG A 106 7.23 -1.13 -5.46
C ARG A 106 6.13 -0.86 -6.49
N LYS A 107 5.22 -1.81 -6.63
CA LYS A 107 4.12 -1.68 -7.58
C LYS A 107 3.15 -0.59 -7.13
N LEU A 108 3.04 -0.39 -5.82
CA LEU A 108 2.14 0.61 -5.26
C LEU A 108 2.56 2.01 -5.70
N SER A 109 3.86 2.27 -5.68
CA SER A 109 4.40 3.56 -6.08
C SER A 109 4.31 3.75 -7.59
N ASP A 110 4.49 2.67 -8.32
CA ASP A 110 4.42 2.71 -9.78
C ASP A 110 2.99 2.92 -10.25
N VAL A 111 2.07 2.08 -9.77
CA VAL A 111 0.67 2.18 -10.15
C VAL A 111 0.10 3.54 -9.79
N TRP A 112 0.68 4.18 -8.78
CA TRP A 112 0.23 5.49 -8.34
C TRP A 112 0.85 6.60 -9.20
N LYS A 113 2.17 6.57 -9.31
CA LYS A 113 2.89 7.57 -10.11
C LYS A 113 2.53 7.45 -11.59
N GLU A 114 1.99 6.30 -11.97
CA GLU A 114 1.60 6.07 -13.35
C GLU A 114 0.31 6.81 -13.68
N LEU A 115 -0.72 6.59 -12.88
CA LEU A 115 -2.02 7.24 -13.09
C LEU A 115 -1.97 8.69 -12.62
N SER A 116 -1.07 8.97 -11.69
CA SER A 116 -0.93 10.33 -11.15
C SER A 116 -0.78 11.34 -12.28
N LEU A 117 -0.06 10.96 -13.33
CA LEU A 117 0.17 11.83 -14.47
C LEU A 117 -1.14 12.07 -15.24
N LEU A 118 -1.96 11.03 -15.32
CA LEU A 118 -3.23 11.13 -16.03
C LEU A 118 -4.28 11.84 -15.17
N LEU A 119 -4.12 11.76 -13.86
CA LEU A 119 -5.04 12.40 -12.93
C LEU A 119 -4.81 13.91 -12.89
N GLN A 120 -3.55 14.32 -13.00
CA GLN A 120 -3.20 15.73 -12.99
C GLN A 120 -3.53 16.40 -14.32
N VAL A 121 -3.15 15.74 -15.42
CA VAL A 121 -3.42 16.27 -16.75
C VAL A 121 -4.91 16.34 -17.02
N GLU A 122 -5.64 15.32 -16.57
CA GLU A 122 -7.08 15.27 -16.78
C GLU A 122 -7.81 16.03 -15.68
N GLN A 123 -7.61 15.61 -14.43
CA GLN A 123 -8.25 16.24 -13.29
C GLN A 123 -7.36 17.34 -12.71
N ARG A 124 -7.98 18.39 -12.19
CA ARG A 124 -7.25 19.50 -11.60
C ARG A 124 -6.90 19.21 -10.14
N MET A 125 -6.27 18.06 -9.90
CA MET A 125 -5.88 17.67 -8.56
C MET A 125 -4.37 17.57 -8.43
N PRO A 126 -3.81 18.26 -7.43
CA PRO A 126 -2.36 18.27 -7.18
C PRO A 126 -1.85 16.92 -6.67
N VAL A 127 -0.82 16.40 -7.32
CA VAL A 127 -0.25 15.12 -6.93
C VAL A 127 1.19 15.29 -6.43
N SER A 128 1.62 14.38 -5.57
CA SER A 128 2.97 14.44 -5.00
C SER A 128 3.30 15.85 -4.52
N PRO A 129 2.71 16.24 -3.38
CA PRO A 129 2.92 17.56 -2.79
C PRO A 129 4.33 17.72 -2.23
N ILE A 130 4.87 16.63 -1.70
CA ILE A 130 6.22 16.65 -1.14
C ILE A 130 6.62 15.26 -0.61
N SER A 131 5.70 14.62 0.10
CA SER A 131 5.95 13.30 0.65
C SER A 131 6.27 12.30 -0.46
N GLN A 132 5.42 12.26 -1.47
CA GLN A 132 5.61 11.35 -2.59
C GLN A 132 6.80 11.77 -3.44
N GLY A 133 7.20 10.89 -4.36
CA GLY A 133 8.34 11.20 -5.22
C GLY A 133 9.49 10.23 -5.01
N ALA A 134 10.25 10.43 -3.94
CA ALA A 134 11.38 9.57 -3.63
C ALA A 134 10.92 8.18 -3.23
N SER A 135 11.54 7.16 -3.80
CA SER A 135 11.20 5.77 -3.50
C SER A 135 11.21 5.54 -1.99
N TRP A 136 10.14 4.95 -1.48
CA TRP A 136 10.03 4.67 -0.06
C TRP A 136 10.74 3.37 0.30
N ALA A 137 11.34 2.73 -0.71
CA ALA A 137 12.05 1.48 -0.51
C ALA A 137 13.39 1.72 0.21
N GLN A 138 14.01 2.85 -0.08
CA GLN A 138 15.28 3.20 0.53
C GLN A 138 15.18 3.16 2.06
N GLU A 139 14.18 3.85 2.60
CA GLU A 139 13.99 3.88 4.04
C GLU A 139 13.52 2.52 4.57
N ASP A 140 12.71 1.84 3.77
CA ASP A 140 12.20 0.51 4.15
C ASP A 140 13.35 -0.40 4.56
N GLN A 141 14.46 -0.31 3.85
CA GLN A 141 15.62 -1.14 4.13
C GLN A 141 16.05 -1.00 5.60
N GLN A 142 16.24 0.24 6.05
CA GLN A 142 16.64 0.50 7.42
C GLN A 142 15.62 -0.05 8.40
N ASP A 143 14.35 0.30 8.19
CA ASP A 143 13.27 -0.17 9.06
C ASP A 143 13.27 -1.69 9.14
N ALA A 144 13.52 -2.35 8.02
CA ALA A 144 13.54 -3.80 7.97
C ALA A 144 14.51 -4.38 9.00
N ASP A 145 15.69 -3.76 9.10
CA ASP A 145 16.70 -4.21 10.06
C ASP A 145 16.23 -3.97 11.49
N GLU A 146 15.52 -2.87 11.71
CA GLU A 146 15.02 -2.53 13.04
C GLU A 146 14.00 -3.56 13.52
N ASP A 147 13.21 -4.09 12.58
CA ASP A 147 12.20 -5.09 12.92
C ASP A 147 12.85 -6.41 13.29
N ARG A 148 13.96 -6.74 12.63
CA ARG A 148 14.67 -7.97 12.90
C ARG A 148 15.00 -8.10 14.38
N ARG A 149 15.55 -7.04 14.95
CA ARG A 149 15.92 -7.03 16.37
C ARG A 149 14.74 -7.47 17.24
N ALA A 150 13.56 -6.93 16.94
CA ALA A 150 12.36 -7.27 17.69
C ALA A 150 11.94 -8.71 17.45
N PHE A 151 12.12 -9.18 16.21
CA PHE A 151 11.77 -10.54 15.85
C PHE A 151 12.57 -11.55 16.68
N GLN A 152 13.83 -11.21 16.96
CA GLN A 152 14.69 -12.09 17.74
C GLN A 152 14.04 -12.46 19.07
N MET A 153 13.29 -11.52 19.63
CA MET A 153 12.61 -11.75 20.90
C MET A 153 11.62 -12.90 20.79
N LEU A 154 11.02 -13.05 19.62
CA LEU A 154 10.05 -14.11 19.38
C LEU A 154 10.62 -15.47 19.79
N ARG A 155 11.93 -15.61 19.66
CA ARG A 155 12.60 -16.86 20.02
C ARG A 155 12.21 -17.29 21.43
N ARG A 156 11.45 -18.38 21.52
CA ARG A 156 11.01 -18.90 22.81
C ARG A 156 11.39 -20.37 22.95
N ASP A 157 10.98 -20.97 24.07
CA ASP A 157 11.27 -22.38 24.33
C ASP A 157 10.04 -23.25 24.11
C4 UJ5 B . -14.08 5.35 -12.98
C6 UJ5 B . -14.87 5.74 -14.96
C7 UJ5 B . -15.96 5.68 -14.07
C10 UJ5 B . -17.45 6.10 -15.91
C13 UJ5 B . -18.82 6.28 -16.42
C17 UJ5 B . -13.48 7.48 -11.26
C20 UJ5 B . -10.93 7.72 -10.24
C21 UJ5 B . -11.36 6.52 -10.77
C22 UJ5 B . -11.31 10.11 -9.64
C24 UJ5 B . -10.03 10.55 -10.33
C1 UJ5 B . -11.53 3.30 -11.53
O2 UJ5 B . -11.97 4.37 -12.37
C3 UJ5 B . -13.10 5.08 -11.86
N5 UJ5 B . -13.75 5.54 -14.23
C12 UJ5 B . -15.10 5.99 -16.32
C11 UJ5 B . -16.37 6.16 -16.78
N8 UJ5 B . -15.42 5.42 -12.82
C9 UJ5 B . -17.25 5.85 -14.55
O14 UJ5 B . -19.12 7.38 -17.14
O15 UJ5 B . -19.69 5.45 -16.19
C16 UJ5 B . -12.63 6.39 -11.28
C18 UJ5 B . -13.06 8.69 -10.72
C19 UJ5 B . -11.78 8.80 -10.22
C23 UJ5 B . -11.07 9.95 -8.14
H34 UJ5 B . -14.49 7.39 -11.65
H36 UJ5 B . -9.93 7.80 -9.85
H37 UJ5 B . -10.68 5.67 -10.79
H38 UJ5 B . -12.09 10.87 -9.79
H42 UJ5 B . -9.89 9.97 -11.24
H44 UJ5 B . -9.18 10.36 -9.66
H43 UJ5 B . -10.08 11.61 -10.56
H26 UJ5 B . -12.38 2.66 -11.28
H25 UJ5 B . -11.11 3.71 -10.61
H27 UJ5 B . -10.77 2.72 -12.05
H28 UJ5 B . -13.58 4.49 -11.08
H32 UJ5 B . -14.26 6.04 -17.01
H31 UJ5 B . -16.53 6.36 -17.83
H29 UJ5 B . -15.92 5.32 -12.00
H30 UJ5 B . -18.09 5.81 -13.87
H33 UJ5 B . -20.07 7.60 -17.24
H35 UJ5 B . -13.73 9.54 -10.71
H40 UJ5 B . -11.87 10.44 -7.58
H39 UJ5 B . -10.11 10.39 -7.87
H41 UJ5 B . -11.06 8.88 -7.88
N GLY A 1 -28.84 1.00 -5.82
CA GLY A 1 -28.15 2.00 -6.62
C GLY A 1 -26.64 1.90 -6.50
N SER A 2 -25.93 2.66 -7.31
CA SER A 2 -24.47 2.65 -7.30
C SER A 2 -23.91 4.01 -7.72
N PRO A 3 -24.07 5.02 -6.83
CA PRO A 3 -23.59 6.38 -7.08
C PRO A 3 -22.07 6.47 -7.06
N GLY A 4 -21.44 5.64 -6.24
CA GLY A 4 -19.99 5.64 -6.14
C GLY A 4 -19.46 4.45 -5.38
N GLU A 5 -20.13 3.30 -5.52
CA GLU A 5 -19.71 2.09 -4.83
C GLU A 5 -18.32 1.65 -5.29
N ASN A 6 -18.14 1.56 -6.60
CA ASN A 6 -16.86 1.15 -7.17
C ASN A 6 -15.77 2.16 -6.84
N LEU A 7 -16.15 3.43 -6.79
CA LEU A 7 -15.20 4.50 -6.48
C LEU A 7 -14.79 4.46 -5.02
N LYS A 8 -15.73 4.10 -4.15
CA LYS A 8 -15.46 4.01 -2.72
C LYS A 8 -14.76 2.70 -2.38
N HIS A 9 -15.02 1.67 -3.17
CA HIS A 9 -14.43 0.36 -2.96
C HIS A 9 -12.95 0.36 -3.35
N ILE A 10 -12.65 0.88 -4.54
CA ILE A 10 -11.28 0.95 -5.02
C ILE A 10 -10.38 1.64 -4.01
N ILE A 11 -10.85 2.75 -3.46
CA ILE A 11 -10.08 3.51 -2.49
C ILE A 11 -10.00 2.77 -1.15
N THR A 12 -11.06 2.05 -0.82
CA THR A 12 -11.11 1.28 0.42
C THR A 12 -9.99 0.25 0.47
N LEU A 13 -9.71 -0.35 -0.67
CA LEU A 13 -8.66 -1.37 -0.77
C LEU A 13 -7.34 -0.83 -0.23
N GLY A 14 -6.98 0.38 -0.64
CA GLY A 14 -5.75 0.99 -0.19
C GLY A 14 -5.82 1.46 1.24
N GLN A 15 -7.02 1.83 1.69
CA GLN A 15 -7.22 2.31 3.05
C GLN A 15 -7.16 1.16 4.04
N VAL A 16 -7.65 -0.01 3.61
CA VAL A 16 -7.66 -1.19 4.46
C VAL A 16 -6.26 -1.49 5.00
N ILE A 17 -5.25 -1.19 4.20
CA ILE A 17 -3.87 -1.42 4.60
C ILE A 17 -3.56 -0.76 5.93
N HIS A 18 -4.20 0.38 6.20
CA HIS A 18 -3.99 1.11 7.43
C HIS A 18 -4.38 0.26 8.64
N LYS A 19 -5.57 -0.33 8.59
CA LYS A 19 -6.06 -1.18 9.68
C LYS A 19 -5.36 -2.53 9.66
N ARG A 20 -5.07 -3.04 8.47
CA ARG A 20 -4.41 -4.32 8.31
C ARG A 20 -3.09 -4.35 9.10
N CYS A 21 -2.27 -3.33 8.91
CA CYS A 21 -0.99 -3.24 9.61
C CYS A 21 -1.19 -3.29 11.11
N GLU A 22 -2.28 -2.69 11.60
CA GLU A 22 -2.57 -2.67 13.02
C GLU A 22 -2.72 -4.08 13.56
N GLU A 23 -3.26 -4.98 12.74
CA GLU A 23 -3.46 -6.37 13.15
C GLU A 23 -2.13 -7.03 13.47
N MET A 24 -1.13 -6.77 12.63
CA MET A 24 0.20 -7.34 12.83
C MET A 24 0.72 -7.04 14.24
N LYS A 25 1.85 -7.63 14.58
CA LYS A 25 2.46 -7.42 15.89
C LYS A 25 3.99 -7.45 15.81
N TYR A 26 4.51 -8.46 15.12
CA TYR A 26 5.95 -8.61 14.96
C TYR A 26 6.46 -7.77 13.80
N CYS A 27 6.04 -8.11 12.59
CA CYS A 27 6.44 -7.38 11.40
C CYS A 27 5.70 -6.06 11.29
N LYS A 28 4.76 -5.83 12.20
CA LYS A 28 3.97 -4.60 12.21
C LYS A 28 4.88 -3.38 12.16
N LYS A 29 6.05 -3.49 12.76
CA LYS A 29 7.01 -2.39 12.78
C LYS A 29 7.33 -1.92 11.37
N GLN A 30 7.74 -2.85 10.52
CA GLN A 30 8.08 -2.53 9.13
C GLN A 30 6.82 -2.30 8.31
N CYS A 31 5.85 -3.20 8.46
CA CYS A 31 4.59 -3.10 7.73
C CYS A 31 3.95 -1.73 7.95
N ARG A 32 4.13 -1.17 9.14
CA ARG A 32 3.56 0.13 9.47
C ARG A 32 3.92 1.16 8.40
N ARG A 33 5.12 1.05 7.85
CA ARG A 33 5.57 1.98 6.81
C ARG A 33 4.80 1.76 5.51
N LEU A 34 4.47 0.51 5.23
CA LEU A 34 3.73 0.17 4.02
C LEU A 34 2.31 0.72 4.07
N GLY A 35 1.67 0.59 5.23
CA GLY A 35 0.32 1.10 5.38
C GLY A 35 0.26 2.60 5.49
N HIS A 36 1.30 3.20 6.08
CA HIS A 36 1.37 4.64 6.24
C HIS A 36 1.63 5.32 4.91
N ARG A 37 2.41 4.67 4.05
CA ARG A 37 2.74 5.22 2.75
C ARG A 37 1.55 5.11 1.80
N VAL A 38 0.99 3.92 1.67
CA VAL A 38 -0.15 3.70 0.80
C VAL A 38 -1.29 4.64 1.14
N LEU A 39 -1.44 4.94 2.43
CA LEU A 39 -2.50 5.84 2.89
C LEU A 39 -2.44 7.17 2.15
N GLY A 40 -1.23 7.66 1.91
CA GLY A 40 -1.06 8.92 1.22
C GLY A 40 -1.36 8.81 -0.27
N LEU A 41 -1.35 7.58 -0.78
CA LEU A 41 -1.60 7.33 -2.19
C LEU A 41 -3.08 7.52 -2.51
N ILE A 42 -3.93 6.80 -1.80
CA ILE A 42 -5.37 6.89 -2.01
C ILE A 42 -5.97 8.03 -1.20
N LYS A 43 -5.15 8.67 -0.38
CA LYS A 43 -5.59 9.78 0.45
C LYS A 43 -6.31 10.83 -0.39
N PRO A 44 -5.63 11.32 -1.44
CA PRO A 44 -6.19 12.33 -2.35
C PRO A 44 -7.32 11.77 -3.20
N LEU A 45 -7.10 10.60 -3.77
CA LEU A 45 -8.10 9.96 -4.61
C LEU A 45 -9.40 9.73 -3.85
N GLU A 46 -9.28 9.55 -2.54
CA GLU A 46 -10.44 9.32 -1.70
C GLU A 46 -11.20 10.62 -1.43
N MET A 47 -10.47 11.64 -0.99
CA MET A 47 -11.06 12.95 -0.71
C MET A 47 -11.58 13.59 -1.99
N LEU A 48 -10.91 13.33 -3.09
CA LEU A 48 -11.31 13.88 -4.38
C LEU A 48 -12.79 13.62 -4.66
N GLN A 49 -13.16 12.35 -4.70
CA GLN A 49 -14.55 11.96 -4.95
C GLN A 49 -15.48 12.55 -3.89
N ASP A 50 -14.93 12.77 -2.70
CA ASP A 50 -15.73 13.33 -1.61
C ASP A 50 -16.35 14.66 -2.01
N GLN A 51 -15.51 15.66 -2.25
CA GLN A 51 -15.99 16.98 -2.64
C GLN A 51 -16.92 16.89 -3.84
N GLY A 52 -16.62 15.96 -4.75
CA GLY A 52 -17.44 15.78 -5.93
C GLY A 52 -17.58 14.32 -6.33
N LYS A 53 -18.80 13.84 -6.38
CA LYS A 53 -19.06 12.45 -6.75
C LYS A 53 -18.36 12.10 -8.06
N ARG A 54 -18.90 12.58 -9.17
CA ARG A 54 -18.32 12.32 -10.48
C ARG A 54 -17.05 13.14 -10.69
N SER A 55 -15.91 12.46 -10.74
CA SER A 55 -14.63 13.11 -10.93
C SER A 55 -13.80 12.41 -12.00
N VAL A 56 -14.48 11.61 -12.83
CA VAL A 56 -13.80 10.88 -13.90
C VAL A 56 -13.93 11.60 -15.23
N PRO A 57 -12.79 11.91 -15.86
CA PRO A 57 -12.75 12.61 -17.14
C PRO A 57 -13.25 11.73 -18.29
N SER A 58 -12.64 10.56 -18.45
CA SER A 58 -13.01 9.64 -19.51
C SER A 58 -12.80 8.19 -19.07
N GLU A 59 -13.19 7.25 -19.94
CA GLU A 59 -13.04 5.83 -19.63
C GLU A 59 -11.57 5.42 -19.71
N LYS A 60 -10.81 6.11 -20.54
CA LYS A 60 -9.38 5.81 -20.72
C LYS A 60 -8.68 5.75 -19.36
N LEU A 61 -9.14 6.56 -18.41
CA LEU A 61 -8.55 6.59 -17.08
C LEU A 61 -8.86 5.30 -16.33
N THR A 62 -10.05 4.76 -16.54
CA THR A 62 -10.47 3.52 -15.88
C THR A 62 -9.47 2.40 -16.12
N THR A 63 -8.90 2.37 -17.33
CA THR A 63 -7.93 1.35 -17.69
C THR A 63 -6.66 1.49 -16.86
N ALA A 64 -6.12 2.70 -16.80
CA ALA A 64 -4.91 2.96 -16.04
C ALA A 64 -5.14 2.76 -14.54
N MET A 65 -6.23 3.32 -14.03
CA MET A 65 -6.57 3.19 -12.62
C MET A 65 -6.76 1.74 -12.24
N ASN A 66 -7.28 0.94 -13.16
CA ASN A 66 -7.51 -0.48 -12.92
C ASN A 66 -6.23 -1.16 -12.45
N ARG A 67 -5.09 -0.70 -12.96
CA ARG A 67 -3.80 -1.26 -12.59
C ARG A 67 -3.43 -0.89 -11.16
N PHE A 68 -3.86 0.29 -10.73
CA PHE A 68 -3.58 0.76 -9.38
C PHE A 68 -4.45 0.04 -8.36
N LYS A 69 -5.75 -0.03 -8.63
CA LYS A 69 -6.69 -0.70 -7.74
C LYS A 69 -6.19 -2.09 -7.37
N ALA A 70 -5.58 -2.78 -8.34
CA ALA A 70 -5.06 -4.11 -8.10
C ALA A 70 -3.77 -4.07 -7.27
N ALA A 71 -3.02 -3.00 -7.42
CA ALA A 71 -1.77 -2.84 -6.69
C ALA A 71 -1.99 -3.02 -5.20
N LEU A 72 -3.15 -2.62 -4.71
CA LEU A 72 -3.49 -2.75 -3.30
C LEU A 72 -3.67 -4.21 -2.91
N GLU A 73 -4.34 -4.97 -3.77
CA GLU A 73 -4.58 -6.38 -3.52
C GLU A 73 -3.28 -7.11 -3.19
N GLU A 74 -2.19 -6.66 -3.79
CA GLU A 74 -0.88 -7.26 -3.56
C GLU A 74 -0.47 -7.12 -2.09
N ALA A 75 -0.48 -5.89 -1.60
CA ALA A 75 -0.11 -5.62 -0.21
C ALA A 75 -1.14 -6.21 0.75
N ASN A 76 -2.39 -5.82 0.59
CA ASN A 76 -3.46 -6.32 1.44
C ASN A 76 -3.45 -7.84 1.52
N GLY A 77 -3.50 -8.48 0.35
CA GLY A 77 -3.49 -9.93 0.30
C GLY A 77 -2.27 -10.53 0.97
N GLU A 78 -1.15 -9.80 0.91
CA GLU A 78 0.09 -10.27 1.52
C GLU A 78 0.03 -10.15 3.04
N ILE A 79 -0.44 -9.00 3.52
CA ILE A 79 -0.54 -8.75 4.95
C ILE A 79 -1.33 -9.87 5.64
N GLU A 80 -2.46 -10.24 5.06
CA GLU A 80 -3.30 -11.29 5.62
C GLU A 80 -2.51 -12.59 5.78
N LYS A 81 -1.69 -12.90 4.79
CA LYS A 81 -0.88 -14.12 4.81
C LYS A 81 0.17 -14.04 5.92
N PHE A 82 0.66 -12.84 6.19
CA PHE A 82 1.66 -12.63 7.22
C PHE A 82 1.00 -12.32 8.56
N SER A 83 -0.30 -12.55 8.63
CA SER A 83 -1.06 -12.29 9.86
C SER A 83 -0.62 -13.24 10.97
N ASN A 84 -0.29 -14.47 10.60
CA ASN A 84 0.14 -15.47 11.57
C ASN A 84 1.57 -15.20 12.03
N ARG A 85 2.02 -15.97 13.02
CA ARG A 85 3.36 -15.82 13.55
C ARG A 85 4.36 -16.67 12.78
N SER A 86 4.14 -17.97 12.76
CA SER A 86 5.01 -18.90 12.06
C SER A 86 5.20 -18.47 10.60
N ASN A 87 4.15 -17.91 10.02
CA ASN A 87 4.21 -17.46 8.63
C ASN A 87 5.34 -16.46 8.43
N ILE A 88 5.58 -15.63 9.45
CA ILE A 88 6.65 -14.64 9.38
C ILE A 88 8.02 -15.29 9.36
N CYS A 89 8.23 -16.23 10.27
CA CYS A 89 9.51 -16.95 10.36
C CYS A 89 9.89 -17.53 9.00
N ARG A 90 8.89 -17.95 8.24
CA ARG A 90 9.14 -18.54 6.93
C ARG A 90 9.98 -17.61 6.06
N PHE A 91 9.58 -16.34 6.00
CA PHE A 91 10.29 -15.35 5.21
C PHE A 91 11.54 -14.87 5.94
N LEU A 92 11.39 -14.59 7.23
CA LEU A 92 12.51 -14.12 8.05
C LEU A 92 13.70 -15.07 7.94
N THR A 93 13.46 -16.35 8.22
CA THR A 93 14.50 -17.36 8.15
C THR A 93 15.12 -17.42 6.76
N ALA A 94 14.32 -17.12 5.74
CA ALA A 94 14.78 -17.14 4.36
C ALA A 94 15.64 -15.92 4.05
N SER A 95 15.27 -14.78 4.64
CA SER A 95 16.02 -13.54 4.43
C SER A 95 16.19 -13.26 2.94
N GLN A 96 15.18 -13.61 2.15
CA GLN A 96 15.22 -13.40 0.71
C GLN A 96 15.26 -11.92 0.37
N ASP A 97 14.57 -11.11 1.17
CA ASP A 97 14.52 -9.67 0.97
C ASP A 97 14.54 -8.93 2.30
N LYS A 98 14.89 -7.65 2.25
CA LYS A 98 14.96 -6.82 3.45
C LYS A 98 13.55 -6.55 3.99
N ILE A 99 12.60 -6.38 3.07
CA ILE A 99 11.22 -6.12 3.46
C ILE A 99 10.27 -7.17 2.88
N LEU A 100 9.27 -7.56 3.66
CA LEU A 100 8.31 -8.55 3.23
C LEU A 100 7.53 -8.06 2.01
N PHE A 101 7.18 -6.78 2.02
CA PHE A 101 6.43 -6.19 0.91
C PHE A 101 7.34 -5.29 0.06
N LYS A 102 8.61 -5.65 -0.02
CA LYS A 102 9.58 -4.88 -0.79
C LYS A 102 9.10 -4.70 -2.23
N ASP A 103 9.00 -5.80 -2.96
CA ASP A 103 8.55 -5.76 -4.34
C ASP A 103 7.11 -5.28 -4.44
N VAL A 104 6.32 -5.55 -3.40
CA VAL A 104 4.93 -5.14 -3.37
C VAL A 104 4.80 -3.62 -3.41
N ASN A 105 5.49 -2.94 -2.49
CA ASN A 105 5.44 -1.49 -2.43
C ASN A 105 6.12 -0.87 -3.65
N ARG A 106 7.08 -1.60 -4.22
CA ARG A 106 7.81 -1.13 -5.39
C ARG A 106 6.85 -0.76 -6.52
N LYS A 107 5.87 -1.62 -6.76
CA LYS A 107 4.88 -1.39 -7.81
C LYS A 107 3.86 -0.34 -7.37
N LEU A 108 3.64 -0.25 -6.06
CA LEU A 108 2.68 0.71 -5.52
C LEU A 108 3.07 2.13 -5.89
N SER A 109 4.38 2.42 -5.86
CA SER A 109 4.88 3.74 -6.20
C SER A 109 4.76 4.01 -7.69
N ASP A 110 4.89 2.94 -8.49
CA ASP A 110 4.79 3.06 -9.95
C ASP A 110 3.34 3.28 -10.37
N VAL A 111 2.44 2.48 -9.82
CA VAL A 111 1.02 2.59 -10.14
C VAL A 111 0.47 3.97 -9.76
N TRP A 112 1.09 4.58 -8.75
CA TRP A 112 0.66 5.89 -8.28
C TRP A 112 1.21 6.99 -9.18
N LYS A 113 2.51 6.96 -9.45
CA LYS A 113 3.15 7.95 -10.29
C LYS A 113 2.73 7.78 -11.75
N GLU A 114 2.22 6.59 -12.08
CA GLU A 114 1.78 6.30 -13.44
C GLU A 114 0.45 6.99 -13.73
N LEU A 115 -0.45 6.96 -12.77
CA LEU A 115 -1.76 7.57 -12.93
C LEU A 115 -1.75 9.01 -12.41
N SER A 116 -0.77 9.33 -11.58
CA SER A 116 -0.64 10.67 -11.02
C SER A 116 -0.76 11.74 -12.12
N LEU A 117 0.09 11.62 -13.14
CA LEU A 117 0.08 12.57 -14.25
C LEU A 117 -1.31 12.67 -14.86
N LEU A 118 -2.03 11.56 -14.87
CA LEU A 118 -3.37 11.53 -15.42
C LEU A 118 -4.35 12.30 -14.55
N LEU A 119 -4.08 12.31 -13.24
CA LEU A 119 -4.93 13.01 -12.29
C LEU A 119 -4.79 14.52 -12.44
N GLN A 120 -3.55 15.00 -12.39
CA GLN A 120 -3.27 16.43 -12.52
C GLN A 120 -3.89 16.99 -13.79
N VAL A 121 -3.97 16.15 -14.82
CA VAL A 121 -4.55 16.56 -16.10
C VAL A 121 -5.91 17.23 -15.90
N GLU A 122 -6.85 16.47 -15.34
CA GLU A 122 -8.19 16.98 -15.10
C GLU A 122 -8.42 17.25 -13.62
N GLN A 123 -8.30 16.20 -12.82
CA GLN A 123 -8.49 16.31 -11.37
C GLN A 123 -7.60 17.40 -10.79
N ARG A 124 -8.23 18.43 -10.23
CA ARG A 124 -7.49 19.54 -9.63
C ARG A 124 -6.79 19.11 -8.35
N MET A 125 -5.62 18.51 -8.50
CA MET A 125 -4.85 18.05 -7.34
C MET A 125 -3.35 18.14 -7.62
N PRO A 126 -2.59 18.66 -6.64
CA PRO A 126 -1.14 18.81 -6.75
C PRO A 126 -0.41 17.48 -6.73
N VAL A 127 -0.23 16.88 -7.91
CA VAL A 127 0.44 15.61 -8.03
C VAL A 127 1.78 15.63 -7.30
N SER A 128 2.09 14.53 -6.60
CA SER A 128 3.35 14.43 -5.86
C SER A 128 3.58 15.68 -5.02
N PRO A 129 2.77 15.86 -3.97
CA PRO A 129 2.87 17.01 -3.07
C PRO A 129 4.13 16.97 -2.22
N ILE A 130 4.59 15.75 -1.91
CA ILE A 130 5.79 15.57 -1.10
C ILE A 130 6.10 14.10 -0.90
N SER A 131 5.06 13.31 -0.62
CA SER A 131 5.23 11.87 -0.41
C SER A 131 5.97 11.23 -1.58
N GLN A 132 5.47 11.44 -2.79
CA GLN A 132 6.10 10.89 -3.98
C GLN A 132 7.55 11.33 -4.09
N GLY A 133 8.23 10.87 -5.14
CA GLY A 133 9.63 11.22 -5.33
C GLY A 133 10.53 10.01 -5.37
N ALA A 134 11.27 9.79 -4.28
CA ALA A 134 12.18 8.66 -4.19
C ALA A 134 11.48 7.43 -3.64
N SER A 135 11.87 6.26 -4.12
CA SER A 135 11.27 5.00 -3.68
C SER A 135 11.34 4.89 -2.16
N TRP A 136 10.18 4.76 -1.52
CA TRP A 136 10.11 4.64 -0.07
C TRP A 136 10.99 3.50 0.42
N ALA A 137 11.28 2.55 -0.46
CA ALA A 137 12.11 1.40 -0.12
C ALA A 137 13.41 1.85 0.56
N GLN A 138 13.91 3.02 0.15
CA GLN A 138 15.13 3.56 0.71
C GLN A 138 15.00 3.74 2.22
N GLU A 139 13.95 4.43 2.64
CA GLU A 139 13.72 4.66 4.06
C GLU A 139 13.19 3.41 4.74
N ASP A 140 12.35 2.66 4.03
CA ASP A 140 11.77 1.43 4.57
C ASP A 140 12.86 0.49 5.06
N GLN A 141 13.87 0.26 4.21
CA GLN A 141 14.96 -0.63 4.56
C GLN A 141 15.55 -0.25 5.92
N GLN A 142 15.59 1.04 6.21
CA GLN A 142 16.13 1.53 7.47
C GLN A 142 15.29 1.04 8.65
N ASP A 143 13.98 1.16 8.53
CA ASP A 143 13.07 0.72 9.59
C ASP A 143 13.03 -0.80 9.67
N ALA A 144 13.04 -1.46 8.52
CA ALA A 144 13.01 -2.91 8.47
C ALA A 144 14.12 -3.52 9.32
N ASP A 145 15.27 -2.85 9.34
CA ASP A 145 16.41 -3.33 10.12
C ASP A 145 16.02 -3.53 11.58
N GLU A 146 15.16 -2.66 12.09
CA GLU A 146 14.70 -2.74 13.47
C GLU A 146 13.79 -3.94 13.67
N ASP A 147 12.88 -4.15 12.72
CA ASP A 147 11.95 -5.27 12.80
C ASP A 147 12.69 -6.59 12.98
N ARG A 148 13.86 -6.71 12.35
CA ARG A 148 14.65 -7.92 12.44
C ARG A 148 14.86 -8.32 13.90
N ARG A 149 15.00 -7.33 14.77
CA ARG A 149 15.20 -7.58 16.19
C ARG A 149 13.95 -8.18 16.82
N ALA A 150 12.81 -7.56 16.56
CA ALA A 150 11.54 -8.03 17.11
C ALA A 150 11.33 -9.51 16.81
N PHE A 151 11.77 -9.94 15.64
CA PHE A 151 11.63 -11.33 15.23
C PHE A 151 12.45 -12.25 16.14
N GLN A 152 13.60 -11.76 16.59
CA GLN A 152 14.48 -12.53 17.47
C GLN A 152 13.80 -12.79 18.81
N MET A 153 13.18 -11.75 19.37
CA MET A 153 12.50 -11.88 20.65
C MET A 153 11.16 -12.59 20.49
N LEU A 154 11.20 -13.82 20.03
CA LEU A 154 9.99 -14.62 19.85
C LEU A 154 9.94 -15.81 20.79
N ARG A 155 9.16 -15.68 21.85
CA ARG A 155 9.03 -16.75 22.84
C ARG A 155 7.86 -17.67 22.49
N ARG A 156 7.63 -18.67 23.34
CA ARG A 156 6.56 -19.62 23.12
C ARG A 156 6.65 -20.25 21.73
N ASP A 157 5.60 -20.96 21.34
CA ASP A 157 5.56 -21.62 20.04
C ASP A 157 4.17 -21.54 19.42
C4 UJ5 B . -13.40 5.01 -12.82
C6 UJ5 B . -14.35 5.53 -14.69
C7 UJ5 B . -15.37 5.35 -13.75
C10 UJ5 B . -17.00 5.87 -15.43
C13 UJ5 B . -18.41 6.05 -15.83
C17 UJ5 B . -11.70 6.03 -9.78
C20 UJ5 B . -11.19 8.25 -11.32
C21 UJ5 B . -11.62 7.09 -11.92
C22 UJ5 B . -10.55 9.59 -9.30
C24 UJ5 B . -9.29 9.31 -8.47
C1 UJ5 B . -10.96 2.73 -11.97
O2 UJ5 B . -11.24 4.06 -12.44
C3 UJ5 B . -12.34 4.70 -11.79
N5 UJ5 B . -13.17 5.31 -14.06
C12 UJ5 B . -14.67 5.88 -16.02
C11 UJ5 B . -15.98 6.04 -16.37
N8 UJ5 B . -14.74 5.03 -12.56
C9 UJ5 B . -16.69 5.53 -14.11
O14 UJ5 B . -18.96 5.24 -16.76
O15 UJ5 B . -19.07 6.93 -15.33
C16 UJ5 B . -11.87 5.97 -11.14
C18 UJ5 B . -11.27 7.20 -9.18
C19 UJ5 B . -11.02 8.31 -9.95
C23 UJ5 B . -11.65 10.12 -8.39
H34 UJ5 B . -11.89 5.15 -9.16
H36 UJ5 B . -11.00 9.13 -11.92
H37 UJ5 B . -11.76 7.04 -12.98
H38 UJ5 B . -10.33 10.32 -10.07
H42 UJ5 B . -9.57 9.00 -7.47
H44 UJ5 B . -8.68 10.22 -8.42
H43 UJ5 B . -8.71 8.52 -8.95
H26 UJ5 B . -10.62 2.77 -10.93
H25 UJ5 B . -10.20 2.28 -12.59
H27 UJ5 B . -11.88 2.14 -12.02
H28 UJ5 B . -12.75 4.03 -11.03
H32 UJ5 B . -13.90 6.01 -16.75
H31 UJ5 B . -16.23 6.31 -17.39
H29 UJ5 B . -15.17 4.84 -11.71
H30 UJ5 B . -17.48 5.39 -13.38
H33 UJ5 B . -18.41 4.53 -17.10
H35 UJ5 B . -11.13 7.23 -8.10
H40 UJ5 B . -12.60 9.67 -8.65
H39 UJ5 B . -11.73 11.21 -8.49
H41 UJ5 B . -11.40 9.88 -7.35
N GLY A 1 -26.44 3.74 2.04
CA GLY A 1 -25.67 4.66 1.23
C GLY A 1 -24.58 3.96 0.45
N SER A 2 -24.53 4.23 -0.86
CA SER A 2 -23.52 3.62 -1.72
C SER A 2 -23.60 4.19 -3.14
N PRO A 3 -23.15 5.44 -3.30
CA PRO A 3 -23.16 6.12 -4.59
C PRO A 3 -22.15 5.53 -5.57
N GLY A 4 -20.94 5.25 -5.07
CA GLY A 4 -19.92 4.69 -5.92
C GLY A 4 -19.21 3.52 -5.27
N GLU A 5 -19.82 2.33 -5.37
CA GLU A 5 -19.24 1.13 -4.79
C GLU A 5 -17.87 0.83 -5.40
N ASN A 6 -17.74 1.05 -6.69
CA ASN A 6 -16.49 0.80 -7.39
C ASN A 6 -15.39 1.74 -6.90
N LEU A 7 -15.70 3.04 -6.86
CA LEU A 7 -14.74 4.03 -6.41
C LEU A 7 -14.44 3.86 -4.92
N LYS A 8 -15.43 3.39 -4.17
CA LYS A 8 -15.28 3.18 -2.75
C LYS A 8 -14.45 1.93 -2.47
N HIS A 9 -14.59 0.93 -3.34
CA HIS A 9 -13.86 -0.33 -3.18
C HIS A 9 -12.38 -0.14 -3.53
N ILE A 10 -12.12 0.47 -4.67
CA ILE A 10 -10.75 0.71 -5.12
C ILE A 10 -9.95 1.44 -4.04
N ILE A 11 -10.54 2.46 -3.44
CA ILE A 11 -9.89 3.24 -2.40
C ILE A 11 -9.78 2.43 -1.11
N THR A 12 -10.78 1.59 -0.86
CA THR A 12 -10.80 0.76 0.34
C THR A 12 -9.71 -0.30 0.29
N LEU A 13 -9.44 -0.81 -0.90
CA LEU A 13 -8.41 -1.84 -1.08
C LEU A 13 -7.10 -1.40 -0.45
N GLY A 14 -6.76 -0.13 -0.62
CA GLY A 14 -5.51 0.38 -0.08
C GLY A 14 -5.62 0.65 1.42
N GLN A 15 -6.82 0.95 1.88
CA GLN A 15 -7.04 1.21 3.30
C GLN A 15 -7.00 -0.08 4.12
N VAL A 16 -7.39 -1.17 3.49
CA VAL A 16 -7.39 -2.48 4.16
C VAL A 16 -6.03 -2.79 4.77
N ILE A 17 -4.97 -2.28 4.12
CA ILE A 17 -3.61 -2.49 4.60
C ILE A 17 -3.41 -1.89 5.99
N HIS A 18 -4.06 -0.75 6.22
CA HIS A 18 -3.96 -0.06 7.50
C HIS A 18 -4.39 -0.99 8.65
N LYS A 19 -5.56 -1.59 8.51
CA LYS A 19 -6.09 -2.49 9.52
C LYS A 19 -5.37 -3.83 9.50
N ARG A 20 -4.94 -4.24 8.31
CA ARG A 20 -4.23 -5.51 8.14
C ARG A 20 -2.99 -5.56 9.04
N CYS A 21 -2.15 -4.53 8.93
CA CYS A 21 -0.93 -4.46 9.73
C CYS A 21 -1.24 -4.65 11.21
N GLU A 22 -2.43 -4.24 11.62
CA GLU A 22 -2.84 -4.38 13.01
C GLU A 22 -3.11 -5.84 13.37
N GLU A 23 -3.64 -6.59 12.41
CA GLU A 23 -3.94 -7.99 12.62
C GLU A 23 -2.66 -8.79 12.93
N MET A 24 -1.58 -8.41 12.26
CA MET A 24 -0.29 -9.09 12.46
C MET A 24 0.16 -8.96 13.91
N LYS A 25 1.39 -9.38 14.17
CA LYS A 25 1.95 -9.32 15.52
C LYS A 25 3.47 -9.15 15.47
N TYR A 26 4.12 -9.95 14.62
CA TYR A 26 5.57 -9.89 14.48
C TYR A 26 5.98 -8.83 13.47
N CYS A 27 5.58 -9.03 12.21
CA CYS A 27 5.90 -8.09 11.14
C CYS A 27 4.98 -6.88 11.18
N LYS A 28 4.04 -6.89 12.13
CA LYS A 28 3.09 -5.80 12.27
C LYS A 28 3.82 -4.45 12.30
N LYS A 29 5.02 -4.45 12.85
CA LYS A 29 5.81 -3.23 12.93
C LYS A 29 6.34 -2.82 11.55
N GLN A 30 6.75 -3.81 10.77
CA GLN A 30 7.27 -3.55 9.43
C GLN A 30 6.15 -3.22 8.46
N CYS A 31 5.00 -3.87 8.63
CA CYS A 31 3.86 -3.64 7.77
C CYS A 31 3.35 -2.21 7.92
N ARG A 32 3.46 -1.67 9.13
CA ARG A 32 3.01 -0.31 9.40
C ARG A 32 3.56 0.67 8.37
N ARG A 33 4.77 0.39 7.90
CA ARG A 33 5.42 1.25 6.90
C ARG A 33 4.68 1.19 5.57
N LEU A 34 4.35 -0.03 5.14
CA LEU A 34 3.63 -0.23 3.89
C LEU A 34 2.19 0.25 4.00
N GLY A 35 1.59 0.02 5.16
CA GLY A 35 0.21 0.44 5.37
C GLY A 35 0.08 1.94 5.55
N HIS A 36 1.10 2.55 6.15
CA HIS A 36 1.08 3.99 6.38
C HIS A 36 1.27 4.75 5.08
N ARG A 37 2.09 4.21 4.18
CA ARG A 37 2.35 4.83 2.90
C ARG A 37 1.14 4.72 1.98
N VAL A 38 0.64 3.50 1.81
CA VAL A 38 -0.51 3.25 0.95
C VAL A 38 -1.69 4.13 1.36
N LEU A 39 -1.83 4.36 2.67
CA LEU A 39 -2.91 5.19 3.18
C LEU A 39 -2.87 6.59 2.58
N GLY A 40 -1.66 7.05 2.26
CA GLY A 40 -1.51 8.37 1.68
C GLY A 40 -1.73 8.38 0.18
N LEU A 41 -1.87 7.20 -0.40
CA LEU A 41 -2.10 7.06 -1.83
C LEU A 41 -3.58 7.18 -2.17
N ILE A 42 -4.40 6.43 -1.45
CA ILE A 42 -5.84 6.44 -1.67
C ILE A 42 -6.51 7.52 -0.84
N LYS A 43 -5.71 8.32 -0.14
CA LYS A 43 -6.22 9.39 0.69
C LYS A 43 -6.93 10.44 -0.15
N PRO A 44 -6.24 10.96 -1.18
CA PRO A 44 -6.79 11.98 -2.08
C PRO A 44 -7.90 11.42 -2.98
N LEU A 45 -7.68 10.21 -3.48
CA LEU A 45 -8.66 9.56 -4.35
C LEU A 45 -9.97 9.30 -3.61
N GLU A 46 -9.86 9.09 -2.30
CA GLU A 46 -11.03 8.83 -1.47
C GLU A 46 -11.82 10.11 -1.23
N MET A 47 -11.10 11.18 -0.89
CA MET A 47 -11.72 12.48 -0.63
C MET A 47 -12.19 13.13 -1.92
N LEU A 48 -11.48 12.86 -3.01
CA LEU A 48 -11.82 13.43 -4.31
C LEU A 48 -13.28 13.16 -4.65
N GLN A 49 -13.63 11.88 -4.79
CA GLN A 49 -15.00 11.50 -5.11
C GLN A 49 -15.99 12.16 -4.16
N ASP A 50 -15.58 12.35 -2.91
CA ASP A 50 -16.42 12.97 -1.91
C ASP A 50 -16.90 14.35 -2.37
N GLN A 51 -16.03 15.04 -3.09
CA GLN A 51 -16.36 16.37 -3.59
C GLN A 51 -17.68 16.37 -4.34
N GLY A 52 -17.87 15.37 -5.20
CA GLY A 52 -19.10 15.27 -5.97
C GLY A 52 -19.33 13.87 -6.50
N LYS A 53 -20.59 13.52 -6.72
CA LYS A 53 -20.94 12.20 -7.23
C LYS A 53 -20.16 11.87 -8.49
N ARG A 54 -20.02 12.86 -9.37
CA ARG A 54 -19.29 12.69 -10.62
C ARG A 54 -17.98 13.46 -10.60
N SER A 55 -16.87 12.74 -10.69
CA SER A 55 -15.55 13.36 -10.68
C SER A 55 -14.62 12.67 -11.66
N VAL A 56 -15.20 11.97 -12.63
CA VAL A 56 -14.41 11.27 -13.64
C VAL A 56 -14.35 12.07 -14.95
N PRO A 57 -13.12 12.39 -15.37
CA PRO A 57 -12.90 13.15 -16.61
C PRO A 57 -13.22 12.34 -17.86
N SER A 58 -12.61 11.17 -17.98
CA SER A 58 -12.84 10.31 -19.13
C SER A 58 -12.74 8.83 -18.73
N GLU A 59 -13.12 7.95 -19.65
CA GLU A 59 -13.06 6.51 -19.40
C GLU A 59 -11.62 6.01 -19.42
N LYS A 60 -10.78 6.67 -20.21
CA LYS A 60 -9.38 6.30 -20.32
C LYS A 60 -8.74 6.17 -18.94
N LEU A 61 -9.19 7.00 -18.01
CA LEU A 61 -8.65 6.98 -16.65
C LEU A 61 -9.05 5.69 -15.93
N THR A 62 -10.27 5.23 -16.19
CA THR A 62 -10.78 4.02 -15.57
C THR A 62 -9.82 2.84 -15.80
N THR A 63 -9.23 2.80 -16.98
CA THR A 63 -8.30 1.74 -17.34
C THR A 63 -6.99 1.87 -16.57
N ALA A 64 -6.49 3.10 -16.49
CA ALA A 64 -5.24 3.37 -15.78
C ALA A 64 -5.39 3.11 -14.29
N MET A 65 -6.41 3.73 -13.68
CA MET A 65 -6.65 3.56 -12.25
C MET A 65 -6.88 2.09 -11.91
N ASN A 66 -7.51 1.36 -12.82
CA ASN A 66 -7.79 -0.05 -12.61
C ASN A 66 -6.52 -0.81 -12.26
N ARG A 67 -5.39 -0.35 -12.80
CA ARG A 67 -4.10 -0.99 -12.53
C ARG A 67 -3.67 -0.76 -11.09
N PHE A 68 -3.98 0.42 -10.56
CA PHE A 68 -3.63 0.76 -9.18
C PHE A 68 -4.44 -0.07 -8.19
N LYS A 69 -5.75 -0.14 -8.42
CA LYS A 69 -6.64 -0.90 -7.54
C LYS A 69 -6.11 -2.31 -7.32
N ALA A 70 -5.55 -2.90 -8.38
CA ALA A 70 -5.01 -4.25 -8.30
C ALA A 70 -3.68 -4.26 -7.52
N ALA A 71 -2.93 -3.17 -7.63
CA ALA A 71 -1.65 -3.06 -6.94
C ALA A 71 -1.79 -3.39 -5.47
N LEU A 72 -2.95 -3.06 -4.89
CA LEU A 72 -3.20 -3.32 -3.48
C LEU A 72 -3.35 -4.81 -3.23
N GLU A 73 -3.94 -5.52 -4.19
CA GLU A 73 -4.14 -6.96 -4.07
C GLU A 73 -2.84 -7.67 -3.69
N GLU A 74 -1.72 -7.13 -4.17
CA GLU A 74 -0.41 -7.70 -3.88
C GLU A 74 -0.07 -7.57 -2.40
N ALA A 75 -0.14 -6.33 -1.89
CA ALA A 75 0.16 -6.07 -0.49
C ALA A 75 -0.86 -6.73 0.41
N ASN A 76 -2.14 -6.40 0.20
CA ASN A 76 -3.21 -6.96 1.01
C ASN A 76 -3.21 -8.48 0.96
N GLY A 77 -2.96 -9.01 -0.24
CA GLY A 77 -2.93 -10.46 -0.41
C GLY A 77 -1.80 -11.11 0.35
N GLU A 78 -0.63 -10.49 0.31
CA GLU A 78 0.54 -11.02 1.00
C GLU A 78 0.33 -11.00 2.52
N ILE A 79 -0.22 -9.89 3.01
CA ILE A 79 -0.46 -9.74 4.44
C ILE A 79 -1.28 -10.89 4.98
N GLU A 80 -2.23 -11.38 4.18
CA GLU A 80 -3.08 -12.49 4.59
C GLU A 80 -2.24 -13.74 4.87
N LYS A 81 -1.43 -14.13 3.90
CA LYS A 81 -0.57 -15.30 4.07
C LYS A 81 0.41 -15.11 5.20
N PHE A 82 0.85 -13.87 5.41
CA PHE A 82 1.79 -13.55 6.47
C PHE A 82 1.13 -13.66 7.84
N SER A 83 -0.20 -13.63 7.85
CA SER A 83 -0.95 -13.72 9.09
C SER A 83 -0.43 -14.85 9.98
N ASN A 84 0.06 -15.91 9.33
CA ASN A 84 0.60 -17.06 10.05
C ASN A 84 1.84 -16.68 10.84
N ARG A 85 2.43 -17.66 11.52
CA ARG A 85 3.62 -17.43 12.32
C ARG A 85 4.85 -18.01 11.63
N SER A 86 4.87 -19.32 11.46
CA SER A 86 5.99 -20.00 10.82
C SER A 86 6.28 -19.39 9.46
N ASN A 87 5.23 -18.98 8.77
CA ASN A 87 5.37 -18.37 7.44
C ASN A 87 6.27 -17.14 7.50
N ILE A 88 6.14 -16.37 8.57
CA ILE A 88 6.93 -15.16 8.74
C ILE A 88 8.41 -15.50 8.96
N CYS A 89 8.66 -16.43 9.87
CA CYS A 89 10.02 -16.85 10.18
C CYS A 89 10.67 -17.55 8.99
N ARG A 90 9.85 -18.30 8.25
CA ARG A 90 10.34 -19.01 7.08
C ARG A 90 10.54 -18.06 5.90
N PHE A 91 9.70 -17.05 5.81
CA PHE A 91 9.78 -16.07 4.73
C PHE A 91 10.91 -15.09 4.98
N LEU A 92 11.02 -14.63 6.23
CA LEU A 92 12.07 -13.67 6.59
C LEU A 92 13.44 -14.19 6.18
N THR A 93 13.68 -15.48 6.39
CA THR A 93 14.95 -16.10 6.05
C THR A 93 15.07 -16.31 4.54
N ALA A 94 13.93 -16.56 3.90
CA ALA A 94 13.91 -16.77 2.45
C ALA A 94 14.20 -15.48 1.70
N SER A 95 13.47 -14.43 2.03
CA SER A 95 13.65 -13.13 1.39
C SER A 95 15.11 -12.68 1.48
N GLN A 96 15.67 -12.75 2.68
CA GLN A 96 17.05 -12.35 2.90
C GLN A 96 17.24 -10.85 2.64
N ASP A 97 16.21 -10.07 2.95
CA ASP A 97 16.26 -8.63 2.75
C ASP A 97 15.59 -7.90 3.90
N LYS A 98 15.51 -8.56 5.06
CA LYS A 98 14.89 -7.98 6.24
C LYS A 98 13.64 -7.20 5.87
N ILE A 99 12.92 -7.68 4.86
CA ILE A 99 11.70 -7.03 4.41
C ILE A 99 10.75 -8.03 3.75
N LEU A 100 9.45 -7.80 3.92
CA LEU A 100 8.45 -8.68 3.34
C LEU A 100 7.78 -8.02 2.13
N PHE A 101 7.52 -6.73 2.24
CA PHE A 101 6.89 -5.99 1.16
C PHE A 101 7.90 -5.07 0.46
N LYS A 102 9.11 -5.58 0.27
CA LYS A 102 10.16 -4.82 -0.38
C LYS A 102 9.76 -4.44 -1.80
N ASP A 103 9.55 -5.44 -2.65
CA ASP A 103 9.17 -5.21 -4.04
C ASP A 103 7.68 -4.85 -4.13
N VAL A 104 6.89 -5.38 -3.20
CA VAL A 104 5.46 -5.12 -3.18
C VAL A 104 5.17 -3.63 -3.19
N ASN A 105 5.91 -2.88 -2.37
CA ASN A 105 5.74 -1.43 -2.29
C ASN A 105 6.34 -0.75 -3.51
N ARG A 106 7.35 -1.37 -4.10
CA ARG A 106 8.01 -0.80 -5.27
C ARG A 106 7.00 -0.51 -6.38
N LYS A 107 6.09 -1.46 -6.61
CA LYS A 107 5.08 -1.30 -7.64
C LYS A 107 4.04 -0.27 -7.22
N LEU A 108 3.76 -0.22 -5.93
CA LEU A 108 2.78 0.73 -5.38
C LEU A 108 3.13 2.16 -5.79
N SER A 109 4.41 2.48 -5.77
CA SER A 109 4.88 3.81 -6.13
C SER A 109 4.75 4.05 -7.64
N ASP A 110 4.94 2.98 -8.41
CA ASP A 110 4.85 3.06 -9.86
C ASP A 110 3.40 3.23 -10.30
N VAL A 111 2.51 2.42 -9.72
CA VAL A 111 1.09 2.48 -10.05
C VAL A 111 0.49 3.83 -9.68
N TRP A 112 1.06 4.46 -8.65
CA TRP A 112 0.58 5.75 -8.20
C TRP A 112 1.13 6.87 -9.07
N LYS A 113 2.44 6.88 -9.26
CA LYS A 113 3.09 7.90 -10.08
C LYS A 113 2.68 7.77 -11.54
N GLU A 114 2.27 6.57 -11.94
CA GLU A 114 1.84 6.32 -13.30
C GLU A 114 0.53 7.06 -13.61
N LEU A 115 -0.41 6.99 -12.68
CA LEU A 115 -1.70 7.66 -12.84
C LEU A 115 -1.64 9.09 -12.33
N SER A 116 -0.67 9.37 -11.47
CA SER A 116 -0.51 10.71 -10.91
C SER A 116 -0.53 11.77 -12.01
N LEU A 117 0.26 11.55 -13.05
CA LEU A 117 0.33 12.47 -14.17
C LEU A 117 -1.02 12.61 -14.86
N LEU A 118 -1.79 11.53 -14.85
CA LEU A 118 -3.10 11.51 -15.47
C LEU A 118 -4.13 12.23 -14.60
N LEU A 119 -3.91 12.19 -13.29
CA LEU A 119 -4.81 12.83 -12.34
C LEU A 119 -4.61 14.35 -12.33
N GLN A 120 -3.36 14.77 -12.53
CA GLN A 120 -3.03 16.18 -12.55
C GLN A 120 -3.49 16.84 -13.85
N VAL A 121 -3.27 16.14 -14.96
CA VAL A 121 -3.67 16.64 -16.27
C VAL A 121 -5.19 16.77 -16.38
N GLU A 122 -5.90 15.81 -15.79
CA GLU A 122 -7.35 15.83 -15.81
C GLU A 122 -7.92 16.66 -14.67
N GLN A 123 -7.59 16.26 -13.44
CA GLN A 123 -8.07 16.98 -12.26
C GLN A 123 -6.98 17.90 -11.71
N ARG A 124 -7.41 18.93 -10.99
CA ARG A 124 -6.47 19.90 -10.41
C ARG A 124 -6.07 19.48 -9.00
N MET A 125 -5.71 18.20 -8.85
CA MET A 125 -5.30 17.67 -7.55
C MET A 125 -3.78 17.73 -7.40
N PRO A 126 -3.32 18.33 -6.29
CA PRO A 126 -1.90 18.47 -6.00
C PRO A 126 -1.24 17.14 -5.66
N VAL A 127 -0.65 16.50 -6.67
CA VAL A 127 0.01 15.22 -6.48
C VAL A 127 1.49 15.40 -6.18
N SER A 128 2.10 14.38 -5.57
CA SER A 128 3.51 14.44 -5.23
C SER A 128 3.86 15.77 -4.55
N PRO A 129 3.50 15.90 -3.27
CA PRO A 129 3.75 17.11 -2.49
C PRO A 129 5.24 17.29 -2.19
N ILE A 130 5.91 16.20 -1.83
CA ILE A 130 7.33 16.24 -1.52
C ILE A 130 7.85 14.85 -1.17
N SER A 131 7.04 14.08 -0.46
CA SER A 131 7.42 12.73 -0.05
C SER A 131 7.52 11.81 -1.27
N GLN A 132 6.59 11.97 -2.20
CA GLN A 132 6.56 11.15 -3.40
C GLN A 132 7.82 11.38 -4.24
N GLY A 133 8.80 10.49 -4.11
CA GLY A 133 10.03 10.62 -4.86
C GLY A 133 10.74 9.29 -5.03
N ALA A 134 11.98 9.21 -4.54
CA ALA A 134 12.76 7.99 -4.65
C ALA A 134 12.05 6.82 -3.98
N SER A 135 12.41 5.61 -4.38
CA SER A 135 11.81 4.40 -3.83
C SER A 135 11.89 4.40 -2.31
N TRP A 136 10.74 4.40 -1.65
CA TRP A 136 10.69 4.39 -0.19
C TRP A 136 11.44 3.20 0.38
N ALA A 137 11.65 2.19 -0.46
CA ALA A 137 12.35 0.98 -0.03
C ALA A 137 13.72 1.33 0.54
N GLN A 138 14.39 2.31 -0.07
CA GLN A 138 15.71 2.72 0.38
C GLN A 138 15.69 3.09 1.85
N GLU A 139 14.76 3.97 2.23
CA GLU A 139 14.63 4.40 3.62
C GLU A 139 14.01 3.31 4.48
N ASP A 140 13.07 2.58 3.90
CA ASP A 140 12.39 1.50 4.61
C ASP A 140 13.41 0.57 5.27
N GLN A 141 14.57 0.44 4.66
CA GLN A 141 15.63 -0.43 5.18
C GLN A 141 15.89 -0.12 6.65
N GLN A 142 15.75 1.14 7.03
CA GLN A 142 15.97 1.57 8.40
C GLN A 142 14.80 1.16 9.30
N ASP A 143 13.60 1.19 8.74
CA ASP A 143 12.40 0.82 9.47
C ASP A 143 12.31 -0.70 9.64
N ALA A 144 12.77 -1.43 8.62
CA ALA A 144 12.73 -2.89 8.66
C ALA A 144 13.70 -3.43 9.70
N ASP A 145 14.77 -2.69 9.95
CA ASP A 145 15.77 -3.11 10.92
C ASP A 145 15.13 -3.40 12.27
N GLU A 146 14.09 -2.64 12.61
CA GLU A 146 13.39 -2.82 13.87
C GLU A 146 12.81 -4.23 13.98
N ASP A 147 12.37 -4.77 12.85
CA ASP A 147 11.79 -6.11 12.81
C ASP A 147 12.89 -7.17 12.81
N ARG A 148 14.00 -6.87 12.14
CA ARG A 148 15.12 -7.79 12.04
C ARG A 148 15.73 -8.05 13.42
N ARG A 149 15.85 -6.98 14.22
CA ARG A 149 16.41 -7.09 15.55
C ARG A 149 15.45 -7.83 16.49
N ALA A 150 14.20 -7.42 16.48
CA ALA A 150 13.18 -8.06 17.32
C ALA A 150 12.97 -9.51 16.93
N PHE A 151 13.04 -9.79 15.63
CA PHE A 151 12.86 -11.16 15.14
C PHE A 151 14.11 -11.99 15.38
N GLN A 152 15.27 -11.34 15.34
CA GLN A 152 16.54 -12.04 15.56
C GLN A 152 16.49 -12.87 16.84
N MET A 153 15.72 -12.40 17.81
CA MET A 153 15.60 -13.12 19.08
C MET A 153 14.16 -13.58 19.30
N LEU A 154 13.22 -12.64 19.21
CA LEU A 154 11.80 -12.95 19.40
C LEU A 154 11.55 -13.51 20.80
N ARG A 155 11.07 -12.64 21.69
CA ARG A 155 10.78 -13.05 23.07
C ARG A 155 9.27 -13.09 23.31
N ARG A 156 8.67 -11.92 23.44
CA ARG A 156 7.24 -11.81 23.69
C ARG A 156 6.55 -11.04 22.57
N ASP A 157 7.26 -10.08 21.99
CA ASP A 157 6.72 -9.26 20.92
C ASP A 157 6.36 -10.13 19.72
C4 UJ5 B . -13.96 5.57 -12.70
C6 UJ5 B . -14.86 6.02 -14.63
C7 UJ5 B . -15.90 5.82 -13.71
C10 UJ5 B . -17.50 6.24 -15.45
C13 UJ5 B . -18.89 6.36 -15.90
C17 UJ5 B . -13.36 7.68 -10.93
C20 UJ5 B . -10.74 7.99 -10.10
C21 UJ5 B . -11.16 6.79 -10.63
C22 UJ5 B . -11.19 10.35 -9.39
C24 UJ5 B . -9.97 10.87 -10.18
C1 UJ5 B . -11.28 3.58 -11.41
O2 UJ5 B . -11.81 4.64 -12.22
C3 UJ5 B . -12.92 5.32 -11.63
N5 UJ5 B . -13.70 5.85 -13.94
C12 UJ5 B . -15.16 6.32 -15.95
C11 UJ5 B . -16.45 6.43 -16.36
N8 UJ5 B . -15.30 5.54 -12.49
C9 UJ5 B . -17.22 5.93 -14.11
O14 UJ5 B . -19.36 7.54 -16.36
O15 UJ5 B . -19.64 5.40 -15.86
C16 UJ5 B . -12.47 6.63 -11.06
C18 UJ5 B . -12.94 8.88 -10.39
C19 UJ5 B . -11.63 9.03 -9.98
C23 UJ5 B . -10.79 10.14 -7.93
H34 UJ5 B . -14.38 7.55 -11.26
H36 UJ5 B . -9.72 8.11 -9.77
H37 UJ5 B . -10.46 5.96 -10.73
H38 UJ5 B . -12.00 11.07 -9.45
H42 UJ5 B . -10.00 10.46 -11.19
H44 UJ5 B . -9.05 10.56 -9.68
H43 UJ5 B . -10.02 11.96 -10.23
H26 UJ5 B . -12.10 2.95 -11.07
H25 UJ5 B . -10.76 4.00 -10.55
H27 UJ5 B . -10.59 2.98 -12.00
H28 UJ5 B . -13.35 4.69 -10.85
H32 UJ5 B . -14.35 6.46 -16.67
H31 UJ5 B . -16.68 6.66 -17.39
H29 UJ5 B . -15.75 5.36 -11.65
H30 UJ5 B . -18.03 5.79 -13.41
H33 UJ5 B . -19.33 8.29 -15.75
H35 UJ5 B . -13.64 9.70 -10.30
H40 UJ5 B . -11.49 10.67 -7.29
H39 UJ5 B . -9.78 10.54 -7.77
H41 UJ5 B . -10.80 9.08 -7.69
N GLY A 1 -23.13 7.64 2.26
CA GLY A 1 -22.20 6.95 1.38
C GLY A 1 -22.40 7.32 -0.08
N SER A 2 -22.58 6.30 -0.92
CA SER A 2 -22.78 6.52 -2.35
C SER A 2 -23.16 5.22 -3.05
N PRO A 3 -23.75 5.34 -4.24
CA PRO A 3 -24.17 4.18 -5.04
C PRO A 3 -22.98 3.40 -5.59
N GLY A 4 -21.90 4.11 -5.91
CA GLY A 4 -20.72 3.46 -6.45
C GLY A 4 -19.95 2.70 -5.39
N GLU A 5 -20.47 1.55 -4.99
CA GLU A 5 -19.81 0.73 -3.99
C GLU A 5 -18.40 0.37 -4.41
N ASN A 6 -18.22 0.09 -5.70
CA ASN A 6 -16.91 -0.27 -6.23
C ASN A 6 -15.88 0.81 -5.91
N LEU A 7 -16.22 2.05 -6.23
CA LEU A 7 -15.32 3.18 -5.99
C LEU A 7 -14.84 3.19 -4.53
N LYS A 8 -15.72 2.77 -3.62
CA LYS A 8 -15.38 2.72 -2.21
C LYS A 8 -14.59 1.46 -1.88
N HIS A 9 -14.84 0.40 -2.64
CA HIS A 9 -14.14 -0.86 -2.43
C HIS A 9 -12.69 -0.76 -2.90
N ILE A 10 -12.49 -0.25 -4.10
CA ILE A 10 -11.15 -0.10 -4.66
C ILE A 10 -10.23 0.65 -3.70
N ILE A 11 -10.75 1.74 -3.14
CA ILE A 11 -9.98 2.54 -2.20
C ILE A 11 -9.79 1.83 -0.88
N THR A 12 -10.80 1.05 -0.48
CA THR A 12 -10.75 0.31 0.77
C THR A 12 -9.63 -0.72 0.76
N LEU A 13 -9.42 -1.35 -0.39
CA LEU A 13 -8.37 -2.36 -0.53
C LEU A 13 -7.03 -1.81 -0.06
N GLY A 14 -6.73 -0.58 -0.45
CA GLY A 14 -5.48 0.05 -0.06
C GLY A 14 -5.47 0.47 1.39
N GLN A 15 -6.65 0.81 1.91
CA GLN A 15 -6.78 1.24 3.29
C GLN A 15 -6.64 0.06 4.26
N VAL A 16 -7.09 -1.11 3.80
CA VAL A 16 -7.03 -2.32 4.62
C VAL A 16 -5.60 -2.57 5.11
N ILE A 17 -4.63 -2.20 4.29
CA ILE A 17 -3.22 -2.39 4.64
C ILE A 17 -2.91 -1.77 6.00
N HIS A 18 -3.60 -0.67 6.31
CA HIS A 18 -3.39 0.01 7.58
C HIS A 18 -3.73 -0.91 8.76
N LYS A 19 -4.91 -1.52 8.71
CA LYS A 19 -5.35 -2.41 9.77
C LYS A 19 -4.63 -3.76 9.68
N ARG A 20 -4.34 -4.18 8.44
CA ARG A 20 -3.66 -5.45 8.21
C ARG A 20 -2.35 -5.52 9.01
N CYS A 21 -1.67 -4.38 9.11
CA CYS A 21 -0.41 -4.32 9.85
C CYS A 21 -0.64 -4.50 11.34
N GLU A 22 -1.70 -3.87 11.85
CA GLU A 22 -2.04 -3.97 13.27
C GLU A 22 -2.20 -5.44 13.69
N GLU A 23 -2.71 -6.26 12.78
CA GLU A 23 -2.92 -7.67 13.05
C GLU A 23 -1.61 -8.36 13.39
N MET A 24 -0.56 -8.02 12.64
CA MET A 24 0.76 -8.62 12.87
C MET A 24 1.26 -8.32 14.28
N LYS A 25 2.44 -8.82 14.60
CA LYS A 25 3.03 -8.62 15.92
C LYS A 25 4.55 -8.47 15.83
N TYR A 26 5.16 -9.31 14.99
CA TYR A 26 6.61 -9.27 14.81
C TYR A 26 6.99 -8.34 13.67
N CYS A 27 6.49 -8.64 12.47
CA CYS A 27 6.78 -7.82 11.29
C CYS A 27 5.96 -6.54 11.31
N LYS A 28 5.10 -6.40 12.31
CA LYS A 28 4.25 -5.22 12.45
C LYS A 28 5.09 -3.95 12.35
N LYS A 29 6.33 -4.02 12.82
CA LYS A 29 7.23 -2.87 12.81
C LYS A 29 7.44 -2.39 11.37
N GLN A 30 7.83 -3.29 10.49
CA GLN A 30 8.07 -2.95 9.09
C GLN A 30 6.75 -2.73 8.36
N CYS A 31 5.74 -3.53 8.71
CA CYS A 31 4.43 -3.42 8.08
C CYS A 31 3.89 -1.99 8.17
N ARG A 32 4.10 -1.37 9.33
CA ARG A 32 3.64 0.00 9.54
C ARG A 32 4.07 0.92 8.40
N ARG A 33 5.26 0.64 7.85
CA ARG A 33 5.79 1.44 6.76
C ARG A 33 4.94 1.26 5.50
N LEU A 34 4.72 0.02 5.11
CA LEU A 34 3.93 -0.28 3.92
C LEU A 34 2.50 0.21 4.08
N GLY A 35 1.93 0.01 5.26
CA GLY A 35 0.58 0.46 5.53
C GLY A 35 0.46 1.97 5.60
N HIS A 36 1.51 2.61 6.10
CA HIS A 36 1.52 4.06 6.23
C HIS A 36 1.67 4.73 4.86
N ARG A 37 2.63 4.25 4.08
CA ARG A 37 2.87 4.80 2.75
C ARG A 37 1.66 4.61 1.85
N VAL A 38 1.22 3.35 1.72
CA VAL A 38 0.07 3.03 0.89
C VAL A 38 -1.14 3.88 1.25
N LEU A 39 -1.23 4.25 2.53
CA LEU A 39 -2.33 5.07 3.01
C LEU A 39 -2.34 6.43 2.32
N GLY A 40 -1.16 6.91 1.95
CA GLY A 40 -1.05 8.20 1.29
C GLY A 40 -1.35 8.10 -0.20
N LEU A 41 -1.51 6.88 -0.69
CA LEU A 41 -1.78 6.66 -2.10
C LEU A 41 -3.28 6.73 -2.38
N ILE A 42 -4.06 5.99 -1.60
CA ILE A 42 -5.51 5.97 -1.76
C ILE A 42 -6.16 7.08 -0.92
N LYS A 43 -5.34 7.91 -0.31
CA LYS A 43 -5.83 9.01 0.52
C LYS A 43 -6.67 9.97 -0.32
N PRO A 44 -6.11 10.45 -1.42
CA PRO A 44 -6.80 11.38 -2.33
C PRO A 44 -7.96 10.72 -3.08
N LEU A 45 -7.72 9.51 -3.56
CA LEU A 45 -8.73 8.77 -4.30
C LEU A 45 -9.98 8.57 -3.46
N GLU A 46 -9.79 8.49 -2.13
CA GLU A 46 -10.90 8.30 -1.22
C GLU A 46 -11.68 9.59 -1.04
N MET A 47 -10.99 10.65 -0.65
CA MET A 47 -11.61 11.95 -0.44
C MET A 47 -12.20 12.49 -1.74
N LEU A 48 -11.55 12.16 -2.85
CA LEU A 48 -12.01 12.61 -4.16
C LEU A 48 -13.50 12.31 -4.36
N GLN A 49 -13.82 11.02 -4.40
CA GLN A 49 -15.21 10.60 -4.58
C GLN A 49 -16.12 11.25 -3.54
N ASP A 50 -15.58 11.48 -2.34
CA ASP A 50 -16.34 12.09 -1.27
C ASP A 50 -16.89 13.45 -1.70
N GLN A 51 -16.09 14.20 -2.45
CA GLN A 51 -16.50 15.51 -2.93
C GLN A 51 -17.85 15.44 -3.64
N GLY A 52 -17.97 14.52 -4.58
CA GLY A 52 -19.22 14.36 -5.31
C GLY A 52 -19.68 12.92 -5.37
N LYS A 53 -20.02 12.45 -6.56
CA LYS A 53 -20.48 11.07 -6.74
C LYS A 53 -19.61 10.34 -7.76
N ARG A 54 -19.79 10.67 -9.04
CA ARG A 54 -19.02 10.03 -10.10
C ARG A 54 -17.61 10.62 -10.17
N SER A 55 -17.52 11.89 -10.55
CA SER A 55 -16.23 12.55 -10.66
C SER A 55 -15.26 11.73 -11.51
N VAL A 56 -15.81 10.97 -12.45
CA VAL A 56 -14.99 10.14 -13.32
C VAL A 56 -14.97 10.69 -14.75
N PRO A 57 -13.76 10.79 -15.33
CA PRO A 57 -13.58 11.30 -16.68
C PRO A 57 -14.12 10.34 -17.75
N SER A 58 -13.30 9.40 -18.16
CA SER A 58 -13.69 8.42 -19.17
C SER A 58 -13.34 7.00 -18.73
N GLU A 59 -13.56 6.05 -19.62
CA GLU A 59 -13.26 4.65 -19.33
C GLU A 59 -11.76 4.40 -19.25
N LYS A 60 -11.00 5.26 -19.93
CA LYS A 60 -9.54 5.15 -19.93
C LYS A 60 -9.00 5.03 -18.50
N LEU A 61 -9.46 5.92 -17.63
CA LEU A 61 -9.02 5.92 -16.24
C LEU A 61 -9.29 4.56 -15.59
N THR A 62 -10.44 3.98 -15.89
CA THR A 62 -10.81 2.69 -15.34
C THR A 62 -9.76 1.63 -15.65
N THR A 63 -9.31 1.61 -16.89
CA THR A 63 -8.30 0.65 -17.32
C THR A 63 -6.99 0.86 -16.57
N ALA A 64 -6.50 2.10 -16.56
CA ALA A 64 -5.26 2.43 -15.87
C ALA A 64 -5.35 2.11 -14.38
N MET A 65 -6.38 2.66 -13.73
CA MET A 65 -6.58 2.43 -12.30
C MET A 65 -6.74 0.94 -12.01
N ASN A 66 -7.31 0.21 -12.95
CA ASN A 66 -7.52 -1.22 -12.79
C ASN A 66 -6.23 -1.92 -12.41
N ARG A 67 -5.10 -1.37 -12.88
CA ARG A 67 -3.80 -1.94 -12.58
C ARG A 67 -3.37 -1.63 -11.16
N PHE A 68 -3.75 -0.45 -10.68
CA PHE A 68 -3.41 -0.03 -9.33
C PHE A 68 -4.27 -0.75 -8.29
N LYS A 69 -5.57 -0.85 -8.57
CA LYS A 69 -6.49 -1.52 -7.66
C LYS A 69 -5.98 -2.91 -7.28
N ALA A 70 -5.38 -3.59 -8.25
CA ALA A 70 -4.84 -4.92 -8.01
C ALA A 70 -3.55 -4.87 -7.20
N ALA A 71 -2.79 -3.78 -7.37
CA ALA A 71 -1.54 -3.60 -6.65
C ALA A 71 -1.73 -3.78 -5.16
N LEU A 72 -2.89 -3.36 -4.66
CA LEU A 72 -3.21 -3.47 -3.23
C LEU A 72 -3.36 -4.94 -2.83
N GLU A 73 -4.02 -5.71 -3.67
CA GLU A 73 -4.23 -7.13 -3.40
C GLU A 73 -2.90 -7.83 -3.09
N GLU A 74 -1.84 -7.37 -3.75
CA GLU A 74 -0.51 -7.95 -3.55
C GLU A 74 -0.02 -7.71 -2.12
N ALA A 75 -0.09 -6.46 -1.68
CA ALA A 75 0.34 -6.10 -0.33
C ALA A 75 -0.52 -6.79 0.73
N ASN A 76 -1.82 -6.57 0.65
CA ASN A 76 -2.76 -7.17 1.59
C ASN A 76 -2.65 -8.70 1.58
N GLY A 77 -2.73 -9.28 0.40
CA GLY A 77 -2.63 -10.72 0.27
C GLY A 77 -1.35 -11.27 0.90
N GLU A 78 -0.27 -10.52 0.79
CA GLU A 78 1.01 -10.93 1.35
C GLU A 78 0.95 -10.96 2.87
N ILE A 79 0.28 -9.98 3.45
CA ILE A 79 0.15 -9.89 4.91
C ILE A 79 -0.62 -11.07 5.46
N GLU A 80 -1.69 -11.47 4.76
CA GLU A 80 -2.51 -12.58 5.18
C GLU A 80 -1.66 -13.82 5.46
N LYS A 81 -0.73 -14.11 4.54
CA LYS A 81 0.14 -15.26 4.68
C LYS A 81 1.19 -15.02 5.78
N PHE A 82 1.71 -13.80 5.83
CA PHE A 82 2.71 -13.44 6.82
C PHE A 82 2.13 -13.49 8.22
N SER A 83 0.80 -13.39 8.31
CA SER A 83 0.12 -13.42 9.60
C SER A 83 0.64 -14.56 10.47
N ASN A 84 0.99 -15.68 9.83
CA ASN A 84 1.50 -16.83 10.54
C ASN A 84 2.73 -16.46 11.38
N ARG A 85 3.25 -17.44 12.12
CA ARG A 85 4.42 -17.21 12.96
C ARG A 85 5.68 -17.80 12.32
N SER A 86 5.54 -19.00 11.78
CA SER A 86 6.66 -19.68 11.13
C SER A 86 6.98 -19.04 9.78
N ASN A 87 5.94 -18.56 9.10
CA ASN A 87 6.10 -17.93 7.80
C ASN A 87 7.11 -16.78 7.87
N ILE A 88 6.98 -15.96 8.91
CA ILE A 88 7.86 -14.82 9.10
C ILE A 88 9.33 -15.26 9.13
N CYS A 89 9.62 -16.24 9.98
CA CYS A 89 10.99 -16.75 10.10
C CYS A 89 11.42 -17.46 8.82
N ARG A 90 10.47 -18.15 8.19
CA ARG A 90 10.76 -18.88 6.95
C ARG A 90 11.38 -17.96 5.92
N PHE A 91 10.76 -16.81 5.70
CA PHE A 91 11.25 -15.83 4.73
C PHE A 91 12.46 -15.09 5.28
N LEU A 92 12.36 -14.65 6.53
CA LEU A 92 13.45 -13.91 7.17
C LEU A 92 14.76 -14.68 7.08
N THR A 93 14.71 -15.96 7.42
CA THR A 93 15.90 -16.81 7.37
C THR A 93 16.25 -17.17 5.93
N ALA A 94 15.25 -17.22 5.07
CA ALA A 94 15.46 -17.54 3.67
C ALA A 94 15.64 -16.28 2.83
N SER A 95 16.16 -15.23 3.45
CA SER A 95 16.38 -13.96 2.76
C SER A 95 17.34 -13.07 3.56
N GLN A 96 18.45 -12.70 2.94
CA GLN A 96 19.44 -11.85 3.59
C GLN A 96 18.81 -10.53 4.04
N ASP A 97 17.87 -10.03 3.24
CA ASP A 97 17.20 -8.78 3.57
C ASP A 97 16.27 -8.95 4.76
N LYS A 98 15.51 -7.90 5.08
CA LYS A 98 14.57 -7.94 6.21
C LYS A 98 13.16 -7.60 5.75
N ILE A 99 13.07 -6.68 4.79
CA ILE A 99 11.77 -6.26 4.27
C ILE A 99 10.98 -7.46 3.74
N LEU A 100 9.66 -7.42 3.96
CA LEU A 100 8.79 -8.49 3.50
C LEU A 100 8.02 -8.09 2.25
N PHE A 101 7.66 -6.81 2.17
CA PHE A 101 6.92 -6.30 1.02
C PHE A 101 7.80 -5.36 0.19
N LYS A 102 9.07 -5.71 0.06
CA LYS A 102 10.01 -4.90 -0.70
C LYS A 102 9.61 -4.86 -2.18
N ASP A 103 9.63 -6.02 -2.84
CA ASP A 103 9.26 -6.10 -4.24
C ASP A 103 7.85 -5.59 -4.47
N VAL A 104 6.99 -5.77 -3.46
CA VAL A 104 5.61 -5.33 -3.55
C VAL A 104 5.51 -3.80 -3.56
N ASN A 105 6.11 -3.17 -2.55
CA ASN A 105 6.09 -1.72 -2.44
C ASN A 105 6.70 -1.07 -3.68
N ARG A 106 7.65 -1.78 -4.29
CA ARG A 106 8.31 -1.27 -5.49
C ARG A 106 7.30 -0.96 -6.59
N LYS A 107 6.45 -1.92 -6.89
CA LYS A 107 5.43 -1.75 -7.92
C LYS A 107 4.35 -0.78 -7.46
N LEU A 108 4.11 -0.75 -6.14
CA LEU A 108 3.10 0.14 -5.57
C LEU A 108 3.36 1.59 -5.98
N SER A 109 4.62 1.98 -5.97
CA SER A 109 5.00 3.35 -6.33
C SER A 109 4.84 3.57 -7.83
N ASP A 110 5.02 2.51 -8.61
CA ASP A 110 4.90 2.59 -10.06
C ASP A 110 3.43 2.69 -10.47
N VAL A 111 2.60 1.84 -9.88
CA VAL A 111 1.17 1.83 -10.18
C VAL A 111 0.52 3.15 -9.81
N TRP A 112 1.10 3.84 -8.83
CA TRP A 112 0.57 5.13 -8.39
C TRP A 112 1.03 6.24 -9.31
N LYS A 113 2.33 6.31 -9.58
CA LYS A 113 2.89 7.33 -10.45
C LYS A 113 2.43 7.13 -11.90
N GLU A 114 2.18 5.87 -12.25
CA GLU A 114 1.75 5.54 -13.61
C GLU A 114 0.40 6.20 -13.91
N LEU A 115 -0.46 6.27 -12.90
CA LEU A 115 -1.78 6.88 -13.08
C LEU A 115 -1.81 8.29 -12.51
N SER A 116 -0.77 8.64 -11.76
CA SER A 116 -0.68 9.98 -11.16
C SER A 116 -0.73 11.06 -12.23
N LEU A 117 -0.17 10.77 -13.40
CA LEU A 117 -0.16 11.71 -14.51
C LEU A 117 -1.54 11.82 -15.15
N LEU A 118 -2.24 10.69 -15.20
CA LEU A 118 -3.58 10.66 -15.79
C LEU A 118 -4.62 11.20 -14.82
N LEU A 119 -4.33 11.07 -13.53
CA LEU A 119 -5.24 11.56 -12.50
C LEU A 119 -5.16 13.07 -12.36
N GLN A 120 -3.96 13.62 -12.57
CA GLN A 120 -3.74 15.06 -12.47
C GLN A 120 -4.30 15.77 -13.70
N VAL A 121 -4.05 15.20 -14.88
CA VAL A 121 -4.51 15.78 -16.12
C VAL A 121 -6.04 15.80 -16.18
N GLU A 122 -6.66 14.71 -15.74
CA GLU A 122 -8.11 14.61 -15.74
C GLU A 122 -8.70 15.21 -14.47
N GLN A 123 -8.32 14.65 -13.33
CA GLN A 123 -8.82 15.14 -12.04
C GLN A 123 -7.94 16.27 -11.52
N ARG A 124 -8.58 17.28 -10.94
CA ARG A 124 -7.87 18.44 -10.40
C ARG A 124 -7.34 18.14 -9.00
N MET A 125 -6.53 17.09 -8.88
CA MET A 125 -5.96 16.71 -7.60
C MET A 125 -4.44 16.86 -7.60
N PRO A 126 -3.92 17.62 -6.61
CA PRO A 126 -2.49 17.86 -6.49
C PRO A 126 -1.72 16.62 -6.07
N VAL A 127 -1.34 15.81 -7.05
CA VAL A 127 -0.60 14.58 -6.79
C VAL A 127 0.83 14.89 -6.34
N SER A 128 1.44 13.93 -5.65
CA SER A 128 2.81 14.10 -5.16
C SER A 128 2.96 15.44 -4.46
N PRO A 129 2.38 15.57 -3.26
CA PRO A 129 2.46 16.80 -2.47
C PRO A 129 3.86 17.06 -1.93
N ILE A 130 4.51 16.01 -1.46
CA ILE A 130 5.86 16.13 -0.93
C ILE A 130 6.41 14.78 -0.50
N SER A 131 5.53 13.92 0.01
CA SER A 131 5.94 12.59 0.44
C SER A 131 6.35 11.73 -0.74
N GLN A 132 5.67 11.90 -1.87
CA GLN A 132 5.96 11.15 -3.07
C GLN A 132 7.18 11.72 -3.79
N GLY A 133 7.63 11.02 -4.84
CA GLY A 133 8.78 11.48 -5.59
C GLY A 133 9.93 10.49 -5.55
N ALA A 134 10.61 10.40 -4.40
CA ALA A 134 11.72 9.48 -4.24
C ALA A 134 11.25 8.11 -3.78
N SER A 135 11.83 7.06 -4.34
CA SER A 135 11.47 5.70 -4.00
C SER A 135 11.51 5.50 -2.48
N TRP A 136 10.44 4.93 -1.93
CA TRP A 136 10.36 4.69 -0.49
C TRP A 136 11.12 3.41 -0.12
N ALA A 137 11.69 2.76 -1.12
CA ALA A 137 12.44 1.53 -0.90
C ALA A 137 13.79 1.82 -0.25
N GLN A 138 14.38 2.95 -0.60
CA GLN A 138 15.67 3.35 -0.06
C GLN A 138 15.62 3.42 1.47
N GLU A 139 14.63 4.13 2.00
CA GLU A 139 14.48 4.27 3.44
C GLU A 139 14.02 2.96 4.07
N ASP A 140 13.18 2.22 3.34
CA ASP A 140 12.68 0.94 3.83
C ASP A 140 13.82 0.04 4.30
N GLN A 141 14.94 0.09 3.58
CA GLN A 141 16.10 -0.71 3.93
C GLN A 141 16.51 -0.50 5.38
N GLN A 142 16.36 0.73 5.85
CA GLN A 142 16.70 1.07 7.23
C GLN A 142 15.65 0.53 8.20
N ASP A 143 14.39 0.83 7.93
CA ASP A 143 13.29 0.38 8.77
C ASP A 143 13.33 -1.13 8.96
N ALA A 144 13.62 -1.84 7.87
CA ALA A 144 13.69 -3.30 7.91
C ALA A 144 14.71 -3.77 8.93
N ASP A 145 15.83 -3.07 9.02
CA ASP A 145 16.89 -3.41 9.96
C ASP A 145 16.34 -3.47 11.39
N GLU A 146 15.70 -2.39 11.81
CA GLU A 146 15.14 -2.32 13.16
C GLU A 146 14.18 -3.48 13.41
N ASP A 147 13.41 -3.84 12.39
CA ASP A 147 12.45 -4.93 12.50
C ASP A 147 13.14 -6.21 12.97
N ARG A 148 14.37 -6.41 12.51
CA ARG A 148 15.15 -7.59 12.87
C ARG A 148 15.18 -7.78 14.38
N ARG A 149 15.25 -6.66 15.10
CA ARG A 149 15.30 -6.69 16.56
C ARG A 149 14.13 -7.50 17.12
N ALA A 150 12.92 -7.15 16.69
CA ALA A 150 11.72 -7.84 17.15
C ALA A 150 11.69 -9.29 16.66
N PHE A 151 12.17 -9.50 15.44
CA PHE A 151 12.20 -10.83 14.86
C PHE A 151 13.01 -11.79 15.73
N GLN A 152 14.04 -11.25 16.37
CA GLN A 152 14.90 -12.06 17.24
C GLN A 152 14.18 -12.43 18.53
N MET A 153 13.35 -11.53 19.02
CA MET A 153 12.59 -11.75 20.25
C MET A 153 11.13 -12.06 19.94
N LEU A 154 10.82 -13.34 19.77
CA LEU A 154 9.45 -13.76 19.48
C LEU A 154 8.77 -14.31 20.72
N ARG A 155 7.84 -13.54 21.28
CA ARG A 155 7.10 -13.96 22.47
C ARG A 155 5.87 -14.77 22.09
N ARG A 156 4.85 -14.08 21.60
CA ARG A 156 3.61 -14.74 21.19
C ARG A 156 2.93 -13.99 20.06
N ASP A 157 1.83 -14.54 19.55
CA ASP A 157 1.09 -13.92 18.46
C ASP A 157 -0.35 -13.64 18.87
C4 UJ5 B . -13.81 3.98 -12.38
C6 UJ5 B . -14.94 4.30 -14.21
C7 UJ5 B . -15.87 4.02 -13.19
C10 UJ5 B . -17.67 4.23 -14.77
C13 UJ5 B . -19.10 4.21 -15.09
C17 UJ5 B . -12.43 6.34 -11.61
C20 UJ5 B . -11.71 6.53 -8.95
C21 UJ5 B . -11.99 5.30 -9.50
C22 UJ5 B . -11.47 9.02 -9.14
C24 UJ5 B . -9.99 9.07 -8.73
C1 UJ5 B . -11.08 2.07 -11.72
O2 UJ5 B . -11.51 3.37 -12.13
C3 UJ5 B . -12.66 3.86 -11.43
N5 UJ5 B . -13.72 4.27 -13.64
C12 UJ5 B . -15.40 4.56 -15.51
C11 UJ5 B . -16.73 4.52 -15.78
N8 UJ5 B . -15.13 3.81 -12.04
C9 UJ5 B . -17.23 3.98 -13.48
O14 UJ5 B . -19.99 4.64 -14.19
O15 UJ5 B . -19.48 3.78 -16.16
C16 UJ5 B . -12.35 5.20 -10.82
C18 UJ5 B . -12.14 7.57 -11.07
C19 UJ5 B . -11.78 7.68 -9.73
C23 UJ5 B . -12.35 9.25 -7.90
H34 UJ5 B . -12.71 6.26 -12.65
H36 UJ5 B . -11.43 6.62 -7.91
H37 UJ5 B . -11.94 4.42 -8.88
H38 UJ5 B . -11.67 9.81 -9.87
H42 UJ5 B . -9.42 8.38 -9.34
H44 UJ5 B . -9.90 8.79 -7.68
H43 UJ5 B . -9.62 10.09 -8.87
H26 UJ5 B . -11.94 1.39 -11.71
H25 UJ5 B . -10.67 2.12 -10.71
H27 UJ5 B . -10.33 1.70 -12.41
H28 UJ5 B . -12.92 3.16 -10.62
H32 UJ5 B . -14.70 4.78 -16.29
H31 UJ5 B . -17.08 4.72 -16.78
H29 UJ5 B . -15.47 3.60 -11.17
H30 UJ5 B . -17.94 3.76 -12.69
H33 UJ5 B . -19.65 5.05 -13.38
H35 UJ5 B . -12.20 8.46 -11.68
H40 UJ5 B . -12.82 10.23 -7.96
H39 UJ5 B . -11.73 9.20 -7.00
H41 UJ5 B . -13.13 8.49 -7.86
N GLY A 1 -24.68 1.99 -16.12
CA GLY A 1 -24.38 1.45 -14.81
C GLY A 1 -23.85 2.50 -13.86
N SER A 2 -22.78 3.19 -14.27
CA SER A 2 -22.18 4.23 -13.44
C SER A 2 -21.88 3.70 -12.04
N PRO A 3 -20.89 2.81 -11.95
CA PRO A 3 -20.48 2.20 -10.67
C PRO A 3 -19.79 3.20 -9.75
N GLY A 4 -20.52 3.70 -8.76
CA GLY A 4 -19.97 4.66 -7.83
C GLY A 4 -19.45 4.00 -6.57
N GLU A 5 -20.18 3.00 -6.07
CA GLU A 5 -19.79 2.29 -4.87
C GLU A 5 -18.35 1.78 -4.96
N ASN A 6 -17.95 1.42 -6.18
CA ASN A 6 -16.60 0.91 -6.41
C ASN A 6 -15.55 1.91 -5.91
N LEU A 7 -15.82 3.19 -6.12
CA LEU A 7 -14.90 4.24 -5.70
C LEU A 7 -14.53 4.07 -4.23
N LYS A 8 -15.47 3.56 -3.43
CA LYS A 8 -15.24 3.35 -2.01
C LYS A 8 -14.44 2.08 -1.78
N HIS A 9 -14.64 1.09 -2.64
CA HIS A 9 -13.94 -0.18 -2.53
C HIS A 9 -12.47 -0.02 -2.92
N ILE A 10 -12.23 0.61 -4.06
CA ILE A 10 -10.87 0.83 -4.55
C ILE A 10 -10.01 1.50 -3.50
N ILE A 11 -10.56 2.54 -2.86
CA ILE A 11 -9.83 3.27 -1.83
C ILE A 11 -9.70 2.42 -0.56
N THR A 12 -10.72 1.62 -0.28
CA THR A 12 -10.72 0.76 0.90
C THR A 12 -9.58 -0.25 0.84
N LEU A 13 -9.31 -0.76 -0.36
CA LEU A 13 -8.26 -1.75 -0.55
C LEU A 13 -6.93 -1.26 0.05
N GLY A 14 -6.65 0.03 -0.14
CA GLY A 14 -5.43 0.59 0.39
C GLY A 14 -5.50 0.85 1.88
N GLN A 15 -6.70 1.13 2.37
CA GLN A 15 -6.91 1.40 3.79
C GLN A 15 -6.84 0.10 4.60
N VAL A 16 -7.32 -0.99 4.00
CA VAL A 16 -7.32 -2.28 4.67
C VAL A 16 -5.93 -2.65 5.15
N ILE A 17 -4.91 -2.14 4.47
CA ILE A 17 -3.52 -2.42 4.84
C ILE A 17 -3.20 -1.84 6.21
N HIS A 18 -3.81 -0.72 6.54
CA HIS A 18 -3.59 -0.07 7.82
C HIS A 18 -3.85 -1.04 8.97
N LYS A 19 -5.05 -1.62 8.99
CA LYS A 19 -5.42 -2.57 10.04
C LYS A 19 -4.74 -3.92 9.81
N ARG A 20 -4.52 -4.26 8.55
CA ARG A 20 -3.89 -5.53 8.19
C ARG A 20 -2.54 -5.66 8.90
N CYS A 21 -1.80 -4.56 8.98
CA CYS A 21 -0.49 -4.56 9.62
C CYS A 21 -0.60 -5.01 11.08
N GLU A 22 -1.57 -4.44 11.79
CA GLU A 22 -1.78 -4.79 13.19
C GLU A 22 -1.90 -6.30 13.37
N GLU A 23 -2.47 -6.96 12.37
CA GLU A 23 -2.65 -8.41 12.41
C GLU A 23 -1.30 -9.12 12.53
N MET A 24 -0.27 -8.52 11.95
CA MET A 24 1.07 -9.10 11.98
C MET A 24 1.67 -9.00 13.37
N LYS A 25 2.82 -9.62 13.56
CA LYS A 25 3.51 -9.59 14.85
C LYS A 25 5.01 -9.39 14.68
N TYR A 26 5.65 -10.36 14.04
CA TYR A 26 7.09 -10.29 13.80
C TYR A 26 7.42 -9.22 12.77
N CYS A 27 6.94 -9.42 11.54
CA CYS A 27 7.18 -8.48 10.45
C CYS A 27 6.38 -7.20 10.65
N LYS A 28 5.56 -7.18 11.70
CA LYS A 28 4.73 -6.03 12.00
C LYS A 28 5.57 -4.74 12.00
N LYS A 29 6.80 -4.86 12.46
CA LYS A 29 7.70 -3.70 12.52
C LYS A 29 7.88 -3.09 11.13
N GLN A 30 8.26 -3.92 10.17
CA GLN A 30 8.45 -3.46 8.80
C GLN A 30 7.12 -3.18 8.12
N CYS A 31 6.23 -4.16 8.15
CA CYS A 31 4.92 -4.02 7.52
C CYS A 31 4.22 -2.76 8.01
N ARG A 32 4.48 -2.39 9.25
CA ARG A 32 3.87 -1.19 9.83
C ARG A 32 4.05 0.01 8.91
N ARG A 33 5.16 0.03 8.18
CA ARG A 33 5.45 1.13 7.26
C ARG A 33 4.58 1.03 6.02
N LEU A 34 4.35 -0.20 5.55
CA LEU A 34 3.53 -0.43 4.37
C LEU A 34 2.13 0.15 4.54
N GLY A 35 1.55 -0.08 5.72
CA GLY A 35 0.22 0.43 6.00
C GLY A 35 0.21 1.92 6.25
N HIS A 36 1.14 2.39 7.08
CA HIS A 36 1.23 3.81 7.41
C HIS A 36 1.55 4.63 6.16
N ARG A 37 2.34 4.05 5.26
CA ARG A 37 2.73 4.74 4.03
C ARG A 37 1.57 4.74 3.04
N VAL A 38 1.09 3.56 2.68
CA VAL A 38 -0.01 3.43 1.73
C VAL A 38 -1.20 4.29 2.15
N LEU A 39 -1.33 4.51 3.46
CA LEU A 39 -2.42 5.31 4.00
C LEU A 39 -2.42 6.70 3.37
N GLY A 40 -1.24 7.18 2.99
CA GLY A 40 -1.14 8.49 2.38
C GLY A 40 -1.36 8.46 0.87
N LEU A 41 -1.40 7.25 0.31
CA LEU A 41 -1.61 7.09 -1.13
C LEU A 41 -3.09 7.20 -1.47
N ILE A 42 -3.92 6.50 -0.72
CA ILE A 42 -5.36 6.50 -0.95
C ILE A 42 -6.03 7.63 -0.16
N LYS A 43 -5.22 8.44 0.50
CA LYS A 43 -5.73 9.56 1.30
C LYS A 43 -6.49 10.55 0.41
N PRO A 44 -5.84 10.98 -0.68
CA PRO A 44 -6.45 11.92 -1.63
C PRO A 44 -7.59 11.31 -2.43
N LEU A 45 -7.43 10.04 -2.80
CA LEU A 45 -8.45 9.34 -3.57
C LEU A 45 -9.71 9.15 -2.73
N GLU A 46 -9.54 9.03 -1.42
CA GLU A 46 -10.67 8.84 -0.51
C GLU A 46 -11.44 10.15 -0.32
N MET A 47 -10.71 11.22 -0.05
CA MET A 47 -11.31 12.54 0.16
C MET A 47 -11.86 13.09 -1.16
N LEU A 48 -11.17 12.79 -2.25
CA LEU A 48 -11.59 13.25 -3.57
C LEU A 48 -13.04 12.88 -3.85
N GLN A 49 -13.32 11.59 -3.90
CA GLN A 49 -14.67 11.09 -4.15
C GLN A 49 -15.67 11.76 -3.21
N ASP A 50 -15.21 12.11 -2.01
CA ASP A 50 -16.07 12.75 -1.03
C ASP A 50 -16.43 14.17 -1.45
N GLN A 51 -15.46 14.87 -2.04
CA GLN A 51 -15.67 16.23 -2.49
C GLN A 51 -16.81 16.31 -3.51
N GLY A 52 -16.81 15.37 -4.45
CA GLY A 52 -17.85 15.34 -5.46
C GLY A 52 -18.45 13.96 -5.65
N LYS A 53 -19.76 13.85 -5.51
CA LYS A 53 -20.44 12.57 -5.67
C LYS A 53 -20.20 11.99 -7.06
N ARG A 54 -19.36 10.96 -7.12
CA ARG A 54 -19.04 10.32 -8.39
C ARG A 54 -18.34 11.29 -9.33
N SER A 55 -17.04 11.10 -9.50
CA SER A 55 -16.24 11.96 -10.37
C SER A 55 -16.31 11.49 -11.82
N VAL A 56 -15.59 10.42 -12.13
CA VAL A 56 -15.58 9.87 -13.47
C VAL A 56 -15.28 10.94 -14.51
N PRO A 57 -14.04 11.49 -14.45
CA PRO A 57 -13.60 12.53 -15.38
C PRO A 57 -13.42 12.01 -16.80
N SER A 58 -12.67 10.92 -16.94
CA SER A 58 -12.42 10.32 -18.25
C SER A 58 -12.29 8.80 -18.13
N GLU A 59 -12.61 8.11 -19.23
CA GLU A 59 -12.53 6.66 -19.24
C GLU A 59 -11.08 6.19 -19.27
N LYS A 60 -10.23 6.94 -19.96
CA LYS A 60 -8.82 6.61 -20.07
C LYS A 60 -8.20 6.42 -18.68
N LEU A 61 -8.59 7.28 -17.74
CA LEU A 61 -8.08 7.20 -16.38
C LEU A 61 -8.43 5.86 -15.74
N THR A 62 -9.61 5.34 -16.07
CA THR A 62 -10.05 4.07 -15.53
C THR A 62 -9.02 2.97 -15.77
N THR A 63 -8.62 2.82 -17.02
CA THR A 63 -7.63 1.80 -17.39
C THR A 63 -6.39 1.89 -16.50
N ALA A 64 -6.00 3.12 -16.17
CA ALA A 64 -4.84 3.35 -15.32
C ALA A 64 -5.14 3.02 -13.86
N MET A 65 -6.29 3.48 -13.38
CA MET A 65 -6.69 3.24 -12.00
C MET A 65 -6.79 1.74 -11.72
N ASN A 66 -7.26 0.99 -12.71
CA ASN A 66 -7.40 -0.46 -12.58
C ASN A 66 -6.08 -1.10 -12.14
N ARG A 67 -4.97 -0.48 -12.54
CA ARG A 67 -3.65 -0.99 -12.20
C ARG A 67 -3.31 -0.67 -10.74
N PHE A 68 -3.84 0.43 -10.24
CA PHE A 68 -3.60 0.85 -8.86
C PHE A 68 -4.42 0.00 -7.88
N LYS A 69 -5.71 -0.12 -8.16
CA LYS A 69 -6.60 -0.90 -7.31
C LYS A 69 -6.03 -2.29 -7.05
N ALA A 70 -5.43 -2.88 -8.08
CA ALA A 70 -4.84 -4.20 -7.97
C ALA A 70 -3.55 -4.16 -7.16
N ALA A 71 -2.84 -3.04 -7.24
CA ALA A 71 -1.59 -2.87 -6.52
C ALA A 71 -1.77 -3.16 -5.04
N LEU A 72 -2.93 -2.81 -4.50
CA LEU A 72 -3.24 -3.04 -3.08
C LEU A 72 -3.34 -4.54 -2.80
N GLU A 73 -3.95 -5.27 -3.72
CA GLU A 73 -4.13 -6.71 -3.56
C GLU A 73 -2.80 -7.39 -3.21
N GLU A 74 -1.71 -6.85 -3.75
CA GLU A 74 -0.38 -7.40 -3.49
C GLU A 74 -0.01 -7.24 -2.01
N ALA A 75 -0.09 -6.01 -1.52
CA ALA A 75 0.24 -5.74 -0.12
C ALA A 75 -0.73 -6.44 0.82
N ASN A 76 -2.02 -6.30 0.53
CA ASN A 76 -3.06 -6.91 1.37
C ASN A 76 -2.91 -8.43 1.38
N GLY A 77 -2.84 -9.02 0.20
CA GLY A 77 -2.69 -10.47 0.10
C GLY A 77 -1.50 -10.99 0.89
N GLU A 78 -0.35 -10.34 0.72
CA GLU A 78 0.85 -10.75 1.42
C GLU A 78 0.64 -10.73 2.94
N ILE A 79 -0.02 -9.69 3.41
CA ILE A 79 -0.29 -9.54 4.84
C ILE A 79 -1.11 -10.73 5.37
N GLU A 80 -1.99 -11.24 4.53
CA GLU A 80 -2.82 -12.38 4.91
C GLU A 80 -1.99 -13.64 5.11
N LYS A 81 -1.20 -13.98 4.11
CA LYS A 81 -0.34 -15.16 4.18
C LYS A 81 0.73 -15.00 5.25
N PHE A 82 1.36 -13.82 5.29
CA PHE A 82 2.39 -13.53 6.28
C PHE A 82 1.80 -13.50 7.68
N SER A 83 0.50 -13.24 7.77
CA SER A 83 -0.18 -13.18 9.06
C SER A 83 0.20 -14.37 9.94
N ASN A 84 0.42 -15.51 9.32
CA ASN A 84 0.79 -16.72 10.04
C ASN A 84 2.10 -16.51 10.80
N ARG A 85 2.58 -17.58 11.43
CA ARG A 85 3.83 -17.52 12.20
C ARG A 85 4.96 -18.21 11.45
N SER A 86 4.65 -19.36 10.86
CA SER A 86 5.65 -20.14 10.12
C SER A 86 5.96 -19.46 8.78
N ASN A 87 4.96 -18.82 8.20
CA ASN A 87 5.13 -18.14 6.93
C ASN A 87 6.28 -17.13 6.99
N ILE A 88 6.36 -16.41 8.11
CA ILE A 88 7.41 -15.41 8.29
C ILE A 88 8.78 -16.07 8.44
N CYS A 89 8.87 -17.04 9.34
CA CYS A 89 10.12 -17.76 9.58
C CYS A 89 10.65 -18.35 8.28
N ARG A 90 9.74 -18.79 7.42
CA ARG A 90 10.11 -19.39 6.14
C ARG A 90 10.95 -18.42 5.32
N PHE A 91 10.48 -17.18 5.20
CA PHE A 91 11.19 -16.17 4.43
C PHE A 91 12.38 -15.63 5.22
N LEU A 92 12.19 -15.44 6.52
CA LEU A 92 13.25 -14.93 7.38
C LEU A 92 14.46 -15.85 7.36
N THR A 93 14.24 -17.13 7.62
CA THR A 93 15.31 -18.11 7.62
C THR A 93 15.95 -18.23 6.24
N ALA A 94 15.16 -18.01 5.20
CA ALA A 94 15.64 -18.10 3.83
C ALA A 94 16.47 -16.88 3.46
N SER A 95 16.08 -15.72 4.00
CA SER A 95 16.78 -14.47 3.72
C SER A 95 16.97 -14.27 2.22
N GLN A 96 15.97 -14.68 1.45
CA GLN A 96 16.02 -14.54 0.00
C GLN A 96 16.04 -13.07 -0.41
N ASP A 97 15.33 -12.24 0.35
CA ASP A 97 15.27 -10.81 0.07
C ASP A 97 15.57 -10.00 1.32
N LYS A 98 15.35 -8.69 1.24
CA LYS A 98 15.60 -7.80 2.36
C LYS A 98 14.29 -7.45 3.08
N ILE A 99 13.24 -7.25 2.31
CA ILE A 99 11.94 -6.91 2.88
C ILE A 99 10.83 -7.74 2.24
N LEU A 100 9.87 -8.17 3.05
CA LEU A 100 8.75 -8.97 2.57
C LEU A 100 7.95 -8.20 1.51
N PHE A 101 7.83 -6.90 1.71
CA PHE A 101 7.09 -6.06 0.77
C PHE A 101 8.04 -5.16 -0.01
N LYS A 102 9.22 -5.67 -0.31
CA LYS A 102 10.21 -4.92 -1.06
C LYS A 102 9.71 -4.58 -2.45
N ASP A 103 9.48 -5.60 -3.26
CA ASP A 103 8.98 -5.41 -4.62
C ASP A 103 7.55 -4.89 -4.61
N VAL A 104 6.79 -5.30 -3.60
CA VAL A 104 5.39 -4.87 -3.48
C VAL A 104 5.28 -3.35 -3.50
N ASN A 105 6.02 -2.70 -2.60
CA ASN A 105 6.00 -1.25 -2.51
C ASN A 105 6.53 -0.62 -3.79
N ARG A 106 7.43 -1.33 -4.47
CA ARG A 106 8.02 -0.84 -5.71
C ARG A 106 6.93 -0.49 -6.72
N LYS A 107 6.02 -1.42 -6.96
CA LYS A 107 4.92 -1.20 -7.89
C LYS A 107 3.91 -0.20 -7.34
N LEU A 108 3.77 -0.19 -6.02
CA LEU A 108 2.83 0.73 -5.37
C LEU A 108 3.15 2.18 -5.75
N SER A 109 4.43 2.52 -5.76
CA SER A 109 4.85 3.87 -6.09
C SER A 109 4.66 4.14 -7.58
N ASP A 110 4.80 3.10 -8.39
CA ASP A 110 4.66 3.21 -9.84
C ASP A 110 3.19 3.42 -10.21
N VAL A 111 2.32 2.60 -9.62
CA VAL A 111 0.89 2.69 -9.89
C VAL A 111 0.33 4.04 -9.45
N TRP A 112 0.96 4.64 -8.46
CA TRP A 112 0.53 5.94 -7.95
C TRP A 112 1.07 7.08 -8.81
N LYS A 113 2.38 7.05 -9.05
CA LYS A 113 3.02 8.09 -9.86
C LYS A 113 2.53 8.04 -11.29
N GLU A 114 2.02 6.88 -11.70
CA GLU A 114 1.52 6.69 -13.06
C GLU A 114 0.16 7.38 -13.23
N LEU A 115 -0.80 7.03 -12.39
CA LEU A 115 -2.13 7.60 -12.44
C LEU A 115 -2.11 9.07 -12.00
N SER A 116 -1.16 9.40 -11.13
CA SER A 116 -1.04 10.76 -10.61
C SER A 116 -0.92 11.75 -11.77
N LEU A 117 -0.32 11.31 -12.86
CA LEU A 117 -0.14 12.16 -14.04
C LEU A 117 -1.48 12.53 -14.66
N LEU A 118 -2.31 11.52 -14.90
CA LEU A 118 -3.63 11.75 -15.48
C LEU A 118 -4.61 12.29 -14.44
N LEU A 119 -4.24 12.17 -13.18
CA LEU A 119 -5.09 12.64 -12.08
C LEU A 119 -5.04 14.16 -11.99
N GLN A 120 -3.85 14.73 -12.18
CA GLN A 120 -3.66 16.17 -12.13
C GLN A 120 -4.26 16.85 -13.37
N VAL A 121 -4.02 16.25 -14.52
CA VAL A 121 -4.52 16.79 -15.78
C VAL A 121 -6.04 16.70 -15.84
N GLU A 122 -6.59 15.67 -15.20
CA GLU A 122 -8.04 15.46 -15.19
C GLU A 122 -8.70 16.27 -14.07
N GLN A 123 -8.28 16.01 -12.84
CA GLN A 123 -8.83 16.71 -11.68
C GLN A 123 -7.79 17.62 -11.04
N ARG A 124 -8.25 18.65 -10.36
CA ARG A 124 -7.35 19.60 -9.72
C ARG A 124 -6.79 19.02 -8.41
N MET A 125 -6.07 17.91 -8.53
CA MET A 125 -5.48 17.26 -7.37
C MET A 125 -3.96 17.31 -7.43
N PRO A 126 -3.36 18.15 -6.56
CA PRO A 126 -1.91 18.32 -6.50
C PRO A 126 -1.21 17.08 -5.93
N VAL A 127 -0.56 16.31 -6.82
CA VAL A 127 0.14 15.11 -6.41
C VAL A 127 1.63 15.39 -6.19
N SER A 128 2.28 14.51 -5.44
CA SER A 128 3.70 14.68 -5.15
C SER A 128 4.02 16.11 -4.72
N PRO A 129 3.65 16.44 -3.47
CA PRO A 129 3.88 17.78 -2.92
C PRO A 129 5.36 18.05 -2.66
N ILE A 130 6.06 17.06 -2.11
CA ILE A 130 7.48 17.20 -1.81
C ILE A 130 8.04 15.93 -1.21
N SER A 131 7.23 15.25 -0.41
CA SER A 131 7.64 14.01 0.24
C SER A 131 7.66 12.85 -0.75
N GLN A 132 6.73 12.88 -1.70
CA GLN A 132 6.63 11.84 -2.71
C GLN A 132 7.73 12.00 -3.77
N GLY A 133 8.97 11.73 -3.36
CA GLY A 133 10.09 11.85 -4.27
C GLY A 133 10.76 10.52 -4.56
N ALA A 134 12.02 10.41 -4.18
CA ALA A 134 12.78 9.18 -4.41
C ALA A 134 12.02 7.97 -3.86
N SER A 135 12.40 6.78 -4.31
CA SER A 135 11.76 5.55 -3.87
C SER A 135 11.72 5.48 -2.35
N TRP A 136 10.59 4.99 -1.82
CA TRP A 136 10.42 4.87 -0.37
C TRP A 136 11.08 3.61 0.15
N ALA A 137 11.70 2.85 -0.76
CA ALA A 137 12.38 1.61 -0.38
C ALA A 137 13.65 1.90 0.41
N GLN A 138 14.31 3.01 0.09
CA GLN A 138 15.53 3.39 0.78
C GLN A 138 15.32 3.44 2.29
N GLU A 139 14.21 4.05 2.70
CA GLU A 139 13.89 4.17 4.12
C GLU A 139 13.44 2.82 4.69
N ASP A 140 12.72 2.06 3.87
CA ASP A 140 12.21 0.75 4.30
C ASP A 140 13.36 -0.14 4.78
N GLN A 141 14.52 0.00 4.15
CA GLN A 141 15.68 -0.78 4.51
C GLN A 141 15.95 -0.70 6.02
N GLN A 142 15.69 0.46 6.59
CA GLN A 142 15.90 0.67 8.02
C GLN A 142 14.85 -0.08 8.84
N ASP A 143 13.61 -0.04 8.36
CA ASP A 143 12.51 -0.71 9.05
C ASP A 143 12.71 -2.23 9.04
N ALA A 144 13.27 -2.75 7.95
CA ALA A 144 13.52 -4.18 7.83
C ALA A 144 14.68 -4.61 8.70
N ASP A 145 15.73 -3.80 8.74
CA ASP A 145 16.91 -4.10 9.54
C ASP A 145 16.55 -4.18 11.03
N GLU A 146 15.94 -3.11 11.53
CA GLU A 146 15.54 -3.05 12.94
C GLU A 146 14.52 -4.14 13.26
N ASP A 147 13.67 -4.45 12.30
CA ASP A 147 12.65 -5.47 12.48
C ASP A 147 13.28 -6.82 12.83
N ARG A 148 14.44 -7.08 12.25
CA ARG A 148 15.15 -8.33 12.49
C ARG A 148 15.30 -8.59 13.98
N ARG A 149 15.58 -7.53 14.73
CA ARG A 149 15.75 -7.64 16.18
C ARG A 149 14.49 -8.16 16.84
N ALA A 150 13.34 -7.66 16.39
CA ALA A 150 12.06 -8.07 16.94
C ALA A 150 11.77 -9.53 16.63
N PHE A 151 12.15 -9.97 15.43
CA PHE A 151 11.95 -11.35 15.02
C PHE A 151 12.71 -12.32 15.93
N GLN A 152 13.84 -11.85 16.45
CA GLN A 152 14.66 -12.68 17.34
C GLN A 152 13.98 -12.88 18.69
N MET A 153 13.63 -11.76 19.33
CA MET A 153 12.97 -11.81 20.64
C MET A 153 11.49 -11.46 20.51
N LEU A 154 10.63 -12.38 20.91
CA LEU A 154 9.19 -12.17 20.84
C LEU A 154 8.56 -12.16 22.24
N ARG A 155 8.03 -11.02 22.64
CA ARG A 155 7.40 -10.89 23.95
C ARG A 155 6.27 -9.87 23.92
N ARG A 156 5.06 -10.31 24.26
CA ARG A 156 3.90 -9.44 24.27
C ARG A 156 2.79 -10.02 25.13
N ASP A 157 1.68 -9.30 25.23
CA ASP A 157 0.54 -9.74 26.02
C ASP A 157 -0.75 -9.11 25.52
C4 UJ5 B . -13.46 4.98 -12.60
C6 UJ5 B . -15.10 4.74 -14.00
C7 UJ5 B . -14.22 5.68 -14.55
C10 UJ5 B . -15.66 5.90 -16.46
C13 UJ5 B . -15.96 6.52 -17.76
C17 UJ5 B . -11.05 6.38 -10.19
C20 UJ5 B . -12.93 8.40 -10.30
C21 UJ5 B . -13.22 7.16 -10.84
C22 UJ5 B . -11.40 9.97 -9.11
C24 UJ5 B . -10.16 10.56 -9.79
C1 UJ5 B . -11.16 2.90 -11.09
O2 UJ5 B . -11.38 4.15 -11.75
C3 UJ5 B . -12.60 4.79 -11.38
N5 UJ5 B . -14.58 4.35 -12.81
C12 UJ5 B . -16.27 4.40 -14.69
C11 UJ5 B . -16.54 4.96 -15.90
N8 UJ5 B . -13.18 5.81 -13.63
C9 UJ5 B . -14.50 6.26 -15.77
O14 UJ5 B . -15.20 7.53 -18.23
O15 UJ5 B . -16.89 6.10 -18.43
C16 UJ5 B . -12.28 6.15 -10.79
C18 UJ5 B . -10.77 7.61 -9.65
C19 UJ5 B . -11.71 8.62 -9.69
C23 UJ5 B . -11.14 9.83 -7.60
H34 UJ5 B . -10.32 5.58 -10.15
H36 UJ5 B . -13.67 9.19 -10.34
H37 UJ5 B . -14.18 6.98 -11.31
H38 UJ5 B . -12.24 10.65 -9.26
H42 UJ5 B . -9.79 11.41 -9.21
H44 UJ5 B . -10.42 10.90 -10.80
H43 UJ5 B . -9.38 9.80 -9.84
H26 UJ5 B . -12.05 2.28 -11.19
H25 UJ5 B . -10.95 3.08 -10.04
H27 UJ5 B . -10.30 2.39 -11.55
H28 UJ5 B . -13.11 4.19 -10.65
H32 UJ5 B . -16.96 3.67 -14.28
H31 UJ5 B . -17.43 4.69 -16.43
H29 UJ5 B . -12.41 6.39 -13.73
H30 UJ5 B . -13.81 6.98 -16.20
H33 UJ5 B . -15.53 8.43 -18.06
H35 UJ5 B . -9.81 7.79 -9.18
H40 UJ5 B . -11.11 8.76 -7.35
H39 UJ5 B . -11.93 10.32 -7.04
H41 UJ5 B . -10.18 10.28 -7.36
N GLY A 1 -25.54 0.94 -1.74
CA GLY A 1 -26.10 1.10 -3.07
C GLY A 1 -25.24 0.46 -4.14
N SER A 2 -25.82 0.26 -5.32
CA SER A 2 -25.08 -0.35 -6.43
C SER A 2 -23.91 0.53 -6.85
N PRO A 3 -24.21 1.76 -7.27
CA PRO A 3 -23.18 2.72 -7.70
C PRO A 3 -22.32 3.22 -6.54
N GLY A 4 -21.06 3.50 -6.82
CA GLY A 4 -20.16 3.98 -5.79
C GLY A 4 -19.38 2.86 -5.13
N GLU A 5 -20.00 1.69 -5.02
CA GLU A 5 -19.36 0.54 -4.41
C GLU A 5 -18.01 0.27 -5.05
N ASN A 6 -17.92 0.49 -6.36
CA ASN A 6 -16.68 0.27 -7.10
C ASN A 6 -15.60 1.25 -6.65
N LEU A 7 -15.95 2.53 -6.60
CA LEU A 7 -15.01 3.56 -6.18
C LEU A 7 -14.63 3.40 -4.71
N LYS A 8 -15.56 2.89 -3.92
CA LYS A 8 -15.33 2.67 -2.50
C LYS A 8 -14.50 1.41 -2.26
N HIS A 9 -14.67 0.43 -3.14
CA HIS A 9 -13.94 -0.82 -3.04
C HIS A 9 -12.48 -0.64 -3.44
N ILE A 10 -12.26 -0.01 -4.59
CA ILE A 10 -10.91 0.23 -5.08
C ILE A 10 -10.06 0.93 -4.02
N ILE A 11 -10.62 1.94 -3.38
CA ILE A 11 -9.92 2.69 -2.36
C ILE A 11 -9.74 1.85 -1.09
N THR A 12 -10.72 1.01 -0.80
CA THR A 12 -10.68 0.15 0.38
C THR A 12 -9.58 -0.90 0.24
N LEU A 13 -9.36 -1.37 -0.97
CA LEU A 13 -8.34 -2.38 -1.23
C LEU A 13 -7.00 -1.95 -0.65
N GLY A 14 -6.66 -0.67 -0.81
CA GLY A 14 -5.40 -0.16 -0.29
C GLY A 14 -5.45 0.07 1.20
N GLN A 15 -6.63 0.38 1.72
CA GLN A 15 -6.80 0.62 3.15
C GLN A 15 -6.74 -0.68 3.94
N VAL A 16 -7.15 -1.78 3.30
CA VAL A 16 -7.14 -3.09 3.94
C VAL A 16 -5.77 -3.39 4.53
N ILE A 17 -4.72 -2.88 3.89
CA ILE A 17 -3.36 -3.10 4.35
C ILE A 17 -3.07 -2.28 5.60
N HIS A 18 -3.66 -1.10 5.68
CA HIS A 18 -3.46 -0.21 6.84
C HIS A 18 -3.70 -0.96 8.14
N LYS A 19 -4.86 -1.60 8.26
CA LYS A 19 -5.20 -2.35 9.46
C LYS A 19 -4.43 -3.67 9.51
N ARG A 20 -4.10 -4.19 8.33
CA ARG A 20 -3.36 -5.45 8.25
C ARG A 20 -1.94 -5.29 8.77
N CYS A 21 -1.39 -4.08 8.63
CA CYS A 21 -0.04 -3.80 9.09
C CYS A 21 0.04 -3.80 10.61
N GLU A 22 -1.07 -3.43 11.26
CA GLU A 22 -1.14 -3.39 12.72
C GLU A 22 -1.57 -4.75 13.28
N GLU A 23 -2.28 -5.51 12.46
CA GLU A 23 -2.77 -6.82 12.87
C GLU A 23 -1.60 -7.76 13.18
N MET A 24 -0.51 -7.61 12.44
CA MET A 24 0.67 -8.44 12.64
C MET A 24 1.22 -8.28 14.06
N LYS A 25 2.39 -8.85 14.29
CA LYS A 25 3.03 -8.76 15.61
C LYS A 25 4.53 -8.55 15.48
N TYR A 26 5.16 -9.36 14.64
CA TYR A 26 6.60 -9.27 14.43
C TYR A 26 6.92 -8.37 13.24
N CYS A 27 6.33 -8.69 12.09
CA CYS A 27 6.55 -7.91 10.88
C CYS A 27 5.75 -6.62 10.91
N LYS A 28 4.94 -6.46 11.95
CA LYS A 28 4.11 -5.26 12.10
C LYS A 28 4.96 -4.00 11.98
N LYS A 29 6.21 -4.09 12.44
CA LYS A 29 7.13 -2.96 12.38
C LYS A 29 7.39 -2.55 10.93
N GLN A 30 7.71 -3.52 10.09
CA GLN A 30 7.98 -3.26 8.68
C GLN A 30 6.70 -2.94 7.92
N CYS A 31 5.67 -3.75 8.15
CA CYS A 31 4.38 -3.55 7.48
C CYS A 31 3.89 -2.12 7.67
N ARG A 32 4.21 -1.53 8.81
CA ARG A 32 3.80 -0.17 9.11
C ARG A 32 4.17 0.77 7.97
N ARG A 33 5.31 0.52 7.34
CA ARG A 33 5.77 1.34 6.23
C ARG A 33 4.91 1.11 4.98
N LEU A 34 4.70 -0.16 4.65
CA LEU A 34 3.91 -0.51 3.48
C LEU A 34 2.47 0.01 3.62
N GLY A 35 1.90 -0.18 4.79
CA GLY A 35 0.53 0.27 5.04
C GLY A 35 0.44 1.79 5.11
N HIS A 36 1.49 2.43 5.62
CA HIS A 36 1.51 3.88 5.74
C HIS A 36 1.70 4.53 4.38
N ARG A 37 2.51 3.89 3.53
CA ARG A 37 2.76 4.42 2.19
C ARG A 37 1.55 4.22 1.28
N VAL A 38 1.02 3.00 1.26
CA VAL A 38 -0.13 2.68 0.44
C VAL A 38 -1.32 3.59 0.78
N LEU A 39 -1.41 3.97 2.06
CA LEU A 39 -2.49 4.84 2.51
C LEU A 39 -2.47 6.18 1.79
N GLY A 40 -1.26 6.63 1.44
CA GLY A 40 -1.12 7.89 0.74
C GLY A 40 -1.52 7.80 -0.73
N LEU A 41 -1.76 6.58 -1.19
CA LEU A 41 -2.15 6.36 -2.58
C LEU A 41 -3.65 6.51 -2.76
N ILE A 42 -4.41 5.75 -1.98
CA ILE A 42 -5.87 5.81 -2.05
C ILE A 42 -6.42 6.94 -1.19
N LYS A 43 -5.53 7.61 -0.46
CA LYS A 43 -5.93 8.71 0.41
C LYS A 43 -6.72 9.76 -0.38
N PRO A 44 -6.11 10.28 -1.46
CA PRO A 44 -6.74 11.29 -2.32
C PRO A 44 -7.90 10.72 -3.13
N LEU A 45 -7.79 9.45 -3.52
CA LEU A 45 -8.82 8.79 -4.29
C LEU A 45 -10.09 8.61 -3.46
N GLU A 46 -9.92 8.30 -2.19
CA GLU A 46 -11.06 8.11 -1.28
C GLU A 46 -11.67 9.45 -0.89
N MET A 47 -10.81 10.45 -0.70
CA MET A 47 -11.28 11.78 -0.31
C MET A 47 -11.94 12.49 -1.49
N LEU A 48 -11.32 12.39 -2.66
CA LEU A 48 -11.86 13.02 -3.86
C LEU A 48 -13.33 12.66 -4.06
N GLN A 49 -13.61 11.36 -4.15
CA GLN A 49 -14.97 10.88 -4.34
C GLN A 49 -15.89 11.43 -3.26
N ASP A 50 -15.33 11.71 -2.08
CA ASP A 50 -16.10 12.24 -0.97
C ASP A 50 -16.60 13.65 -1.27
N GLN A 51 -15.84 14.36 -2.11
CA GLN A 51 -16.20 15.73 -2.48
C GLN A 51 -17.66 15.81 -2.90
N GLY A 52 -18.01 15.10 -3.96
CA GLY A 52 -19.38 15.11 -4.45
C GLY A 52 -19.89 13.72 -4.74
N LYS A 53 -21.15 13.64 -5.19
CA LYS A 53 -21.76 12.36 -5.52
C LYS A 53 -20.88 11.55 -6.46
N ARG A 54 -20.87 11.94 -7.73
CA ARG A 54 -20.07 11.24 -8.73
C ARG A 54 -18.69 11.89 -8.86
N SER A 55 -17.69 11.08 -9.21
CA SER A 55 -16.33 11.57 -9.36
C SER A 55 -15.52 10.65 -10.29
N VAL A 56 -15.35 11.08 -11.53
CA VAL A 56 -14.60 10.30 -12.51
C VAL A 56 -14.52 11.02 -13.85
N PRO A 57 -13.32 11.11 -14.41
CA PRO A 57 -13.08 11.78 -15.70
C PRO A 57 -13.67 11.00 -16.86
N SER A 58 -12.89 10.06 -17.39
CA SER A 58 -13.33 9.24 -18.51
C SER A 58 -12.98 7.76 -18.28
N GLU A 59 -13.31 6.92 -19.25
CA GLU A 59 -13.04 5.49 -19.16
C GLU A 59 -11.54 5.22 -19.27
N LYS A 60 -10.84 6.07 -20.00
CA LYS A 60 -9.40 5.92 -20.18
C LYS A 60 -8.70 5.78 -18.84
N LEU A 61 -9.24 6.41 -17.80
CA LEU A 61 -8.67 6.35 -16.47
C LEU A 61 -8.90 4.99 -15.84
N THR A 62 -10.10 4.43 -16.04
CA THR A 62 -10.43 3.13 -15.50
C THR A 62 -9.40 2.08 -15.90
N THR A 63 -8.89 2.20 -17.12
CA THR A 63 -7.90 1.26 -17.63
C THR A 63 -6.62 1.32 -16.82
N ALA A 64 -6.14 2.53 -16.55
CA ALA A 64 -4.93 2.73 -15.78
C ALA A 64 -5.13 2.33 -14.32
N MET A 65 -6.22 2.79 -13.72
CA MET A 65 -6.54 2.49 -12.33
C MET A 65 -6.65 0.97 -12.13
N ASN A 66 -7.19 0.29 -13.14
CA ASN A 66 -7.35 -1.15 -13.06
C ASN A 66 -6.04 -1.85 -12.73
N ARG A 67 -4.93 -1.20 -13.10
CA ARG A 67 -3.60 -1.75 -12.83
C ARG A 67 -3.19 -1.50 -11.39
N PHE A 68 -3.59 -0.35 -10.85
CA PHE A 68 -3.26 0.02 -9.48
C PHE A 68 -4.14 -0.75 -8.48
N LYS A 69 -5.43 -0.77 -8.75
CA LYS A 69 -6.38 -1.47 -7.88
C LYS A 69 -5.90 -2.88 -7.58
N ALA A 70 -5.31 -3.52 -8.58
CA ALA A 70 -4.80 -4.88 -8.42
C ALA A 70 -3.51 -4.89 -7.60
N ALA A 71 -2.71 -3.84 -7.74
CA ALA A 71 -1.45 -3.73 -7.02
C ALA A 71 -1.66 -3.97 -5.52
N LEU A 72 -2.81 -3.54 -5.02
CA LEU A 72 -3.13 -3.71 -3.60
C LEU A 72 -3.28 -5.18 -3.25
N GLU A 73 -3.83 -5.95 -4.18
CA GLU A 73 -4.04 -7.38 -3.97
C GLU A 73 -2.71 -8.08 -3.65
N GLU A 74 -1.64 -7.59 -4.25
CA GLU A 74 -0.31 -8.17 -4.05
C GLU A 74 0.13 -7.99 -2.59
N ALA A 75 0.11 -6.74 -2.13
CA ALA A 75 0.51 -6.44 -0.76
C ALA A 75 -0.48 -7.01 0.24
N ASN A 76 -1.75 -6.65 0.10
CA ASN A 76 -2.79 -7.13 1.00
C ASN A 76 -2.82 -8.66 1.02
N GLY A 77 -2.99 -9.25 -0.15
CA GLY A 77 -3.04 -10.70 -0.24
C GLY A 77 -1.81 -11.36 0.37
N GLU A 78 -0.67 -10.69 0.28
CA GLU A 78 0.57 -11.21 0.83
C GLU A 78 0.56 -11.15 2.36
N ILE A 79 -0.03 -10.10 2.89
CA ILE A 79 -0.12 -9.92 4.33
C ILE A 79 -0.87 -11.07 4.99
N GLU A 80 -1.94 -11.51 4.36
CA GLU A 80 -2.74 -12.61 4.87
C GLU A 80 -1.87 -13.82 5.21
N LYS A 81 -0.91 -14.10 4.33
CA LYS A 81 -0.01 -15.22 4.53
C LYS A 81 1.00 -14.92 5.64
N PHE A 82 1.59 -13.74 5.59
CA PHE A 82 2.57 -13.34 6.59
C PHE A 82 1.93 -13.27 7.98
N SER A 83 0.62 -13.11 8.01
CA SER A 83 -0.12 -13.02 9.27
C SER A 83 0.32 -14.13 10.22
N ASN A 84 0.64 -15.29 9.66
CA ASN A 84 1.09 -16.43 10.47
C ASN A 84 2.34 -16.09 11.26
N ARG A 85 2.90 -17.10 11.94
CA ARG A 85 4.10 -16.89 12.74
C ARG A 85 5.32 -17.52 12.05
N SER A 86 5.14 -18.71 11.50
CA SER A 86 6.22 -19.41 10.82
C SER A 86 6.51 -18.76 9.46
N ASN A 87 5.47 -18.25 8.81
CA ASN A 87 5.61 -17.60 7.52
C ASN A 87 6.63 -16.48 7.58
N ILE A 88 6.64 -15.75 8.69
CA ILE A 88 7.57 -14.65 8.88
C ILE A 88 9.02 -15.13 8.88
N CYS A 89 9.30 -16.14 9.70
CA CYS A 89 10.64 -16.69 9.80
C CYS A 89 11.07 -17.32 8.47
N ARG A 90 10.11 -17.92 7.78
CA ARG A 90 10.38 -18.55 6.50
C ARG A 90 11.09 -17.59 5.55
N PHE A 91 10.54 -16.40 5.41
CA PHE A 91 11.12 -15.38 4.53
C PHE A 91 12.35 -14.74 5.17
N LEU A 92 12.24 -14.44 6.47
CA LEU A 92 13.35 -13.83 7.21
C LEU A 92 14.63 -14.65 7.04
N THR A 93 14.53 -15.95 7.33
CA THR A 93 15.69 -16.84 7.21
C THR A 93 16.07 -17.06 5.76
N ALA A 94 15.07 -17.05 4.88
CA ALA A 94 15.32 -17.24 3.45
C ALA A 94 16.33 -16.23 2.92
N SER A 95 16.17 -14.97 3.33
CA SER A 95 17.07 -13.91 2.89
C SER A 95 17.90 -13.38 4.05
N GLN A 96 18.67 -12.33 3.80
CA GLN A 96 19.51 -11.73 4.82
C GLN A 96 19.00 -10.34 5.19
N ASP A 97 19.24 -9.38 4.31
CA ASP A 97 18.82 -8.01 4.54
C ASP A 97 17.84 -7.55 3.48
N LYS A 98 16.59 -8.03 3.57
CA LYS A 98 15.56 -7.67 2.60
C LYS A 98 14.23 -7.42 3.31
N ILE A 99 13.28 -6.87 2.57
CA ILE A 99 11.95 -6.58 3.12
C ILE A 99 10.92 -7.56 2.59
N LEU A 100 9.98 -7.93 3.46
CA LEU A 100 8.92 -8.87 3.08
C LEU A 100 8.21 -8.40 1.82
N PHE A 101 7.73 -7.17 1.83
CA PHE A 101 7.03 -6.61 0.67
C PHE A 101 7.96 -5.69 -0.12
N LYS A 102 9.22 -6.08 -0.23
CA LYS A 102 10.20 -5.30 -0.97
C LYS A 102 9.76 -5.10 -2.41
N ASP A 103 9.67 -6.19 -3.16
CA ASP A 103 9.25 -6.13 -4.56
C ASP A 103 7.83 -5.59 -4.68
N VAL A 104 6.99 -5.93 -3.71
CA VAL A 104 5.60 -5.49 -3.71
C VAL A 104 5.51 -3.97 -3.65
N ASN A 105 6.16 -3.38 -2.65
CA ASN A 105 6.16 -1.93 -2.48
C ASN A 105 6.67 -1.23 -3.73
N ARG A 106 7.60 -1.88 -4.43
CA ARG A 106 8.17 -1.31 -5.65
C ARG A 106 7.11 -1.19 -6.74
N LYS A 107 6.19 -2.15 -6.78
CA LYS A 107 5.12 -2.14 -7.76
C LYS A 107 4.05 -1.11 -7.41
N LEU A 108 3.93 -0.81 -6.12
CA LEU A 108 2.95 0.17 -5.65
C LEU A 108 3.35 1.58 -6.07
N SER A 109 4.65 1.85 -6.05
CA SER A 109 5.18 3.16 -6.42
C SER A 109 5.04 3.39 -7.92
N ASP A 110 5.20 2.32 -8.70
CA ASP A 110 5.08 2.41 -10.15
C ASP A 110 3.63 2.57 -10.57
N VAL A 111 2.76 1.73 -10.03
CA VAL A 111 1.33 1.79 -10.35
C VAL A 111 0.73 3.14 -9.96
N TRP A 112 1.33 3.78 -8.96
CA TRP A 112 0.85 5.08 -8.50
C TRP A 112 1.39 6.21 -9.37
N LYS A 113 2.71 6.20 -9.59
CA LYS A 113 3.34 7.22 -10.41
C LYS A 113 2.95 7.08 -11.87
N GLU A 114 2.47 5.89 -12.23
CA GLU A 114 2.05 5.63 -13.61
C GLU A 114 0.70 6.29 -13.90
N LEU A 115 -0.23 6.15 -12.96
CA LEU A 115 -1.56 6.73 -13.12
C LEU A 115 -1.58 8.18 -12.64
N SER A 116 -0.62 8.54 -11.79
CA SER A 116 -0.53 9.89 -11.25
C SER A 116 -0.63 10.92 -12.37
N LEU A 117 0.13 10.70 -13.45
CA LEU A 117 0.12 11.62 -14.58
C LEU A 117 -1.28 11.74 -15.17
N LEU A 118 -2.03 10.64 -15.15
CA LEU A 118 -3.39 10.64 -15.67
C LEU A 118 -4.36 11.29 -14.69
N LEU A 119 -4.08 11.15 -13.41
CA LEU A 119 -4.92 11.72 -12.36
C LEU A 119 -4.71 13.23 -12.26
N GLN A 120 -3.46 13.66 -12.43
CA GLN A 120 -3.13 15.08 -12.36
C GLN A 120 -3.67 15.83 -13.57
N VAL A 121 -3.58 15.20 -14.74
CA VAL A 121 -4.06 15.81 -15.97
C VAL A 121 -5.58 15.89 -15.99
N GLU A 122 -6.22 14.89 -15.40
CA GLU A 122 -7.68 14.84 -15.34
C GLU A 122 -8.21 15.71 -14.20
N GLN A 123 -7.80 15.39 -12.98
CA GLN A 123 -8.22 16.14 -11.80
C GLN A 123 -7.07 16.95 -11.22
N ARG A 124 -7.39 18.12 -10.68
CA ARG A 124 -6.38 18.99 -10.09
C ARG A 124 -5.98 18.51 -8.70
N MET A 125 -5.47 17.28 -8.63
CA MET A 125 -5.05 16.70 -7.37
C MET A 125 -3.54 16.51 -7.32
N PRO A 126 -2.92 16.94 -6.21
CA PRO A 126 -1.47 16.83 -6.02
C PRO A 126 -1.01 15.38 -5.85
N VAL A 127 -0.63 14.75 -6.95
CA VAL A 127 -0.17 13.37 -6.92
C VAL A 127 1.15 13.24 -6.16
N SER A 128 1.98 14.28 -6.26
CA SER A 128 3.27 14.28 -5.59
C SER A 128 3.64 15.69 -5.11
N PRO A 129 2.98 16.13 -4.02
CA PRO A 129 3.22 17.44 -3.44
C PRO A 129 4.58 17.56 -2.78
N ILE A 130 5.03 16.48 -2.15
CA ILE A 130 6.32 16.46 -1.48
C ILE A 130 6.60 15.10 -0.86
N SER A 131 5.55 14.45 -0.37
CA SER A 131 5.68 13.14 0.26
C SER A 131 6.10 12.09 -0.76
N GLN A 132 5.47 12.12 -1.94
CA GLN A 132 5.79 11.18 -3.00
C GLN A 132 6.99 11.63 -3.80
N GLY A 133 7.36 10.86 -4.81
CA GLY A 133 8.50 11.21 -5.65
C GLY A 133 9.73 10.39 -5.32
N ALA A 134 10.23 10.53 -4.10
CA ALA A 134 11.41 9.79 -3.66
C ALA A 134 11.04 8.36 -3.28
N SER A 135 11.78 7.40 -3.83
CA SER A 135 11.53 5.99 -3.55
C SER A 135 11.50 5.74 -2.04
N TRP A 136 10.42 5.10 -1.58
CA TRP A 136 10.27 4.80 -0.16
C TRP A 136 11.05 3.54 0.22
N ALA A 137 11.70 2.94 -0.77
CA ALA A 137 12.49 1.74 -0.55
C ALA A 137 13.76 2.05 0.26
N GLN A 138 14.32 3.22 0.02
CA GLN A 138 15.54 3.64 0.71
C GLN A 138 15.34 3.56 2.22
N GLU A 139 14.27 4.18 2.71
CA GLU A 139 13.98 4.19 4.14
C GLU A 139 13.51 2.81 4.61
N ASP A 140 12.77 2.13 3.75
CA ASP A 140 12.27 0.79 4.07
C ASP A 140 13.39 -0.12 4.55
N GLN A 141 14.57 0.06 3.97
CA GLN A 141 15.73 -0.74 4.35
C GLN A 141 15.98 -0.69 5.85
N GLN A 142 15.72 0.47 6.44
CA GLN A 142 15.91 0.65 7.87
C GLN A 142 14.79 -0.02 8.67
N ASP A 143 13.56 0.18 8.22
CA ASP A 143 12.40 -0.42 8.89
C ASP A 143 12.56 -1.92 9.01
N ALA A 144 13.18 -2.54 8.00
CA ALA A 144 13.39 -3.98 7.99
C ALA A 144 14.50 -4.37 8.96
N ASP A 145 15.51 -3.51 9.08
CA ASP A 145 16.64 -3.77 9.97
C ASP A 145 16.19 -3.74 11.42
N GLU A 146 15.55 -2.65 11.82
CA GLU A 146 15.07 -2.50 13.19
C GLU A 146 14.11 -3.62 13.56
N ASP A 147 13.35 -4.08 12.57
CA ASP A 147 12.38 -5.15 12.78
C ASP A 147 13.09 -6.44 13.21
N ARG A 148 14.28 -6.67 12.68
CA ARG A 148 15.04 -7.87 13.00
C ARG A 148 15.17 -8.04 14.52
N ARG A 149 15.38 -6.92 15.22
CA ARG A 149 15.52 -6.95 16.67
C ARG A 149 14.28 -7.58 17.32
N ALA A 150 13.11 -7.19 16.84
CA ALA A 150 11.86 -7.72 17.37
C ALA A 150 11.73 -9.21 17.10
N PHE A 151 12.09 -9.62 15.88
CA PHE A 151 12.01 -11.02 15.50
C PHE A 151 12.87 -11.89 16.41
N GLN A 152 13.98 -11.33 16.87
CA GLN A 152 14.89 -12.05 17.75
C GLN A 152 14.19 -12.46 19.04
N MET A 153 13.29 -11.61 19.51
CA MET A 153 12.54 -11.88 20.73
C MET A 153 11.05 -11.99 20.46
N LEU A 154 10.54 -13.21 20.44
CA LEU A 154 9.12 -13.44 20.19
C LEU A 154 8.38 -13.76 21.49
N ARG A 155 7.57 -12.83 21.95
CA ARG A 155 6.80 -13.01 23.17
C ARG A 155 5.54 -13.82 22.92
N ARG A 156 5.17 -14.66 23.87
CA ARG A 156 3.98 -15.50 23.75
C ARG A 156 2.77 -14.66 23.38
N ASP A 157 2.33 -13.83 24.32
CA ASP A 157 1.16 -12.97 24.10
C ASP A 157 1.36 -12.10 22.85
C4 UJ5 B . -13.19 4.60 -12.41
C6 UJ5 B . -15.10 4.58 -13.43
C7 UJ5 B . -14.14 5.08 -14.34
C10 UJ5 B . -15.86 5.32 -16.00
C13 UJ5 B . -16.28 5.70 -17.36
C17 UJ5 B . -12.66 6.84 -10.88
C20 UJ5 B . -10.21 7.20 -9.65
C21 UJ5 B . -10.54 5.96 -10.17
C22 UJ5 B . -10.71 9.60 -9.19
C24 UJ5 B . -9.31 9.98 -9.66
C1 UJ5 B . -10.91 2.40 -11.65
O2 UJ5 B . -10.98 3.80 -11.88
C3 UJ5 B . -12.14 4.43 -11.33
N5 UJ5 B . -14.45 4.31 -12.28
C12 UJ5 B . -16.44 4.47 -13.83
C11 UJ5 B . -16.81 4.83 -15.09
N8 UJ5 B . -12.94 5.07 -13.65
C9 UJ5 B . -14.52 5.44 -15.62
O14 UJ5 B . -15.93 6.90 -17.86
O15 UJ5 B . -16.94 4.93 -18.03
C16 UJ5 B . -11.77 5.78 -10.77
C18 UJ5 B . -12.32 8.07 -10.36
C19 UJ5 B . -11.09 8.25 -9.75
C23 UJ5 B . -10.75 9.54 -7.66
H34 UJ5 B . -13.61 6.70 -11.35
H36 UJ5 B . -9.24 7.34 -9.17
H37 UJ5 B . -9.86 5.13 -10.08
H38 UJ5 B . -11.43 10.36 -9.54
H42 UJ5 B . -9.05 9.39 -10.54
H44 UJ5 B . -8.60 9.79 -8.87
H43 UJ5 B . -9.30 11.04 -9.93
H26 UJ5 B . -11.91 2.01 -11.47
H25 UJ5 B . -10.28 2.21 -10.78
H27 UJ5 B . -10.48 1.91 -12.53
H28 UJ5 B . -12.54 3.80 -10.53
H32 UJ5 B . -17.17 4.10 -13.14
H31 UJ5 B . -17.85 4.73 -15.39
H29 UJ5 B . -12.08 5.35 -14.01
H30 UJ5 B . -13.80 5.81 -16.32
H33 UJ5 B . -16.26 7.68 -17.39
H35 UJ5 B . -13.01 8.90 -10.44
H40 UJ5 B . -10.44 10.52 -7.26
H39 UJ5 B . -10.05 8.78 -7.31
H41 UJ5 B . -11.75 9.32 -7.33
N GLY A 1 -29.54 3.09 -2.33
CA GLY A 1 -29.20 2.44 -1.08
C GLY A 1 -27.83 2.85 -0.57
N SER A 2 -26.87 2.94 -1.47
CA SER A 2 -25.50 3.31 -1.11
C SER A 2 -24.78 3.94 -2.29
N PRO A 3 -23.70 4.69 -2.00
CA PRO A 3 -22.89 5.36 -3.01
C PRO A 3 -22.09 4.37 -3.86
N GLY A 4 -21.23 4.89 -4.72
CA GLY A 4 -20.42 4.05 -5.58
C GLY A 4 -19.67 2.98 -4.80
N GLU A 5 -20.18 1.75 -4.86
CA GLU A 5 -19.56 0.64 -4.16
C GLU A 5 -18.19 0.32 -4.74
N ASN A 6 -18.07 0.43 -6.06
CA ASN A 6 -16.81 0.16 -6.74
C ASN A 6 -15.75 1.20 -6.37
N LEU A 7 -16.10 2.47 -6.50
CA LEU A 7 -15.18 3.55 -6.18
C LEU A 7 -14.76 3.48 -4.72
N LYS A 8 -15.66 3.03 -3.86
CA LYS A 8 -15.38 2.91 -2.43
C LYS A 8 -14.55 1.65 -2.15
N HIS A 9 -14.77 0.61 -2.95
CA HIS A 9 -14.05 -0.64 -2.78
C HIS A 9 -12.59 -0.49 -3.18
N ILE A 10 -12.35 0.08 -4.36
CA ILE A 10 -11.00 0.27 -4.85
C ILE A 10 -10.15 1.03 -3.84
N ILE A 11 -10.72 2.10 -3.28
CA ILE A 11 -10.02 2.90 -2.29
C ILE A 11 -9.89 2.16 -0.96
N THR A 12 -10.89 1.35 -0.66
CA THR A 12 -10.89 0.57 0.58
C THR A 12 -9.78 -0.46 0.59
N LEU A 13 -9.52 -1.06 -0.58
CA LEU A 13 -8.48 -2.07 -0.70
C LEU A 13 -7.16 -1.56 -0.14
N GLY A 14 -6.79 -0.33 -0.51
CA GLY A 14 -5.54 0.25 -0.04
C GLY A 14 -5.61 0.62 1.43
N GLN A 15 -6.81 0.94 1.90
CA GLN A 15 -7.00 1.31 3.30
C GLN A 15 -6.91 0.10 4.22
N VAL A 16 -7.41 -1.03 3.72
CA VAL A 16 -7.40 -2.27 4.49
C VAL A 16 -5.99 -2.61 4.97
N ILE A 17 -4.99 -2.24 4.16
CA ILE A 17 -3.60 -2.50 4.49
C ILE A 17 -3.26 -1.99 5.88
N HIS A 18 -3.93 -0.91 6.28
CA HIS A 18 -3.70 -0.31 7.60
C HIS A 18 -3.99 -1.32 8.71
N LYS A 19 -5.19 -1.88 8.69
CA LYS A 19 -5.59 -2.85 9.70
C LYS A 19 -4.93 -4.20 9.44
N ARG A 20 -4.66 -4.49 8.16
CA ARG A 20 -4.04 -5.74 7.78
C ARG A 20 -2.70 -5.92 8.49
N CYS A 21 -1.99 -4.82 8.70
CA CYS A 21 -0.70 -4.87 9.37
C CYS A 21 -0.85 -5.24 10.84
N GLU A 22 -1.90 -4.74 11.46
CA GLU A 22 -2.16 -5.02 12.86
C GLU A 22 -2.23 -6.53 13.11
N GLU A 23 -2.73 -7.26 12.13
CA GLU A 23 -2.84 -8.71 12.24
C GLU A 23 -1.48 -9.35 12.40
N MET A 24 -0.48 -8.79 11.72
CA MET A 24 0.89 -9.32 11.79
C MET A 24 1.38 -9.36 13.23
N LYS A 25 2.56 -9.95 13.43
CA LYS A 25 3.14 -10.05 14.76
C LYS A 25 4.61 -9.68 14.73
N TYR A 26 5.39 -10.40 13.92
CA TYR A 26 6.82 -10.14 13.80
C TYR A 26 7.10 -9.12 12.71
N CYS A 27 6.62 -9.41 11.50
CA CYS A 27 6.82 -8.52 10.36
C CYS A 27 6.03 -7.23 10.53
N LYS A 28 5.13 -7.22 11.51
CA LYS A 28 4.30 -6.05 11.78
C LYS A 28 5.16 -4.81 11.94
N LYS A 29 6.37 -4.99 12.44
CA LYS A 29 7.30 -3.87 12.65
C LYS A 29 7.51 -3.10 11.35
N GLN A 30 7.98 -3.81 10.33
CA GLN A 30 8.22 -3.19 9.03
C GLN A 30 6.92 -2.97 8.27
N CYS A 31 6.02 -3.95 8.35
CA CYS A 31 4.73 -3.87 7.67
C CYS A 31 4.03 -2.55 8.01
N ARG A 32 4.26 -2.06 9.22
CA ARG A 32 3.64 -0.81 9.68
C ARG A 32 3.81 0.28 8.62
N ARG A 33 4.93 0.25 7.90
CA ARG A 33 5.21 1.24 6.88
C ARG A 33 4.34 1.00 5.64
N LEU A 34 4.11 -0.27 5.33
CA LEU A 34 3.29 -0.64 4.18
C LEU A 34 1.90 -0.03 4.27
N GLY A 35 1.21 -0.33 5.37
CA GLY A 35 -0.13 0.20 5.57
C GLY A 35 -0.15 1.70 5.72
N HIS A 36 0.94 2.26 6.26
CA HIS A 36 1.05 3.70 6.46
C HIS A 36 1.21 4.42 5.12
N ARG A 37 2.22 4.02 4.36
CA ARG A 37 2.48 4.64 3.06
C ARG A 37 1.26 4.53 2.15
N VAL A 38 0.79 3.31 1.94
CA VAL A 38 -0.37 3.06 1.09
C VAL A 38 -1.54 3.93 1.51
N LEU A 39 -1.65 4.18 2.81
CA LEU A 39 -2.73 5.00 3.36
C LEU A 39 -2.75 6.38 2.70
N GLY A 40 -1.57 6.87 2.36
CA GLY A 40 -1.47 8.18 1.73
C GLY A 40 -1.57 8.11 0.22
N LEU A 41 -1.66 6.89 -0.30
CA LEU A 41 -1.77 6.69 -1.75
C LEU A 41 -3.21 6.77 -2.20
N ILE A 42 -4.13 6.34 -1.34
CA ILE A 42 -5.55 6.36 -1.66
C ILE A 42 -6.27 7.44 -0.86
N LYS A 43 -5.50 8.20 -0.08
CA LYS A 43 -6.06 9.28 0.73
C LYS A 43 -6.70 10.35 -0.16
N PRO A 44 -5.95 10.81 -1.18
CA PRO A 44 -6.43 11.83 -2.11
C PRO A 44 -7.53 11.30 -3.03
N LEU A 45 -7.49 10.01 -3.32
CA LEU A 45 -8.48 9.38 -4.19
C LEU A 45 -9.81 9.22 -3.47
N GLU A 46 -9.75 8.72 -2.24
CA GLU A 46 -10.96 8.52 -1.45
C GLU A 46 -11.62 9.85 -1.13
N MET A 47 -10.82 10.89 -0.96
CA MET A 47 -11.33 12.23 -0.65
C MET A 47 -12.09 12.80 -1.85
N LEU A 48 -11.59 12.54 -3.05
CA LEU A 48 -12.22 13.03 -4.27
C LEU A 48 -13.71 12.67 -4.29
N GLN A 49 -13.99 11.38 -4.37
CA GLN A 49 -15.37 10.90 -4.40
C GLN A 49 -16.14 11.39 -3.18
N ASP A 50 -15.43 11.54 -2.06
CA ASP A 50 -16.05 12.00 -0.82
C ASP A 50 -16.67 13.39 -1.01
N GLN A 51 -16.21 14.10 -2.02
CA GLN A 51 -16.70 15.44 -2.30
C GLN A 51 -18.23 15.47 -2.30
N GLY A 52 -18.83 14.39 -2.78
CA GLY A 52 -20.28 14.30 -2.83
C GLY A 52 -20.78 13.75 -4.15
N LYS A 53 -21.22 14.64 -5.03
CA LYS A 53 -21.74 14.24 -6.34
C LYS A 53 -20.75 13.31 -7.04
N ARG A 54 -21.24 12.63 -8.07
CA ARG A 54 -20.40 11.70 -8.83
C ARG A 54 -19.11 12.39 -9.29
N SER A 55 -18.00 12.00 -8.69
CA SER A 55 -16.70 12.58 -9.04
C SER A 55 -15.81 11.54 -9.71
N VAL A 56 -15.62 11.68 -11.02
CA VAL A 56 -14.79 10.77 -11.78
C VAL A 56 -14.66 11.21 -13.23
N PRO A 57 -13.42 11.22 -13.74
CA PRO A 57 -13.12 11.61 -15.12
C PRO A 57 -13.65 10.61 -16.14
N SER A 58 -13.18 10.73 -17.37
CA SER A 58 -13.61 9.83 -18.45
C SER A 58 -13.34 8.38 -18.07
N GLU A 59 -13.94 7.46 -18.83
CA GLU A 59 -13.77 6.03 -18.57
C GLU A 59 -12.37 5.58 -18.96
N LYS A 60 -11.79 6.25 -19.97
CA LYS A 60 -10.46 5.91 -20.45
C LYS A 60 -9.47 5.85 -19.29
N LEU A 61 -9.65 6.73 -18.31
CA LEU A 61 -8.78 6.78 -17.15
C LEU A 61 -8.95 5.54 -16.28
N THR A 62 -10.17 5.01 -16.26
CA THR A 62 -10.47 3.82 -15.48
C THR A 62 -9.48 2.69 -15.79
N THR A 63 -9.08 2.60 -17.05
CA THR A 63 -8.14 1.57 -17.48
C THR A 63 -6.83 1.64 -16.70
N ALA A 64 -6.26 2.84 -16.64
CA ALA A 64 -5.00 3.05 -15.92
C ALA A 64 -5.17 2.76 -14.44
N MET A 65 -6.31 3.15 -13.89
CA MET A 65 -6.59 2.93 -12.47
C MET A 65 -6.76 1.44 -12.18
N ASN A 66 -7.31 0.71 -13.15
CA ASN A 66 -7.53 -0.72 -12.99
C ASN A 66 -6.24 -1.44 -12.61
N ARG A 67 -5.11 -0.85 -13.00
CA ARG A 67 -3.81 -1.43 -12.70
C ARG A 67 -3.41 -1.14 -11.25
N PHE A 68 -3.89 -0.02 -10.73
CA PHE A 68 -3.57 0.38 -9.36
C PHE A 68 -4.39 -0.43 -8.36
N LYS A 69 -5.70 -0.51 -8.62
CA LYS A 69 -6.60 -1.25 -7.74
C LYS A 69 -6.05 -2.64 -7.44
N ALA A 70 -5.47 -3.28 -8.46
CA ALA A 70 -4.91 -4.61 -8.32
C ALA A 70 -3.61 -4.57 -7.52
N ALA A 71 -2.89 -3.46 -7.62
CA ALA A 71 -1.63 -3.30 -6.91
C ALA A 71 -1.81 -3.53 -5.42
N LEU A 72 -2.95 -3.09 -4.89
CA LEU A 72 -3.25 -3.25 -3.47
C LEU A 72 -3.36 -4.73 -3.10
N GLU A 73 -3.95 -5.51 -3.99
CA GLU A 73 -4.12 -6.95 -3.75
C GLU A 73 -2.78 -7.60 -3.41
N GLU A 74 -1.71 -7.08 -3.99
CA GLU A 74 -0.38 -7.61 -3.74
C GLU A 74 -0.01 -7.50 -2.25
N ALA A 75 -0.12 -6.30 -1.71
CA ALA A 75 0.19 -6.07 -0.31
C ALA A 75 -0.81 -6.76 0.60
N ASN A 76 -2.09 -6.46 0.40
CA ASN A 76 -3.15 -7.06 1.20
C ASN A 76 -3.04 -8.59 1.21
N GLY A 77 -3.02 -9.18 0.02
CA GLY A 77 -2.90 -10.63 -0.07
C GLY A 77 -1.66 -11.17 0.60
N GLU A 78 -0.55 -10.46 0.42
CA GLU A 78 0.73 -10.87 1.00
C GLU A 78 0.66 -10.82 2.52
N ILE A 79 0.00 -9.79 3.05
CA ILE A 79 -0.14 -9.62 4.49
C ILE A 79 -0.88 -10.81 5.11
N GLU A 80 -1.97 -11.22 4.47
CA GLU A 80 -2.77 -12.34 4.96
C GLU A 80 -1.91 -13.59 5.12
N LYS A 81 -1.19 -13.95 4.05
CA LYS A 81 -0.33 -15.12 4.07
C LYS A 81 0.82 -14.93 5.05
N PHE A 82 1.52 -13.80 4.92
CA PHE A 82 2.65 -13.51 5.80
C PHE A 82 2.23 -13.53 7.26
N SER A 83 0.94 -13.31 7.50
CA SER A 83 0.41 -13.29 8.86
C SER A 83 0.90 -14.50 9.65
N ASN A 84 1.07 -15.63 8.96
CA ASN A 84 1.55 -16.85 9.59
C ASN A 84 2.85 -16.61 10.34
N ARG A 85 3.32 -17.63 11.05
CA ARG A 85 4.56 -17.54 11.81
C ARG A 85 5.74 -18.05 11.00
N SER A 86 5.72 -19.34 10.69
CA SER A 86 6.80 -19.97 9.92
C SER A 86 7.05 -19.20 8.62
N ASN A 87 5.98 -18.65 8.06
CA ASN A 87 6.08 -17.90 6.81
C ASN A 87 7.10 -16.75 6.95
N ILE A 88 6.94 -15.96 8.00
CA ILE A 88 7.85 -14.84 8.24
C ILE A 88 9.27 -15.33 8.45
N CYS A 89 9.45 -16.28 9.37
CA CYS A 89 10.77 -16.82 9.66
C CYS A 89 11.42 -17.37 8.39
N ARG A 90 10.61 -17.93 7.51
CA ARG A 90 11.11 -18.50 6.26
C ARG A 90 11.75 -17.42 5.39
N PHE A 91 11.08 -16.27 5.29
CA PHE A 91 11.57 -15.16 4.50
C PHE A 91 12.72 -14.44 5.21
N LEU A 92 12.58 -14.28 6.52
CA LEU A 92 13.60 -13.61 7.32
C LEU A 92 14.96 -14.26 7.11
N THR A 93 15.02 -15.58 7.26
CA THR A 93 16.26 -16.31 7.09
C THR A 93 16.64 -16.43 5.62
N ALA A 94 15.62 -16.56 4.76
CA ALA A 94 15.85 -16.67 3.32
C ALA A 94 16.57 -15.44 2.78
N SER A 95 16.04 -14.26 3.10
CA SER A 95 16.63 -13.00 2.64
C SER A 95 17.55 -12.41 3.71
N GLN A 96 18.16 -11.28 3.40
CA GLN A 96 19.06 -10.61 4.33
C GLN A 96 19.07 -9.10 4.10
N ASP A 97 18.62 -8.37 5.10
CA ASP A 97 18.58 -6.91 5.01
C ASP A 97 17.62 -6.46 3.92
N LYS A 98 16.44 -7.08 3.87
CA LYS A 98 15.43 -6.74 2.88
C LYS A 98 14.04 -6.68 3.50
N ILE A 99 13.11 -6.07 2.79
CA ILE A 99 11.74 -5.96 3.27
C ILE A 99 10.84 -7.01 2.65
N LEU A 100 10.01 -7.64 3.47
CA LEU A 100 9.10 -8.68 3.00
C LEU A 100 8.27 -8.18 1.81
N PHE A 101 7.84 -6.92 1.89
CA PHE A 101 7.04 -6.32 0.82
C PHE A 101 7.88 -5.35 0.00
N LYS A 102 9.19 -5.57 -0.01
CA LYS A 102 10.12 -4.71 -0.75
C LYS A 102 9.66 -4.58 -2.20
N ASP A 103 9.69 -5.68 -2.93
CA ASP A 103 9.28 -5.69 -4.34
C ASP A 103 7.82 -5.26 -4.48
N VAL A 104 7.02 -5.56 -3.47
CA VAL A 104 5.60 -5.21 -3.48
C VAL A 104 5.43 -3.69 -3.59
N ASN A 105 6.05 -2.97 -2.68
CA ASN A 105 5.96 -1.50 -2.67
C ASN A 105 6.44 -0.92 -3.99
N ARG A 106 7.36 -1.62 -4.64
CA ARG A 106 7.91 -1.17 -5.92
C ARG A 106 6.79 -0.90 -6.92
N LYS A 107 5.88 -1.85 -7.06
CA LYS A 107 4.75 -1.72 -7.98
C LYS A 107 3.74 -0.72 -7.45
N LEU A 108 3.70 -0.56 -6.13
CA LEU A 108 2.77 0.37 -5.50
C LEU A 108 3.08 1.81 -5.90
N SER A 109 4.37 2.16 -5.90
CA SER A 109 4.79 3.50 -6.27
C SER A 109 4.66 3.72 -7.77
N ASP A 110 4.83 2.66 -8.54
CA ASP A 110 4.73 2.73 -9.99
C ASP A 110 3.27 2.87 -10.43
N VAL A 111 2.42 1.99 -9.91
CA VAL A 111 1.00 2.00 -10.25
C VAL A 111 0.35 3.32 -9.82
N TRP A 112 0.95 3.97 -8.83
CA TRP A 112 0.43 5.23 -8.32
C TRP A 112 0.93 6.40 -9.17
N LYS A 113 2.24 6.46 -9.37
CA LYS A 113 2.84 7.53 -10.17
C LYS A 113 2.41 7.44 -11.62
N GLU A 114 2.18 6.22 -12.09
CA GLU A 114 1.75 6.00 -13.47
C GLU A 114 0.42 6.68 -13.75
N LEU A 115 -0.52 6.51 -12.83
CA LEU A 115 -1.84 7.11 -12.97
C LEU A 115 -1.84 8.56 -12.46
N SER A 116 -0.88 8.88 -11.61
CA SER A 116 -0.77 10.22 -11.05
C SER A 116 -0.85 11.28 -12.15
N LEU A 117 -0.13 11.04 -13.25
CA LEU A 117 -0.12 11.97 -14.37
C LEU A 117 -1.50 12.07 -15.00
N LEU A 118 -2.23 10.95 -15.01
CA LEU A 118 -3.57 10.92 -15.59
C LEU A 118 -4.58 11.54 -14.63
N LEU A 119 -4.28 11.51 -13.34
CA LEU A 119 -5.16 12.07 -12.33
C LEU A 119 -5.09 13.59 -12.32
N GLN A 120 -3.89 14.11 -12.58
CA GLN A 120 -3.68 15.56 -12.60
C GLN A 120 -4.25 16.18 -13.88
N VAL A 121 -4.01 15.52 -15.00
CA VAL A 121 -4.50 16.00 -16.29
C VAL A 121 -6.03 16.03 -16.32
N GLU A 122 -6.65 15.03 -15.69
CA GLU A 122 -8.10 14.94 -15.65
C GLU A 122 -8.66 15.68 -14.44
N GLN A 123 -8.25 15.26 -13.25
CA GLN A 123 -8.71 15.88 -12.01
C GLN A 123 -7.70 16.91 -11.52
N ARG A 124 -8.19 17.91 -10.79
CA ARG A 124 -7.33 18.96 -10.26
C ARG A 124 -6.78 18.58 -8.89
N MET A 125 -6.25 17.36 -8.80
CA MET A 125 -5.69 16.88 -7.54
C MET A 125 -4.16 16.94 -7.57
N PRO A 126 -3.58 17.61 -6.56
CA PRO A 126 -2.13 17.76 -6.45
C PRO A 126 -1.44 16.44 -6.10
N VAL A 127 -0.78 15.83 -7.08
CA VAL A 127 -0.08 14.58 -6.88
C VAL A 127 1.42 14.80 -6.75
N SER A 128 2.10 13.85 -6.12
CA SER A 128 3.54 13.94 -5.94
C SER A 128 3.94 15.32 -5.44
N PRO A 129 3.69 15.58 -4.15
CA PRO A 129 4.01 16.86 -3.52
C PRO A 129 5.52 17.08 -3.36
N ILE A 130 6.21 16.03 -2.94
CA ILE A 130 7.66 16.10 -2.76
C ILE A 130 8.22 14.76 -2.28
N SER A 131 7.44 14.07 -1.46
CA SER A 131 7.86 12.77 -0.93
C SER A 131 7.90 11.72 -2.03
N GLN A 132 6.80 11.60 -2.77
CA GLN A 132 6.71 10.63 -3.85
C GLN A 132 7.91 10.74 -4.78
N GLY A 133 8.44 11.95 -4.91
CA GLY A 133 9.59 12.17 -5.78
C GLY A 133 10.72 11.20 -5.49
N ALA A 134 10.85 10.81 -4.23
CA ALA A 134 11.90 9.87 -3.82
C ALA A 134 11.31 8.56 -3.34
N SER A 135 11.84 7.45 -3.83
CA SER A 135 11.37 6.13 -3.44
C SER A 135 11.31 5.99 -1.92
N TRP A 136 10.50 5.05 -1.46
CA TRP A 136 10.36 4.82 -0.02
C TRP A 136 11.13 3.58 0.41
N ALA A 137 11.81 2.94 -0.54
CA ALA A 137 12.59 1.75 -0.27
C ALA A 137 13.84 2.09 0.53
N GLN A 138 14.41 3.27 0.26
CA GLN A 138 15.61 3.72 0.95
C GLN A 138 15.40 3.72 2.46
N GLU A 139 14.33 4.37 2.90
CA GLU A 139 14.02 4.45 4.32
C GLU A 139 13.49 3.12 4.84
N ASP A 140 12.66 2.46 4.03
CA ASP A 140 12.08 1.18 4.41
C ASP A 140 13.17 0.20 4.86
N GLN A 141 14.29 0.21 4.16
CA GLN A 141 15.41 -0.68 4.49
C GLN A 141 15.84 -0.47 5.93
N GLN A 142 15.78 0.77 6.40
CA GLN A 142 16.18 1.09 7.77
C GLN A 142 15.22 0.46 8.78
N ASP A 143 13.94 0.46 8.44
CA ASP A 143 12.92 -0.11 9.31
C ASP A 143 13.02 -1.63 9.36
N ALA A 144 13.27 -2.23 8.20
CA ALA A 144 13.40 -3.68 8.10
C ALA A 144 14.44 -4.20 9.09
N ASP A 145 15.54 -3.46 9.23
CA ASP A 145 16.61 -3.85 10.13
C ASP A 145 16.09 -3.99 11.56
N GLU A 146 15.14 -3.14 11.93
CA GLU A 146 14.56 -3.16 13.27
C GLU A 146 13.82 -4.48 13.51
N ASP A 147 13.14 -4.96 12.48
CA ASP A 147 12.39 -6.21 12.58
C ASP A 147 13.31 -7.37 12.98
N ARG A 148 14.50 -7.40 12.39
CA ARG A 148 15.47 -8.46 12.67
C ARG A 148 15.77 -8.52 14.16
N ARG A 149 15.84 -7.35 14.80
CA ARG A 149 16.12 -7.28 16.23
C ARG A 149 14.95 -7.79 17.05
N ALA A 150 13.77 -7.22 16.79
CA ALA A 150 12.56 -7.62 17.50
C ALA A 150 12.28 -9.11 17.32
N PHE A 151 12.55 -9.61 16.12
CA PHE A 151 12.32 -11.02 15.81
C PHE A 151 13.03 -11.91 16.82
N GLN A 152 14.20 -11.48 17.28
CA GLN A 152 14.97 -12.24 18.24
C GLN A 152 14.28 -12.26 19.60
N MET A 153 13.65 -11.15 19.95
CA MET A 153 12.95 -11.04 21.24
C MET A 153 11.44 -11.07 21.03
N LEU A 154 10.82 -12.22 21.30
CA LEU A 154 9.39 -12.37 21.14
C LEU A 154 8.74 -12.78 22.46
N ARG A 155 7.85 -11.93 22.97
CA ARG A 155 7.16 -12.22 24.22
C ARG A 155 5.91 -13.05 23.97
N ARG A 156 4.91 -12.43 23.35
CA ARG A 156 3.65 -13.12 23.05
C ARG A 156 2.78 -12.29 22.11
N ASP A 157 1.87 -12.96 21.42
CA ASP A 157 0.98 -12.28 20.48
C ASP A 157 0.11 -11.26 21.21
C4 UJ5 B . -13.26 4.35 -11.59
C6 UJ5 B . -14.44 5.07 -13.28
C7 UJ5 B . -15.34 4.51 -12.33
C10 UJ5 B . -17.17 5.05 -13.78
C13 UJ5 B . -18.61 5.05 -14.07
C17 UJ5 B . -11.43 5.30 -8.66
C20 UJ5 B . -10.95 7.60 -10.13
C21 UJ5 B . -11.38 6.44 -10.77
C22 UJ5 B . -10.31 8.87 -8.07
C24 UJ5 B . -11.48 9.84 -7.94
C1 UJ5 B . -10.77 2.13 -11.34
O2 UJ5 B . -11.01 3.52 -11.52
C3 UJ5 B . -12.07 4.04 -10.71
N5 UJ5 B . -13.19 4.93 -12.76
C12 UJ5 B . -14.94 5.60 -14.47
C11 UJ5 B . -16.28 5.59 -14.72
N8 UJ5 B . -14.55 4.08 -11.29
C9 UJ5 B . -16.69 4.51 -12.59
O14 UJ5 B . -19.47 4.54 -13.16
O15 UJ5 B . -19.03 5.49 -15.12
C16 UJ5 B . -11.61 5.30 -10.03
C18 UJ5 B . -11.00 6.46 -8.02
C19 UJ5 B . -10.77 7.60 -8.77
C23 UJ5 B . -9.20 9.52 -8.89
H34 UJ5 B . -11.60 4.41 -8.08
H36 UJ5 B . -10.77 8.50 -10.70
H37 UJ5 B . -11.52 6.44 -11.84
H38 UJ5 B . -9.93 8.62 -7.08
H42 UJ5 B . -11.99 9.66 -6.98
H44 UJ5 B . -12.18 9.67 -8.76
H43 UJ5 B . -11.12 10.86 -7.97
H26 UJ5 B . -11.64 1.66 -10.87
H25 UJ5 B . -9.90 1.99 -10.69
H27 UJ5 B . -10.59 1.66 -12.31
H28 UJ5 B . -12.36 3.29 -9.97
H32 UJ5 B . -14.25 6.02 -15.20
H31 UJ5 B . -16.65 6.00 -15.64
H29 UJ5 B . -14.86 3.64 -10.47
H30 UJ5 B . -17.38 4.09 -11.88
H33 UJ5 B . -19.37 3.61 -12.93
H35 UJ5 B . -10.85 6.46 -6.95
H40 UJ5 B . -9.62 10.30 -9.52
H39 UJ5 B . -8.72 8.76 -9.52
H41 UJ5 B . -8.46 9.96 -8.22
N GLY A 1 -26.29 2.22 -15.47
CA GLY A 1 -25.62 3.04 -14.48
C GLY A 1 -24.21 2.56 -14.20
N SER A 2 -23.24 3.49 -14.28
CA SER A 2 -21.85 3.16 -14.04
C SER A 2 -21.61 2.81 -12.57
N PRO A 3 -20.50 2.10 -12.31
CA PRO A 3 -20.13 1.69 -10.96
C PRO A 3 -19.71 2.88 -10.08
N GLY A 4 -20.46 3.09 -9.00
CA GLY A 4 -20.14 4.19 -8.10
C GLY A 4 -19.66 3.71 -6.75
N GLU A 5 -20.21 2.58 -6.29
CA GLU A 5 -19.83 2.02 -5.00
C GLU A 5 -18.40 1.51 -5.03
N ASN A 6 -17.98 1.01 -6.18
CA ASN A 6 -16.63 0.49 -6.34
C ASN A 6 -15.58 1.52 -5.90
N LEU A 7 -15.87 2.79 -6.18
CA LEU A 7 -14.96 3.86 -5.81
C LEU A 7 -14.58 3.78 -4.34
N LYS A 8 -15.51 3.31 -3.52
CA LYS A 8 -15.28 3.17 -2.09
C LYS A 8 -14.46 1.91 -1.79
N HIS A 9 -14.66 0.88 -2.59
CA HIS A 9 -13.95 -0.38 -2.41
C HIS A 9 -12.49 -0.24 -2.83
N ILE A 10 -12.26 0.34 -4.00
CA ILE A 10 -10.91 0.54 -4.50
C ILE A 10 -10.04 1.26 -3.48
N ILE A 11 -10.58 2.32 -2.89
CA ILE A 11 -9.86 3.10 -1.89
C ILE A 11 -9.72 2.33 -0.59
N THR A 12 -10.73 1.50 -0.28
CA THR A 12 -10.73 0.71 0.94
C THR A 12 -9.67 -0.38 0.88
N LEU A 13 -9.47 -0.94 -0.31
CA LEU A 13 -8.48 -1.99 -0.50
C LEU A 13 -7.12 -1.58 0.06
N GLY A 14 -6.74 -0.32 -0.18
CA GLY A 14 -5.47 0.17 0.30
C GLY A 14 -5.50 0.49 1.79
N GLN A 15 -6.68 0.85 2.29
CA GLN A 15 -6.83 1.18 3.71
C GLN A 15 -6.79 -0.09 4.57
N VAL A 16 -7.24 -1.19 3.99
CA VAL A 16 -7.25 -2.47 4.71
C VAL A 16 -5.89 -2.80 5.27
N ILE A 17 -4.84 -2.34 4.60
CA ILE A 17 -3.48 -2.58 5.03
C ILE A 17 -3.21 -1.95 6.40
N HIS A 18 -3.84 -0.81 6.64
CA HIS A 18 -3.68 -0.10 7.91
C HIS A 18 -4.13 -0.98 9.08
N LYS A 19 -5.33 -1.55 8.96
CA LYS A 19 -5.87 -2.42 10.00
C LYS A 19 -5.19 -3.79 9.98
N ARG A 20 -4.78 -4.22 8.80
CA ARG A 20 -4.12 -5.51 8.65
C ARG A 20 -2.90 -5.60 9.56
N CYS A 21 -2.00 -4.62 9.45
CA CYS A 21 -0.80 -4.61 10.27
C CYS A 21 -1.14 -4.72 11.76
N GLU A 22 -2.32 -4.22 12.13
CA GLU A 22 -2.76 -4.27 13.52
C GLU A 22 -2.93 -5.71 13.98
N GLU A 23 -3.40 -6.57 13.08
CA GLU A 23 -3.61 -7.97 13.41
C GLU A 23 -2.28 -8.67 13.66
N MET A 24 -1.31 -8.41 12.79
CA MET A 24 0.02 -9.02 12.91
C MET A 24 0.59 -8.80 14.31
N LYS A 25 1.73 -9.42 14.58
CA LYS A 25 2.37 -9.29 15.88
C LYS A 25 3.89 -9.17 15.72
N TYR A 26 4.48 -10.07 14.94
CA TYR A 26 5.92 -10.05 14.70
C TYR A 26 6.28 -9.06 13.59
N CYS A 27 5.76 -9.31 12.40
CA CYS A 27 6.02 -8.45 11.26
C CYS A 27 5.21 -7.17 11.34
N LYS A 28 4.34 -7.09 12.34
CA LYS A 28 3.50 -5.91 12.55
C LYS A 28 4.34 -4.64 12.56
N LYS A 29 5.56 -4.75 13.07
CA LYS A 29 6.47 -3.61 13.14
C LYS A 29 6.71 -3.01 11.76
N GLN A 30 7.12 -3.86 10.82
CA GLN A 30 7.38 -3.42 9.46
C GLN A 30 6.08 -3.15 8.71
N CYS A 31 5.07 -3.98 8.99
CA CYS A 31 3.77 -3.84 8.33
C CYS A 31 3.24 -2.41 8.47
N ARG A 32 3.52 -1.80 9.62
CA ARG A 32 3.07 -0.44 9.87
C ARG A 32 3.45 0.49 8.72
N ARG A 33 4.65 0.30 8.19
CA ARG A 33 5.14 1.12 7.09
C ARG A 33 4.30 0.88 5.82
N LEU A 34 3.96 -0.37 5.58
CA LEU A 34 3.17 -0.74 4.40
C LEU A 34 1.80 -0.07 4.45
N GLY A 35 1.18 -0.09 5.63
CA GLY A 35 -0.13 0.51 5.79
C GLY A 35 -0.07 2.03 5.81
N HIS A 36 0.81 2.57 6.64
CA HIS A 36 0.96 4.03 6.75
C HIS A 36 1.30 4.63 5.39
N ARG A 37 2.07 3.91 4.59
CA ARG A 37 2.46 4.38 3.28
C ARG A 37 1.27 4.40 2.32
N VAL A 38 0.66 3.24 2.13
CA VAL A 38 -0.49 3.12 1.24
C VAL A 38 -1.62 4.05 1.67
N LEU A 39 -1.70 4.32 2.97
CA LEU A 39 -2.72 5.20 3.51
C LEU A 39 -2.69 6.56 2.82
N GLY A 40 -1.50 7.00 2.44
CA GLY A 40 -1.36 8.27 1.76
C GLY A 40 -1.52 8.16 0.26
N LEU A 41 -1.67 6.94 -0.22
CA LEU A 41 -1.83 6.70 -1.65
C LEU A 41 -3.31 6.80 -2.06
N ILE A 42 -4.17 6.18 -1.26
CA ILE A 42 -5.61 6.21 -1.54
C ILE A 42 -6.27 7.40 -0.86
N LYS A 43 -5.47 8.26 -0.24
CA LYS A 43 -5.98 9.44 0.44
C LYS A 43 -6.66 10.38 -0.54
N PRO A 44 -5.95 10.71 -1.63
CA PRO A 44 -6.47 11.61 -2.67
C PRO A 44 -7.60 10.98 -3.48
N LEU A 45 -7.59 9.65 -3.57
CA LEU A 45 -8.63 8.93 -4.29
C LEU A 45 -9.94 8.91 -3.52
N GLU A 46 -9.84 8.70 -2.21
CA GLU A 46 -11.01 8.66 -1.35
C GLU A 46 -11.55 10.06 -1.11
N MET A 47 -10.66 11.03 -1.06
CA MET A 47 -11.05 12.42 -0.82
C MET A 47 -11.78 12.99 -2.04
N LEU A 48 -11.11 12.95 -3.19
CA LEU A 48 -11.69 13.46 -4.43
C LEU A 48 -13.07 12.88 -4.66
N GLN A 49 -13.16 11.55 -4.65
CA GLN A 49 -14.44 10.88 -4.85
C GLN A 49 -15.49 11.37 -3.87
N ASP A 50 -15.03 11.79 -2.69
CA ASP A 50 -15.93 12.29 -1.66
C ASP A 50 -16.61 13.57 -2.09
N GLN A 51 -15.97 14.28 -3.03
CA GLN A 51 -16.52 15.54 -3.54
C GLN A 51 -18.00 15.39 -3.89
N GLY A 52 -18.37 14.21 -4.37
CA GLY A 52 -19.75 13.96 -4.75
C GLY A 52 -19.87 13.35 -6.13
N LYS A 53 -19.93 14.20 -7.15
CA LYS A 53 -20.05 13.74 -8.53
C LYS A 53 -19.02 12.66 -8.84
N ARG A 54 -19.22 11.95 -9.94
CA ARG A 54 -18.31 10.89 -10.34
C ARG A 54 -16.86 11.40 -10.36
N SER A 55 -16.69 12.64 -10.79
CA SER A 55 -15.35 13.24 -10.86
C SER A 55 -14.42 12.37 -11.69
N VAL A 56 -14.98 11.66 -12.66
CA VAL A 56 -14.19 10.79 -13.52
C VAL A 56 -14.06 11.37 -14.92
N PRO A 57 -12.83 11.40 -15.44
CA PRO A 57 -12.55 11.93 -16.79
C PRO A 57 -13.10 11.04 -17.89
N SER A 58 -12.31 10.04 -18.29
CA SER A 58 -12.72 9.13 -19.35
C SER A 58 -12.40 7.68 -18.96
N GLU A 59 -12.62 6.77 -19.89
CA GLU A 59 -12.37 5.35 -19.65
C GLU A 59 -10.87 5.07 -19.59
N LYS A 60 -10.09 5.91 -20.26
CA LYS A 60 -8.64 5.76 -20.28
C LYS A 60 -8.08 5.64 -18.87
N LEU A 61 -8.66 6.40 -17.94
CA LEU A 61 -8.23 6.38 -16.55
C LEU A 61 -8.53 5.03 -15.91
N THR A 62 -9.69 4.48 -16.23
CA THR A 62 -10.10 3.19 -15.69
C THR A 62 -9.05 2.12 -15.96
N THR A 63 -8.55 2.06 -17.19
CA THR A 63 -7.55 1.09 -17.56
C THR A 63 -6.33 1.16 -16.64
N ALA A 64 -5.80 2.37 -16.47
CA ALA A 64 -4.65 2.58 -15.60
C ALA A 64 -4.99 2.29 -14.15
N MET A 65 -6.15 2.77 -13.71
CA MET A 65 -6.59 2.56 -12.33
C MET A 65 -6.69 1.07 -12.01
N ASN A 66 -7.15 0.30 -12.99
CA ASN A 66 -7.29 -1.15 -12.80
C ASN A 66 -5.97 -1.77 -12.36
N ARG A 67 -4.86 -1.11 -12.69
CA ARG A 67 -3.54 -1.60 -12.32
C ARG A 67 -3.24 -1.29 -10.86
N PHE A 68 -3.76 -0.17 -10.38
CA PHE A 68 -3.54 0.24 -9.00
C PHE A 68 -4.40 -0.58 -8.04
N LYS A 69 -5.71 -0.62 -8.33
CA LYS A 69 -6.65 -1.36 -7.50
C LYS A 69 -6.14 -2.77 -7.24
N ALA A 70 -5.55 -3.39 -8.26
CA ALA A 70 -5.03 -4.75 -8.13
C ALA A 70 -3.75 -4.77 -7.31
N ALA A 71 -2.99 -3.67 -7.37
CA ALA A 71 -1.75 -3.56 -6.63
C ALA A 71 -1.97 -3.85 -5.14
N LEU A 72 -3.14 -3.47 -4.63
CA LEU A 72 -3.47 -3.68 -3.24
C LEU A 72 -3.64 -5.17 -2.94
N GLU A 73 -4.24 -5.89 -3.89
CA GLU A 73 -4.46 -7.32 -3.72
C GLU A 73 -3.17 -8.04 -3.34
N GLU A 74 -2.05 -7.53 -3.84
CA GLU A 74 -0.75 -8.12 -3.54
C GLU A 74 -0.36 -7.86 -2.10
N ALA A 75 -0.35 -6.59 -1.70
CA ALA A 75 0.00 -6.22 -0.35
C ALA A 75 -0.95 -6.84 0.67
N ASN A 76 -2.25 -6.59 0.50
CA ASN A 76 -3.25 -7.12 1.40
C ASN A 76 -3.29 -8.64 1.33
N GLY A 77 -3.09 -9.18 0.13
CA GLY A 77 -3.10 -10.62 -0.04
C GLY A 77 -1.99 -11.31 0.73
N GLU A 78 -0.78 -10.76 0.65
CA GLU A 78 0.36 -11.33 1.36
C GLU A 78 0.14 -11.32 2.87
N ILE A 79 -0.40 -10.21 3.37
CA ILE A 79 -0.68 -10.08 4.80
C ILE A 79 -1.50 -11.24 5.32
N GLU A 80 -2.59 -11.55 4.61
CA GLU A 80 -3.46 -12.65 5.01
C GLU A 80 -2.67 -13.93 5.23
N LYS A 81 -1.78 -14.24 4.29
CA LYS A 81 -0.94 -15.43 4.38
C LYS A 81 0.11 -15.28 5.47
N PHE A 82 0.63 -14.06 5.62
CA PHE A 82 1.64 -13.78 6.63
C PHE A 82 1.03 -13.79 8.03
N SER A 83 -0.29 -13.79 8.10
CA SER A 83 -0.99 -13.79 9.37
C SER A 83 -0.42 -14.84 10.31
N ASN A 84 0.01 -15.96 9.73
CA ASN A 84 0.58 -17.06 10.51
C ASN A 84 1.89 -16.63 11.17
N ARG A 85 2.41 -17.49 12.04
CA ARG A 85 3.65 -17.21 12.74
C ARG A 85 4.83 -17.88 12.05
N SER A 86 4.62 -19.10 11.56
CA SER A 86 5.67 -19.84 10.88
C SER A 86 5.96 -19.24 9.51
N ASN A 87 4.92 -18.74 8.85
CA ASN A 87 5.08 -18.14 7.53
C ASN A 87 6.09 -16.99 7.58
N ILE A 88 6.07 -16.23 8.65
CA ILE A 88 6.98 -15.10 8.80
C ILE A 88 8.43 -15.58 8.84
N CYS A 89 8.71 -16.56 9.71
CA CYS A 89 10.06 -17.09 9.84
C CYS A 89 10.50 -17.76 8.53
N ARG A 90 9.55 -18.39 7.85
CA ARG A 90 9.86 -19.06 6.58
C ARG A 90 10.59 -18.13 5.63
N PHE A 91 10.05 -16.93 5.46
CA PHE A 91 10.66 -15.94 4.57
C PHE A 91 11.88 -15.30 5.22
N LEU A 92 11.78 -14.99 6.50
CA LEU A 92 12.87 -14.38 7.24
C LEU A 92 14.15 -15.20 7.10
N THR A 93 14.05 -16.50 7.38
CA THR A 93 15.20 -17.39 7.29
C THR A 93 15.57 -17.65 5.82
N ALA A 94 14.56 -17.68 4.96
CA ALA A 94 14.78 -17.91 3.54
C ALA A 94 15.61 -16.79 2.92
N SER A 95 15.39 -15.57 3.40
CA SER A 95 16.10 -14.40 2.89
C SER A 95 17.16 -13.94 3.89
N GLN A 96 17.75 -12.77 3.62
CA GLN A 96 18.77 -12.22 4.49
C GLN A 96 18.74 -10.70 4.46
N ASP A 97 18.34 -10.08 5.57
CA ASP A 97 18.28 -8.63 5.66
C ASP A 97 17.46 -8.04 4.50
N LYS A 98 16.18 -8.38 4.47
CA LYS A 98 15.28 -7.89 3.43
C LYS A 98 13.90 -7.60 3.99
N ILE A 99 13.16 -6.72 3.31
CA ILE A 99 11.82 -6.36 3.74
C ILE A 99 10.79 -7.37 3.25
N LEU A 100 9.79 -7.64 4.09
CA LEU A 100 8.74 -8.58 3.75
C LEU A 100 7.93 -8.08 2.56
N PHE A 101 7.71 -6.77 2.50
CA PHE A 101 6.95 -6.17 1.41
C PHE A 101 7.84 -5.27 0.55
N LYS A 102 9.07 -5.72 0.33
CA LYS A 102 10.03 -4.96 -0.48
C LYS A 102 9.47 -4.72 -1.88
N ASP A 103 9.28 -5.80 -2.62
CA ASP A 103 8.75 -5.70 -3.98
C ASP A 103 7.30 -5.23 -3.98
N VAL A 104 6.56 -5.60 -2.93
CA VAL A 104 5.17 -5.22 -2.80
C VAL A 104 5.01 -3.70 -2.77
N ASN A 105 5.73 -3.05 -1.87
CA ASN A 105 5.66 -1.60 -1.75
C ASN A 105 6.23 -0.92 -2.99
N ARG A 106 7.17 -1.60 -3.65
CA ARG A 106 7.79 -1.06 -4.86
C ARG A 106 6.74 -0.82 -5.95
N LYS A 107 5.88 -1.82 -6.16
CA LYS A 107 4.83 -1.72 -7.17
C LYS A 107 3.76 -0.72 -6.74
N LEU A 108 3.60 -0.55 -5.44
CA LEU A 108 2.61 0.37 -4.90
C LEU A 108 2.90 1.80 -5.35
N SER A 109 4.17 2.20 -5.27
CA SER A 109 4.58 3.54 -5.67
C SER A 109 4.55 3.69 -7.18
N ASP A 110 4.77 2.58 -7.89
CA ASP A 110 4.76 2.58 -9.35
C ASP A 110 3.34 2.69 -9.89
N VAL A 111 2.42 1.92 -9.29
CA VAL A 111 1.03 1.94 -9.71
C VAL A 111 0.38 3.28 -9.43
N TRP A 112 0.90 3.99 -8.43
CA TRP A 112 0.36 5.30 -8.06
C TRP A 112 0.97 6.40 -8.93
N LYS A 113 2.29 6.42 -9.02
CA LYS A 113 2.99 7.41 -9.82
C LYS A 113 2.61 7.30 -11.29
N GLU A 114 2.27 6.08 -11.71
CA GLU A 114 1.89 5.84 -13.09
C GLU A 114 0.57 6.53 -13.43
N LEU A 115 -0.34 6.55 -12.47
CA LEU A 115 -1.64 7.19 -12.65
C LEU A 115 -1.66 8.58 -12.04
N SER A 116 -0.55 8.95 -11.41
CA SER A 116 -0.44 10.27 -10.78
C SER A 116 -0.26 11.36 -11.83
N LEU A 117 0.42 11.03 -12.92
CA LEU A 117 0.65 11.98 -13.99
C LEU A 117 -0.66 12.32 -14.71
N LEU A 118 -1.48 11.30 -14.93
CA LEU A 118 -2.76 11.48 -15.61
C LEU A 118 -3.79 12.12 -14.67
N LEU A 119 -3.60 11.90 -13.37
CA LEU A 119 -4.51 12.45 -12.37
C LEU A 119 -4.25 13.94 -12.16
N GLN A 120 -2.99 14.34 -12.26
CA GLN A 120 -2.62 15.73 -12.09
C GLN A 120 -3.01 16.57 -13.31
N VAL A 121 -3.18 15.89 -14.44
CA VAL A 121 -3.55 16.56 -15.69
C VAL A 121 -5.05 16.46 -15.94
N GLU A 122 -5.65 15.38 -15.43
CA GLU A 122 -7.08 15.17 -15.60
C GLU A 122 -7.86 15.67 -14.39
N GLN A 123 -7.56 15.11 -13.23
CA GLN A 123 -8.24 15.52 -11.99
C GLN A 123 -7.67 16.82 -11.46
N ARG A 124 -6.43 17.13 -11.85
CA ARG A 124 -5.76 18.35 -11.41
C ARG A 124 -5.48 18.30 -9.91
N MET A 125 -5.18 17.11 -9.40
CA MET A 125 -4.89 16.93 -7.99
C MET A 125 -3.39 16.79 -7.76
N PRO A 126 -2.86 17.57 -6.80
CA PRO A 126 -1.44 17.55 -6.45
C PRO A 126 -1.02 16.25 -5.77
N VAL A 127 -0.59 15.28 -6.57
CA VAL A 127 -0.16 14.00 -6.04
C VAL A 127 1.04 14.14 -5.11
N SER A 128 1.64 13.03 -4.73
CA SER A 128 2.80 13.03 -3.85
C SER A 128 2.46 13.71 -2.52
N PRO A 129 1.90 12.93 -1.59
CA PRO A 129 1.53 13.43 -0.27
C PRO A 129 2.74 13.76 0.60
N ILE A 130 3.92 13.44 0.10
CA ILE A 130 5.16 13.70 0.82
C ILE A 130 6.36 13.71 -0.12
N SER A 131 6.41 12.70 -1.00
CA SER A 131 7.52 12.60 -1.95
C SER A 131 7.36 11.34 -2.81
N GLN A 132 6.97 11.53 -4.06
CA GLN A 132 6.77 10.42 -4.98
C GLN A 132 7.79 10.48 -6.11
N GLY A 133 9.00 10.93 -5.80
CA GLY A 133 10.05 11.02 -6.80
C GLY A 133 11.09 9.93 -6.66
N ALA A 134 11.35 9.52 -5.43
CA ALA A 134 12.33 8.47 -5.16
C ALA A 134 11.69 7.30 -4.42
N SER A 135 12.00 6.08 -4.88
CA SER A 135 11.45 4.88 -4.27
C SER A 135 11.69 4.88 -2.76
N TRP A 136 10.66 4.48 -2.01
CA TRP A 136 10.75 4.44 -0.55
C TRP A 136 11.41 3.14 -0.09
N ALA A 137 11.81 2.31 -1.04
CA ALA A 137 12.47 1.05 -0.73
C ALA A 137 13.85 1.28 -0.14
N GLN A 138 14.53 2.32 -0.63
CA GLN A 138 15.87 2.64 -0.16
C GLN A 138 15.89 2.80 1.36
N GLU A 139 14.98 3.63 1.87
CA GLU A 139 14.89 3.87 3.30
C GLU A 139 14.32 2.66 4.03
N ASP A 140 13.35 2.01 3.39
CA ASP A 140 12.71 0.83 3.97
C ASP A 140 13.76 -0.19 4.41
N GLN A 141 14.85 -0.28 3.65
CA GLN A 141 15.92 -1.22 3.96
C GLN A 141 16.37 -1.08 5.41
N GLN A 142 16.44 0.16 5.88
CA GLN A 142 16.86 0.43 7.26
C GLN A 142 15.73 0.12 8.23
N ASP A 143 14.50 0.40 7.82
CA ASP A 143 13.34 0.15 8.66
C ASP A 143 13.22 -1.32 9.01
N ALA A 144 13.37 -2.17 8.00
CA ALA A 144 13.28 -3.62 8.19
C ALA A 144 14.23 -4.09 9.29
N ASP A 145 15.39 -3.44 9.38
CA ASP A 145 16.38 -3.78 10.39
C ASP A 145 15.78 -3.73 11.79
N GLU A 146 14.85 -2.80 11.99
CA GLU A 146 14.19 -2.64 13.29
C GLU A 146 13.34 -3.85 13.61
N ASP A 147 12.47 -4.23 12.68
CA ASP A 147 11.60 -5.39 12.87
C ASP A 147 12.41 -6.68 12.95
N ARG A 148 13.49 -6.74 12.18
CA ARG A 148 14.34 -7.92 12.16
C ARG A 148 15.09 -8.07 13.47
N ARG A 149 15.64 -6.97 13.97
CA ARG A 149 16.39 -6.98 15.23
C ARG A 149 15.54 -7.56 16.35
N ALA A 150 14.25 -7.26 16.33
CA ALA A 150 13.33 -7.76 17.35
C ALA A 150 13.06 -9.24 17.17
N PHE A 151 12.94 -9.67 15.92
CA PHE A 151 12.67 -11.08 15.62
C PHE A 151 13.82 -11.96 16.09
N GLN A 152 15.04 -11.43 16.00
CA GLN A 152 16.22 -12.17 16.43
C GLN A 152 16.05 -12.73 17.83
N MET A 153 15.35 -11.99 18.68
CA MET A 153 15.11 -12.41 20.06
C MET A 153 13.71 -12.98 20.21
N LEU A 154 12.74 -12.35 19.56
CA LEU A 154 11.35 -12.79 19.62
C LEU A 154 10.90 -12.98 21.07
N ARG A 155 11.40 -12.11 21.95
CA ARG A 155 11.04 -12.18 23.36
C ARG A 155 9.73 -11.45 23.63
N ARG A 156 8.62 -12.11 23.35
CA ARG A 156 7.30 -11.53 23.56
C ARG A 156 6.21 -12.54 23.27
N ASP A 157 5.05 -12.36 23.90
CA ASP A 157 3.92 -13.26 23.71
C ASP A 157 2.62 -12.48 23.51
C4 UJ5 B . -13.58 4.65 -13.10
C6 UJ5 B . -14.33 5.17 -15.07
C7 UJ5 B . -15.43 4.77 -14.30
C10 UJ5 B . -16.86 5.18 -16.18
C13 UJ5 B . -18.22 5.18 -16.77
C17 UJ5 B . -11.07 5.94 -10.73
C20 UJ5 B . -13.00 7.91 -10.59
C21 UJ5 B . -13.28 6.70 -11.21
C22 UJ5 B . -11.45 9.44 -9.36
C24 UJ5 B . -10.27 10.11 -10.07
C1 UJ5 B . -11.06 2.60 -11.81
O2 UJ5 B . -11.42 3.82 -12.45
C3 UJ5 B . -12.62 4.41 -11.95
N5 UJ5 B . -13.22 5.07 -14.28
C12 UJ5 B . -14.51 5.57 -16.40
C11 UJ5 B . -15.76 5.57 -16.94
N8 UJ5 B . -14.91 4.44 -13.05
C9 UJ5 B . -16.70 4.77 -14.85
O14 UJ5 B . -19.20 5.92 -16.21
O15 UJ5 B . -18.45 4.52 -17.77
C16 UJ5 B . -12.31 5.72 -11.27
C18 UJ5 B . -10.79 7.14 -10.11
C19 UJ5 B . -11.75 8.13 -10.04
C23 UJ5 B . -11.08 9.18 -7.90
H34 UJ5 B . -10.31 5.17 -10.79
H36 UJ5 B . -13.76 8.68 -10.53
H37 UJ5 B . -14.26 6.54 -11.64
H38 UJ5 B . -12.32 10.09 -9.41
H42 UJ5 B . -9.43 9.43 -10.12
H44 UJ5 B . -9.98 11.01 -9.54
H43 UJ5 B . -10.57 10.39 -11.09
H26 UJ5 B . -10.71 2.80 -10.80
H25 UJ5 B . -10.27 2.11 -12.39
H27 UJ5 B . -11.93 1.95 -11.77
H28 UJ5 B . -13.08 3.73 -11.23
H32 UJ5 B . -13.66 5.89 -17.00
H31 UJ5 B . -15.90 5.88 -17.96
H29 UJ5 B . -15.42 4.13 -12.29
H30 UJ5 B . -17.55 4.47 -14.26
H33 UJ5 B . -18.97 6.81 -15.92
H35 UJ5 B . -9.81 7.31 -9.68
H40 UJ5 B . -11.32 10.06 -7.31
H39 UJ5 B . -10.00 8.99 -7.83
H41 UJ5 B . -11.63 8.32 -7.53
N GLY A 1 -30.88 0.42 -4.74
CA GLY A 1 -29.68 0.88 -4.06
C GLY A 1 -28.42 0.36 -4.71
N SER A 2 -27.91 1.08 -5.70
CA SER A 2 -26.70 0.67 -6.40
C SER A 2 -25.71 1.83 -6.51
N PRO A 3 -25.16 2.23 -5.35
CA PRO A 3 -24.19 3.34 -5.28
C PRO A 3 -22.85 2.97 -5.92
N GLY A 4 -21.86 3.85 -5.73
CA GLY A 4 -20.54 3.60 -6.28
C GLY A 4 -19.76 2.58 -5.48
N GLU A 5 -20.30 1.36 -5.39
CA GLU A 5 -19.65 0.29 -4.65
C GLU A 5 -18.21 0.07 -5.15
N ASN A 6 -18.02 0.27 -6.46
CA ASN A 6 -16.71 0.10 -7.06
C ASN A 6 -15.73 1.15 -6.54
N LEU A 7 -16.12 2.41 -6.62
CA LEU A 7 -15.28 3.51 -6.16
C LEU A 7 -14.92 3.34 -4.69
N LYS A 8 -15.85 2.78 -3.92
CA LYS A 8 -15.64 2.56 -2.50
C LYS A 8 -14.77 1.33 -2.26
N HIS A 9 -14.89 0.34 -3.15
CA HIS A 9 -14.12 -0.88 -3.05
C HIS A 9 -12.66 -0.64 -3.38
N ILE A 10 -12.41 0.02 -4.51
CA ILE A 10 -11.05 0.32 -4.95
C ILE A 10 -10.27 1.03 -3.86
N ILE A 11 -10.89 2.01 -3.22
CA ILE A 11 -10.25 2.76 -2.15
C ILE A 11 -10.11 1.91 -0.89
N THR A 12 -11.08 1.04 -0.66
CA THR A 12 -11.06 0.16 0.50
C THR A 12 -9.93 -0.85 0.41
N LEU A 13 -9.63 -1.30 -0.80
CA LEU A 13 -8.56 -2.27 -1.02
C LEU A 13 -7.27 -1.80 -0.36
N GLY A 14 -6.97 -0.52 -0.50
CA GLY A 14 -5.75 0.02 0.09
C GLY A 14 -5.87 0.23 1.58
N GLN A 15 -7.09 0.49 2.05
CA GLN A 15 -7.33 0.70 3.47
C GLN A 15 -7.27 -0.61 4.24
N VAL A 16 -7.64 -1.70 3.58
CA VAL A 16 -7.62 -3.01 4.20
C VAL A 16 -6.25 -3.31 4.81
N ILE A 17 -5.20 -2.74 4.21
CA ILE A 17 -3.85 -2.95 4.70
C ILE A 17 -3.66 -2.34 6.07
N HIS A 18 -4.15 -1.11 6.25
CA HIS A 18 -4.04 -0.41 7.53
C HIS A 18 -4.50 -1.31 8.68
N LYS A 19 -5.73 -1.82 8.57
CA LYS A 19 -6.28 -2.68 9.60
C LYS A 19 -5.55 -4.02 9.64
N ARG A 20 -5.06 -4.46 8.49
CA ARG A 20 -4.33 -5.72 8.41
C ARG A 20 -3.06 -5.67 9.23
N CYS A 21 -2.24 -4.66 9.00
CA CYS A 21 -0.99 -4.51 9.73
C CYS A 21 -1.23 -4.56 11.24
N GLU A 22 -2.38 -4.08 11.67
CA GLU A 22 -2.74 -4.07 13.08
C GLU A 22 -2.92 -5.49 13.61
N GLU A 23 -3.48 -6.36 12.76
CA GLU A 23 -3.71 -7.75 13.13
C GLU A 23 -2.39 -8.47 13.40
N MET A 24 -1.40 -8.22 12.55
CA MET A 24 -0.09 -8.85 12.70
C MET A 24 0.48 -8.57 14.09
N LYS A 25 1.64 -9.17 14.37
CA LYS A 25 2.30 -8.99 15.67
C LYS A 25 3.81 -9.11 15.52
N TYR A 26 4.25 -10.07 14.71
CA TYR A 26 5.68 -10.30 14.49
C TYR A 26 6.22 -9.36 13.41
N CYS A 27 5.79 -9.60 12.17
CA CYS A 27 6.22 -8.80 11.04
C CYS A 27 5.48 -7.46 11.01
N LYS A 28 4.54 -7.29 11.94
CA LYS A 28 3.75 -6.06 12.01
C LYS A 28 4.65 -4.84 12.02
N LYS A 29 5.85 -5.00 12.59
CA LYS A 29 6.81 -3.90 12.66
C LYS A 29 7.13 -3.37 11.27
N GLN A 30 7.46 -4.28 10.36
CA GLN A 30 7.80 -3.90 8.99
C GLN A 30 6.54 -3.51 8.22
N CYS A 31 5.56 -4.39 8.21
CA CYS A 31 4.31 -4.12 7.50
C CYS A 31 3.71 -2.79 7.92
N ARG A 32 3.95 -2.41 9.18
CA ARG A 32 3.43 -1.16 9.71
C ARG A 32 3.74 0.00 8.77
N ARG A 33 4.90 -0.06 8.13
CA ARG A 33 5.33 0.99 7.21
C ARG A 33 4.58 0.87 5.88
N LEU A 34 4.31 -0.36 5.46
CA LEU A 34 3.60 -0.61 4.21
C LEU A 34 2.17 -0.10 4.29
N GLY A 35 1.52 -0.35 5.42
CA GLY A 35 0.15 0.09 5.60
C GLY A 35 0.05 1.58 5.82
N HIS A 36 1.08 2.17 6.43
CA HIS A 36 1.09 3.60 6.70
C HIS A 36 1.28 4.39 5.41
N ARG A 37 2.21 3.95 4.58
CA ARG A 37 2.48 4.61 3.31
C ARG A 37 1.29 4.52 2.37
N VAL A 38 0.80 3.30 2.16
CA VAL A 38 -0.34 3.07 1.28
C VAL A 38 -1.53 3.91 1.70
N LEU A 39 -1.66 4.15 3.00
CA LEU A 39 -2.76 4.94 3.54
C LEU A 39 -2.79 6.33 2.90
N GLY A 40 -1.61 6.81 2.51
CA GLY A 40 -1.52 8.12 1.88
C GLY A 40 -1.80 8.08 0.40
N LEU A 41 -1.92 6.88 -0.15
CA LEU A 41 -2.20 6.69 -1.57
C LEU A 41 -3.69 6.74 -1.85
N ILE A 42 -4.46 5.97 -1.07
CA ILE A 42 -5.90 5.92 -1.23
C ILE A 42 -6.58 7.01 -0.41
N LYS A 43 -5.78 7.86 0.23
CA LYS A 43 -6.30 8.95 1.04
C LYS A 43 -7.07 9.95 0.18
N PRO A 44 -6.42 10.45 -0.88
CA PRO A 44 -7.01 11.43 -1.80
C PRO A 44 -8.11 10.81 -2.65
N LEU A 45 -7.91 9.56 -3.06
CA LEU A 45 -8.88 8.86 -3.90
C LEU A 45 -10.17 8.62 -3.12
N GLU A 46 -10.05 8.47 -1.81
CA GLU A 46 -11.22 8.24 -0.95
C GLU A 46 -12.01 9.53 -0.75
N MET A 47 -11.31 10.61 -0.43
CA MET A 47 -11.94 11.90 -0.22
C MET A 47 -12.44 12.49 -1.54
N LEU A 48 -11.70 12.22 -2.61
CA LEU A 48 -12.07 12.73 -3.93
C LEU A 48 -13.50 12.35 -4.28
N GLN A 49 -13.75 11.06 -4.43
CA GLN A 49 -15.08 10.56 -4.76
C GLN A 49 -16.10 11.01 -3.72
N ASP A 50 -15.66 11.09 -2.46
CA ASP A 50 -16.54 11.51 -1.37
C ASP A 50 -17.24 12.82 -1.70
N GLN A 51 -16.53 13.70 -2.41
CA GLN A 51 -17.09 14.99 -2.79
C GLN A 51 -18.31 14.82 -3.68
N GLY A 52 -18.23 13.87 -4.61
CA GLY A 52 -19.34 13.63 -5.52
C GLY A 52 -19.79 12.18 -5.49
N LYS A 53 -20.15 11.65 -6.66
CA LYS A 53 -20.61 10.27 -6.76
C LYS A 53 -19.78 9.50 -7.78
N ARG A 54 -19.40 10.17 -8.86
CA ARG A 54 -18.60 9.55 -9.90
C ARG A 54 -17.29 10.30 -10.11
N SER A 55 -17.38 11.51 -10.65
CA SER A 55 -16.21 12.33 -10.91
C SER A 55 -15.21 11.59 -11.79
N VAL A 56 -15.70 10.64 -12.56
CA VAL A 56 -14.86 9.86 -13.45
C VAL A 56 -14.79 10.47 -14.84
N PRO A 57 -13.56 10.59 -15.38
CA PRO A 57 -13.34 11.16 -16.71
C PRO A 57 -13.86 10.26 -17.83
N SER A 58 -13.01 9.34 -18.27
CA SER A 58 -13.38 8.41 -19.34
C SER A 58 -12.95 6.99 -19.00
N GLU A 59 -13.19 6.07 -19.92
CA GLU A 59 -12.83 4.67 -19.73
C GLU A 59 -11.31 4.49 -19.78
N LYS A 60 -10.65 5.34 -20.55
CA LYS A 60 -9.20 5.27 -20.70
C LYS A 60 -8.52 5.23 -19.34
N LEU A 61 -9.09 5.94 -18.37
CA LEU A 61 -8.53 5.98 -17.03
C LEU A 61 -8.70 4.64 -16.33
N THR A 62 -9.84 3.98 -16.58
CA THR A 62 -10.12 2.69 -15.97
C THR A 62 -8.99 1.70 -16.23
N THR A 63 -8.37 1.81 -17.40
CA THR A 63 -7.28 0.92 -17.77
C THR A 63 -6.08 1.12 -16.84
N ALA A 64 -5.77 2.38 -16.53
CA ALA A 64 -4.65 2.71 -15.66
C ALA A 64 -4.98 2.39 -14.20
N MET A 65 -6.16 2.83 -13.75
CA MET A 65 -6.58 2.59 -12.39
C MET A 65 -6.65 1.10 -12.09
N ASN A 66 -7.06 0.31 -13.08
CA ASN A 66 -7.16 -1.14 -12.93
C ASN A 66 -5.84 -1.72 -12.43
N ARG A 67 -4.74 -1.12 -12.84
CA ARG A 67 -3.42 -1.58 -12.43
C ARG A 67 -3.15 -1.25 -10.97
N PHE A 68 -3.74 -0.16 -10.49
CA PHE A 68 -3.56 0.27 -9.12
C PHE A 68 -4.39 -0.60 -8.17
N LYS A 69 -5.67 -0.74 -8.46
CA LYS A 69 -6.57 -1.54 -7.64
C LYS A 69 -5.98 -2.93 -7.40
N ALA A 70 -5.36 -3.50 -8.42
CA ALA A 70 -4.76 -4.82 -8.32
C ALA A 70 -3.49 -4.77 -7.48
N ALA A 71 -2.80 -3.64 -7.51
CA ALA A 71 -1.57 -3.46 -6.75
C ALA A 71 -1.79 -3.78 -5.27
N LEU A 72 -2.98 -3.47 -4.77
CA LEU A 72 -3.31 -3.73 -3.38
C LEU A 72 -3.40 -5.23 -3.10
N GLU A 73 -3.93 -5.97 -4.08
CA GLU A 73 -4.08 -7.42 -3.93
C GLU A 73 -2.75 -8.06 -3.54
N GLU A 74 -1.65 -7.48 -4.02
CA GLU A 74 -0.32 -8.00 -3.72
C GLU A 74 -0.02 -7.87 -2.23
N ALA A 75 -0.15 -6.66 -1.71
CA ALA A 75 0.11 -6.40 -0.30
C ALA A 75 -0.91 -7.10 0.59
N ASN A 76 -2.19 -6.80 0.35
CA ASN A 76 -3.27 -7.40 1.12
C ASN A 76 -3.19 -8.92 1.09
N GLY A 77 -3.07 -9.47 -0.12
CA GLY A 77 -2.98 -10.92 -0.27
C GLY A 77 -1.86 -11.52 0.54
N GLU A 78 -0.66 -10.94 0.41
CA GLU A 78 0.50 -11.43 1.14
C GLU A 78 0.25 -11.41 2.65
N ILE A 79 -0.33 -10.32 3.13
CA ILE A 79 -0.62 -10.17 4.54
C ILE A 79 -1.42 -11.36 5.07
N GLU A 80 -2.31 -11.89 4.22
CA GLU A 80 -3.13 -13.02 4.60
C GLU A 80 -2.27 -14.22 4.98
N LYS A 81 -1.34 -14.58 4.09
CA LYS A 81 -0.45 -15.71 4.34
C LYS A 81 0.54 -15.39 5.45
N PHE A 82 1.01 -14.14 5.49
CA PHE A 82 1.97 -13.72 6.50
C PHE A 82 1.31 -13.69 7.88
N SER A 83 -0.01 -13.56 7.90
CA SER A 83 -0.76 -13.51 9.14
C SER A 83 -0.31 -14.61 10.10
N ASN A 84 0.06 -15.77 9.53
CA ASN A 84 0.52 -16.90 10.33
C ASN A 84 1.84 -16.58 11.03
N ARG A 85 2.40 -17.57 11.70
CA ARG A 85 3.66 -17.39 12.42
C ARG A 85 4.80 -18.08 11.68
N SER A 86 4.69 -19.39 11.53
CA SER A 86 5.71 -20.18 10.85
C SER A 86 5.97 -19.63 9.44
N ASN A 87 4.91 -19.14 8.81
CA ASN A 87 5.02 -18.58 7.46
C ASN A 87 6.06 -17.47 7.40
N ILE A 88 6.08 -16.63 8.44
CA ILE A 88 7.02 -15.53 8.50
C ILE A 88 8.46 -16.03 8.42
N CYS A 89 8.79 -17.00 9.26
CA CYS A 89 10.14 -17.58 9.27
C CYS A 89 10.48 -18.18 7.91
N ARG A 90 9.52 -18.88 7.32
CA ARG A 90 9.72 -19.51 6.02
C ARG A 90 10.25 -18.50 5.01
N PHE A 91 9.62 -17.34 4.95
CA PHE A 91 10.02 -16.29 4.01
C PHE A 91 11.28 -15.59 4.50
N LEU A 92 11.33 -15.32 5.80
CA LEU A 92 12.50 -14.65 6.39
C LEU A 92 13.78 -15.40 6.07
N THR A 93 13.79 -16.70 6.36
CA THR A 93 14.97 -17.53 6.09
C THR A 93 15.16 -17.74 4.60
N ALA A 94 14.06 -17.82 3.87
CA ALA A 94 14.12 -18.01 2.42
C ALA A 94 14.83 -16.85 1.74
N SER A 95 14.39 -15.64 2.05
CA SER A 95 14.98 -14.44 1.46
C SER A 95 16.18 -13.97 2.26
N GLN A 96 17.08 -13.25 1.60
CA GLN A 96 18.29 -12.74 2.25
C GLN A 96 18.02 -11.40 2.93
N ASP A 97 17.18 -10.59 2.30
CA ASP A 97 16.84 -9.28 2.84
C ASP A 97 16.04 -9.41 4.13
N LYS A 98 15.51 -8.29 4.61
CA LYS A 98 14.71 -8.29 5.84
C LYS A 98 13.26 -7.93 5.54
N ILE A 99 13.06 -6.94 4.68
CA ILE A 99 11.71 -6.51 4.32
C ILE A 99 10.92 -7.65 3.70
N LEU A 100 9.61 -7.66 3.94
CA LEU A 100 8.73 -8.70 3.41
C LEU A 100 7.98 -8.20 2.18
N PHE A 101 7.55 -6.95 2.24
CA PHE A 101 6.80 -6.34 1.14
C PHE A 101 7.68 -5.34 0.38
N LYS A 102 8.95 -5.69 0.21
CA LYS A 102 9.89 -4.83 -0.50
C LYS A 102 9.45 -4.60 -1.95
N ASP A 103 9.42 -5.68 -2.73
CA ASP A 103 9.01 -5.61 -4.12
C ASP A 103 7.54 -5.25 -4.24
N VAL A 104 6.75 -5.66 -3.24
CA VAL A 104 5.32 -5.37 -3.23
C VAL A 104 5.05 -3.86 -3.24
N ASN A 105 5.74 -3.15 -2.36
CA ASN A 105 5.58 -1.70 -2.26
C ASN A 105 6.20 -1.01 -3.47
N ARG A 106 7.22 -1.63 -4.05
CA ARG A 106 7.91 -1.07 -5.21
C ARG A 106 6.90 -0.76 -6.32
N LYS A 107 6.00 -1.69 -6.57
CA LYS A 107 4.99 -1.51 -7.61
C LYS A 107 3.90 -0.55 -7.16
N LEU A 108 3.64 -0.53 -5.85
CA LEU A 108 2.62 0.35 -5.29
C LEU A 108 2.92 1.81 -5.63
N SER A 109 4.19 2.19 -5.55
CA SER A 109 4.60 3.56 -5.84
C SER A 109 4.51 3.84 -7.34
N ASP A 110 4.76 2.81 -8.14
CA ASP A 110 4.70 2.94 -9.59
C ASP A 110 3.26 3.07 -10.08
N VAL A 111 2.39 2.21 -9.56
CA VAL A 111 0.98 2.22 -9.94
C VAL A 111 0.32 3.53 -9.52
N TRP A 112 0.85 4.16 -8.49
CA TRP A 112 0.31 5.42 -7.99
C TRP A 112 0.86 6.60 -8.80
N LYS A 113 2.18 6.65 -8.94
CA LYS A 113 2.83 7.71 -9.70
C LYS A 113 2.45 7.65 -11.18
N GLU A 114 2.02 6.47 -11.61
CA GLU A 114 1.64 6.27 -13.01
C GLU A 114 0.27 6.88 -13.29
N LEU A 115 -0.70 6.59 -12.42
CA LEU A 115 -2.05 7.11 -12.57
C LEU A 115 -2.15 8.54 -12.06
N SER A 116 -1.26 8.89 -11.13
CA SER A 116 -1.24 10.23 -10.56
C SER A 116 -1.28 11.30 -11.66
N LEU A 117 -0.37 11.18 -12.61
CA LEU A 117 -0.30 12.14 -13.73
C LEU A 117 -1.65 12.25 -14.42
N LEU A 118 -2.39 11.15 -14.44
CA LEU A 118 -3.71 11.14 -15.08
C LEU A 118 -4.76 11.78 -14.18
N LEU A 119 -4.54 11.69 -12.88
CA LEU A 119 -5.46 12.27 -11.91
C LEU A 119 -5.34 13.79 -11.88
N GLN A 120 -4.12 14.29 -12.04
CA GLN A 120 -3.85 15.72 -12.02
C GLN A 120 -4.33 16.37 -13.32
N VAL A 121 -4.08 15.69 -14.44
CA VAL A 121 -4.48 16.21 -15.74
C VAL A 121 -5.99 16.12 -15.93
N GLU A 122 -6.60 15.08 -15.35
CA GLU A 122 -8.03 14.88 -15.45
C GLU A 122 -8.77 15.69 -14.37
N GLN A 123 -8.46 15.41 -13.11
CA GLN A 123 -9.09 16.10 -12.00
C GLN A 123 -8.17 17.20 -11.45
N ARG A 124 -8.73 18.07 -10.61
CA ARG A 124 -7.97 19.15 -10.02
C ARG A 124 -7.43 18.76 -8.65
N MET A 125 -7.07 17.49 -8.51
CA MET A 125 -6.53 16.98 -7.24
C MET A 125 -5.01 17.07 -7.22
N PRO A 126 -4.46 17.55 -6.11
CA PRO A 126 -3.01 17.69 -5.94
C PRO A 126 -2.31 16.35 -5.81
N VAL A 127 -1.39 16.06 -6.73
CA VAL A 127 -0.65 14.81 -6.72
C VAL A 127 0.84 15.05 -6.84
N SER A 128 1.63 14.24 -6.14
CA SER A 128 3.08 14.38 -6.17
C SER A 128 3.50 15.83 -6.00
N PRO A 129 3.39 16.33 -4.76
CA PRO A 129 3.75 17.72 -4.43
C PRO A 129 5.26 17.95 -4.50
N ILE A 130 6.03 17.00 -3.99
CA ILE A 130 7.49 17.11 -4.00
C ILE A 130 8.13 15.89 -3.36
N SER A 131 7.56 15.43 -2.25
CA SER A 131 8.08 14.26 -1.55
C SER A 131 7.86 13.00 -2.35
N GLN A 132 6.69 12.91 -3.00
CA GLN A 132 6.35 11.75 -3.82
C GLN A 132 7.29 11.63 -5.01
N GLY A 133 8.39 10.91 -4.83
CA GLY A 133 9.35 10.73 -5.92
C GLY A 133 10.12 9.44 -5.79
N ALA A 134 11.21 9.47 -5.03
CA ALA A 134 12.05 8.29 -4.83
C ALA A 134 11.22 7.13 -4.28
N SER A 135 11.86 5.96 -4.18
CA SER A 135 11.19 4.77 -3.68
C SER A 135 11.36 4.66 -2.17
N TRP A 136 10.24 4.48 -1.46
CA TRP A 136 10.26 4.36 -0.01
C TRP A 136 11.17 3.20 0.42
N ALA A 137 11.43 2.28 -0.49
CA ALA A 137 12.27 1.13 -0.20
C ALA A 137 13.60 1.57 0.42
N GLN A 138 14.10 2.72 -0.02
CA GLN A 138 15.37 3.25 0.49
C GLN A 138 15.32 3.39 2.01
N GLU A 139 14.28 4.05 2.50
CA GLU A 139 14.12 4.25 3.94
C GLU A 139 13.66 2.95 4.62
N ASP A 140 12.78 2.23 3.96
CA ASP A 140 12.26 0.97 4.49
C ASP A 140 13.40 0.04 4.89
N GLN A 141 14.48 0.07 4.10
CA GLN A 141 15.64 -0.78 4.38
C GLN A 141 16.11 -0.62 5.82
N GLN A 142 16.00 0.60 6.34
CA GLN A 142 16.42 0.88 7.71
C GLN A 142 15.39 0.34 8.70
N ASP A 143 14.12 0.41 8.34
CA ASP A 143 13.05 -0.08 9.19
C ASP A 143 13.11 -1.59 9.34
N ALA A 144 13.37 -2.28 8.23
CA ALA A 144 13.45 -3.73 8.22
C ALA A 144 14.43 -4.23 9.28
N ASP A 145 15.54 -3.52 9.42
CA ASP A 145 16.57 -3.89 10.40
C ASP A 145 15.97 -3.97 11.79
N GLU A 146 14.98 -3.13 12.07
CA GLU A 146 14.33 -3.11 13.37
C GLU A 146 13.48 -4.36 13.58
N ASP A 147 12.62 -4.64 12.61
CA ASP A 147 11.74 -5.81 12.68
C ASP A 147 12.56 -7.09 12.73
N ARG A 148 13.69 -7.09 12.03
CA ARG A 148 14.56 -8.26 11.99
C ARG A 148 15.01 -8.65 13.40
N ARG A 149 15.25 -7.66 14.23
CA ARG A 149 15.70 -7.89 15.60
C ARG A 149 14.58 -8.54 16.43
N ALA A 150 13.35 -8.15 16.15
CA ALA A 150 12.19 -8.69 16.86
C ALA A 150 12.03 -10.18 16.58
N PHE A 151 12.16 -10.56 15.32
CA PHE A 151 12.02 -11.95 14.91
C PHE A 151 13.04 -12.82 15.64
N GLN A 152 14.22 -12.28 15.86
CA GLN A 152 15.29 -13.01 16.53
C GLN A 152 14.80 -13.59 17.85
N MET A 153 14.39 -12.72 18.76
CA MET A 153 13.89 -13.15 20.07
C MET A 153 12.51 -13.79 19.94
N LEU A 154 11.66 -13.19 19.11
CA LEU A 154 10.30 -13.71 18.89
C LEU A 154 9.59 -13.92 20.22
N ARG A 155 9.76 -12.99 21.15
CA ARG A 155 9.13 -13.08 22.46
C ARG A 155 7.76 -12.41 22.45
N ARG A 156 7.76 -11.07 22.39
CA ARG A 156 6.52 -10.31 22.38
C ARG A 156 6.68 -9.04 21.57
N ASP A 157 5.60 -8.24 21.52
CA ASP A 157 5.63 -6.98 20.77
C ASP A 157 6.70 -6.05 21.32
C4 UJ5 B . -13.53 3.90 -13.12
C6 UJ5 B . -14.34 4.33 -15.09
C7 UJ5 B . -15.38 3.78 -14.32
C10 UJ5 B . -16.87 3.98 -16.18
C13 UJ5 B . -18.21 3.80 -16.78
C17 UJ5 B . -11.15 5.55 -10.86
C20 UJ5 B . -13.32 7.23 -10.62
C21 UJ5 B . -13.48 5.99 -11.21
C22 UJ5 B . -11.92 8.97 -9.49
C24 UJ5 B . -10.84 9.76 -10.23
C1 UJ5 B . -10.92 2.05 -12.02
O2 UJ5 B . -11.29 3.35 -12.47
C3 UJ5 B . -12.55 3.80 -11.98
N5 UJ5 B . -13.25 4.38 -14.30
C12 UJ5 B . -14.60 4.71 -16.42
C11 UJ5 B . -15.84 4.53 -16.96
N8 UJ5 B . -14.83 3.51 -13.08
C9 UJ5 B . -16.63 3.60 -14.86
O14 UJ5 B . -18.46 2.73 -17.56
O15 UJ5 B . -19.09 4.61 -16.56
C16 UJ5 B . -12.39 5.14 -11.33
C18 UJ5 B . -11.00 6.78 -10.27
C19 UJ5 B . -12.09 7.63 -10.15
C23 UJ5 B . -11.52 8.79 -8.03
H34 UJ5 B . -10.30 4.89 -10.96
H36 UJ5 B . -14.18 7.89 -10.52
H37 UJ5 B . -14.44 5.68 -11.59
H38 UJ5 B . -12.87 9.52 -9.55
H42 UJ5 B . -11.22 10.75 -10.50
H44 UJ5 B . -10.54 9.23 -11.12
H43 UJ5 B . -9.97 9.88 -9.57
H26 UJ5 B . -11.77 1.38 -12.10
H25 UJ5 B . -10.59 2.10 -10.98
H27 UJ5 B . -10.10 1.67 -12.64
H28 UJ5 B . -12.93 3.08 -11.25
H32 UJ5 B . -13.81 5.14 -17.02
H31 UJ5 B . -16.03 4.82 -17.97
H29 UJ5 B . -15.29 3.13 -12.31
H30 UJ5 B . -17.43 3.18 -14.27
H33 UJ5 B . -19.35 2.65 -17.93
H35 UJ5 B . -10.03 7.09 -9.89
H40 UJ5 B . -10.44 8.66 -7.96
H39 UJ5 B . -12.02 7.91 -7.62
H41 UJ5 B . -11.83 9.67 -7.45
#